data_9IOZ
#
_entry.id   9IOZ
#
_cell.length_a   1.00
_cell.length_b   1.00
_cell.length_c   1.00
_cell.angle_alpha   90.00
_cell.angle_beta   90.00
_cell.angle_gamma   90.00
#
_symmetry.space_group_name_H-M   'P 1'
#
loop_
_entity.id
_entity.type
_entity.pdbx_description
1 polymer 'Baseplate tube protein p140'
2 polymer 'Distal tail protein pb9'
3 polymer 'Baseplate hub protein pb3'
#
loop_
_entity_poly.entity_id
_entity_poly.type
_entity_poly.pdbx_seq_one_letter_code
_entity_poly.pdbx_strand_id
1 'polypeptide(L)'
;MFYSLMRESKIVIEYDGRGYHFDALSNYDASTSFQEFKTLRRTIHNRTNYADSIINAQDPSSISLAINFSTTLIESNFFD
WMGFTREGNSLFLPRNTPNIEPIMFNMYIINHNNSCIYFENCYVSTVDFSLDKSIPILNVGIESGKFSEVSTFRDGYTIT
QGEVLPYSAPAVYTNSSPLPALISASMSFQQQCSWREDRNIFDINKIYTNKRAYVNEMNASATLAFYYVKRLVGDKFLNL
DPETRTPLIIKNKYVSITFPLARISKRLNFSDLYQVEYDVIPTADSDPVEINFFGERK
;
A,B,C
2 'polypeptide(L)'
;MRLPDPYTNPEYPGLGFESVNLVDNDPMIRDELPNGKVKEVKISAQYWGINISYPELFPDEYAFLDSRLLEYKRTGDYLD
VLLPQYEAFRVRGDTKSVTIPAGQKGSQIILNTNGTLTGQPKAGDLFKLSTHPKVYKITNFSSSGNVWNISLYPDLFITT
TGSEKPVFNGILFRTKLMNGDSFGSTLNNNGTYSGISLSLRESL
;
D,E,F,G,H,I
3 'polypeptide(L)'
;MKKILDSAKNYLNTHDKLKTACLIALELPSSSGSAATYIYLTDYFRDVTYNGILYRSGKVKSISSHKQNRQLSIGSLSFT
ITGTAEDEVLKLVQNGVSFLDRGITIHQAIINEEGNILPVDPDTDGPLLFFRGRITGGGIKDNVNTSGIGTSVITWNCSN
QFYDFDRVNGRYTDDASHRGLEVVNGTLQPSNGAKRPEYQEDYGFFHSNKSTTILAKYQVKEERYKLQSKKKLFGLSRSY
SLKKYYETVTKEVDLDFNLAAKFIPVVYGVQKIPGIPIFADTELNNPNIVYVVYAFAEGEIDGFLDFYIGDSPMICFDET
DSDTRTCFGRKKIVGDTMHRLAAGTSTSQPSVHGQEYKYNDGNGDIRIWTFHGKPDQTAAQVLVDIAKKKGFYLQNQNGN
GPEYWDSRYKLLDTAYAIVRFTINENRTEIPEISAEVQGKKVKVYNSDGTIKADKTSLNGIWQLMDYLTSDRYGADITLD
QFPLQKVISEAKILDIIDESYQTSWQPYWRYVGWNDPLSENRQIVQLNTILDTSESVFKNVQGILESFGGAINNLSGEYR
ITVEKYSTNPLRINFLDTYGDLDLSDTTGRNKFNSVQASLVDPALSWKTNSITFYNSKFKEQDKGLDKKLQLSFANITNY
YTARSYADRELKKSRYSRTLSFSVPYKFIGIEPNDPIAFTYERYGWKDKFFLVDEVENTRDGKINLVLQEYGEDVFINSE
QVDNSGNDIPDISNNVLPPRDFKYTPTPGGVVGAIGKNGELSWLPSLTNNVVYYSIAHSGHVNPYIVQQLENNPNERMIQ
EIIGEPAGLAIFELRAVDINGRRSSPVTLSVDLNSAKNLSVVSNFRVVNTASGDVTEFVGPDVKLAWDKIPEEEIIPEIY
YTLEIYDSQDRMLRSVRIEDVYTYDYLLTYNKADFALLNSGALGINRKLRFRIRAEGENGEQSVGWATI
;
J,K,L
#
# COMPACT_ATOMS: atom_id res chain seq x y z
N PHE A 2 62.32 62.40 -3.52
CA PHE A 2 61.54 63.02 -2.46
C PHE A 2 60.97 61.99 -1.50
N TYR A 3 61.50 61.97 -0.28
CA TYR A 3 61.02 61.10 0.78
C TYR A 3 59.99 61.86 1.62
N SER A 4 58.82 61.28 1.78
CA SER A 4 57.80 61.89 2.63
C SER A 4 58.09 61.60 4.10
N LEU A 5 57.70 62.55 4.95
CA LEU A 5 57.95 62.47 6.38
C LEU A 5 56.63 62.36 7.12
N MET A 6 56.55 61.41 8.06
CA MET A 6 55.33 61.25 8.85
C MET A 6 55.04 62.49 9.70
N ARG A 7 56.10 63.09 10.27
CA ARG A 7 55.91 64.23 11.15
C ARG A 7 55.29 65.41 10.41
N GLU A 8 55.74 65.66 9.18
CA GLU A 8 55.23 66.78 8.41
C GLU A 8 53.82 66.54 7.87
N SER A 9 53.29 65.33 8.01
CA SER A 9 52.01 65.02 7.41
C SER A 9 50.88 65.76 8.11
N LYS A 10 49.87 66.15 7.33
CA LYS A 10 48.67 66.81 7.83
C LYS A 10 47.49 65.87 7.60
N ILE A 11 46.69 65.66 8.65
CA ILE A 11 45.52 64.81 8.57
C ILE A 11 44.28 65.69 8.55
N VAL A 12 43.80 66.02 7.36
CA VAL A 12 42.62 66.85 7.18
C VAL A 12 41.43 65.93 6.96
N ILE A 13 40.41 66.07 7.79
CA ILE A 13 39.19 65.28 7.69
C ILE A 13 38.08 66.18 7.17
N GLU A 14 37.41 65.74 6.10
CA GLU A 14 36.38 66.52 5.43
C GLU A 14 35.02 65.91 5.70
N TYR A 15 34.03 66.75 5.99
CA TYR A 15 32.66 66.32 6.14
C TYR A 15 31.74 67.52 5.94
N ASP A 16 30.69 67.33 5.14
CA ASP A 16 29.72 68.38 4.82
C ASP A 16 30.41 69.60 4.20
N GLY A 17 31.39 69.33 3.33
CA GLY A 17 32.10 70.39 2.65
C GLY A 17 32.92 71.27 3.56
N ARG A 18 33.19 70.79 4.77
CA ARG A 18 33.99 71.52 5.75
C ARG A 18 35.13 70.62 6.20
N GLY A 19 36.33 71.19 6.27
CA GLY A 19 37.53 70.44 6.60
C GLY A 19 38.07 70.80 7.97
N TYR A 20 38.50 69.78 8.70
CA TYR A 20 39.12 69.95 10.01
C TYR A 20 40.54 69.43 9.94
N HIS A 21 41.50 70.23 10.39
CA HIS A 21 42.90 69.93 10.15
C HIS A 21 43.54 69.10 11.26
N PHE A 22 43.04 69.22 12.50
CA PHE A 22 43.55 68.44 13.63
C PHE A 22 45.07 68.63 13.78
N ASP A 23 45.48 69.86 14.07
CA ASP A 23 46.89 70.14 14.28
C ASP A 23 47.43 69.42 15.51
N ALA A 24 46.66 69.39 16.60
CA ALA A 24 47.15 68.87 17.87
C ALA A 24 47.01 67.36 17.97
N LEU A 25 47.63 66.62 17.05
CA LEU A 25 47.66 65.17 17.10
C LEU A 25 49.07 64.71 17.38
N SER A 26 49.22 63.68 18.21
CA SER A 26 50.56 63.23 18.58
C SER A 26 51.04 62.11 17.66
N ASN A 27 50.24 61.07 17.49
CA ASN A 27 50.62 59.93 16.67
C ASN A 27 49.45 59.54 15.79
N TYR A 28 49.76 58.83 14.70
CA TYR A 28 48.74 58.17 13.90
C TYR A 28 49.39 57.01 13.15
N ASP A 29 48.74 55.86 13.20
CA ASP A 29 49.20 54.66 12.51
C ASP A 29 48.18 54.28 11.47
N ALA A 30 48.67 53.81 10.33
CA ALA A 30 47.78 53.48 9.21
C ALA A 30 48.47 52.48 8.31
N SER A 31 47.66 51.83 7.48
CA SER A 31 48.14 50.88 6.48
C SER A 31 47.20 50.96 5.30
N THR A 32 47.53 50.24 4.23
CA THR A 32 46.66 50.30 3.06
C THR A 32 46.13 48.92 2.67
N SER A 33 47.01 47.92 2.58
CA SER A 33 46.64 46.53 2.34
C SER A 33 45.97 46.31 0.99
N PHE A 34 45.99 45.07 0.51
CA PHE A 34 45.24 44.67 -0.68
C PHE A 34 44.76 43.24 -0.47
N GLN A 35 43.47 43.01 -0.69
CA GLN A 35 42.91 41.68 -0.53
C GLN A 35 43.39 40.77 -1.67
N GLU A 36 43.37 39.47 -1.41
CA GLU A 36 43.96 38.51 -2.32
C GLU A 36 43.04 37.31 -2.52
N PHE A 37 42.91 36.90 -3.77
CA PHE A 37 42.35 35.59 -4.11
C PHE A 37 43.47 34.74 -4.66
N LYS A 38 44.10 33.95 -3.80
CA LYS A 38 45.20 33.08 -4.19
C LYS A 38 44.73 31.64 -4.14
N THR A 39 44.48 31.05 -5.29
CA THR A 39 44.20 29.63 -5.41
C THR A 39 45.35 28.98 -6.19
N LEU A 40 45.90 27.92 -5.63
CA LEU A 40 47.04 27.24 -6.22
C LEU A 40 46.56 25.94 -6.85
N ARG A 41 46.30 25.98 -8.15
CA ARG A 41 45.62 24.91 -8.86
C ARG A 41 46.64 23.84 -9.24
N ARG A 42 46.69 22.76 -8.46
CA ARG A 42 47.50 21.60 -8.81
C ARG A 42 46.57 20.56 -9.41
N THR A 43 46.95 20.02 -10.55
CA THR A 43 46.16 19.02 -11.24
C THR A 43 46.90 17.71 -11.23
N ILE A 44 46.14 16.62 -11.30
CA ILE A 44 46.74 15.30 -11.51
C ILE A 44 47.52 15.25 -12.80
N HIS A 45 47.19 16.11 -13.77
CA HIS A 45 47.94 16.24 -15.01
C HIS A 45 49.22 17.05 -14.78
N ASN A 46 49.07 18.31 -14.36
CA ASN A 46 50.20 19.19 -14.09
C ASN A 46 50.07 19.70 -12.67
N ARG A 47 51.11 19.51 -11.87
CA ARG A 47 51.18 20.12 -10.55
C ARG A 47 51.98 21.41 -10.66
N THR A 48 51.27 22.53 -10.73
CA THR A 48 51.89 23.83 -10.93
C THR A 48 52.22 24.44 -9.59
N ASN A 49 53.50 24.72 -9.36
CA ASN A 49 53.92 25.39 -8.14
C ASN A 49 53.45 26.83 -8.11
N TYR A 50 53.30 27.45 -9.27
CA TYR A 50 52.85 28.82 -9.34
C TYR A 50 51.35 28.90 -9.10
N ALA A 51 50.93 29.97 -8.43
CA ALA A 51 49.55 30.10 -8.00
C ALA A 51 48.90 31.25 -8.72
N ASP A 52 47.68 31.00 -9.19
CA ASP A 52 46.87 32.02 -9.83
C ASP A 52 46.33 32.96 -8.76
N SER A 53 46.84 34.18 -8.74
CA SER A 53 46.46 35.17 -7.74
C SER A 53 45.96 36.42 -8.44
N ILE A 54 44.78 36.87 -8.02
CA ILE A 54 44.18 38.10 -8.54
C ILE A 54 43.85 39.00 -7.36
N ILE A 55 44.29 40.25 -7.44
CA ILE A 55 44.06 41.22 -6.37
C ILE A 55 42.70 41.85 -6.63
N ASN A 56 41.68 41.33 -5.94
CA ASN A 56 40.32 41.80 -6.19
C ASN A 56 40.03 43.11 -5.49
N ALA A 57 40.07 43.11 -4.16
CA ALA A 57 39.52 44.21 -3.39
C ALA A 57 40.62 44.90 -2.60
N GLN A 58 40.30 46.08 -2.10
CA GLN A 58 41.17 46.83 -1.20
C GLN A 58 40.66 46.63 0.22
N ASP A 59 41.53 46.11 1.08
CA ASP A 59 41.15 45.88 2.46
C ASP A 59 40.83 47.22 3.13
N PRO A 60 39.71 47.30 3.86
CA PRO A 60 39.40 48.53 4.58
C PRO A 60 40.49 48.83 5.61
N SER A 61 41.20 49.94 5.39
CA SER A 61 42.29 50.29 6.26
C SER A 61 41.76 50.65 7.65
N SER A 62 42.67 50.71 8.63
CA SER A 62 42.31 50.85 10.04
C SER A 62 43.02 52.08 10.61
N ILE A 63 42.88 53.20 9.91
CA ILE A 63 43.50 54.46 10.35
C ILE A 63 43.09 54.77 11.78
N SER A 64 44.08 55.01 12.63
CA SER A 64 43.85 55.40 14.01
C SER A 64 44.65 56.66 14.32
N LEU A 65 44.03 57.59 15.02
CA LEU A 65 44.65 58.87 15.34
C LEU A 65 44.73 59.01 16.85
N ALA A 66 45.72 59.78 17.31
CA ALA A 66 45.83 60.15 18.71
C ALA A 66 45.71 61.66 18.81
N ILE A 67 44.59 62.14 19.31
CA ILE A 67 44.27 63.55 19.32
C ILE A 67 44.31 64.06 20.75
N ASN A 68 44.86 65.26 20.92
CA ASN A 68 44.84 65.96 22.19
C ASN A 68 43.63 66.88 22.24
N PHE A 69 43.15 67.13 23.46
CA PHE A 69 42.03 68.05 23.63
C PHE A 69 42.42 69.45 23.17
N SER A 70 41.47 70.15 22.56
CA SER A 70 41.74 71.44 21.96
C SER A 70 40.77 72.48 22.46
N THR A 71 41.24 73.72 22.56
CA THR A 71 40.38 74.81 22.99
C THR A 71 39.25 75.06 22.00
N THR A 72 39.54 74.92 20.70
CA THR A 72 38.53 75.10 19.68
C THR A 72 37.47 74.00 19.72
N LEU A 73 37.77 72.87 20.36
CA LEU A 73 36.85 71.75 20.52
C LEU A 73 36.46 71.12 19.19
N ILE A 74 37.34 71.18 18.19
CA ILE A 74 37.12 70.46 16.95
C ILE A 74 37.15 68.95 17.19
N GLU A 75 38.05 68.49 18.06
CA GLU A 75 38.14 67.06 18.36
C GLU A 75 36.85 66.52 18.96
N SER A 76 35.99 67.39 19.48
CA SER A 76 34.68 66.94 19.93
C SER A 76 33.82 66.44 18.78
N ASN A 77 34.14 66.84 17.55
CA ASN A 77 33.36 66.40 16.40
C ASN A 77 33.48 64.91 16.14
N PHE A 78 34.48 64.25 16.73
CA PHE A 78 34.57 62.81 16.58
C PHE A 78 33.37 62.10 17.20
N PHE A 79 32.93 62.56 18.37
CA PHE A 79 31.73 62.00 18.97
C PHE A 79 30.50 62.27 18.11
N ASP A 80 30.42 63.46 17.51
CA ASP A 80 29.31 63.78 16.64
C ASP A 80 29.28 62.85 15.43
N TRP A 81 30.45 62.55 14.87
CA TRP A 81 30.52 61.67 13.71
C TRP A 81 30.16 60.23 14.07
N MET A 82 30.20 59.89 15.35
CA MET A 82 29.74 58.59 15.80
C MET A 82 28.23 58.48 15.88
N GLY A 83 27.51 59.58 15.67
CA GLY A 83 26.07 59.57 15.79
C GLY A 83 25.55 60.16 17.09
N PHE A 84 26.42 60.62 17.97
CA PHE A 84 25.96 61.27 19.19
C PHE A 84 25.22 62.56 18.87
N THR A 85 24.01 62.70 19.40
CA THR A 85 23.28 63.95 19.26
C THR A 85 23.87 64.99 20.19
N ARG A 86 24.08 66.20 19.67
CA ARG A 86 24.72 67.25 20.42
C ARG A 86 23.78 68.45 20.55
N GLU A 87 23.73 69.01 21.76
CA GLU A 87 22.97 70.22 22.04
C GLU A 87 23.96 71.26 22.57
N GLY A 88 24.41 72.14 21.70
CA GLY A 88 25.52 73.01 22.07
C GLY A 88 26.80 72.22 22.16
N ASN A 89 27.50 72.36 23.28
CA ASN A 89 28.72 71.61 23.52
C ASN A 89 28.49 70.32 24.31
N SER A 90 27.28 70.10 24.81
CA SER A 90 26.98 68.94 25.65
C SER A 90 26.47 67.81 24.76
N LEU A 91 27.38 66.90 24.41
CA LEU A 91 27.01 65.75 23.61
C LEU A 91 26.08 64.82 24.40
N PHE A 92 25.30 64.04 23.67
CA PHE A 92 24.44 63.01 24.24
C PHE A 92 24.63 61.73 23.45
N LEU A 93 24.51 60.60 24.13
CA LEU A 93 24.42 59.32 23.44
C LEU A 93 22.95 58.98 23.21
N PRO A 94 22.50 58.86 21.96
CA PRO A 94 21.06 58.73 21.72
C PRO A 94 20.52 57.43 22.29
N ARG A 95 19.26 57.48 22.71
CA ARG A 95 18.60 56.30 23.25
C ARG A 95 18.52 55.20 22.21
N ASN A 96 18.24 55.58 20.97
CA ASN A 96 18.20 54.65 19.84
C ASN A 96 19.22 55.10 18.82
N THR A 97 19.93 54.13 18.22
CA THR A 97 20.89 54.45 17.20
C THR A 97 20.20 55.18 16.04
N PRO A 98 20.77 56.26 15.53
CA PRO A 98 20.19 56.92 14.36
C PRO A 98 20.40 56.07 13.11
N ASN A 99 20.13 56.71 11.96
CA ASN A 99 20.05 56.05 10.65
C ASN A 99 21.10 54.96 10.46
N ILE A 100 20.69 53.88 9.77
CA ILE A 100 21.41 52.61 9.81
C ILE A 100 22.87 52.78 9.44
N GLU A 101 23.14 53.45 8.33
CA GLU A 101 24.53 53.58 7.90
C GLU A 101 25.19 54.73 8.62
N PRO A 102 26.46 54.60 9.00
CA PRO A 102 27.11 55.64 9.80
C PRO A 102 27.31 56.92 9.01
N ILE A 103 27.54 58.01 9.73
CA ILE A 103 27.97 59.25 9.08
C ILE A 103 29.35 59.03 8.49
N MET A 104 29.43 59.07 7.16
CA MET A 104 30.63 58.67 6.44
C MET A 104 31.29 59.90 5.83
N PHE A 105 32.57 60.08 6.13
CA PHE A 105 33.33 61.25 5.72
C PHE A 105 34.57 60.83 4.93
N ASN A 106 35.31 61.83 4.45
CA ASN A 106 36.52 61.61 3.67
C ASN A 106 37.71 62.15 4.44
N MET A 107 38.80 61.38 4.47
CA MET A 107 40.02 61.77 5.17
C MET A 107 41.11 62.11 4.16
N TYR A 108 41.75 63.26 4.35
CA TYR A 108 42.94 63.63 3.60
C TYR A 108 44.14 63.51 4.53
N ILE A 109 45.11 62.70 4.14
CA ILE A 109 46.44 62.70 4.75
C ILE A 109 47.36 63.37 3.75
N ILE A 110 47.51 64.68 3.86
CA ILE A 110 48.18 65.48 2.83
C ILE A 110 49.59 65.78 3.29
N ASN A 111 50.55 65.53 2.41
CA ASN A 111 51.94 65.87 2.62
C ASN A 111 52.53 66.23 1.27
N HIS A 112 52.53 67.53 0.96
CA HIS A 112 52.86 68.00 -0.38
C HIS A 112 54.34 67.84 -0.73
N ASN A 113 55.14 67.26 0.17
CA ASN A 113 56.45 66.79 -0.23
C ASN A 113 56.34 65.72 -1.30
N ASN A 114 55.42 64.76 -1.09
CA ASN A 114 55.16 63.69 -2.03
C ASN A 114 53.94 62.92 -1.57
N SER A 115 53.15 62.47 -2.54
CA SER A 115 52.14 61.42 -2.35
C SER A 115 51.13 61.78 -1.27
N CYS A 116 50.29 62.77 -1.57
CA CYS A 116 49.21 63.14 -0.67
C CYS A 116 48.11 62.10 -0.71
N ILE A 117 48.13 61.14 0.23
CA ILE A 117 47.19 60.03 0.17
C ILE A 117 45.83 60.44 0.73
N TYR A 118 44.78 59.78 0.25
CA TYR A 118 43.40 60.18 0.50
C TYR A 118 42.49 58.97 0.66
N PHE A 119 41.71 58.98 1.74
CA PHE A 119 40.88 57.84 2.13
C PHE A 119 39.42 58.26 2.03
N GLU A 120 38.63 57.49 1.28
CA GLU A 120 37.21 57.76 1.16
C GLU A 120 36.39 56.82 2.05
N ASN A 121 35.11 57.15 2.20
CA ASN A 121 34.13 56.29 2.85
C ASN A 121 34.61 55.84 4.22
N CYS A 122 34.96 56.83 5.04
CA CYS A 122 35.46 56.55 6.39
C CYS A 122 34.33 56.55 7.39
N TYR A 123 34.59 56.03 8.59
CA TYR A 123 33.67 56.22 9.71
C TYR A 123 34.43 56.04 11.02
N VAL A 124 33.93 56.66 12.09
CA VAL A 124 34.57 56.61 13.40
C VAL A 124 34.04 55.38 14.11
N SER A 125 34.93 54.51 14.58
CA SER A 125 34.54 53.29 15.24
C SER A 125 34.77 53.33 16.75
N THR A 126 35.95 53.76 17.19
CA THR A 126 36.25 53.77 18.61
C THR A 126 36.84 55.12 18.98
N VAL A 127 36.48 55.63 20.16
CA VAL A 127 37.06 56.84 20.71
C VAL A 127 37.35 56.61 22.18
N ASP A 128 38.63 56.41 22.52
CA ASP A 128 39.03 56.06 23.87
C ASP A 128 39.97 57.12 24.41
N PHE A 129 39.71 57.57 25.64
CA PHE A 129 40.61 58.48 26.34
C PHE A 129 40.61 58.17 27.82
N SER A 130 41.79 58.19 28.43
CA SER A 130 41.99 57.80 29.81
C SER A 130 42.38 59.02 30.63
N LEU A 131 41.70 59.21 31.76
CA LEU A 131 41.99 60.39 32.58
C LEU A 131 42.80 60.02 33.82
N ASP A 132 44.11 60.27 33.75
CA ASP A 132 44.98 60.29 34.91
C ASP A 132 46.39 60.73 34.56
N LYS A 133 47.04 61.49 35.45
CA LYS A 133 48.50 61.57 35.54
C LYS A 133 49.18 61.71 34.18
N SER A 134 48.45 62.21 33.19
CA SER A 134 48.96 62.32 31.82
C SER A 134 47.98 63.15 31.01
N ILE A 135 48.46 63.66 29.88
CA ILE A 135 47.55 64.42 29.02
C ILE A 135 46.51 63.48 28.43
N PRO A 136 45.21 63.73 28.63
CA PRO A 136 44.20 62.83 28.06
C PRO A 136 44.21 62.91 26.54
N ILE A 137 44.26 61.74 25.91
CA ILE A 137 44.38 61.63 24.47
C ILE A 137 43.25 60.77 23.93
N LEU A 138 42.54 61.28 22.93
CA LEU A 138 41.49 60.54 22.25
C LEU A 138 42.12 59.61 21.23
N ASN A 139 41.96 58.30 21.43
CA ASN A 139 42.54 57.31 20.53
C ASN A 139 41.48 56.86 19.52
N VAL A 140 41.12 57.81 18.64
CA VAL A 140 40.06 57.54 17.66
C VAL A 140 40.54 56.51 16.65
N GLY A 141 39.67 55.56 16.33
CA GLY A 141 39.98 54.55 15.34
C GLY A 141 38.98 54.58 14.20
N ILE A 142 39.47 54.54 12.96
CA ILE A 142 38.64 54.82 11.79
C ILE A 142 38.89 53.75 10.74
N GLU A 143 37.82 53.09 10.32
CA GLU A 143 37.83 52.27 9.10
C GLU A 143 37.57 53.18 7.92
N SER A 144 38.34 52.94 6.86
CA SER A 144 38.32 53.88 5.77
C SER A 144 38.05 53.48 4.39
N GLY A 145 37.41 52.41 4.21
CA GLY A 145 36.87 52.10 2.89
C GLY A 145 37.93 51.99 1.81
N LYS A 146 37.97 53.00 0.95
CA LYS A 146 38.86 53.06 -0.21
C LYS A 146 39.90 54.14 -0.04
N PHE A 147 41.13 53.85 -0.46
CA PHE A 147 42.22 54.82 -0.49
C PHE A 147 42.54 55.20 -1.94
N SER A 148 43.36 56.24 -2.09
CA SER A 148 43.79 56.67 -3.42
C SER A 148 44.99 57.59 -3.30
N GLU A 149 45.72 57.74 -4.42
CA GLU A 149 46.82 58.68 -4.52
C GLU A 149 46.37 59.98 -5.18
N VAL A 150 45.53 60.74 -4.48
CA VAL A 150 45.14 62.02 -5.03
C VAL A 150 46.37 62.91 -5.11
N SER A 151 46.42 63.75 -6.14
CA SER A 151 47.50 64.72 -6.29
C SER A 151 47.00 66.15 -6.37
N THR A 152 45.69 66.35 -6.46
CA THR A 152 45.14 67.69 -6.50
C THR A 152 45.24 68.36 -5.13
N PHE A 153 45.47 69.66 -5.14
CA PHE A 153 45.52 70.43 -3.92
C PHE A 153 44.15 70.45 -3.24
N ARG A 154 44.16 70.47 -1.91
CA ARG A 154 42.91 70.51 -1.15
C ARG A 154 42.55 71.98 -0.98
N ASP A 155 41.71 72.47 -1.88
CA ASP A 155 41.48 73.91 -2.00
C ASP A 155 40.58 74.44 -0.89
N GLY A 156 39.69 73.60 -0.37
CA GLY A 156 38.70 74.09 0.58
C GLY A 156 39.33 74.61 1.86
N TYR A 157 38.59 75.47 2.55
CA TYR A 157 39.07 76.03 3.80
C TYR A 157 39.07 74.97 4.90
N THR A 158 40.03 75.08 5.81
CA THR A 158 40.18 74.17 6.93
C THR A 158 39.87 74.88 8.23
N ILE A 159 39.30 74.17 9.19
CA ILE A 159 39.10 74.66 10.54
C ILE A 159 40.08 73.93 11.44
N THR A 160 41.02 74.66 12.03
CA THR A 160 42.17 74.06 12.70
C THR A 160 42.08 74.23 14.20
N GLN A 161 42.59 73.23 14.92
CA GLN A 161 42.66 73.28 16.37
C GLN A 161 44.05 73.70 16.83
N GLY A 162 44.17 74.02 18.12
CA GLY A 162 45.45 74.39 18.69
C GLY A 162 45.36 74.54 20.19
N GLU A 163 46.53 74.75 20.80
CA GLU A 163 46.64 75.07 22.23
C GLU A 163 46.02 73.98 23.10
N VAL A 164 46.64 72.80 23.14
CA VAL A 164 46.16 71.71 23.97
C VAL A 164 45.91 72.20 25.40
N LEU A 165 44.89 71.63 26.04
CA LEU A 165 44.45 72.12 27.33
C LEU A 165 45.41 71.71 28.44
N PRO A 166 45.49 72.50 29.50
CA PRO A 166 46.32 72.11 30.65
C PRO A 166 45.73 70.91 31.38
N TYR A 167 46.57 70.28 32.19
CA TYR A 167 46.16 69.09 32.94
C TYR A 167 45.24 69.48 34.09
N SER A 168 44.45 68.51 34.55
CA SER A 168 43.57 68.72 35.70
C SER A 168 43.41 67.37 36.41
N ALA A 169 42.49 67.25 37.35
CA ALA A 169 42.40 66.05 38.18
C ALA A 169 41.09 65.35 37.88
N PRO A 170 41.14 64.04 37.59
CA PRO A 170 39.92 63.31 37.24
C PRO A 170 39.14 62.82 38.45
N ALA A 171 38.32 63.67 39.04
CA ALA A 171 37.47 63.26 40.15
C ALA A 171 36.32 62.39 39.66
N VAL A 172 35.78 61.59 40.56
CA VAL A 172 34.64 60.70 40.27
C VAL A 172 33.59 60.87 41.34
N TYR A 173 32.35 61.07 40.92
CA TYR A 173 31.25 61.33 41.84
C TYR A 173 30.18 60.24 41.71
N THR A 174 29.75 59.71 42.85
CA THR A 174 28.65 58.76 42.94
C THR A 174 27.57 59.37 43.81
N ASN A 175 26.37 59.53 43.25
CA ASN A 175 25.28 60.24 43.92
C ASN A 175 25.72 61.64 44.35
N SER A 176 26.46 62.32 43.45
CA SER A 176 26.95 63.68 43.68
C SER A 176 27.87 63.77 44.89
N SER A 177 28.60 62.70 45.18
CA SER A 177 29.59 62.70 46.24
C SER A 177 30.89 62.09 45.72
N PRO A 178 32.04 62.71 46.01
CA PRO A 178 33.29 62.25 45.42
C PRO A 178 33.72 60.90 45.95
N LEU A 179 34.26 60.07 45.09
CA LEU A 179 34.79 58.78 45.51
C LEU A 179 36.22 58.96 46.01
N PRO A 180 36.63 58.20 47.03
CA PRO A 180 37.86 58.53 47.77
C PRO A 180 39.14 58.54 46.96
N ALA A 181 39.53 57.42 46.34
CA ALA A 181 40.84 57.34 45.72
C ALA A 181 40.80 56.76 44.32
N LEU A 182 41.18 57.56 43.33
CA LEU A 182 41.14 57.17 41.92
C LEU A 182 42.56 56.89 41.43
N ILE A 183 42.72 55.79 40.70
CA ILE A 183 43.97 55.55 39.99
C ILE A 183 43.85 55.96 38.53
N SER A 184 42.78 55.53 37.87
CA SER A 184 42.62 55.75 36.44
C SER A 184 41.15 55.70 36.08
N ALA A 185 40.73 56.62 35.21
CA ALA A 185 39.41 56.57 34.60
C ALA A 185 39.61 56.58 33.10
N SER A 186 39.23 55.49 32.43
CA SER A 186 39.49 55.32 31.00
C SER A 186 38.19 54.95 30.32
N MET A 187 37.41 55.95 29.92
CA MET A 187 36.17 55.71 29.22
C MET A 187 36.45 55.23 27.80
N SER A 188 35.60 54.34 27.31
CA SER A 188 35.72 53.80 25.96
C SER A 188 34.35 53.85 25.29
N PHE A 189 34.28 54.54 24.15
CA PHE A 189 33.07 54.62 23.36
C PHE A 189 33.31 53.95 22.01
N GLN A 190 32.30 53.23 21.53
CA GLN A 190 32.47 52.43 20.32
C GLN A 190 31.27 52.64 19.40
N GLN A 191 31.53 52.46 18.11
CA GLN A 191 30.48 52.33 17.10
C GLN A 191 30.84 51.09 16.29
N GLN A 192 30.43 49.92 16.80
CA GLN A 192 30.88 48.63 16.26
C GLN A 192 30.16 48.34 14.95
N CYS A 193 30.65 48.99 13.89
CA CYS A 193 30.08 48.77 12.58
C CYS A 193 30.80 47.65 11.85
N SER A 194 30.12 47.09 10.86
CA SER A 194 30.69 46.08 9.99
C SER A 194 30.41 46.47 8.54
N TRP A 195 31.30 46.07 7.66
CA TRP A 195 31.18 46.36 6.24
C TRP A 195 30.28 45.33 5.59
N ARG A 196 29.39 45.79 4.71
CA ARG A 196 28.55 44.88 3.95
C ARG A 196 29.34 44.69 2.72
N GLU A 197 29.92 43.52 2.57
CA GLU A 197 30.79 43.21 1.45
C GLU A 197 29.92 42.90 0.23
N ASP A 198 29.57 43.94 -0.55
CA ASP A 198 28.73 43.77 -1.74
C ASP A 198 29.56 43.60 -3.01
N ARG A 199 30.45 42.62 -3.02
CA ARG A 199 31.32 42.38 -4.17
C ARG A 199 30.53 41.49 -5.13
N ASN A 200 30.45 41.92 -6.39
CA ASN A 200 29.52 41.28 -7.30
C ASN A 200 30.27 40.49 -8.37
N ILE A 201 29.51 39.82 -9.22
CA ILE A 201 30.08 39.22 -10.42
C ILE A 201 30.58 40.29 -11.37
N PHE A 202 29.87 41.41 -11.44
CA PHE A 202 30.29 42.54 -12.27
C PHE A 202 31.61 43.14 -11.81
N ASP A 203 32.15 42.70 -10.68
CA ASP A 203 33.41 43.20 -10.14
C ASP A 203 34.60 42.36 -10.59
N ILE A 204 34.41 41.37 -11.46
CA ILE A 204 35.53 40.60 -11.97
C ILE A 204 36.37 41.49 -12.90
N ASN A 205 37.69 41.29 -12.88
CA ASN A 205 38.63 42.14 -13.60
C ASN A 205 38.47 43.60 -13.19
N LYS A 206 38.22 43.82 -11.90
CA LYS A 206 38.04 45.17 -11.36
C LYS A 206 38.47 45.14 -9.91
N ILE A 207 38.78 46.31 -9.37
CA ILE A 207 39.25 46.45 -7.99
C ILE A 207 38.04 46.88 -7.16
N TYR A 208 37.51 45.94 -6.39
CA TYR A 208 36.36 46.22 -5.52
C TYR A 208 36.79 47.07 -4.34
N THR A 209 35.98 48.08 -4.01
CA THR A 209 36.24 48.96 -2.89
C THR A 209 35.01 49.03 -2.01
N ASN A 210 35.20 48.77 -0.71
CA ASN A 210 34.07 48.70 0.20
C ASN A 210 33.36 50.05 0.31
N LYS A 211 32.04 50.03 0.15
CA LYS A 211 31.19 51.18 0.39
C LYS A 211 29.94 50.70 1.12
N ARG A 212 29.37 51.61 1.92
CA ARG A 212 28.15 51.35 2.68
C ARG A 212 28.38 50.32 3.79
N ALA A 213 28.05 50.70 5.02
CA ALA A 213 28.16 49.79 6.15
C ALA A 213 26.95 50.01 7.05
N TYR A 214 26.68 49.03 7.90
CA TYR A 214 25.59 49.10 8.85
C TYR A 214 26.15 49.01 10.27
N VAL A 215 25.52 49.71 11.20
CA VAL A 215 25.97 49.74 12.59
C VAL A 215 25.39 48.52 13.30
N ASN A 216 26.26 47.59 13.67
CA ASN A 216 25.86 46.39 14.39
C ASN A 216 25.74 46.64 15.89
N GLU A 217 26.39 47.69 16.39
CA GLU A 217 26.31 48.08 17.79
C GLU A 217 26.99 49.43 18.00
N MET A 218 26.41 50.27 18.83
CA MET A 218 27.05 51.51 19.25
C MET A 218 27.08 51.51 20.77
N ASN A 219 28.26 51.72 21.35
CA ASN A 219 28.52 51.36 22.73
C ASN A 219 29.02 52.55 23.53
N ALA A 220 28.78 52.50 24.84
CA ALA A 220 29.39 53.41 25.79
C ALA A 220 29.87 52.57 26.98
N SER A 221 31.02 52.92 27.53
CA SER A 221 31.60 52.12 28.59
C SER A 221 32.61 52.96 29.36
N ALA A 222 33.00 52.43 30.51
CA ALA A 222 34.01 53.08 31.35
C ALA A 222 34.65 52.05 32.24
N THR A 223 35.95 52.21 32.47
CA THR A 223 36.71 51.32 33.32
C THR A 223 37.53 52.16 34.29
N LEU A 224 37.22 52.06 35.57
CA LEU A 224 37.87 52.85 36.61
C LEU A 224 38.72 51.95 37.48
N ALA A 225 39.82 52.50 38.00
CA ALA A 225 40.69 51.81 38.94
C ALA A 225 40.76 52.59 40.23
N PHE A 226 40.49 51.91 41.35
CA PHE A 226 40.40 52.56 42.65
C PHE A 226 41.26 51.82 43.66
N TYR A 227 41.90 52.58 44.54
CA TYR A 227 42.48 52.00 45.74
C TYR A 227 41.37 51.59 46.69
N TYR A 228 41.50 50.39 47.24
CA TYR A 228 40.45 49.79 48.05
C TYR A 228 40.49 50.39 49.44
N VAL A 229 39.71 51.44 49.66
CA VAL A 229 39.62 52.09 50.96
C VAL A 229 38.18 52.11 51.43
N LYS A 230 37.79 51.10 52.21
CA LYS A 230 36.39 50.95 52.59
C LYS A 230 35.99 51.92 53.70
N ARG A 231 36.92 52.21 54.62
CA ARG A 231 36.56 53.01 55.78
C ARG A 231 36.11 54.41 55.39
N LEU A 232 36.52 54.89 54.22
CA LEU A 232 35.96 56.12 53.68
C LEU A 232 34.61 55.82 53.05
N VAL A 233 33.60 56.62 53.39
CA VAL A 233 32.23 56.39 52.97
C VAL A 233 31.75 57.58 52.16
N GLY A 234 31.17 57.33 50.98
CA GLY A 234 30.49 58.39 50.26
C GLY A 234 29.19 58.79 50.93
N ASP A 235 28.26 57.86 51.04
CA ASP A 235 27.14 57.97 51.97
C ASP A 235 26.92 56.60 52.61
N LYS A 236 27.51 55.56 52.00
CA LYS A 236 27.48 54.20 52.49
C LYS A 236 28.85 53.60 52.23
N PHE A 237 29.16 52.51 52.94
CA PHE A 237 30.43 51.84 52.73
C PHE A 237 30.52 51.33 51.30
N LEU A 238 31.72 51.42 50.72
CA LEU A 238 31.87 51.20 49.28
C LEU A 238 31.43 49.81 48.87
N ASN A 239 31.87 48.78 49.60
CA ASN A 239 31.51 47.40 49.33
C ASN A 239 32.06 46.94 47.99
N LEU A 240 32.02 45.64 47.71
CA LEU A 240 32.31 45.13 46.38
C LEU A 240 31.07 44.58 45.71
N ASP A 241 29.93 44.66 46.38
CA ASP A 241 28.68 44.19 45.82
C ASP A 241 28.24 45.07 44.66
N PRO A 242 27.86 44.47 43.55
CA PRO A 242 27.48 45.25 42.37
C PRO A 242 26.31 46.17 42.67
N GLU A 243 26.37 47.39 42.13
CA GLU A 243 25.33 48.39 42.30
C GLU A 243 24.57 48.51 40.99
N THR A 244 23.26 48.26 41.04
CA THR A 244 22.47 48.15 39.81
C THR A 244 22.36 49.49 39.10
N ARG A 245 21.97 50.54 39.81
CA ARG A 245 21.82 51.87 39.21
C ARG A 245 22.38 52.92 40.15
N THR A 246 23.47 53.56 39.73
CA THR A 246 24.03 54.70 40.44
C THR A 246 24.52 55.70 39.42
N PRO A 247 24.30 56.99 39.66
CA PRO A 247 24.81 58.01 38.74
C PRO A 247 26.29 58.25 38.92
N LEU A 248 27.03 58.37 37.81
CA LEU A 248 28.46 58.62 37.84
C LEU A 248 28.77 59.84 36.99
N ILE A 249 29.66 60.70 37.50
CA ILE A 249 30.13 61.87 36.78
C ILE A 249 31.65 61.84 36.79
N ILE A 250 32.26 61.69 35.62
CA ILE A 250 33.71 61.64 35.52
C ILE A 250 34.22 63.02 35.14
N LYS A 251 34.48 63.86 36.14
CA LYS A 251 34.85 65.25 35.86
C LYS A 251 36.35 65.40 35.66
N ASN A 252 36.76 66.47 34.97
CA ASN A 252 38.17 66.78 34.74
C ASN A 252 38.25 68.26 34.57
N LYS A 253 37.20 68.98 34.87
CA LYS A 253 37.15 70.45 34.86
C LYS A 253 37.26 70.96 33.43
N TYR A 254 37.50 70.05 32.47
CA TYR A 254 37.49 70.39 31.05
C TYR A 254 36.59 69.45 30.28
N VAL A 255 36.50 68.20 30.74
CA VAL A 255 35.58 67.23 30.15
C VAL A 255 34.89 66.48 31.29
N SER A 256 33.60 66.20 31.12
CA SER A 256 32.86 65.50 32.16
C SER A 256 31.88 64.55 31.47
N ILE A 257 31.93 63.29 31.89
CA ILE A 257 31.08 62.25 31.32
C ILE A 257 30.16 61.74 32.41
N THR A 258 28.86 61.90 32.18
CA THR A 258 27.86 61.52 33.17
C THR A 258 27.18 60.23 32.75
N PHE A 259 27.19 59.26 33.66
CA PHE A 259 26.50 58.00 33.45
C PHE A 259 25.36 57.98 34.47
N PRO A 260 24.20 58.52 34.12
CA PRO A 260 23.07 58.45 35.06
C PRO A 260 22.50 57.04 35.11
N LEU A 261 22.29 56.52 36.33
CA LEU A 261 21.79 55.16 36.51
C LEU A 261 22.66 54.15 35.78
N ALA A 262 23.91 54.00 36.22
CA ALA A 262 24.87 53.14 35.54
C ALA A 262 25.21 51.95 36.41
N ARG A 263 25.23 50.77 35.79
CA ARG A 263 25.63 49.55 36.47
C ARG A 263 27.12 49.57 36.77
N ILE A 264 27.50 48.96 37.89
CA ILE A 264 28.89 48.85 38.30
C ILE A 264 29.14 47.43 38.79
N SER A 265 30.18 46.79 38.25
CA SER A 265 30.65 45.50 38.74
C SER A 265 32.08 45.65 39.22
N LYS A 266 32.34 45.20 40.44
CA LYS A 266 33.56 45.55 41.17
C LYS A 266 34.50 44.36 41.20
N ARG A 267 35.78 44.61 40.92
CA ARG A 267 36.80 43.58 40.78
C ARG A 267 38.07 44.04 41.48
N LEU A 268 38.74 43.11 42.16
CA LEU A 268 39.96 43.43 42.91
C LEU A 268 41.21 42.93 42.22
N ASN A 269 42.32 43.57 42.54
CA ASN A 269 43.65 43.06 42.26
C ASN A 269 44.42 43.00 43.57
N PHE A 270 44.69 41.79 44.06
CA PHE A 270 45.45 41.61 45.28
C PHE A 270 46.92 41.87 44.96
N SER A 271 47.32 43.13 45.00
CA SER A 271 48.67 43.52 44.63
C SER A 271 49.15 44.55 45.66
N ASP A 272 50.26 45.22 45.36
CA ASP A 272 50.81 46.23 46.26
C ASP A 272 49.76 47.32 46.37
N LEU A 273 49.12 47.38 47.54
CA LEU A 273 47.89 48.13 47.78
C LEU A 273 46.74 47.42 47.07
N TYR A 274 45.61 47.23 47.76
CA TYR A 274 44.46 46.59 47.14
C TYR A 274 43.80 47.55 46.17
N GLN A 275 43.72 47.14 44.91
CA GLN A 275 43.11 47.94 43.86
C GLN A 275 41.75 47.35 43.50
N VAL A 276 40.72 48.19 43.54
CA VAL A 276 39.37 47.80 43.15
C VAL A 276 39.06 48.48 41.83
N GLU A 277 38.66 47.70 40.82
CA GLU A 277 38.32 48.23 39.52
C GLU A 277 36.81 48.26 39.36
N TYR A 278 36.30 49.41 38.90
CA TYR A 278 34.89 49.56 38.59
C TYR A 278 34.70 49.40 37.09
N ASP A 279 33.87 48.44 36.70
CA ASP A 279 33.44 48.29 35.32
C ASP A 279 32.08 48.92 35.17
N VAL A 280 31.99 49.95 34.33
CA VAL A 280 30.80 50.80 34.25
C VAL A 280 30.23 50.74 32.84
N ILE A 281 28.95 50.38 32.76
CA ILE A 281 28.19 50.48 31.51
C ILE A 281 26.83 51.05 31.91
N PRO A 282 26.19 51.87 31.07
CA PRO A 282 24.87 52.36 31.42
C PRO A 282 23.85 51.24 31.46
N THR A 283 22.91 51.35 32.39
CA THR A 283 21.79 50.43 32.41
C THR A 283 20.79 50.79 31.32
N ALA A 284 19.98 49.82 30.92
CA ALA A 284 19.04 50.05 29.84
C ALA A 284 17.97 51.08 30.19
N ASP A 285 17.81 51.42 31.45
CA ASP A 285 16.84 52.43 31.86
C ASP A 285 17.45 53.82 31.92
N SER A 286 18.74 53.96 31.66
CA SER A 286 19.39 55.26 31.75
C SER A 286 18.92 56.17 30.61
N ASP A 287 19.14 57.47 30.80
CA ASP A 287 18.75 58.46 29.81
C ASP A 287 19.99 59.13 29.21
N PRO A 288 20.13 59.11 27.87
CA PRO A 288 21.30 59.70 27.19
C PRO A 288 22.55 60.02 28.01
N VAL A 289 23.48 59.08 28.07
CA VAL A 289 24.81 59.30 28.62
C VAL A 289 25.42 60.55 27.99
N GLU A 290 25.84 61.50 28.81
CA GLU A 290 26.34 62.78 28.35
C GLU A 290 27.86 62.79 28.43
N ILE A 291 28.50 63.21 27.35
CA ILE A 291 29.93 63.50 27.35
C ILE A 291 30.04 65.01 27.20
N ASN A 292 30.08 65.71 28.32
CA ASN A 292 30.08 67.16 28.27
C ASN A 292 31.50 67.67 27.97
N PHE A 293 31.63 68.99 27.94
CA PHE A 293 32.89 69.60 27.51
C PHE A 293 33.16 70.91 28.23
N PHE A 294 33.96 71.77 27.62
CA PHE A 294 34.50 73.01 28.21
C PHE A 294 35.17 72.70 29.54
N PHE B 2 81.91 13.51 30.11
CA PHE B 2 82.08 14.16 28.82
C PHE B 2 80.83 14.92 28.41
N TYR B 3 80.90 16.24 28.49
CA TYR B 3 79.82 17.11 28.05
C TYR B 3 80.05 17.49 26.59
N SER B 4 79.05 17.29 25.76
CA SER B 4 79.14 17.71 24.37
C SER B 4 78.92 19.21 24.26
N LEU B 5 79.50 19.81 23.23
CA LEU B 5 79.45 21.25 23.01
C LEU B 5 78.77 21.53 21.68
N MET B 6 77.80 22.44 21.68
CA MET B 6 77.12 22.80 20.45
C MET B 6 78.07 23.45 19.46
N ARG B 7 78.95 24.32 19.93
CA ARG B 7 79.88 25.00 19.04
C ARG B 7 80.81 24.00 18.36
N GLU B 8 81.30 23.01 19.09
CA GLU B 8 82.21 22.03 18.53
C GLU B 8 81.52 21.04 17.59
N SER B 9 80.20 21.04 17.53
CA SER B 9 79.49 20.06 16.71
C SER B 9 79.65 20.37 15.22
N LYS B 10 79.65 19.32 14.42
CA LYS B 10 79.74 19.42 12.96
C LYS B 10 78.49 18.80 12.35
N ILE B 11 77.89 19.51 11.39
CA ILE B 11 76.67 19.06 10.74
C ILE B 11 77.03 18.54 9.35
N VAL B 12 77.14 17.22 9.23
CA VAL B 12 77.47 16.58 7.96
C VAL B 12 76.19 16.00 7.37
N ILE B 13 75.81 16.49 6.20
CA ILE B 13 74.60 16.02 5.52
C ILE B 13 75.02 15.12 4.36
N GLU B 14 74.48 13.91 4.33
CA GLU B 14 74.85 12.89 3.36
C GLU B 14 73.73 12.74 2.34
N TYR B 15 74.11 12.66 1.06
CA TYR B 15 73.17 12.39 -0.02
C TYR B 15 73.92 11.79 -1.20
N ASP B 16 73.40 10.69 -1.71
CA ASP B 16 73.98 9.99 -2.87
C ASP B 16 75.44 9.62 -2.61
N GLY B 17 75.70 9.15 -1.40
CA GLY B 17 77.03 8.71 -1.03
C GLY B 17 78.05 9.82 -0.94
N ARG B 18 77.58 11.06 -0.99
CA ARG B 18 78.44 12.24 -0.90
C ARG B 18 78.00 13.08 0.29
N GLY B 19 78.95 13.50 1.11
CA GLY B 19 78.67 14.24 2.32
C GLY B 19 79.16 15.67 2.23
N TYR B 20 78.39 16.58 2.82
CA TYR B 20 78.71 18.00 2.84
C TYR B 20 78.84 18.45 4.29
N HIS B 21 79.94 19.12 4.61
CA HIS B 21 80.24 19.43 6.00
C HIS B 21 79.61 20.71 6.50
N PHE B 22 79.36 21.68 5.61
CA PHE B 22 78.74 22.95 5.97
C PHE B 22 79.47 23.62 7.14
N ASP B 23 80.74 23.95 6.92
CA ASP B 23 81.52 24.59 7.96
C ASP B 23 80.99 25.98 8.30
N ALA B 24 80.59 26.75 7.29
CA ALA B 24 80.20 28.14 7.50
C ALA B 24 78.75 28.28 7.96
N LEU B 25 78.41 27.66 9.08
CA LEU B 25 77.08 27.79 9.66
C LEU B 25 77.20 28.54 10.98
N SER B 26 76.25 29.44 11.24
CA SER B 26 76.33 30.25 12.45
C SER B 26 75.60 29.59 13.61
N ASN B 27 74.32 29.27 13.42
CA ASN B 27 73.53 28.63 14.47
C ASN B 27 72.77 27.47 13.86
N TYR B 28 72.32 26.57 14.74
CA TYR B 28 71.37 25.53 14.36
C TYR B 28 70.57 25.12 15.57
N ASP B 29 69.25 25.10 15.43
CA ASP B 29 68.34 24.73 16.49
C ASP B 29 67.74 23.38 16.15
N ALA B 30 67.53 22.56 17.18
CA ALA B 30 67.02 21.21 16.96
C ALA B 30 66.38 20.70 18.23
N SER B 31 65.62 19.62 18.08
CA SER B 31 65.01 18.91 19.18
C SER B 31 64.82 17.47 18.72
N THR B 32 64.39 16.61 19.65
CA THR B 32 64.16 15.23 19.22
C THR B 32 62.72 14.79 19.45
N SER B 33 62.16 15.04 20.64
CA SER B 33 60.76 14.77 20.96
C SER B 33 60.42 13.28 20.92
N PHE B 34 59.33 12.91 21.59
CA PHE B 34 58.74 11.58 21.49
C PHE B 34 57.23 11.72 21.55
N GLN B 35 56.53 10.99 20.68
CA GLN B 35 55.08 11.03 20.69
C GLN B 35 54.55 10.21 21.86
N GLU B 36 53.28 10.41 22.18
CA GLU B 36 52.71 9.87 23.40
C GLU B 36 51.29 9.38 23.17
N PHE B 37 50.96 8.26 23.79
CA PHE B 37 49.58 7.78 23.88
C PHE B 37 49.20 7.73 25.35
N LYS B 38 48.58 8.80 25.83
CA LYS B 38 48.22 8.91 27.24
C LYS B 38 46.71 8.97 27.36
N THR B 39 46.11 7.86 27.77
CA THR B 39 44.70 7.82 28.13
C THR B 39 44.59 7.38 29.58
N LEU B 40 44.01 8.24 30.41
CA LEU B 40 43.91 7.99 31.84
C LEU B 40 42.58 7.32 32.13
N ARG B 41 42.62 5.99 32.30
CA ARG B 41 41.42 5.19 32.42
C ARG B 41 40.83 5.36 33.81
N ARG B 42 39.70 6.04 33.91
CA ARG B 42 38.94 6.11 35.14
C ARG B 42 37.67 5.29 34.96
N THR B 43 37.36 4.47 35.95
CA THR B 43 36.19 3.61 35.91
C THR B 43 35.33 3.85 37.14
N ILE B 44 34.05 3.51 37.01
CA ILE B 44 33.16 3.52 38.17
C ILE B 44 33.64 2.55 39.23
N HIS B 45 34.31 1.47 38.83
CA HIS B 45 34.89 0.53 39.76
C HIS B 45 36.12 1.10 40.44
N ASN B 46 37.15 1.42 39.66
CA ASN B 46 38.36 2.05 40.16
C ASN B 46 38.62 3.32 39.36
N ARG B 47 38.69 4.45 40.05
CA ARG B 47 39.13 5.69 39.43
C ARG B 47 40.65 5.79 39.63
N THR B 48 41.40 5.31 38.65
CA THR B 48 42.85 5.22 38.75
C THR B 48 43.44 6.61 38.61
N ASN B 49 44.25 6.99 39.59
CA ASN B 49 45.00 8.23 39.52
C ASN B 49 46.03 8.20 38.42
N TYR B 50 46.43 7.02 37.99
CA TYR B 50 47.58 6.87 37.10
C TYR B 50 47.10 6.67 35.67
N ALA B 51 47.90 7.17 34.73
CA ALA B 51 47.53 7.16 33.33
C ALA B 51 48.42 6.17 32.58
N ASP B 52 47.78 5.40 31.71
CA ASP B 52 48.49 4.47 30.84
C ASP B 52 49.14 5.25 29.71
N SER B 53 50.47 5.23 29.67
CA SER B 53 51.22 5.97 28.67
C SER B 53 52.14 5.01 27.95
N ILE B 54 52.02 4.98 26.63
CA ILE B 54 52.86 4.16 25.77
C ILE B 54 53.48 5.07 24.72
N ILE B 55 54.80 5.07 24.62
CA ILE B 55 55.53 5.94 23.69
C ILE B 55 55.54 5.23 22.35
N ASN B 56 54.60 5.60 21.48
CA ASN B 56 54.46 4.91 20.21
C ASN B 56 55.53 5.35 19.21
N ALA B 57 55.53 6.62 18.84
CA ALA B 57 56.27 7.07 17.68
C ALA B 57 57.30 8.12 18.09
N GLN B 58 58.21 8.41 17.17
CA GLN B 58 59.19 9.47 17.32
C GLN B 58 58.71 10.66 16.50
N ASP B 59 58.46 11.79 17.18
CA ASP B 59 57.99 12.97 16.49
C ASP B 59 59.03 13.43 15.48
N PRO B 60 58.61 13.75 14.26
CA PRO B 60 59.57 14.24 13.26
C PRO B 60 60.15 15.57 13.71
N SER B 61 61.45 15.56 14.01
CA SER B 61 62.11 16.76 14.51
C SER B 61 62.17 17.82 13.41
N SER B 62 62.46 19.05 13.82
CA SER B 62 62.35 20.23 12.96
C SER B 62 63.71 20.95 12.94
N ILE B 63 64.76 20.17 12.65
CA ILE B 63 66.11 20.72 12.61
C ILE B 63 66.17 21.90 11.65
N SER B 64 66.70 23.02 12.13
CA SER B 64 66.87 24.21 11.30
C SER B 64 68.33 24.65 11.35
N LEU B 65 68.86 25.01 10.20
CA LEU B 65 70.24 25.46 10.08
C LEU B 65 70.26 26.91 9.60
N ALA B 66 71.28 27.64 10.03
CA ALA B 66 71.54 28.98 9.55
C ALA B 66 72.89 28.99 8.84
N ILE B 67 72.86 28.90 7.51
CA ILE B 67 74.06 28.74 6.72
C ILE B 67 74.42 30.07 6.09
N ASN B 68 75.72 30.38 6.11
CA ASN B 68 76.26 31.53 5.41
C ASN B 68 76.61 31.15 3.99
N PHE B 69 76.53 32.12 3.09
CA PHE B 69 76.93 31.89 1.71
C PHE B 69 78.41 31.53 1.66
N SER B 70 78.77 30.63 0.74
CA SER B 70 80.12 30.12 0.66
C SER B 70 80.64 30.20 -0.77
N THR B 71 81.97 30.33 -0.89
CA THR B 71 82.58 30.35 -2.21
C THR B 71 82.45 29.01 -2.91
N THR B 72 82.54 27.92 -2.15
CA THR B 72 82.43 26.58 -2.74
C THR B 72 81.04 26.29 -3.27
N LEU B 73 80.03 27.06 -2.85
CA LEU B 73 78.65 26.95 -3.32
C LEU B 73 78.02 25.61 -2.96
N ILE B 74 78.50 24.96 -1.89
CA ILE B 74 77.83 23.77 -1.38
C ILE B 74 76.44 24.11 -0.87
N GLU B 75 76.31 25.25 -0.19
CA GLU B 75 75.01 25.64 0.34
C GLU B 75 73.97 25.83 -0.76
N SER B 76 74.39 25.99 -2.01
CA SER B 76 73.45 26.02 -3.12
C SER B 76 72.71 24.68 -3.25
N ASN B 77 73.30 23.60 -2.74
CA ASN B 77 72.67 22.29 -2.85
C ASN B 77 71.39 22.18 -2.04
N PHE B 78 71.13 23.13 -1.13
CA PHE B 78 69.87 23.09 -0.39
C PHE B 78 68.68 23.28 -1.32
N PHE B 79 68.78 24.21 -2.26
CA PHE B 79 67.71 24.38 -3.23
C PHE B 79 67.59 23.16 -4.14
N ASP B 80 68.72 22.56 -4.51
CA ASP B 80 68.68 21.36 -5.33
C ASP B 80 67.94 20.23 -4.61
N TRP B 81 68.19 20.08 -3.31
CA TRP B 81 67.49 19.06 -2.54
C TRP B 81 66.01 19.37 -2.41
N MET B 82 65.61 20.62 -2.65
CA MET B 82 64.20 20.97 -2.70
C MET B 82 63.52 20.51 -3.98
N GLY B 83 64.30 20.12 -4.99
CA GLY B 83 63.73 19.75 -6.27
C GLY B 83 63.92 20.76 -7.37
N PHE B 84 64.61 21.87 -7.11
CA PHE B 84 64.90 22.82 -8.17
C PHE B 84 65.82 22.19 -9.20
N THR B 85 65.42 22.27 -10.47
CA THR B 85 66.27 21.79 -11.55
C THR B 85 67.42 22.75 -11.76
N ARG B 86 68.63 22.21 -11.86
CA ARG B 86 69.83 23.02 -11.95
C ARG B 86 70.50 22.81 -13.30
N GLU B 87 70.94 23.91 -13.90
CA GLU B 87 71.72 23.90 -15.13
C GLU B 87 72.99 24.68 -14.87
N GLY B 88 74.08 23.96 -14.57
CA GLY B 88 75.27 24.64 -14.12
C GLY B 88 75.06 25.19 -12.72
N ASN B 89 75.40 26.47 -12.53
CA ASN B 89 75.18 27.16 -11.27
C ASN B 89 73.87 27.93 -11.25
N SER B 90 73.14 27.97 -12.36
CA SER B 90 71.91 28.75 -12.45
C SER B 90 70.73 27.83 -12.14
N LEU B 91 70.26 27.89 -10.90
CA LEU B 91 69.16 27.06 -10.46
C LEU B 91 67.87 27.48 -11.16
N PHE B 92 66.86 26.62 -11.08
CA PHE B 92 65.55 26.91 -11.63
C PHE B 92 64.47 26.26 -10.77
N LEU B 93 63.39 26.98 -10.52
CA LEU B 93 62.20 26.38 -9.93
C LEU B 93 61.41 25.67 -11.02
N PRO B 94 61.20 24.37 -10.94
CA PRO B 94 60.57 23.65 -12.05
C PRO B 94 59.14 24.11 -12.28
N ARG B 95 58.74 24.13 -13.54
CA ARG B 95 57.39 24.54 -13.89
C ARG B 95 56.36 23.59 -13.29
N ASN B 96 56.64 22.30 -13.34
CA ASN B 96 55.82 21.27 -12.73
C ASN B 96 56.62 20.58 -11.64
N THR B 97 55.98 20.33 -10.50
CA THR B 97 56.67 19.74 -9.36
C THR B 97 57.22 18.37 -9.73
N PRO B 98 58.49 18.10 -9.46
CA PRO B 98 59.06 16.78 -9.75
C PRO B 98 58.53 15.72 -8.80
N ASN B 99 59.21 14.56 -8.81
CA ASN B 99 58.79 13.32 -8.17
C ASN B 99 58.01 13.51 -6.88
N ILE B 100 56.90 12.78 -6.76
CA ILE B 100 55.90 13.00 -5.71
C ILE B 100 56.54 13.11 -4.33
N GLU B 101 57.55 12.31 -4.05
CA GLU B 101 58.14 12.36 -2.73
C GLU B 101 59.44 13.14 -2.77
N PRO B 102 59.76 13.88 -1.70
CA PRO B 102 60.93 14.77 -1.75
C PRO B 102 62.22 13.97 -1.83
N ILE B 103 63.29 14.66 -2.19
CA ILE B 103 64.61 14.06 -2.13
C ILE B 103 65.01 13.91 -0.67
N MET B 104 65.11 12.66 -0.21
CA MET B 104 65.31 12.36 1.19
C MET B 104 66.77 12.00 1.42
N PHE B 105 67.42 12.71 2.33
CA PHE B 105 68.83 12.52 2.64
C PHE B 105 69.01 12.22 4.11
N ASN B 106 70.23 11.87 4.49
CA ASN B 106 70.58 11.56 5.87
C ASN B 106 71.52 12.63 6.39
N MET B 107 71.26 13.11 7.60
CA MET B 107 72.04 14.18 8.20
C MET B 107 72.75 13.68 9.45
N TYR B 108 74.07 13.87 9.49
CA TYR B 108 74.86 13.58 10.67
C TYR B 108 75.10 14.88 11.42
N ILE B 109 74.85 14.87 12.73
CA ILE B 109 75.34 15.90 13.63
C ILE B 109 76.39 15.22 14.48
N ILE B 110 77.64 15.27 14.04
CA ILE B 110 78.72 14.48 14.64
C ILE B 110 79.50 15.37 15.59
N ASN B 111 79.62 14.92 16.83
CA ASN B 111 80.46 15.55 17.84
C ASN B 111 81.15 14.44 18.60
N HIS B 112 82.35 14.09 18.16
CA HIS B 112 83.01 12.87 18.61
C HIS B 112 83.36 12.90 20.10
N ASN B 113 83.29 14.07 20.73
CA ASN B 113 83.43 14.12 22.18
C ASN B 113 82.38 13.25 22.86
N ASN B 114 81.14 13.30 22.36
CA ASN B 114 80.07 12.48 22.92
C ASN B 114 78.87 12.54 21.99
N SER B 115 78.25 11.37 21.78
CA SER B 115 76.92 11.26 21.21
C SER B 115 76.82 11.89 19.82
N CYS B 116 77.47 11.22 18.85
CA CYS B 116 77.32 11.64 17.46
C CYS B 116 75.92 11.28 16.96
N ILE B 117 74.99 12.23 17.03
CA ILE B 117 73.59 11.93 16.73
C ILE B 117 73.36 11.95 15.22
N TYR B 118 72.29 11.28 14.78
CA TYR B 118 72.07 10.98 13.38
C TYR B 118 70.58 10.94 13.06
N PHE B 119 70.20 11.65 11.99
CA PHE B 119 68.81 11.81 11.60
C PHE B 119 68.62 11.21 10.22
N GLU B 120 67.68 10.28 10.09
CA GLU B 120 67.39 9.67 8.80
C GLU B 120 66.15 10.29 8.17
N ASN B 121 65.98 10.05 6.87
CA ASN B 121 64.78 10.42 6.13
C ASN B 121 64.47 11.91 6.30
N CYS B 122 65.46 12.74 5.97
CA CYS B 122 65.32 14.18 6.09
C CYS B 122 64.75 14.76 4.80
N TYR B 123 64.27 16.00 4.85
CA TYR B 123 63.97 16.74 3.62
C TYR B 123 64.00 18.24 3.89
N VAL B 124 64.30 19.03 2.88
CA VAL B 124 64.40 20.48 3.00
C VAL B 124 63.00 21.04 2.81
N SER B 125 62.55 21.85 3.78
CA SER B 125 61.22 22.42 3.73
C SER B 125 61.21 23.91 3.46
N THR B 126 62.10 24.67 4.09
CA THR B 126 62.13 26.12 3.91
C THR B 126 63.56 26.58 3.76
N VAL B 127 63.79 27.52 2.84
CA VAL B 127 65.09 28.17 2.70
C VAL B 127 64.90 29.67 2.53
N ASP B 128 65.07 30.42 3.61
CA ASP B 128 64.83 31.86 3.61
C ASP B 128 66.13 32.61 3.87
N PHE B 129 66.38 33.64 3.07
CA PHE B 129 67.50 34.55 3.30
C PHE B 129 67.06 35.97 3.01
N SER B 130 67.53 36.91 3.81
CA SER B 130 67.16 38.32 3.69
C SER B 130 68.38 39.10 3.22
N LEU B 131 68.23 39.83 2.13
CA LEU B 131 69.36 40.56 1.57
C LEU B 131 69.30 42.03 1.95
N ASP B 132 69.94 42.37 3.07
CA ASP B 132 70.01 43.77 3.50
C ASP B 132 71.01 43.98 4.63
N LYS B 133 71.88 44.99 4.47
CA LYS B 133 72.61 45.62 5.57
C LYS B 133 73.18 44.62 6.58
N SER B 134 73.42 43.39 6.13
CA SER B 134 73.89 42.32 7.00
C SER B 134 74.32 41.15 6.13
N ILE B 135 75.10 40.24 6.73
CA ILE B 135 75.51 39.07 5.97
C ILE B 135 74.30 38.21 5.67
N PRO B 136 74.01 37.90 4.40
CA PRO B 136 72.83 37.09 4.09
C PRO B 136 73.00 35.66 4.62
N ILE B 137 71.97 35.19 5.31
CA ILE B 137 72.00 33.87 5.94
C ILE B 137 70.78 33.09 5.48
N LEU B 138 71.00 31.86 5.01
CA LEU B 138 69.93 30.97 4.59
C LEU B 138 69.39 30.22 5.82
N ASN B 139 68.20 30.61 6.28
CA ASN B 139 67.59 29.99 7.44
C ASN B 139 66.86 28.71 7.00
N VAL B 140 67.65 27.74 6.57
CA VAL B 140 67.09 26.49 6.05
C VAL B 140 66.51 25.66 7.19
N GLY B 141 65.32 25.11 6.96
CA GLY B 141 64.66 24.26 7.93
C GLY B 141 64.40 22.87 7.40
N ILE B 142 64.69 21.85 8.19
CA ILE B 142 64.69 20.46 7.72
C ILE B 142 63.88 19.60 8.68
N GLU B 143 62.92 18.87 8.15
CA GLU B 143 62.23 17.84 8.91
C GLU B 143 63.00 16.53 8.76
N SER B 144 63.13 15.82 9.85
CA SER B 144 64.02 14.70 9.82
C SER B 144 63.61 13.37 10.22
N GLY B 145 62.37 13.14 10.31
CA GLY B 145 61.90 11.77 10.44
C GLY B 145 62.35 11.08 11.71
N LYS B 146 63.29 10.15 11.56
CA LYS B 146 63.79 9.31 12.65
C LYS B 146 65.21 9.74 13.03
N PHE B 147 65.48 9.79 14.33
CA PHE B 147 66.81 10.03 14.86
C PHE B 147 67.40 8.74 15.45
N SER B 148 68.68 8.79 15.77
CA SER B 148 69.35 7.65 16.37
C SER B 148 70.65 8.10 17.05
N GLU B 149 71.14 7.26 17.96
CA GLU B 149 72.45 7.48 18.60
C GLU B 149 73.52 6.62 17.93
N VAL B 150 73.87 6.94 16.69
CA VAL B 150 74.95 6.18 16.07
C VAL B 150 76.26 6.50 16.78
N SER B 151 77.14 5.52 16.82
CA SER B 151 78.48 5.72 17.37
C SER B 151 79.57 5.38 16.37
N THR B 152 79.21 4.86 15.20
CA THR B 152 80.20 4.57 14.17
C THR B 152 80.72 5.86 13.57
N PHE B 153 82.01 5.86 13.23
CA PHE B 153 82.63 7.00 12.58
C PHE B 153 82.07 7.17 11.17
N ARG B 154 81.99 8.42 10.73
CA ARG B 154 81.53 8.72 9.38
C ARG B 154 82.74 8.67 8.46
N ASP B 155 82.94 7.50 7.84
CA ASP B 155 84.19 7.23 7.13
C ASP B 155 84.24 7.91 5.77
N GLY B 156 83.09 8.10 5.14
CA GLY B 156 83.10 8.58 3.76
C GLY B 156 83.70 9.97 3.64
N TYR B 157 84.21 10.27 2.44
CA TYR B 157 84.85 11.55 2.20
C TYR B 157 83.81 12.67 2.19
N THR B 158 84.23 13.85 2.63
CA THR B 158 83.32 14.97 2.85
C THR B 158 83.76 16.16 2.00
N ILE B 159 82.79 16.91 1.50
CA ILE B 159 83.03 18.13 0.74
C ILE B 159 82.66 19.32 1.61
N THR B 160 83.63 20.19 1.89
CA THR B 160 83.48 21.23 2.88
C THR B 160 83.50 22.61 2.24
N GLN B 161 82.74 23.53 2.83
CA GLN B 161 82.72 24.91 2.38
C GLN B 161 83.59 25.79 3.28
N GLY B 162 83.85 27.01 2.83
CA GLY B 162 84.63 27.95 3.60
C GLY B 162 84.62 29.34 2.98
N GLU B 163 85.17 30.29 3.73
CA GLU B 163 85.38 31.66 3.25
C GLU B 163 84.09 32.33 2.80
N VAL B 164 83.21 32.63 3.76
CA VAL B 164 81.97 33.33 3.46
C VAL B 164 82.25 34.56 2.60
N LEU B 165 81.37 34.81 1.63
CA LEU B 165 81.60 35.88 0.67
C LEU B 165 81.43 37.25 1.33
N PRO B 166 82.10 38.27 0.79
CA PRO B 166 81.93 39.62 1.34
C PRO B 166 80.54 40.16 1.06
N TYR B 167 80.15 41.13 1.89
CA TYR B 167 78.86 41.79 1.75
C TYR B 167 78.80 42.59 0.45
N SER B 168 77.59 42.75 -0.08
CA SER B 168 77.37 43.55 -1.29
C SER B 168 76.02 44.24 -1.15
N ALA B 169 75.51 44.88 -2.20
CA ALA B 169 74.34 45.72 -2.09
C ALA B 169 73.18 45.05 -2.82
N PRO B 170 72.02 44.97 -2.20
CA PRO B 170 70.88 44.28 -2.81
C PRO B 170 70.03 45.17 -3.71
N ALA B 171 70.46 45.41 -4.94
CA ALA B 171 69.67 46.20 -5.87
C ALA B 171 68.47 45.40 -6.36
N VAL B 172 67.43 46.13 -6.79
CA VAL B 172 66.21 45.52 -7.32
C VAL B 172 65.85 46.20 -8.64
N TYR B 173 65.60 45.38 -9.66
CA TYR B 173 65.29 45.87 -11.00
C TYR B 173 63.92 45.39 -11.43
N THR B 174 63.10 46.31 -11.91
CA THR B 174 61.82 45.99 -12.53
C THR B 174 61.85 46.52 -13.94
N ASN B 175 61.55 45.65 -14.91
CA ASN B 175 61.66 45.98 -16.33
C ASN B 175 63.08 46.46 -16.66
N SER B 176 64.07 45.80 -16.05
CA SER B 176 65.49 46.08 -16.28
C SER B 176 65.86 47.52 -15.92
N SER B 177 65.19 48.08 -14.92
CA SER B 177 65.52 49.41 -14.42
C SER B 177 65.56 49.39 -12.90
N PRO B 178 66.53 50.06 -12.29
CA PRO B 178 66.70 49.95 -10.83
C PRO B 178 65.56 50.62 -10.08
N LEU B 179 65.10 49.97 -9.02
CA LEU B 179 64.07 50.56 -8.17
C LEU B 179 64.72 51.53 -7.17
N PRO B 180 64.07 52.65 -6.87
CA PRO B 180 64.76 53.77 -6.21
C PRO B 180 65.37 53.47 -4.85
N ALA B 181 64.56 53.06 -3.87
CA ALA B 181 65.07 52.94 -2.51
C ALA B 181 64.64 51.64 -1.84
N LEU B 182 65.60 50.79 -1.49
CA LEU B 182 65.34 49.49 -0.88
C LEU B 182 65.67 49.54 0.60
N ILE B 183 64.77 49.00 1.43
CA ILE B 183 65.09 48.81 2.83
C ILE B 183 65.52 47.38 3.09
N SER B 184 64.77 46.40 2.57
CA SER B 184 65.04 45.01 2.88
C SER B 184 64.47 44.14 1.76
N ALA B 185 65.25 43.15 1.34
CA ALA B 185 64.80 42.14 0.39
C ALA B 185 64.95 40.78 1.06
N SER B 186 63.83 40.08 1.24
CA SER B 186 63.83 38.83 2.00
C SER B 186 63.21 37.74 1.13
N MET B 187 64.05 37.05 0.38
CA MET B 187 63.58 35.94 -0.44
C MET B 187 63.11 34.80 0.46
N SER B 188 62.06 34.10 0.02
CA SER B 188 61.50 32.99 0.79
C SER B 188 61.06 31.88 -0.15
N PHE B 189 61.66 30.71 -0.01
CA PHE B 189 61.30 29.54 -0.78
C PHE B 189 60.87 28.42 0.15
N GLN B 190 59.88 27.64 -0.28
CA GLN B 190 59.29 26.65 0.59
C GLN B 190 59.09 25.35 -0.17
N GLN B 191 59.03 24.26 0.59
CA GLN B 191 58.62 22.94 0.10
C GLN B 191 57.64 22.41 1.14
N GLN B 192 56.37 22.80 1.02
CA GLN B 192 55.38 22.50 2.04
C GLN B 192 54.97 21.03 1.97
N CYS B 193 55.89 20.17 2.40
CA CYS B 193 55.60 18.75 2.43
C CYS B 193 54.92 18.38 3.74
N SER B 194 54.20 17.27 3.71
CA SER B 194 53.54 16.74 4.89
C SER B 194 53.85 15.26 5.00
N TRP B 195 53.83 14.75 6.22
CA TRP B 195 54.15 13.37 6.51
C TRP B 195 52.91 12.50 6.37
N ARG B 196 53.05 11.41 5.63
CA ARG B 196 52.00 10.41 5.52
C ARG B 196 52.13 9.44 6.70
N GLU B 197 51.39 9.71 7.75
CA GLU B 197 51.49 8.94 8.98
C GLU B 197 50.93 7.55 8.74
N ASP B 198 51.78 6.64 8.31
CA ASP B 198 51.40 5.26 8.07
C ASP B 198 51.84 4.42 9.27
N ARG B 199 51.04 4.48 10.33
CA ARG B 199 51.29 3.70 11.53
C ARG B 199 50.27 2.57 11.55
N ASN B 200 50.74 1.36 11.73
CA ASN B 200 49.89 0.19 11.55
C ASN B 200 49.49 -0.40 12.90
N ILE B 201 48.57 -1.36 12.84
CA ILE B 201 48.31 -2.18 14.02
C ILE B 201 49.53 -3.05 14.31
N PHE B 202 50.32 -3.35 13.27
CA PHE B 202 51.55 -4.12 13.41
C PHE B 202 52.62 -3.35 14.17
N ASP B 203 52.43 -2.06 14.40
CA ASP B 203 53.38 -1.22 15.10
C ASP B 203 53.14 -1.15 16.60
N ILE B 204 52.21 -1.95 17.12
CA ILE B 204 52.01 -2.02 18.56
C ILE B 204 53.22 -2.68 19.20
N ASN B 205 53.58 -2.23 20.41
CA ASN B 205 54.79 -2.68 21.09
C ASN B 205 56.03 -2.44 20.23
N LYS B 206 56.04 -1.31 19.53
CA LYS B 206 57.14 -0.94 18.64
C LYS B 206 57.17 0.57 18.54
N ILE B 207 58.33 1.10 18.18
CA ILE B 207 58.52 2.54 18.07
C ILE B 207 58.38 2.90 16.60
N TYR B 208 57.26 3.53 16.24
CA TYR B 208 57.01 3.93 14.87
C TYR B 208 57.86 5.14 14.50
N THR B 209 58.45 5.10 13.31
CA THR B 209 59.29 6.18 12.82
C THR B 209 58.79 6.61 11.45
N ASN B 210 58.52 7.90 11.29
CA ASN B 210 57.94 8.40 10.05
C ASN B 210 58.89 8.20 8.88
N LYS B 211 58.38 7.60 7.81
CA LYS B 211 59.09 7.49 6.55
C LYS B 211 58.12 7.77 5.42
N ARG B 212 58.67 8.26 4.30
CA ARG B 212 57.91 8.57 3.10
C ARG B 212 56.97 9.75 3.32
N ALA B 213 57.11 10.78 2.49
CA ALA B 213 56.23 11.94 2.56
C ALA B 213 55.88 12.37 1.15
N TYR B 214 54.78 13.11 1.04
CA TYR B 214 54.33 13.65 -0.24
C TYR B 214 54.36 15.16 -0.19
N VAL B 215 54.69 15.78 -1.33
CA VAL B 215 54.80 17.23 -1.40
C VAL B 215 53.42 17.81 -1.69
N ASN B 216 52.89 18.55 -0.73
CA ASN B 216 51.61 19.23 -0.88
C ASN B 216 51.75 20.58 -1.55
N GLU B 217 52.97 21.13 -1.59
CA GLU B 217 53.25 22.41 -2.22
C GLU B 217 54.76 22.67 -2.22
N MET B 218 55.26 23.33 -3.24
CA MET B 218 56.63 23.83 -3.26
C MET B 218 56.59 25.25 -3.80
N ASN B 219 56.95 26.21 -2.96
CA ASN B 219 56.57 27.60 -3.17
C ASN B 219 57.80 28.45 -3.48
N ALA B 220 57.53 29.59 -4.10
CA ALA B 220 58.51 30.66 -4.25
C ALA B 220 57.82 31.96 -3.91
N SER B 221 58.49 32.81 -3.14
CA SER B 221 57.86 34.03 -2.68
C SER B 221 58.93 35.06 -2.36
N ALA B 222 58.51 36.32 -2.28
CA ALA B 222 59.43 37.41 -1.99
C ALA B 222 58.69 38.46 -1.18
N THR B 223 59.44 39.13 -0.30
CA THR B 223 58.90 40.22 0.52
C THR B 223 59.91 41.35 0.49
N LEU B 224 59.48 42.50 -0.02
CA LEU B 224 60.34 43.66 -0.19
C LEU B 224 59.84 44.80 0.67
N ALA B 225 60.76 45.66 1.11
CA ALA B 225 60.41 46.88 1.82
C ALA B 225 61.07 48.06 1.15
N PHE B 226 60.28 49.06 0.78
CA PHE B 226 60.75 50.19 -0.01
C PHE B 226 60.35 51.49 0.65
N TYR B 227 61.26 52.46 0.61
CA TYR B 227 60.91 53.82 1.00
C TYR B 227 60.03 54.45 -0.06
N TYR B 228 58.88 54.96 0.37
CA TYR B 228 57.84 55.41 -0.55
C TYR B 228 58.27 56.72 -1.20
N VAL B 229 58.91 56.61 -2.36
CA VAL B 229 59.30 57.77 -3.15
C VAL B 229 58.69 57.66 -4.54
N LYS B 230 57.49 58.20 -4.72
CA LYS B 230 56.85 58.11 -6.03
C LYS B 230 57.36 59.20 -6.97
N ARG B 231 58.14 60.15 -6.46
CA ARG B 231 58.74 61.17 -7.32
C ARG B 231 59.67 60.54 -8.34
N LEU B 232 60.52 59.62 -7.91
CA LEU B 232 61.41 58.94 -8.84
C LEU B 232 60.62 57.98 -9.72
N VAL B 233 61.02 57.87 -10.98
CA VAL B 233 60.26 57.14 -12.00
C VAL B 233 61.03 55.88 -12.37
N GLY B 234 60.29 54.78 -12.51
CA GLY B 234 60.83 53.55 -13.04
C GLY B 234 60.37 53.37 -14.47
N ASP B 235 60.45 54.45 -15.25
CA ASP B 235 59.86 54.62 -16.58
C ASP B 235 58.35 54.84 -16.45
N LYS B 236 57.85 54.73 -15.23
CA LYS B 236 56.48 55.10 -14.88
C LYS B 236 56.45 55.36 -13.40
N PHE B 237 55.46 56.12 -12.95
CA PHE B 237 55.34 56.42 -11.52
C PHE B 237 55.03 55.13 -10.77
N LEU B 238 55.61 54.98 -9.58
CA LEU B 238 55.58 53.70 -8.89
C LEU B 238 54.15 53.25 -8.58
N ASN B 239 53.34 54.15 -8.03
CA ASN B 239 51.94 53.88 -7.71
C ASN B 239 51.82 52.82 -6.62
N LEU B 240 50.62 52.63 -6.07
CA LEU B 240 50.34 51.53 -5.17
C LEU B 240 49.41 50.51 -5.80
N ASP B 241 49.06 50.71 -7.07
CA ASP B 241 48.20 49.80 -7.80
C ASP B 241 48.94 48.51 -8.12
N PRO B 242 48.33 47.36 -7.87
CA PRO B 242 49.03 46.09 -8.11
C PRO B 242 49.42 45.95 -9.57
N GLU B 243 50.62 45.41 -9.79
CA GLU B 243 51.15 45.18 -11.12
C GLU B 243 51.05 43.69 -11.42
N THR B 244 50.29 43.34 -12.46
CA THR B 244 49.97 41.94 -12.71
C THR B 244 51.21 41.14 -13.12
N ARG B 245 51.95 41.62 -14.11
CA ARG B 245 53.13 40.91 -14.60
C ARG B 245 54.27 41.89 -14.83
N THR B 246 55.30 41.81 -13.98
CA THR B 246 56.52 42.59 -14.15
C THR B 246 57.69 41.73 -13.76
N PRO B 247 58.78 41.77 -14.53
CA PRO B 247 59.97 41.01 -14.16
C PRO B 247 60.78 41.68 -13.07
N LEU B 248 61.19 40.93 -12.05
CA LEU B 248 62.02 41.45 -10.97
C LEU B 248 63.30 40.65 -10.91
N ILE B 249 64.43 41.34 -10.73
CA ILE B 249 65.73 40.72 -10.55
C ILE B 249 66.30 41.21 -9.22
N ILE B 250 66.44 40.30 -8.26
CA ILE B 250 66.97 40.66 -6.96
C ILE B 250 68.48 40.41 -6.95
N LYS B 251 69.26 41.40 -7.39
CA LYS B 251 70.68 41.18 -7.58
C LYS B 251 71.48 41.58 -6.34
N ASN B 252 72.55 40.83 -6.07
CA ASN B 252 73.43 41.11 -4.94
C ASN B 252 74.89 40.92 -5.35
N LYS B 253 75.14 40.79 -6.66
CA LYS B 253 76.48 40.62 -7.22
C LYS B 253 77.05 39.25 -6.86
N TYR B 254 76.37 38.51 -5.99
CA TYR B 254 76.77 37.15 -5.69
C TYR B 254 75.60 36.18 -5.85
N VAL B 255 74.40 36.64 -5.49
CA VAL B 255 73.19 35.88 -5.69
C VAL B 255 72.16 36.77 -6.37
N SER B 256 71.47 36.24 -7.37
CA SER B 256 70.46 37.00 -8.08
C SER B 256 69.23 36.13 -8.25
N ILE B 257 68.08 36.69 -7.87
CA ILE B 257 66.80 36.00 -7.95
C ILE B 257 65.95 36.76 -8.97
N THR B 258 65.57 36.08 -10.04
CA THR B 258 64.76 36.70 -11.07
C THR B 258 63.37 36.10 -11.05
N PHE B 259 62.37 36.98 -11.00
CA PHE B 259 60.99 36.59 -11.06
C PHE B 259 60.45 37.14 -12.37
N PRO B 260 60.54 36.40 -13.47
CA PRO B 260 59.97 36.89 -14.72
C PRO B 260 58.45 36.82 -14.68
N LEU B 261 57.77 37.91 -15.04
CA LEU B 261 56.31 37.98 -15.02
C LEU B 261 55.79 37.69 -13.62
N ALA B 262 56.09 38.55 -12.66
CA ALA B 262 55.75 38.32 -11.27
C ALA B 262 54.72 39.34 -10.80
N ARG B 263 53.71 38.84 -10.10
CA ARG B 263 52.69 39.70 -9.50
C ARG B 263 53.26 40.42 -8.28
N ILE B 264 52.77 41.64 -8.06
CA ILE B 264 53.22 42.48 -6.95
C ILE B 264 51.98 43.04 -6.25
N SER B 265 51.92 42.86 -4.94
CA SER B 265 50.89 43.49 -4.12
C SER B 265 51.54 44.54 -3.23
N LYS B 266 51.05 45.78 -3.32
CA LYS B 266 51.73 46.93 -2.76
C LYS B 266 51.03 47.34 -1.48
N ARG B 267 51.81 47.53 -0.41
CA ARG B 267 51.29 47.79 0.93
C ARG B 267 52.14 48.87 1.59
N LEU B 268 51.50 49.77 2.32
CA LEU B 268 52.19 50.85 3.01
C LEU B 268 52.32 50.59 4.50
N ASN B 269 53.26 51.29 5.12
CA ASN B 269 53.36 51.41 6.56
C ASN B 269 53.61 52.88 6.89
N PHE B 270 52.59 53.56 7.39
CA PHE B 270 52.70 54.97 7.72
C PHE B 270 53.51 55.09 8.99
N SER B 271 54.83 55.13 8.85
CA SER B 271 55.75 55.20 9.99
C SER B 271 56.68 56.37 9.74
N ASP B 272 57.74 56.48 10.53
CA ASP B 272 58.77 57.49 10.30
C ASP B 272 59.39 57.22 8.94
N LEU B 273 59.05 58.09 7.98
CA LEU B 273 59.24 57.88 6.53
C LEU B 273 58.20 56.87 6.07
N TYR B 274 57.55 57.12 4.94
CA TYR B 274 56.56 56.20 4.43
C TYR B 274 57.26 55.00 3.80
N GLN B 275 56.90 53.81 4.26
CA GLN B 275 57.49 52.57 3.75
C GLN B 275 56.45 51.82 2.93
N VAL B 276 56.84 51.38 1.74
CA VAL B 276 56.00 50.57 0.87
C VAL B 276 56.59 49.17 0.80
N GLU B 277 55.77 48.17 1.05
CA GLU B 277 56.19 46.78 1.01
C GLU B 277 55.66 46.12 -0.25
N TYR B 278 56.54 45.42 -0.96
CA TYR B 278 56.16 44.64 -2.14
C TYR B 278 56.03 43.19 -1.75
N ASP B 279 54.89 42.59 -2.06
CA ASP B 279 54.70 41.15 -1.95
C ASP B 279 54.75 40.56 -3.34
N VAL B 280 55.77 39.75 -3.60
CA VAL B 280 56.07 39.27 -4.94
C VAL B 280 55.94 37.75 -4.96
N ILE B 281 54.97 37.26 -5.73
CA ILE B 281 54.84 35.85 -6.04
C ILE B 281 54.66 35.73 -7.55
N PRO B 282 55.41 34.85 -8.22
CA PRO B 282 55.31 34.76 -9.67
C PRO B 282 53.91 34.38 -10.11
N THR B 283 53.47 34.95 -11.22
CA THR B 283 52.18 34.62 -11.79
C THR B 283 52.22 33.21 -12.38
N ALA B 284 51.03 32.63 -12.58
CA ALA B 284 50.94 31.29 -13.12
C ALA B 284 51.42 31.20 -14.56
N ASP B 285 51.61 32.32 -15.23
CA ASP B 285 52.13 32.32 -16.60
C ASP B 285 53.64 32.49 -16.65
N SER B 286 54.30 32.59 -15.49
CA SER B 286 55.74 32.80 -15.48
C SER B 286 56.47 31.55 -15.94
N ASP B 287 57.74 31.72 -16.27
CA ASP B 287 58.58 30.61 -16.71
C ASP B 287 59.74 30.39 -15.73
N PRO B 288 59.90 29.15 -15.26
CA PRO B 288 60.93 28.95 -14.29
C PRO B 288 61.63 30.07 -13.54
N VAL B 289 61.12 30.46 -12.38
CA VAL B 289 61.82 31.38 -11.49
C VAL B 289 63.19 30.80 -11.17
N GLU B 290 64.25 31.55 -11.47
CA GLU B 290 65.61 31.06 -11.31
C GLU B 290 66.35 31.87 -10.25
N ILE B 291 66.94 31.16 -9.29
CA ILE B 291 67.82 31.76 -8.31
C ILE B 291 69.26 31.51 -8.77
N ASN B 292 69.82 32.48 -9.47
CA ASN B 292 71.17 32.33 -9.99
C ASN B 292 72.19 32.48 -8.87
N PHE B 293 73.47 32.41 -9.24
CA PHE B 293 74.54 32.37 -8.25
C PHE B 293 75.80 33.04 -8.75
N PHE B 294 76.94 32.67 -8.18
CA PHE B 294 78.26 33.28 -8.40
C PHE B 294 78.21 34.76 -8.06
N PHE C 2 42.07 54.60 55.17
CA PHE C 2 42.82 53.39 55.49
C PHE C 2 43.10 52.55 54.24
N TYR C 3 44.34 52.57 53.78
CA TYR C 3 44.77 51.78 52.64
C TYR C 3 45.35 50.46 53.14
N SER C 4 44.81 49.36 52.63
CA SER C 4 45.33 48.05 52.97
C SER C 4 46.62 47.76 52.23
N LEU C 5 47.54 47.07 52.89
CA LEU C 5 48.84 46.72 52.33
C LEU C 5 48.89 45.22 52.06
N MET C 6 49.37 44.85 50.88
CA MET C 6 49.50 43.42 50.56
C MET C 6 50.50 42.75 51.47
N ARG C 7 51.62 43.42 51.76
CA ARG C 7 52.67 42.81 52.57
C ARG C 7 52.18 42.48 53.98
N GLU C 8 51.42 43.39 54.57
CA GLU C 8 50.93 43.17 55.93
C GLU C 8 49.84 42.11 56.01
N SER C 9 49.32 41.65 54.88
CA SER C 9 48.21 40.70 54.91
C SER C 9 48.65 39.34 55.42
N LYS C 10 47.81 38.73 56.24
CA LYS C 10 48.04 37.39 56.76
C LYS C 10 47.01 36.45 56.13
N ILE C 11 47.47 35.27 55.70
CA ILE C 11 46.63 34.34 54.97
C ILE C 11 46.40 33.12 55.86
N VAL C 12 45.25 33.10 56.53
CA VAL C 12 44.90 32.01 57.45
C VAL C 12 43.93 31.09 56.71
N ILE C 13 44.28 29.81 56.65
CA ILE C 13 43.43 28.79 56.03
C ILE C 13 42.83 27.92 57.12
N GLU C 14 41.51 27.80 57.13
CA GLU C 14 40.80 27.06 58.16
C GLU C 14 40.28 25.75 57.59
N TYR C 15 40.51 24.66 58.32
CA TYR C 15 39.97 23.36 57.96
C TYR C 15 39.85 22.52 59.22
N ASP C 16 38.68 21.89 59.39
CA ASP C 16 38.38 21.07 60.56
C ASP C 16 38.54 21.86 61.86
N GLY C 17 38.10 23.12 61.82
CA GLY C 17 38.16 23.97 62.99
C GLY C 17 39.56 24.31 63.43
N ARG C 18 40.54 24.05 62.58
CA ARG C 18 41.94 24.33 62.87
C ARG C 18 42.48 25.26 61.79
N GLY C 19 43.23 26.27 62.19
CA GLY C 19 43.71 27.30 61.29
C GLY C 19 45.21 27.26 61.13
N TYR C 20 45.67 27.58 59.92
CA TYR C 20 47.08 27.61 59.58
C TYR C 20 47.42 28.97 59.00
N HIS C 21 48.44 29.62 59.57
CA HIS C 21 48.71 31.02 59.25
C HIS C 21 49.62 31.19 58.04
N PHE C 22 50.49 30.22 57.77
CA PHE C 22 51.41 30.27 56.63
C PHE C 22 52.20 31.58 56.63
N ASP C 23 53.02 31.75 57.68
CA ASP C 23 53.85 32.94 57.77
C ASP C 23 54.87 33.01 56.66
N ALA C 24 55.49 31.89 56.31
CA ALA C 24 56.59 31.89 55.36
C ALA C 24 56.12 31.80 53.92
N LEU C 25 55.33 32.78 53.47
CA LEU C 25 54.91 32.86 52.08
C LEU C 25 55.54 34.09 51.46
N SER C 26 55.97 33.97 50.20
CA SER C 26 56.65 35.09 49.55
C SER C 26 55.68 35.97 48.80
N ASN C 27 54.82 35.38 47.97
CA ASN C 27 53.85 36.15 47.20
C ASN C 27 52.52 35.41 47.21
N TYR C 28 51.47 36.15 46.84
CA TYR C 28 50.18 35.54 46.55
C TYR C 28 49.41 36.47 45.62
N ASP C 29 48.87 35.90 44.55
CA ASP C 29 48.07 36.64 43.59
C ASP C 29 46.64 36.14 43.64
N ALA C 30 45.69 37.08 43.58
CA ALA C 30 44.29 36.71 43.65
C ALA C 30 43.46 37.81 43.01
N SER C 31 42.21 37.46 42.67
CA SER C 31 41.24 38.41 42.15
C SER C 31 39.89 38.01 42.71
N THR C 32 38.86 38.76 42.35
CA THR C 32 37.54 38.40 42.82
C THR C 32 36.56 38.11 41.68
N SER C 33 36.51 39.00 40.68
CA SER C 33 35.70 38.82 39.48
C SER C 33 34.21 38.79 39.77
N PHE C 34 33.39 39.04 38.74
CA PHE C 34 31.95 38.85 38.80
C PHE C 34 31.47 38.38 37.43
N GLN C 35 30.70 37.30 37.42
CA GLN C 35 30.15 36.79 36.18
C GLN C 35 29.07 37.75 35.68
N GLU C 36 28.85 37.74 34.37
CA GLU C 36 28.06 38.76 33.72
C GLU C 36 27.08 38.15 32.74
N PHE C 37 25.82 38.60 32.81
CA PHE C 37 24.84 38.29 31.79
C PHE C 37 24.50 39.59 31.06
N LYS C 38 25.12 39.77 29.89
CA LYS C 38 24.93 40.97 29.09
C LYS C 38 24.38 40.57 27.73
N THR C 39 23.17 41.03 27.42
CA THR C 39 22.58 40.92 26.09
C THR C 39 22.04 42.27 25.69
N LEU C 40 22.56 42.81 24.61
CA LEU C 40 22.17 44.13 24.13
C LEU C 40 21.02 43.96 23.15
N ARG C 41 19.79 44.15 23.64
CA ARG C 41 18.60 43.88 22.85
C ARG C 41 18.42 44.98 21.81
N ARG C 42 18.62 44.62 20.54
CA ARG C 42 18.29 45.50 19.44
C ARG C 42 17.00 44.98 18.82
N THR C 43 16.06 45.87 18.59
CA THR C 43 14.79 45.50 17.98
C THR C 43 14.59 46.32 16.72
N ILE C 44 13.86 45.74 15.76
CA ILE C 44 13.44 46.46 14.58
C ILE C 44 12.62 47.69 14.94
N HIS C 45 11.94 47.68 16.09
CA HIS C 45 11.22 48.83 16.60
C HIS C 45 12.19 49.85 17.19
N ASN C 46 12.92 49.46 18.24
CA ASN C 46 13.88 50.32 18.90
C ASN C 46 15.22 49.59 18.93
N ARG C 47 16.24 50.22 18.35
CA ARG C 47 17.61 49.72 18.46
C ARG C 47 18.26 50.38 19.67
N THR C 48 18.12 49.75 20.83
CA THR C 48 18.57 50.35 22.08
C THR C 48 20.09 50.29 22.14
N ASN C 49 20.71 51.45 22.31
CA ASN C 49 22.15 51.53 22.49
C ASN C 49 22.59 50.84 23.76
N TYR C 50 21.69 50.74 24.73
CA TYR C 50 22.01 50.24 26.05
C TYR C 50 21.74 48.74 26.15
N ALA C 51 22.51 48.07 27.00
CA ALA C 51 22.45 46.63 27.11
C ALA C 51 21.94 46.24 28.48
N ASP C 52 21.05 45.25 28.50
CA ASP C 52 20.57 44.65 29.74
C ASP C 52 21.70 43.82 30.34
N SER C 53 22.22 44.27 31.47
CA SER C 53 23.29 43.56 32.16
C SER C 53 22.85 43.26 33.58
N ILE C 54 22.91 41.98 33.94
CA ILE C 54 22.58 41.53 35.29
C ILE C 54 23.75 40.72 35.81
N ILE C 55 24.25 41.09 36.98
CA ILE C 55 25.39 40.39 37.59
C ILE C 55 24.82 39.13 38.24
N ASN C 56 24.98 38.01 37.54
CA ASN C 56 24.34 36.77 37.99
C ASN C 56 25.10 36.14 39.15
N ALA C 57 26.36 35.76 38.92
CA ALA C 57 27.10 34.95 39.86
C ALA C 57 28.48 35.54 40.08
N GLN C 58 29.22 34.94 41.01
CA GLN C 58 30.61 35.29 41.27
C GLN C 58 31.49 34.23 40.64
N ASP C 59 32.40 34.65 39.76
CA ASP C 59 33.34 33.71 39.18
C ASP C 59 34.22 33.13 40.28
N PRO C 60 34.49 31.83 40.23
CA PRO C 60 35.41 31.22 41.20
C PRO C 60 36.80 31.82 41.05
N SER C 61 37.24 32.56 42.05
CA SER C 61 38.54 33.20 42.00
C SER C 61 39.64 32.15 41.98
N SER C 62 40.82 32.55 41.53
CA SER C 62 41.92 31.64 41.23
C SER C 62 43.14 32.07 42.04
N ILE C 63 42.93 32.28 43.34
CA ILE C 63 44.02 32.63 44.24
C ILE C 63 45.13 31.59 44.15
N SER C 64 46.37 32.06 44.19
CA SER C 64 47.54 31.20 44.19
C SER C 64 48.48 31.66 45.29
N LEU C 65 49.18 30.71 45.90
CA LEU C 65 50.08 31.01 47.01
C LEU C 65 51.48 30.56 46.63
N ALA C 66 52.48 31.24 47.19
CA ALA C 66 53.87 30.83 47.06
C ALA C 66 54.44 30.60 48.44
N ILE C 67 54.57 29.34 48.82
CA ILE C 67 54.94 28.99 50.19
C ILE C 67 56.36 28.44 50.20
N ASN C 68 57.10 28.80 51.25
CA ASN C 68 58.41 28.26 51.51
C ASN C 68 58.29 27.05 52.43
N PHE C 69 59.24 26.12 52.30
CA PHE C 69 59.24 24.96 53.19
C PHE C 69 59.46 25.41 54.63
N SER C 70 58.76 24.76 55.55
CA SER C 70 58.79 25.16 56.95
C SER C 70 59.14 23.97 57.83
N THR C 71 59.86 24.26 58.92
CA THR C 71 60.24 23.21 59.85
C THR C 71 59.01 22.62 60.53
N THR C 72 57.99 23.44 60.77
CA THR C 72 56.75 22.94 61.34
C THR C 72 56.00 22.03 60.38
N LEU C 73 56.30 22.10 59.08
CA LEU C 73 55.71 21.25 58.05
C LEU C 73 54.20 21.45 57.92
N ILE C 74 53.71 22.65 58.24
CA ILE C 74 52.32 22.98 57.93
C ILE C 74 52.09 23.00 56.43
N GLU C 75 53.06 23.51 55.67
CA GLU C 75 52.93 23.55 54.21
C GLU C 75 52.78 22.17 53.60
N SER C 76 53.14 21.11 54.33
CA SER C 76 52.87 19.77 53.85
C SER C 76 51.38 19.48 53.81
N ASN C 77 50.58 20.22 54.57
CA ASN C 77 49.14 19.97 54.60
C ASN C 77 48.47 20.28 53.28
N PHE C 78 49.14 21.00 52.37
CA PHE C 78 48.54 21.25 51.07
C PHE C 78 48.34 19.96 50.29
N PHE C 79 49.33 19.07 50.34
CA PHE C 79 49.16 17.78 49.67
C PHE C 79 48.06 16.96 50.35
N ASP C 80 47.95 17.04 51.67
CA ASP C 80 46.87 16.35 52.36
C ASP C 80 45.51 16.85 51.92
N TRP C 81 45.37 18.16 51.75
CA TRP C 81 44.09 18.72 51.32
C TRP C 81 43.79 18.35 49.88
N MET C 82 44.78 17.87 49.13
CA MET C 82 44.53 17.38 47.79
C MET C 82 43.95 15.98 47.77
N GLY C 83 43.94 15.28 48.90
CA GLY C 83 43.51 13.91 48.94
C GLY C 83 44.62 12.89 49.05
N PHE C 84 45.87 13.31 49.15
CA PHE C 84 46.95 12.38 49.42
C PHE C 84 46.76 11.73 50.79
N THR C 85 46.82 10.41 50.82
CA THR C 85 46.79 9.70 52.09
C THR C 85 48.15 9.82 52.76
N ARG C 86 48.14 10.13 54.05
CA ARG C 86 49.37 10.39 54.79
C ARG C 86 49.54 9.36 55.90
N GLU C 87 50.76 8.87 56.04
CA GLU C 87 51.15 7.97 57.12
C GLU C 87 52.31 8.60 57.85
N GLY C 88 52.02 9.35 58.91
CA GLY C 88 53.06 10.14 59.54
C GLY C 88 53.38 11.34 58.68
N ASN C 89 54.67 11.51 58.37
CA ASN C 89 55.12 12.58 57.49
C ASN C 89 55.28 12.14 56.05
N SER C 90 55.11 10.86 55.75
CA SER C 90 55.31 10.34 54.40
C SER C 90 53.97 10.32 53.68
N LEU C 91 53.71 11.37 52.92
CA LEU C 91 52.48 11.45 52.13
C LEU C 91 52.50 10.40 51.03
N PHE C 92 51.31 10.01 50.59
CA PHE C 92 51.15 9.05 49.51
C PHE C 92 50.07 9.54 48.56
N LEU C 93 50.31 9.40 47.26
CA LEU C 93 49.27 9.63 46.27
C LEU C 93 48.38 8.40 46.19
N PRO C 94 47.08 8.53 46.43
CA PRO C 94 46.24 7.33 46.54
C PRO C 94 46.15 6.60 45.21
N ARG C 95 46.06 5.27 45.31
CA ARG C 95 45.91 4.46 44.10
C ARG C 95 44.61 4.78 43.38
N ASN C 96 43.53 4.96 44.14
CA ASN C 96 42.25 5.40 43.61
C ASN C 96 41.86 6.68 44.32
N THR C 97 41.32 7.64 43.58
CA THR C 97 40.97 8.92 44.16
C THR C 97 39.95 8.75 45.28
N PRO C 98 40.13 9.39 46.41
CA PRO C 98 39.11 9.34 47.47
C PRO C 98 37.88 10.14 47.08
N ASN C 99 37.03 10.38 48.09
CA ASN C 99 35.68 10.91 47.94
C ASN C 99 35.56 11.90 46.79
N ILE C 100 34.55 11.71 45.94
CA ILE C 100 34.52 12.30 44.61
C ILE C 100 34.58 13.82 44.67
N GLU C 101 34.09 14.41 45.76
CA GLU C 101 34.20 15.85 45.89
C GLU C 101 35.43 16.19 46.71
N PRO C 102 36.12 17.29 46.38
CA PRO C 102 37.39 17.57 47.05
C PRO C 102 37.20 17.91 48.51
N ILE C 103 38.31 17.91 49.26
CA ILE C 103 38.30 18.46 50.60
C ILE C 103 38.21 19.96 50.50
N MET C 104 37.13 20.52 51.06
CA MET C 104 36.83 21.94 50.90
C MET C 104 37.06 22.65 52.23
N PHE C 105 37.91 23.67 52.20
CA PHE C 105 38.24 24.45 53.38
C PHE C 105 37.89 25.91 53.17
N ASN C 106 38.00 26.68 54.25
CA ASN C 106 37.72 28.12 54.22
C ASN C 106 39.03 28.85 54.45
N MET C 107 39.29 29.87 53.63
CA MET C 107 40.54 30.62 53.68
C MET C 107 40.26 32.07 54.04
N TYR C 108 41.02 32.58 55.01
CA TYR C 108 40.95 33.97 55.43
C TYR C 108 42.16 34.71 54.85
N ILE C 109 41.92 35.87 54.27
CA ILE C 109 42.97 36.84 54.01
C ILE C 109 42.71 38.00 54.95
N ILE C 110 43.31 37.96 56.13
CA ILE C 110 43.02 38.93 57.19
C ILE C 110 44.08 40.02 57.13
N ASN C 111 43.61 41.26 57.02
CA ASN C 111 44.44 42.45 57.11
C ASN C 111 43.64 43.47 57.90
N HIS C 112 43.84 43.50 59.21
CA HIS C 112 42.90 44.15 60.12
C HIS C 112 42.86 45.66 59.94
N ASN C 113 43.80 46.23 59.17
CA ASN C 113 43.67 47.63 58.77
C ASN C 113 42.33 47.87 58.11
N ASN C 114 41.93 46.99 57.20
CA ASN C 114 40.64 47.09 56.53
C ASN C 114 40.39 45.83 55.72
N SER C 115 39.12 45.43 55.67
CA SER C 115 38.62 44.45 54.70
C SER C 115 39.34 43.10 54.80
N CYS C 116 39.09 42.41 55.90
CA CYS C 116 39.54 41.03 56.03
C CYS C 116 38.73 40.15 55.09
N ILE C 117 39.30 39.78 53.95
CA ILE C 117 38.53 39.06 52.94
C ILE C 117 38.53 37.56 53.22
N TYR C 118 37.39 36.92 52.93
CA TYR C 118 37.13 35.54 53.30
C TYR C 118 36.56 34.77 52.12
N PHE C 119 37.26 33.70 51.75
CA PHE C 119 36.88 32.85 50.63
C PHE C 119 36.36 31.53 51.19
N GLU C 120 35.14 31.17 50.83
CA GLU C 120 34.59 29.88 51.26
C GLU C 120 34.67 28.86 50.14
N ASN C 121 34.47 27.59 50.51
CA ASN C 121 34.36 26.49 49.56
C ASN C 121 35.56 26.45 48.62
N CYS C 122 36.75 26.46 49.23
CA CYS C 122 37.99 26.44 48.47
C CYS C 122 38.45 25.02 48.24
N TYR C 123 39.42 24.82 47.35
CA TYR C 123 40.09 23.53 47.23
C TYR C 123 41.45 23.71 46.57
N VAL C 124 42.35 22.75 46.74
CA VAL C 124 43.70 22.81 46.20
C VAL C 124 43.67 22.17 44.83
N SER C 125 44.15 22.90 43.83
CA SER C 125 44.16 22.40 42.46
C SER C 125 45.56 22.03 41.98
N THR C 126 46.55 22.87 42.23
CA THR C 126 47.91 22.61 41.75
C THR C 126 48.90 22.90 42.86
N VAL C 127 49.93 22.06 42.98
CA VAL C 127 51.04 22.29 43.90
C VAL C 127 52.34 21.99 43.18
N ASP C 128 53.05 23.04 42.76
CA ASP C 128 54.27 22.90 41.96
C ASP C 128 55.45 23.49 42.70
N PHE C 129 56.55 22.74 42.76
CA PHE C 129 57.82 23.24 43.28
C PHE C 129 58.96 22.67 42.46
N SER C 130 59.98 23.48 42.20
CA SER C 130 61.11 23.10 41.36
C SER C 130 62.36 23.03 42.22
N LEU C 131 63.03 21.87 42.23
CA LEU C 131 64.20 21.73 43.06
C LEU C 131 65.48 21.94 42.25
N ASP C 132 66.07 23.14 42.42
CA ASP C 132 67.43 23.43 41.94
C ASP C 132 67.87 24.84 42.33
N LYS C 133 69.16 25.00 42.64
CA LYS C 133 69.89 26.28 42.48
C LYS C 133 69.10 27.49 42.93
N SER C 134 68.17 27.30 43.86
CA SER C 134 67.29 28.35 44.34
C SER C 134 66.42 27.77 45.44
N ILE C 135 65.85 28.67 46.24
CA ILE C 135 65.02 28.18 47.34
C ILE C 135 63.76 27.54 46.77
N PRO C 136 63.45 26.28 47.11
CA PRO C 136 62.26 25.64 46.57
C PRO C 136 60.99 26.26 47.13
N ILE C 137 60.06 26.61 46.25
CA ILE C 137 58.83 27.28 46.62
C ILE C 137 57.65 26.50 46.05
N LEU C 138 56.66 26.23 46.89
CA LEU C 138 55.44 25.57 46.47
C LEU C 138 54.51 26.60 45.85
N ASN C 139 54.27 26.47 44.55
CA ASN C 139 53.39 27.39 43.83
C ASN C 139 51.96 26.86 43.86
N VAL C 140 51.46 26.68 45.09
CA VAL C 140 50.14 26.11 45.27
C VAL C 140 49.06 27.08 44.79
N GLY C 141 48.09 26.55 44.06
CA GLY C 141 46.99 27.33 43.54
C GLY C 141 45.65 26.83 44.03
N ILE C 142 44.70 27.73 44.30
CA ILE C 142 43.45 27.41 44.95
C ILE C 142 42.30 28.05 44.20
N GLU C 143 41.26 27.27 43.91
CA GLU C 143 39.98 27.80 43.49
C GLU C 143 39.11 28.00 44.73
N SER C 144 38.43 29.13 44.75
CA SER C 144 37.78 29.53 45.98
C SER C 144 36.36 29.77 46.09
N GLY C 145 35.62 29.34 45.16
CA GLY C 145 34.17 29.37 45.32
C GLY C 145 33.60 30.78 45.49
N LYS C 146 33.19 31.10 46.71
CA LYS C 146 32.56 32.37 47.05
C LYS C 146 33.47 33.19 47.95
N PHE C 147 33.57 34.48 47.67
CA PHE C 147 34.27 35.43 48.52
C PHE C 147 33.29 36.25 49.33
N SER C 148 33.80 36.95 50.34
CA SER C 148 32.97 37.81 51.17
C SER C 148 33.83 38.86 51.86
N GLU C 149 33.18 39.93 52.31
CA GLU C 149 33.83 40.96 53.13
C GLU C 149 33.53 40.73 54.60
N VAL C 150 34.06 39.64 55.15
CA VAL C 150 33.85 39.39 56.57
C VAL C 150 34.59 40.48 57.36
N SER C 151 33.98 40.89 58.46
CA SER C 151 34.60 41.87 59.34
C SER C 151 34.78 41.33 60.76
N THR C 152 34.24 40.16 61.06
CA THR C 152 34.42 39.56 62.37
C THR C 152 35.86 39.09 62.53
N PHE C 153 36.37 39.22 63.76
CA PHE C 153 37.70 38.75 64.08
C PHE C 153 37.77 37.23 63.99
N ARG C 154 38.93 36.72 63.56
CA ARG C 154 39.14 35.28 63.48
C ARG C 154 39.64 34.83 64.85
N ASP C 155 38.70 34.31 65.66
CA ASP C 155 38.98 34.08 67.07
C ASP C 155 39.72 32.78 67.31
N GLY C 156 39.51 31.78 66.46
CA GLY C 156 40.05 30.46 66.73
C GLY C 156 41.57 30.46 66.78
N TYR C 157 42.11 29.46 67.47
CA TYR C 157 43.56 29.38 67.62
C TYR C 157 44.21 28.97 66.30
N THR C 158 45.40 29.48 66.06
CA THR C 158 46.09 29.34 64.78
C THR C 158 47.42 28.60 64.99
N ILE C 159 47.73 27.69 64.07
CA ILE C 159 49.00 26.98 64.05
C ILE C 159 49.86 27.58 62.96
N THR C 160 51.01 28.16 63.34
CA THR C 160 51.80 28.98 62.45
C THR C 160 53.13 28.30 62.13
N GLN C 161 53.62 28.54 60.91
CA GLN C 161 54.90 28.01 60.48
C GLN C 161 55.99 29.08 60.62
N GLY C 162 57.23 28.65 60.48
CA GLY C 162 58.36 29.55 60.56
C GLY C 162 59.66 28.88 60.18
N GLU C 163 60.72 29.70 60.09
CA GLU C 163 62.09 29.22 59.90
C GLU C 163 62.22 28.40 58.61
N VAL C 164 62.12 29.08 57.47
CA VAL C 164 62.37 28.44 56.18
C VAL C 164 63.64 27.60 56.22
N LEU C 165 63.57 26.41 55.64
CA LEU C 165 64.67 25.47 55.71
C LEU C 165 65.86 25.94 54.87
N PRO C 166 67.07 25.54 55.23
CA PRO C 166 68.24 25.88 54.42
C PRO C 166 68.23 25.14 53.09
N TYR C 167 69.02 25.66 52.15
CA TYR C 167 69.12 25.09 50.82
C TYR C 167 69.89 23.76 50.86
N SER C 168 69.61 22.90 49.88
CA SER C 168 70.31 21.63 49.74
C SER C 168 70.42 21.32 48.26
N ALA C 169 70.85 20.12 47.87
CA ALA C 169 71.12 19.81 46.48
C ALA C 169 70.13 18.76 46.01
N PRO C 170 69.56 18.93 44.84
CA PRO C 170 68.53 17.99 44.36
C PRO C 170 69.09 16.79 43.60
N ALA C 171 69.62 15.81 44.33
CA ALA C 171 70.10 14.59 43.69
C ALA C 171 68.93 13.75 43.18
N VAL C 172 69.19 12.99 42.11
CA VAL C 172 68.18 12.14 41.49
C VAL C 172 68.75 10.74 41.28
N TYR C 173 68.00 9.74 41.70
CA TYR C 173 68.44 8.35 41.64
C TYR C 173 67.49 7.52 40.79
N THR C 174 68.05 6.72 39.90
CA THR C 174 67.31 5.73 39.14
C THR C 174 67.93 4.36 39.42
N ASN C 175 67.09 3.41 39.83
CA ASN C 175 67.57 2.10 40.27
C ASN C 175 68.59 2.24 41.40
N SER C 176 68.33 3.19 42.30
CA SER C 176 69.18 3.45 43.47
C SER C 176 70.60 3.85 43.07
N SER C 177 70.75 4.50 41.93
CA SER C 177 72.06 5.00 41.50
C SER C 177 71.91 6.44 41.02
N PRO C 178 72.81 7.33 41.41
CA PRO C 178 72.65 8.75 41.08
C PRO C 178 72.83 9.01 39.59
N LEU C 179 72.00 9.89 39.06
CA LEU C 179 72.15 10.31 37.67
C LEU C 179 73.20 11.41 37.57
N PRO C 180 73.97 11.45 36.47
CA PRO C 180 75.20 12.27 36.46
C PRO C 180 75.01 13.76 36.67
N ALA C 181 74.25 14.43 35.80
CA ALA C 181 74.20 15.89 35.84
C ALA C 181 72.78 16.42 35.77
N LEU C 182 72.33 17.10 36.82
CA LEU C 182 70.98 17.64 36.91
C LEU C 182 71.03 19.15 36.73
N ILE C 183 70.14 19.67 35.89
CA ILE C 183 69.98 21.12 35.78
C ILE C 183 68.82 21.60 36.65
N SER C 184 67.67 20.95 36.55
CA SER C 184 66.49 21.35 37.30
C SER C 184 65.55 20.17 37.40
N ALA C 185 64.97 19.99 38.58
CA ALA C 185 63.89 19.03 38.79
C ALA C 185 62.68 19.80 39.31
N SER C 186 61.57 19.72 38.58
CA SER C 186 60.39 20.53 38.87
C SER C 186 59.20 19.60 39.04
N MET C 187 58.94 19.18 40.28
CA MET C 187 57.80 18.33 40.56
C MET C 187 56.51 19.11 40.32
N SER C 188 55.50 18.40 39.82
CA SER C 188 54.20 19.01 39.53
C SER C 188 53.08 18.05 39.91
N PHE C 189 52.30 18.42 40.91
CA PHE C 189 51.12 17.65 41.32
C PHE C 189 49.87 18.49 41.12
N GLN C 190 48.85 17.87 40.53
CA GLN C 190 47.63 18.59 40.22
C GLN C 190 46.43 17.84 40.77
N GLN C 191 45.33 18.57 40.95
CA GLN C 191 44.02 18.02 41.26
C GLN C 191 43.05 18.75 40.32
N GLN C 192 42.87 18.18 39.12
CA GLN C 192 42.12 18.87 38.08
C GLN C 192 40.61 18.72 38.32
N CYS C 193 40.12 19.50 39.27
CA CYS C 193 38.70 19.51 39.53
C CYS C 193 37.99 20.53 38.64
N SER C 194 36.68 20.37 38.54
CA SER C 194 35.83 21.29 37.81
C SER C 194 34.61 21.62 38.66
N TRP C 195 34.04 22.78 38.42
CA TRP C 195 32.88 23.24 39.16
C TRP C 195 31.61 22.73 38.49
N ARG C 196 30.73 22.14 39.28
CA ARG C 196 29.41 21.76 38.82
C ARG C 196 28.50 22.97 38.94
N GLU C 197 28.32 23.69 37.84
CA GLU C 197 27.59 24.95 37.84
C GLU C 197 26.11 24.65 37.94
N ASP C 198 25.54 24.69 39.15
CA ASP C 198 24.12 24.36 39.36
C ASP C 198 23.21 25.54 39.55
N ARG C 199 23.31 26.53 38.72
CA ARG C 199 22.55 27.78 38.84
C ARG C 199 21.13 27.47 38.40
N ASN C 200 20.17 27.77 39.27
CA ASN C 200 18.82 27.34 39.03
C ASN C 200 17.98 28.47 38.42
N ILE C 201 16.74 28.15 38.08
CA ILE C 201 15.77 29.21 37.85
C ILE C 201 15.45 29.92 39.16
N PHE C 202 15.55 29.22 40.28
CA PHE C 202 15.34 29.82 41.59
C PHE C 202 16.42 30.84 41.94
N ASP C 203 17.51 30.90 41.18
CA ASP C 203 18.59 31.84 41.42
C ASP C 203 18.43 33.15 40.68
N ILE C 204 17.28 33.41 40.06
CA ILE C 204 17.06 34.70 39.43
C ILE C 204 16.90 35.77 40.50
N ASN C 205 17.36 36.99 40.18
CA ASN C 205 17.39 38.10 41.15
C ASN C 205 18.18 37.71 42.40
N LYS C 206 19.25 36.96 42.20
CA LYS C 206 20.11 36.51 43.30
C LYS C 206 21.52 36.33 42.74
N ILE C 207 22.49 36.36 43.65
CA ILE C 207 23.89 36.24 43.28
C ILE C 207 24.30 34.79 43.53
N TYR C 208 24.39 34.02 42.47
CA TYR C 208 24.77 32.62 42.58
C TYR C 208 26.24 32.49 42.98
N THR C 209 26.54 31.52 43.83
CA THR C 209 27.89 31.28 44.29
C THR C 209 28.20 29.80 44.15
N ASN C 210 29.30 29.49 43.47
CA ASN C 210 29.63 28.10 43.18
C ASN C 210 29.88 27.31 44.47
N LYS C 211 29.24 26.16 44.57
CA LYS C 211 29.47 25.22 45.66
C LYS C 211 29.44 23.81 45.09
N ARG C 212 30.19 22.92 45.73
CA ARG C 212 30.28 21.51 45.34
C ARG C 212 30.99 21.35 44.02
N ALA C 213 32.06 20.56 43.99
CA ALA C 213 32.79 20.28 42.78
C ALA C 213 33.12 18.80 42.74
N TYR C 214 33.42 18.30 41.54
CA TYR C 214 33.83 16.92 41.34
C TYR C 214 35.21 16.90 40.72
N VAL C 215 36.00 15.88 41.07
CA VAL C 215 37.37 15.76 40.59
C VAL C 215 37.35 15.04 39.24
N ASN C 216 37.81 15.73 38.20
CA ASN C 216 37.90 15.16 36.87
C ASN C 216 39.24 14.48 36.62
N GLU C 217 40.25 14.79 37.44
CA GLU C 217 41.57 14.18 37.36
C GLU C 217 42.41 14.59 38.54
N MET C 218 43.18 13.65 39.09
CA MET C 218 44.12 13.91 40.17
C MET C 218 45.47 13.35 39.75
N ASN C 219 46.45 14.22 39.61
CA ASN C 219 47.62 13.95 38.80
C ASN C 219 48.90 14.02 39.62
N ALA C 220 49.91 13.30 39.14
CA ALA C 220 51.29 13.44 39.58
C ALA C 220 52.17 13.54 38.35
N SER C 221 53.19 14.38 38.40
CA SER C 221 54.01 14.62 37.23
C SER C 221 55.40 15.04 37.66
N ALA C 222 56.34 15.00 36.72
CA ALA C 222 57.71 15.38 36.98
C ALA C 222 58.37 15.77 35.68
N THR C 223 59.22 16.79 35.74
CA THR C 223 59.97 17.26 34.59
C THR C 223 61.39 17.56 35.04
N LEU C 224 62.35 16.82 34.50
CA LEU C 224 63.75 16.93 34.89
C LEU C 224 64.56 17.45 33.71
N ALA C 225 65.58 18.25 33.99
CA ALA C 225 66.49 18.75 32.96
C ALA C 225 67.89 18.24 33.27
N PHE C 226 68.51 17.61 32.27
CA PHE C 226 69.80 16.94 32.45
C PHE C 226 70.76 17.37 31.37
N TYR C 227 72.04 17.41 31.71
CA TYR C 227 73.07 17.56 30.70
C TYR C 227 73.35 16.21 30.04
N TYR C 228 73.47 16.22 28.72
CA TYR C 228 73.52 15.00 27.94
C TYR C 228 74.93 14.42 28.01
N VAL C 229 75.15 13.53 28.98
CA VAL C 229 76.45 12.89 29.17
C VAL C 229 76.28 11.38 29.30
N LYS C 230 76.46 10.65 28.20
CA LYS C 230 76.28 9.20 28.25
C LYS C 230 77.55 8.51 28.75
N ARG C 231 78.67 9.24 28.78
CA ARG C 231 79.94 8.66 29.18
C ARG C 231 79.83 8.11 30.60
N LEU C 232 79.19 8.87 31.48
CA LEU C 232 78.88 8.37 32.82
C LEU C 232 77.72 7.38 32.71
N VAL C 233 77.84 6.27 33.41
CA VAL C 233 76.87 5.18 33.30
C VAL C 233 76.03 5.10 34.57
N GLY C 234 74.79 4.66 34.40
CA GLY C 234 73.92 4.37 35.52
C GLY C 234 73.70 2.87 35.64
N ASP C 235 74.79 2.11 35.50
CA ASP C 235 74.81 0.65 35.34
C ASP C 235 74.39 0.30 33.90
N LYS C 236 74.04 1.32 33.13
CA LYS C 236 73.77 1.21 31.71
C LYS C 236 73.93 2.58 31.10
N PHE C 237 74.20 2.64 29.80
CA PHE C 237 74.29 3.92 29.13
C PHE C 237 72.93 4.60 29.16
N LEU C 238 72.93 5.92 29.38
CA LEU C 238 71.68 6.63 29.65
C LEU C 238 70.69 6.50 28.50
N ASN C 239 71.17 6.68 27.26
CA ASN C 239 70.34 6.53 26.07
C ASN C 239 69.24 7.58 26.03
N LEU C 240 68.54 7.68 24.90
CA LEU C 240 67.34 8.50 24.80
C LEU C 240 66.10 7.64 24.62
N ASP C 241 66.26 6.33 24.57
CA ASP C 241 65.15 5.43 24.41
C ASP C 241 64.27 5.46 25.64
N PRO C 242 62.96 5.57 25.46
CA PRO C 242 62.05 5.65 26.61
C PRO C 242 62.18 4.41 27.49
N GLU C 243 62.16 4.64 28.81
CA GLU C 243 62.26 3.58 29.79
C GLU C 243 60.89 3.35 30.39
N THR C 244 60.35 2.14 30.22
CA THR C 244 58.96 1.88 30.58
C THR C 244 58.74 1.96 32.09
N ARG C 245 59.55 1.25 32.87
CA ARG C 245 59.41 1.25 34.32
C ARG C 245 60.77 1.34 34.99
N THR C 246 61.05 2.49 35.59
CA THR C 246 62.26 2.68 36.38
C THR C 246 61.88 3.47 37.63
N PRO C 247 62.43 3.12 38.78
CA PRO C 247 62.15 3.88 39.99
C PRO C 247 62.98 5.16 40.07
N LEU C 248 62.35 6.28 40.42
CA LEU C 248 63.03 7.56 40.57
C LEU C 248 62.81 8.08 41.98
N ILE C 249 63.88 8.61 42.59
CA ILE C 249 63.82 9.24 43.89
C ILE C 249 64.40 10.64 43.74
N ILE C 250 63.57 11.66 43.97
CA ILE C 250 64.01 13.04 43.83
C ILE C 250 64.42 13.55 45.21
N LYS C 251 65.67 13.33 45.60
CA LYS C 251 66.08 13.65 46.96
C LYS C 251 66.59 15.08 47.08
N ASN C 252 66.31 15.69 48.23
CA ASN C 252 66.80 17.03 48.54
C ASN C 252 67.24 17.12 49.99
N LYS C 253 67.32 15.98 50.68
CA LYS C 253 67.73 15.88 52.07
C LYS C 253 66.67 16.49 53.01
N TYR C 254 65.70 17.21 52.44
CA TYR C 254 64.61 17.76 53.24
C TYR C 254 63.28 17.32 52.66
N VAL C 255 63.23 17.10 51.35
CA VAL C 255 62.05 16.54 50.70
C VAL C 255 62.53 15.48 49.71
N SER C 256 61.74 14.43 49.54
CA SER C 256 62.10 13.37 48.61
C SER C 256 60.83 12.88 47.95
N ILE C 257 60.85 12.85 46.62
CA ILE C 257 59.73 12.40 45.82
C ILE C 257 60.14 11.10 45.13
N THR C 258 59.51 10.00 45.50
CA THR C 258 59.84 8.71 44.92
C THR C 258 58.76 8.31 43.93
N PHE C 259 59.19 8.02 42.71
CA PHE C 259 58.32 7.50 41.69
C PHE C 259 58.74 6.04 41.51
N PRO C 260 58.06 5.09 42.12
CA PRO C 260 58.40 3.69 41.87
C PRO C 260 57.76 3.20 40.58
N LEU C 261 58.55 2.58 39.71
CA LEU C 261 58.07 2.10 38.43
C LEU C 261 57.45 3.23 37.62
N ALA C 262 58.27 4.21 37.23
CA ALA C 262 57.78 5.40 36.55
C ALA C 262 58.29 5.44 35.11
N ARG C 263 57.40 5.82 34.20
CA ARG C 263 57.76 5.96 32.81
C ARG C 263 58.63 7.21 32.61
N ILE C 264 59.51 7.16 31.62
CA ILE C 264 60.35 8.29 31.26
C ILE C 264 60.36 8.44 29.74
N SER C 265 60.09 9.64 29.25
CA SER C 265 60.24 9.96 27.84
C SER C 265 61.28 11.05 27.69
N LYS C 266 62.30 10.80 26.89
CA LYS C 266 63.52 11.61 26.89
C LYS C 266 63.52 12.53 25.68
N ARG C 267 63.92 13.77 25.89
CA ARG C 267 63.87 14.82 24.88
C ARG C 267 65.13 15.67 24.98
N LEU C 268 65.70 16.02 23.83
CA LEU C 268 66.90 16.83 23.79
C LEU C 268 66.58 18.30 23.55
N ASN C 269 67.54 19.15 23.89
CA ASN C 269 67.58 20.54 23.45
C ASN C 269 68.99 20.83 22.98
N PHE C 270 69.17 20.90 21.66
CA PHE C 270 70.48 21.16 21.09
C PHE C 270 70.83 22.62 21.35
N SER C 271 71.50 22.88 22.46
CA SER C 271 71.82 24.23 22.89
C SER C 271 73.27 24.24 23.37
N ASP C 272 73.69 25.32 24.00
CA ASP C 272 75.04 25.41 24.55
C ASP C 272 75.16 24.31 25.60
N LEU C 273 75.88 23.25 25.23
CA LEU C 273 75.88 21.96 25.93
C LEU C 273 74.54 21.27 25.65
N TYR C 274 74.57 19.98 25.34
CA TYR C 274 73.33 19.27 25.01
C TYR C 274 72.55 19.01 26.28
N GLN C 275 71.30 19.46 26.32
CA GLN C 275 70.43 19.26 27.45
C GLN C 275 69.39 18.20 27.12
N VAL C 276 69.27 17.20 27.99
CA VAL C 276 68.26 16.15 27.87
C VAL C 276 67.23 16.36 28.95
N GLU C 277 65.96 16.43 28.56
CA GLU C 277 64.86 16.61 29.49
C GLU C 277 64.16 15.28 29.70
N TYR C 278 63.91 14.93 30.95
CA TYR C 278 63.12 13.76 31.31
C TYR C 278 61.71 14.18 31.64
N ASP C 279 60.74 13.53 31.01
CA ASP C 279 59.33 13.69 31.38
C ASP C 279 58.90 12.42 32.11
N VAL C 280 58.50 12.59 33.37
CA VAL C 280 58.26 11.46 34.26
C VAL C 280 56.85 11.53 34.82
N ILE C 281 56.04 10.52 34.51
CA ILE C 281 54.80 10.27 35.24
C ILE C 281 54.81 8.80 35.62
N PRO C 282 54.20 8.42 36.74
CA PRO C 282 54.18 7.01 37.13
C PRO C 282 53.37 6.18 36.15
N THR C 283 53.82 4.94 35.95
CA THR C 283 53.07 4.00 35.13
C THR C 283 51.83 3.52 35.88
N ALA C 284 50.88 2.96 35.13
CA ALA C 284 49.64 2.50 35.74
C ALA C 284 49.85 1.33 36.68
N ASP C 285 51.00 0.67 36.64
CA ASP C 285 51.28 -0.44 37.54
C ASP C 285 52.01 -0.01 38.81
N SER C 286 52.29 1.29 38.95
CA SER C 286 53.08 1.74 40.09
C SER C 286 52.28 1.68 41.38
N ASP C 287 52.98 1.75 42.50
CA ASP C 287 52.36 1.66 43.82
C ASP C 287 52.48 3.01 44.53
N PRO C 288 51.35 3.58 44.95
CA PRO C 288 51.44 4.88 45.54
C PRO C 288 52.69 5.73 45.50
N VAL C 289 52.84 6.59 44.50
CA VAL C 289 53.90 7.61 44.49
C VAL C 289 53.84 8.42 45.76
N GLU C 290 54.94 8.45 46.51
CA GLU C 290 54.98 9.11 47.81
C GLU C 290 55.88 10.33 47.73
N ILE C 291 55.46 11.41 48.38
CA ILE C 291 56.28 12.61 48.56
C ILE C 291 56.65 12.68 50.04
N ASN C 292 57.83 12.14 50.37
CA ASN C 292 58.27 12.11 51.74
C ASN C 292 58.73 13.50 52.18
N PHE C 293 59.18 13.60 53.42
CA PHE C 293 59.50 14.89 54.01
C PHE C 293 60.65 14.79 55.00
N PHE C 294 60.71 15.74 55.93
CA PHE C 294 61.83 15.96 56.85
C PHE C 294 63.14 16.05 56.10
N MET D 1 26.98 -15.92 34.21
CA MET D 1 28.37 -15.96 33.81
C MET D 1 29.19 -14.90 34.55
N ARG D 2 28.49 -13.93 35.12
CA ARG D 2 29.13 -12.84 35.85
C ARG D 2 30.14 -12.11 34.98
N LEU D 3 29.65 -11.34 34.01
CA LEU D 3 30.50 -10.46 33.22
C LEU D 3 31.61 -9.86 34.08
N PRO D 4 32.87 -10.05 33.70
CA PRO D 4 33.97 -9.76 34.63
C PRO D 4 34.04 -8.30 35.04
N ASP D 5 34.43 -8.08 36.28
CA ASP D 5 34.65 -6.77 36.87
C ASP D 5 36.00 -6.78 37.56
N PRO D 6 36.56 -5.60 37.85
CA PRO D 6 37.76 -5.57 38.69
C PRO D 6 37.55 -6.20 40.07
N TYR D 7 36.32 -6.22 40.57
CA TYR D 7 36.05 -6.93 41.82
C TYR D 7 36.31 -8.42 41.67
N THR D 8 35.87 -9.00 40.56
CA THR D 8 36.06 -10.43 40.33
C THR D 8 37.53 -10.76 40.17
N ASN D 9 38.20 -10.11 39.23
CA ASN D 9 39.63 -10.31 39.00
C ASN D 9 40.27 -8.97 38.61
N PRO D 10 41.07 -8.37 39.50
CA PRO D 10 41.59 -7.01 39.25
C PRO D 10 42.85 -6.94 38.39
N GLU D 11 43.43 -8.06 37.96
CA GLU D 11 44.68 -7.98 37.19
C GLU D 11 44.44 -7.34 35.84
N TYR D 12 43.18 -7.19 35.43
CA TYR D 12 42.85 -6.46 34.22
C TYR D 12 42.11 -5.19 34.60
N PRO D 13 42.79 -4.13 35.01
CA PRO D 13 42.10 -2.87 35.28
C PRO D 13 41.68 -2.19 33.99
N GLY D 14 40.51 -1.57 34.06
CA GLY D 14 39.88 -1.05 32.86
C GLY D 14 38.68 -1.83 32.39
N LEU D 15 38.46 -3.04 32.91
CA LEU D 15 37.20 -3.72 32.74
C LEU D 15 36.08 -3.06 33.54
N GLY D 16 36.41 -2.16 34.45
CA GLY D 16 35.39 -1.40 35.14
C GLY D 16 34.68 -0.48 34.17
N PHE D 17 33.41 -0.23 34.45
CA PHE D 17 32.58 0.53 33.52
C PHE D 17 32.97 2.00 33.54
N GLU D 18 32.98 2.63 32.37
CA GLU D 18 33.19 4.07 32.27
C GLU D 18 31.88 4.84 32.36
N SER D 19 30.79 4.18 32.03
CA SER D 19 29.48 4.79 32.16
C SER D 19 28.41 3.73 32.30
N VAL D 20 27.63 3.78 33.35
CA VAL D 20 26.56 2.83 33.59
C VAL D 20 25.24 3.56 33.48
N ASN D 21 24.31 3.01 32.70
CA ASN D 21 23.02 3.63 32.45
C ASN D 21 21.91 2.63 32.74
N LEU D 22 21.30 2.74 33.92
CA LEU D 22 20.12 1.94 34.24
C LEU D 22 18.90 2.60 33.62
N VAL D 23 18.53 2.13 32.43
CA VAL D 23 17.31 2.57 31.77
C VAL D 23 16.16 1.86 32.47
N ASP D 24 15.34 2.63 33.19
CA ASP D 24 14.22 2.06 33.94
C ASP D 24 13.08 1.83 32.95
N ASN D 25 13.24 0.79 32.13
CA ASN D 25 12.24 0.50 31.12
C ASN D 25 10.93 0.09 31.77
N ASP D 26 9.90 0.90 31.53
CA ASP D 26 8.59 0.73 32.17
C ASP D 26 7.50 0.69 31.10
N PRO D 27 7.36 -0.45 30.43
CA PRO D 27 6.28 -0.58 29.44
C PRO D 27 4.91 -0.46 30.11
N MET D 28 3.98 0.12 29.37
CA MET D 28 2.65 0.40 29.90
C MET D 28 1.73 0.82 28.75
N ILE D 29 0.49 1.11 29.10
CA ILE D 29 -0.50 1.64 28.17
C ILE D 29 -0.89 3.03 28.64
N ARG D 30 -0.70 4.02 27.77
CA ARG D 30 -1.11 5.38 28.07
C ARG D 30 -2.03 5.89 26.99
N ASP D 31 -3.17 6.45 27.39
CA ASP D 31 -4.05 7.18 26.50
C ASP D 31 -4.17 8.59 27.04
N GLU D 32 -3.86 9.57 26.19
CA GLU D 32 -4.01 10.98 26.55
C GLU D 32 -5.44 11.36 26.25
N LEU D 33 -6.31 11.17 27.25
CA LEU D 33 -7.74 11.31 27.08
C LEU D 33 -8.10 12.74 26.68
N PRO D 34 -9.18 12.90 25.90
CA PRO D 34 -9.62 14.26 25.56
C PRO D 34 -10.04 15.06 26.77
N ASN D 35 -10.35 14.39 27.89
CA ASN D 35 -10.61 15.12 29.14
C ASN D 35 -9.40 15.93 29.56
N GLY D 36 -8.21 15.37 29.38
CA GLY D 36 -6.99 15.99 29.84
C GLY D 36 -6.24 15.06 30.76
N LYS D 37 -6.98 14.16 31.42
CA LYS D 37 -6.35 13.17 32.28
C LYS D 37 -5.52 12.21 31.46
N VAL D 38 -4.40 11.78 32.03
CA VAL D 38 -3.57 10.72 31.47
C VAL D 38 -3.71 9.50 32.36
N LYS D 39 -4.31 8.45 31.84
CA LYS D 39 -4.56 7.23 32.59
C LYS D 39 -3.63 6.15 32.06
N GLU D 40 -2.83 5.57 32.96
CA GLU D 40 -1.85 4.57 32.58
C GLU D 40 -2.10 3.30 33.38
N VAL D 41 -2.04 2.17 32.69
CA VAL D 41 -2.17 0.85 33.31
C VAL D 41 -0.90 0.07 33.02
N LYS D 42 -0.41 -0.66 34.02
CA LYS D 42 0.88 -1.33 33.94
C LYS D 42 0.67 -2.81 33.63
N ILE D 43 1.13 -3.22 32.46
CA ILE D 43 1.14 -4.63 32.06
C ILE D 43 2.59 -4.93 31.71
N SER D 44 2.87 -6.16 31.29
CA SER D 44 4.22 -6.62 30.89
C SER D 44 5.09 -6.60 32.15
N ALA D 45 6.28 -6.02 32.13
CA ALA D 45 7.21 -6.14 33.24
C ALA D 45 8.00 -4.84 33.38
N GLN D 46 8.81 -4.75 34.42
CA GLN D 46 9.63 -3.58 34.71
C GLN D 46 11.09 -4.05 34.68
N TYR D 47 11.67 -4.11 33.49
CA TYR D 47 12.97 -4.76 33.30
C TYR D 47 14.05 -3.68 33.26
N TRP D 48 15.07 -3.88 34.09
CA TRP D 48 16.15 -2.92 34.19
C TRP D 48 17.07 -3.00 32.98
N GLY D 49 17.19 -1.90 32.25
CA GLY D 49 18.05 -1.85 31.09
C GLY D 49 19.39 -1.24 31.41
N ILE D 50 20.47 -2.02 31.28
CA ILE D 50 21.82 -1.57 31.56
C ILE D 50 22.54 -1.32 30.25
N ASN D 51 23.12 -0.13 30.10
CA ASN D 51 23.83 0.26 28.89
C ASN D 51 25.28 0.56 29.25
N ILE D 52 26.11 -0.48 29.24
CA ILE D 52 27.48 -0.36 29.72
C ILE D 52 28.40 0.12 28.61
N SER D 53 29.35 0.98 28.97
CA SER D 53 30.42 1.39 28.07
C SER D 53 31.75 1.24 28.80
N TYR D 54 32.80 0.96 28.03
CA TYR D 54 34.09 0.66 28.62
C TYR D 54 35.13 1.71 28.24
N PRO D 55 36.17 1.88 29.07
CA PRO D 55 37.33 2.66 28.63
C PRO D 55 38.05 1.93 27.50
N GLU D 56 39.07 2.59 26.96
CA GLU D 56 39.88 1.93 25.94
C GLU D 56 40.55 0.70 26.54
N LEU D 57 40.42 -0.44 25.86
CA LEU D 57 40.84 -1.72 26.39
C LEU D 57 42.06 -2.23 25.64
N PHE D 58 43.10 -2.62 26.38
CA PHE D 58 44.28 -3.22 25.78
C PHE D 58 43.93 -4.61 25.26
N PRO D 59 44.75 -5.15 24.35
CA PRO D 59 44.38 -6.43 23.72
C PRO D 59 44.15 -7.57 24.71
N ASP D 60 44.91 -7.64 25.80
CA ASP D 60 44.75 -8.76 26.72
C ASP D 60 43.44 -8.67 27.49
N GLU D 61 43.11 -7.50 28.04
CA GLU D 61 41.88 -7.37 28.80
C GLU D 61 40.66 -7.53 27.92
N TYR D 62 40.69 -7.03 26.69
CA TYR D 62 39.57 -7.27 25.80
C TYR D 62 39.55 -8.70 25.29
N ALA D 63 40.71 -9.36 25.20
CA ALA D 63 40.69 -10.79 24.90
C ALA D 63 39.95 -11.55 25.98
N PHE D 64 40.20 -11.19 27.24
CA PHE D 64 39.47 -11.82 28.35
C PHE D 64 37.98 -11.48 28.30
N LEU D 65 37.64 -10.24 27.96
CA LEU D 65 36.25 -9.86 27.86
C LEU D 65 35.55 -10.62 26.73
N ASP D 66 36.23 -10.78 25.59
CA ASP D 66 35.69 -11.62 24.53
C ASP D 66 35.51 -13.05 25.00
N SER D 67 36.48 -13.59 25.72
CA SER D 67 36.34 -14.93 26.27
C SER D 67 35.04 -15.06 27.05
N ARG D 68 34.81 -14.14 27.99
CA ARG D 68 33.65 -14.29 28.85
C ARG D 68 32.34 -14.03 28.10
N LEU D 69 32.31 -13.03 27.21
CA LEU D 69 31.08 -12.76 26.47
C LEU D 69 30.75 -13.87 25.49
N LEU D 70 31.76 -14.44 24.83
CA LEU D 70 31.49 -15.52 23.90
C LEU D 70 31.15 -16.81 24.62
N GLU D 71 31.69 -17.02 25.82
CA GLU D 71 31.28 -18.18 26.59
C GLU D 71 29.84 -18.00 27.07
N TYR D 72 29.45 -16.76 27.37
CA TYR D 72 28.04 -16.43 27.52
C TYR D 72 27.23 -16.83 26.28
N LYS D 73 27.69 -16.40 25.11
CA LYS D 73 26.86 -16.57 23.92
C LYS D 73 26.70 -18.05 23.54
N ARG D 74 27.78 -18.83 23.60
CA ARG D 74 27.67 -20.22 23.17
C ARG D 74 26.77 -21.03 24.10
N THR D 75 26.75 -20.67 25.39
CA THR D 75 25.83 -21.28 26.33
C THR D 75 24.55 -20.44 26.37
N GLY D 76 23.52 -20.95 27.04
CA GLY D 76 22.29 -20.23 27.21
C GLY D 76 22.19 -19.41 28.48
N ASP D 77 23.17 -19.50 29.39
CA ASP D 77 23.04 -18.85 30.69
C ASP D 77 23.10 -17.34 30.54
N TYR D 78 22.54 -16.64 31.52
CA TYR D 78 22.37 -15.20 31.43
C TYR D 78 23.60 -14.48 31.97
N LEU D 79 23.90 -13.32 31.39
CA LEU D 79 24.94 -12.47 31.96
C LEU D 79 24.51 -11.92 33.29
N ASP D 80 25.43 -11.90 34.25
CA ASP D 80 25.18 -11.35 35.58
C ASP D 80 26.13 -10.17 35.77
N VAL D 81 25.57 -8.97 35.89
CA VAL D 81 26.35 -7.77 36.06
C VAL D 81 26.07 -7.20 37.44
N LEU D 82 27.12 -6.97 38.22
CA LEU D 82 27.03 -6.36 39.53
C LEU D 82 27.43 -4.89 39.41
N LEU D 83 26.49 -4.01 39.68
CA LEU D 83 26.75 -2.59 39.53
C LEU D 83 27.51 -2.06 40.73
N PRO D 84 28.70 -1.48 40.55
CA PRO D 84 29.46 -0.99 41.70
C PRO D 84 28.88 0.27 42.31
N GLN D 85 28.05 1.01 41.57
CA GLN D 85 27.50 2.25 42.09
C GLN D 85 26.56 2.01 43.26
N TYR D 86 25.89 0.86 43.30
CA TYR D 86 24.97 0.53 44.37
C TYR D 86 25.52 -0.47 45.37
N GLU D 87 26.76 -0.93 45.19
CA GLU D 87 27.37 -1.85 46.15
C GLU D 87 28.05 -1.05 47.27
N ALA D 88 27.22 -0.40 48.08
CA ALA D 88 27.70 0.44 49.16
C ALA D 88 28.00 -0.33 50.43
N PHE D 89 27.69 -1.63 50.47
CA PHE D 89 27.92 -2.46 51.65
C PHE D 89 27.29 -1.86 52.91
N ARG D 90 26.06 -1.37 52.76
CA ARG D 90 25.25 -1.05 53.92
C ARG D 90 24.59 -2.34 54.41
N VAL D 91 23.64 -2.22 55.34
CA VAL D 91 22.95 -3.38 55.91
C VAL D 91 23.97 -4.30 56.56
N ARG D 92 24.63 -5.11 55.75
CA ARG D 92 25.76 -5.94 56.19
C ARG D 92 25.28 -7.05 57.11
N GLY D 93 26.18 -7.88 57.61
CA GLY D 93 25.81 -9.03 58.39
C GLY D 93 25.44 -10.21 57.51
N ASP D 94 24.82 -11.20 58.14
CA ASP D 94 24.37 -12.41 57.45
C ASP D 94 22.86 -12.33 57.26
N THR D 95 22.37 -13.00 56.22
CA THR D 95 20.97 -12.96 55.86
C THR D 95 20.28 -14.31 56.02
N LYS D 96 20.66 -15.10 57.03
CA LYS D 96 19.99 -16.37 57.25
C LYS D 96 18.85 -16.22 58.25
N SER D 97 19.04 -15.40 59.29
CA SER D 97 18.02 -15.25 60.31
C SER D 97 16.86 -14.38 59.84
N VAL D 98 17.05 -13.59 58.78
CA VAL D 98 15.98 -12.77 58.25
C VAL D 98 14.87 -13.66 57.70
N THR D 99 13.63 -13.34 58.03
CA THR D 99 12.46 -14.09 57.60
C THR D 99 11.45 -13.16 56.95
N ILE D 100 10.58 -13.75 56.14
CA ILE D 100 9.52 -13.01 55.45
C ILE D 100 8.23 -13.78 55.65
N PRO D 101 7.09 -13.12 55.86
CA PRO D 101 5.83 -13.85 56.03
C PRO D 101 5.42 -14.57 54.76
N ALA D 102 4.26 -15.26 54.85
CA ALA D 102 3.90 -16.21 53.82
C ALA D 102 3.76 -15.58 52.44
N GLY D 103 2.81 -14.67 52.24
CA GLY D 103 2.66 -14.03 50.96
C GLY D 103 2.42 -12.54 51.09
N GLN D 104 3.34 -11.73 50.55
CA GLN D 104 3.28 -10.30 50.77
C GLN D 104 2.62 -9.63 49.57
N LYS D 105 3.22 -9.69 48.38
CA LYS D 105 2.67 -9.08 47.17
C LYS D 105 2.53 -7.56 47.33
N GLY D 106 2.25 -6.85 46.24
CA GLY D 106 1.88 -5.45 46.32
C GLY D 106 2.97 -4.49 46.72
N SER D 107 4.20 -4.72 46.27
CA SER D 107 5.31 -3.78 46.31
C SER D 107 5.75 -3.37 47.71
N GLN D 108 5.28 -4.01 48.77
CA GLN D 108 5.72 -3.70 50.13
C GLN D 108 6.06 -5.01 50.85
N ILE D 109 7.32 -5.18 51.20
CA ILE D 109 7.80 -6.35 51.91
C ILE D 109 8.06 -5.95 53.35
N ILE D 110 7.38 -6.62 54.28
CA ILE D 110 7.61 -6.41 55.70
C ILE D 110 8.41 -7.60 56.22
N LEU D 111 9.73 -7.43 56.26
CA LEU D 111 10.65 -8.50 56.67
C LEU D 111 11.12 -8.24 58.09
N ASN D 112 11.16 -9.28 58.89
CA ASN D 112 11.55 -9.19 60.29
C ASN D 112 12.88 -9.89 60.52
N THR D 113 13.79 -9.21 61.22
CA THR D 113 15.06 -9.77 61.64
C THR D 113 15.13 -9.78 63.15
N ASN D 114 15.89 -10.72 63.70
CA ASN D 114 16.01 -10.75 65.14
C ASN D 114 17.02 -9.71 65.60
N GLY D 115 18.28 -9.90 65.23
CA GLY D 115 19.30 -8.90 65.44
C GLY D 115 20.39 -8.97 64.39
N THR D 116 20.18 -9.83 63.39
CA THR D 116 21.26 -10.27 62.52
C THR D 116 21.66 -9.23 61.49
N LEU D 117 20.83 -8.24 61.22
CA LEU D 117 21.16 -7.15 60.31
C LEU D 117 21.48 -5.91 61.13
N THR D 118 22.63 -5.29 60.84
CA THR D 118 23.12 -4.13 61.59
C THR D 118 23.38 -3.01 60.58
N GLY D 119 22.34 -2.24 60.29
CA GLY D 119 22.45 -1.14 59.35
C GLY D 119 21.19 -0.90 58.56
N GLN D 120 20.80 0.37 58.46
CA GLN D 120 19.57 0.71 57.75
C GLN D 120 19.85 0.91 56.26
N PRO D 121 19.16 0.20 55.39
CA PRO D 121 19.22 0.50 53.95
C PRO D 121 18.62 1.86 53.66
N LYS D 122 19.17 2.52 52.65
CA LYS D 122 18.77 3.86 52.28
C LYS D 122 17.92 3.81 51.02
N ALA D 123 17.03 4.80 50.88
CA ALA D 123 16.21 4.90 49.69
C ALA D 123 17.09 5.02 48.45
N GLY D 124 16.76 4.24 47.43
CA GLY D 124 17.56 4.18 46.23
C GLY D 124 18.60 3.08 46.20
N ASP D 125 18.64 2.22 47.21
CA ASP D 125 19.59 1.11 47.27
C ASP D 125 18.92 -0.12 46.70
N LEU D 126 19.62 -0.82 45.81
CA LEU D 126 19.06 -1.98 45.14
C LEU D 126 18.72 -3.08 46.13
N PHE D 127 17.61 -3.77 45.87
CA PHE D 127 17.12 -4.84 46.73
C PHE D 127 16.73 -6.03 45.87
N LYS D 128 17.08 -7.23 46.32
CA LYS D 128 16.77 -8.45 45.59
C LYS D 128 16.29 -9.52 46.56
N LEU D 129 15.48 -10.44 46.06
CA LEU D 129 15.07 -11.63 46.79
C LEU D 129 15.90 -12.80 46.30
N SER D 130 16.38 -13.64 47.23
CA SER D 130 17.32 -14.68 46.87
C SER D 130 16.71 -15.68 45.89
N THR D 131 15.42 -15.96 46.02
CA THR D 131 14.81 -16.99 45.19
C THR D 131 14.57 -16.51 43.76
N HIS D 132 14.14 -15.26 43.60
CA HIS D 132 13.72 -14.77 42.29
C HIS D 132 14.76 -13.83 41.73
N PRO D 133 14.98 -13.86 40.42
CA PRO D 133 16.08 -13.08 39.83
C PRO D 133 16.01 -11.58 40.04
N LYS D 134 14.88 -10.94 39.70
CA LYS D 134 14.92 -9.53 39.35
C LYS D 134 15.35 -8.64 40.51
N VAL D 135 15.92 -7.49 40.16
CA VAL D 135 16.46 -6.52 41.11
C VAL D 135 15.43 -5.42 41.33
N TYR D 136 15.25 -5.03 42.59
CA TYR D 136 14.30 -4.00 42.98
C TYR D 136 15.07 -2.84 43.59
N LYS D 137 14.57 -1.62 43.41
CA LYS D 137 15.13 -0.49 44.15
C LYS D 137 14.19 -0.09 45.28
N ILE D 138 14.78 0.13 46.45
CA ILE D 138 14.04 0.58 47.61
C ILE D 138 13.71 2.05 47.45
N THR D 139 12.46 2.41 47.72
CA THR D 139 11.99 3.78 47.56
C THR D 139 11.54 4.43 48.85
N ASN D 140 11.47 3.69 49.95
CA ASN D 140 11.12 4.24 51.25
C ASN D 140 11.51 3.21 52.29
N PHE D 141 11.61 3.64 53.54
CA PHE D 141 12.07 2.77 54.61
C PHE D 141 11.50 3.25 55.94
N SER D 142 11.22 2.29 56.81
CA SER D 142 10.80 2.58 58.18
C SER D 142 11.04 1.33 59.02
N SER D 143 11.35 1.54 60.29
CA SER D 143 11.80 0.45 61.15
C SER D 143 11.08 0.47 62.48
N SER D 144 10.87 -0.74 63.03
CA SER D 144 10.37 -0.92 64.39
C SER D 144 11.31 -1.77 65.24
N GLY D 145 12.60 -1.74 64.96
CA GLY D 145 13.56 -2.50 65.72
C GLY D 145 13.86 -3.88 65.15
N ASN D 146 12.92 -4.80 65.27
CA ASN D 146 13.08 -6.14 64.72
C ASN D 146 12.32 -6.31 63.42
N VAL D 147 11.19 -5.62 63.28
CA VAL D 147 10.37 -5.66 62.09
C VAL D 147 10.47 -4.29 61.42
N TRP D 148 11.06 -4.24 60.24
CA TRP D 148 11.05 -3.00 59.46
C TRP D 148 10.39 -3.22 58.10
N ASN D 149 9.63 -2.22 57.68
CA ASN D 149 8.94 -2.24 56.40
C ASN D 149 9.87 -1.74 55.31
N ILE D 150 9.87 -2.43 54.17
CA ILE D 150 10.66 -2.04 53.02
C ILE D 150 9.73 -1.96 51.81
N SER D 151 9.74 -0.83 51.13
CA SER D 151 8.91 -0.60 49.96
C SER D 151 9.77 -0.70 48.70
N LEU D 152 9.26 -1.41 47.71
CA LEU D 152 9.99 -1.72 46.49
C LEU D 152 9.35 -0.98 45.32
N TYR D 153 10.17 -0.58 44.35
CA TYR D 153 9.63 0.07 43.17
C TYR D 153 8.87 -0.92 42.28
N PRO D 154 9.47 -1.98 41.76
CA PRO D 154 8.68 -2.98 41.04
C PRO D 154 7.75 -3.70 42.00
N ASP D 155 6.59 -4.08 41.48
CA ASP D 155 5.50 -4.57 42.32
C ASP D 155 5.64 -6.08 42.53
N LEU D 156 6.81 -6.50 42.99
CA LEU D 156 7.04 -7.85 43.49
C LEU D 156 6.56 -8.92 42.52
N PHE D 157 7.25 -9.07 41.39
CA PHE D 157 6.84 -10.02 40.37
C PHE D 157 6.46 -11.37 40.97
N ILE D 158 7.39 -12.01 41.67
CA ILE D 158 7.04 -13.25 42.36
C ILE D 158 6.32 -12.92 43.65
N THR D 159 5.32 -13.74 43.97
CA THR D 159 4.69 -13.66 45.28
C THR D 159 5.66 -14.31 46.26
N THR D 160 5.48 -14.12 47.56
CA THR D 160 6.43 -14.65 48.52
C THR D 160 6.11 -16.11 48.78
N THR D 161 7.14 -16.96 48.69
CA THR D 161 6.94 -18.38 48.97
C THR D 161 6.87 -18.62 50.47
N GLY D 162 7.43 -17.72 51.27
CA GLY D 162 7.56 -17.93 52.69
C GLY D 162 8.94 -18.35 53.15
N SER D 163 9.88 -18.57 52.24
CA SER D 163 11.25 -18.90 52.57
C SER D 163 12.26 -17.99 51.88
N GLU D 164 11.79 -16.95 51.20
CA GLU D 164 12.68 -16.05 50.49
C GLU D 164 13.45 -15.16 51.48
N LYS D 165 14.68 -14.82 51.13
CA LYS D 165 15.55 -14.03 51.98
C LYS D 165 16.18 -12.91 51.17
N PRO D 166 16.32 -11.71 51.73
CA PRO D 166 16.97 -10.62 51.01
C PRO D 166 18.46 -10.87 50.86
N VAL D 167 19.11 -10.02 50.07
CA VAL D 167 20.55 -10.10 49.84
C VAL D 167 21.26 -8.81 50.21
N PHE D 168 20.84 -7.68 49.62
CA PHE D 168 21.27 -6.34 50.01
C PHE D 168 22.71 -6.00 49.62
N ASN D 169 23.47 -6.98 49.15
CA ASN D 169 24.89 -6.81 48.88
C ASN D 169 25.31 -7.75 47.77
N GLY D 170 26.03 -7.21 46.78
CA GLY D 170 26.48 -8.03 45.68
C GLY D 170 25.36 -8.70 44.92
N ILE D 171 24.34 -7.95 44.52
CA ILE D 171 23.19 -8.53 43.83
C ILE D 171 23.39 -8.38 42.34
N LEU D 172 23.14 -9.46 41.61
CA LEU D 172 23.55 -9.58 40.21
C LEU D 172 22.32 -9.54 39.30
N PHE D 173 22.36 -8.69 38.29
CA PHE D 173 21.30 -8.59 37.30
C PHE D 173 21.45 -9.70 36.27
N ARG D 174 20.51 -10.65 36.24
CA ARG D 174 20.45 -11.57 35.12
C ARG D 174 20.11 -10.80 33.86
N THR D 175 21.00 -10.83 32.87
CA THR D 175 20.87 -9.98 31.71
C THR D 175 21.31 -10.72 30.46
N LYS D 176 20.86 -10.23 29.31
CA LYS D 176 21.21 -10.80 28.02
C LYS D 176 21.61 -9.70 27.05
N LEU D 177 22.65 -9.95 26.27
CA LEU D 177 23.14 -8.93 25.35
C LEU D 177 22.14 -8.66 24.24
N MET D 178 21.98 -7.38 23.90
CA MET D 178 21.26 -6.96 22.70
C MET D 178 22.19 -6.35 21.66
N ASN D 179 23.50 -6.53 21.81
CA ASN D 179 24.48 -6.17 20.80
C ASN D 179 25.15 -7.40 20.21
N GLY D 180 24.62 -8.59 20.51
CA GLY D 180 25.24 -9.80 20.01
C GLY D 180 24.98 -10.04 18.53
N ASP D 181 24.05 -9.29 17.95
CA ASP D 181 23.77 -9.42 16.53
C ASP D 181 24.97 -9.01 15.70
N SER D 182 25.53 -7.83 15.98
CA SER D 182 26.72 -7.34 15.31
C SER D 182 27.58 -6.61 16.33
N PHE D 183 28.61 -7.28 16.83
CA PHE D 183 29.48 -6.74 17.85
C PHE D 183 30.81 -6.36 17.22
N GLY D 184 31.20 -5.10 17.39
CA GLY D 184 32.39 -4.58 16.74
C GLY D 184 33.51 -4.30 17.71
N SER D 185 34.73 -4.61 17.28
CA SER D 185 35.92 -4.39 18.08
C SER D 185 37.00 -3.79 17.20
N THR D 186 37.11 -2.46 17.21
CA THR D 186 38.08 -1.74 16.39
C THR D 186 39.38 -1.62 17.16
N LEU D 187 40.47 -2.07 16.54
CA LEU D 187 41.79 -1.97 17.17
C LEU D 187 42.45 -0.69 16.69
N ASN D 188 42.48 0.32 17.55
CA ASN D 188 43.07 1.60 17.22
C ASN D 188 44.54 1.44 16.86
N ASN D 189 45.06 2.44 16.14
CA ASN D 189 46.48 2.45 15.83
C ASN D 189 47.33 2.43 17.09
N ASN D 190 46.85 3.04 18.16
CA ASN D 190 47.58 3.10 19.42
C ASN D 190 47.63 1.76 20.13
N GLY D 191 46.88 0.76 19.67
CA GLY D 191 46.91 -0.56 20.25
C GLY D 191 45.78 -0.87 21.20
N THR D 192 44.76 -0.02 21.31
CA THR D 192 43.67 -0.21 22.25
C THR D 192 42.36 -0.37 21.49
N TYR D 193 41.60 -1.39 21.86
CA TYR D 193 40.20 -1.49 21.46
C TYR D 193 39.41 -0.38 22.13
N SER D 194 38.79 0.47 21.32
CA SER D 194 38.18 1.70 21.81
C SER D 194 36.68 1.69 21.54
N GLY D 195 35.94 2.33 22.45
CA GLY D 195 34.51 2.47 22.28
C GLY D 195 33.73 1.16 22.33
N ILE D 196 34.15 0.24 23.18
CA ILE D 196 33.41 -1.01 23.39
C ILE D 196 32.28 -0.73 24.36
N SER D 197 31.05 -0.93 23.90
CA SER D 197 29.87 -0.70 24.74
C SER D 197 28.96 -1.92 24.66
N LEU D 198 28.20 -2.13 25.74
CA LEU D 198 27.27 -3.25 25.85
C LEU D 198 25.90 -2.72 26.22
N SER D 199 24.87 -3.28 25.58
CA SER D 199 23.49 -2.95 25.91
C SER D 199 22.81 -4.20 26.46
N LEU D 200 22.30 -4.09 27.68
CA LEU D 200 21.79 -5.25 28.40
C LEU D 200 20.34 -5.07 28.77
N ARG D 201 19.67 -6.20 28.97
CA ARG D 201 18.28 -6.25 29.40
C ARG D 201 18.08 -7.47 30.27
N GLU D 202 17.30 -7.32 31.33
CA GLU D 202 17.00 -8.46 32.18
C GLU D 202 16.17 -9.49 31.43
N SER D 203 16.35 -10.75 31.82
CA SER D 203 15.55 -11.87 31.34
C SER D 203 14.91 -12.59 32.51
N LEU D 204 14.30 -11.79 33.38
CA LEU D 204 13.61 -12.25 34.57
C LEU D 204 12.62 -13.38 34.29
N MET E 1 44.76 -16.33 -0.84
CA MET E 1 45.55 -15.39 -1.65
C MET E 1 46.43 -14.56 -0.73
N ARG E 2 46.04 -14.47 0.54
CA ARG E 2 46.79 -13.73 1.56
C ARG E 2 46.95 -12.24 1.22
N LEU E 3 45.86 -11.49 1.36
CA LEU E 3 45.90 -10.04 1.24
C LEU E 3 47.19 -9.49 1.84
N PRO E 4 47.90 -8.61 1.13
CA PRO E 4 49.25 -8.24 1.56
C PRO E 4 49.28 -7.60 2.94
N ASP E 5 50.26 -8.01 3.73
CA ASP E 5 50.50 -7.55 5.09
C ASP E 5 51.97 -7.17 5.20
N PRO E 6 52.33 -6.38 6.21
CA PRO E 6 53.76 -6.13 6.46
C PRO E 6 54.56 -7.40 6.70
N TYR E 7 53.97 -8.42 7.33
CA TYR E 7 54.66 -9.70 7.43
C TYR E 7 54.89 -10.31 6.04
N THR E 8 53.87 -10.26 5.19
CA THR E 8 54.00 -10.83 3.84
C THR E 8 55.11 -10.14 3.06
N ASN E 9 55.07 -8.82 3.00
CA ASN E 9 56.06 -8.04 2.28
C ASN E 9 56.19 -6.64 2.88
N PRO E 10 57.27 -6.34 3.59
CA PRO E 10 57.41 -5.02 4.25
C PRO E 10 57.99 -3.91 3.39
N GLU E 11 58.31 -4.15 2.12
CA GLU E 11 58.88 -3.08 1.31
C GLU E 11 57.82 -2.05 0.95
N TYR E 12 56.55 -2.40 1.08
CA TYR E 12 55.47 -1.43 0.92
C TYR E 12 54.84 -1.18 2.28
N PRO E 13 55.33 -0.22 3.06
CA PRO E 13 54.66 0.13 4.31
C PRO E 13 53.40 0.94 4.03
N GLY E 14 52.53 0.98 5.04
CA GLY E 14 51.24 1.59 4.88
C GLY E 14 50.16 0.67 4.39
N LEU E 15 50.52 -0.48 3.82
CA LEU E 15 49.57 -1.54 3.54
C LEU E 15 49.16 -2.28 4.80
N GLY E 16 49.83 -2.03 5.92
CA GLY E 16 49.35 -2.54 7.18
C GLY E 16 48.03 -1.88 7.56
N PHE E 17 47.21 -2.62 8.28
CA PHE E 17 45.90 -2.13 8.63
C PHE E 17 46.03 -1.08 9.73
N GLU E 18 45.29 0.02 9.59
CA GLU E 18 45.28 0.99 10.68
C GLU E 18 44.07 0.85 11.58
N SER E 19 43.10 0.01 11.22
CA SER E 19 41.93 -0.22 12.07
C SER E 19 41.30 -1.54 11.65
N VAL E 20 41.39 -2.54 12.52
CA VAL E 20 40.81 -3.85 12.25
C VAL E 20 39.59 -4.02 13.14
N ASN E 21 38.47 -4.38 12.53
CA ASN E 21 37.19 -4.52 13.22
C ASN E 21 36.65 -5.92 12.95
N LEU E 22 36.71 -6.79 13.95
CA LEU E 22 36.02 -8.09 13.87
C LEU E 22 34.57 -7.88 14.25
N VAL E 23 33.70 -7.81 13.26
CA VAL E 23 32.27 -7.67 13.47
C VAL E 23 31.72 -9.08 13.73
N ASP E 24 31.36 -9.35 14.98
CA ASP E 24 30.85 -10.66 15.37
C ASP E 24 29.42 -10.79 14.83
N ASN E 25 29.34 -10.91 13.51
CA ASN E 25 28.04 -10.97 12.86
C ASN E 25 27.35 -12.28 13.17
N ASP E 26 26.29 -12.22 13.97
CA ASP E 26 25.55 -13.41 14.40
C ASP E 26 24.08 -13.16 14.11
N PRO E 27 23.65 -13.42 12.89
CA PRO E 27 22.22 -13.31 12.58
C PRO E 27 21.41 -14.22 13.48
N MET E 28 20.36 -13.64 14.05
CA MET E 28 19.66 -14.29 15.16
C MET E 28 18.34 -13.59 15.39
N ILE E 29 17.31 -14.39 15.68
CA ILE E 29 15.95 -13.90 15.85
C ILE E 29 15.65 -13.81 17.34
N ARG E 30 15.27 -12.62 17.80
CA ARG E 30 14.97 -12.39 19.21
C ARG E 30 13.55 -11.83 19.35
N ASP E 31 12.83 -12.30 20.36
CA ASP E 31 11.51 -11.77 20.71
C ASP E 31 11.55 -11.36 22.18
N GLU E 32 10.89 -10.26 22.49
CA GLU E 32 10.85 -9.75 23.86
C GLU E 32 9.44 -9.91 24.39
N LEU E 33 9.26 -10.88 25.29
CA LEU E 33 7.95 -11.18 25.82
C LEU E 33 7.52 -10.11 26.82
N PRO E 34 6.21 -9.92 27.01
CA PRO E 34 5.76 -9.11 28.14
C PRO E 34 6.04 -9.77 29.47
N ASN E 35 6.19 -11.09 29.48
CA ASN E 35 6.52 -11.81 30.71
C ASN E 35 7.81 -11.27 31.32
N GLY E 36 8.68 -10.71 30.49
CA GLY E 36 9.96 -10.20 30.94
C GLY E 36 11.08 -10.99 30.33
N LYS E 37 10.78 -12.21 29.91
CA LYS E 37 11.78 -13.09 29.34
C LYS E 37 12.21 -12.60 27.96
N VAL E 38 13.42 -12.98 27.55
CA VAL E 38 13.94 -12.72 26.21
C VAL E 38 14.17 -14.06 25.55
N LYS E 39 13.43 -14.32 24.46
CA LYS E 39 13.51 -15.57 23.74
C LYS E 39 14.22 -15.33 22.42
N GLU E 40 15.19 -16.18 22.10
CA GLU E 40 16.12 -15.94 21.01
C GLU E 40 16.56 -17.28 20.42
N VAL E 41 16.60 -17.35 19.08
CA VAL E 41 16.86 -18.59 18.36
C VAL E 41 17.98 -18.36 17.36
N LYS E 42 18.88 -19.34 17.24
CA LYS E 42 20.00 -19.27 16.31
C LYS E 42 19.69 -20.05 15.05
N ILE E 43 19.70 -19.37 13.91
CA ILE E 43 19.61 -20.02 12.60
C ILE E 43 20.72 -19.40 11.75
N SER E 44 20.77 -19.76 10.47
CA SER E 44 21.71 -19.19 9.50
C SER E 44 23.12 -19.55 9.97
N ALA E 45 24.09 -18.64 9.88
CA ALA E 45 25.47 -18.96 10.23
C ALA E 45 26.03 -17.79 11.03
N GLN E 46 27.35 -17.72 11.13
CA GLN E 46 28.02 -16.63 11.82
C GLN E 46 29.33 -16.30 11.13
N TYR E 47 29.32 -15.23 10.34
CA TYR E 47 30.46 -14.81 9.54
C TYR E 47 31.22 -13.72 10.27
N TRP E 48 32.50 -13.96 10.52
CA TRP E 48 33.37 -12.92 11.07
C TRP E 48 33.53 -11.81 10.03
N GLY E 49 33.03 -10.63 10.36
CA GLY E 49 33.18 -9.49 9.46
C GLY E 49 34.39 -8.66 9.82
N ILE E 50 35.32 -8.50 8.87
CA ILE E 50 36.54 -7.75 9.08
C ILE E 50 36.44 -6.44 8.33
N ASN E 51 36.58 -5.33 9.06
CA ASN E 51 36.41 -3.99 8.49
C ASN E 51 37.77 -3.30 8.47
N ILE E 52 38.42 -3.35 7.29
CA ILE E 52 39.76 -2.81 7.16
C ILE E 52 39.72 -1.40 6.58
N SER E 53 40.48 -0.50 7.19
CA SER E 53 40.65 0.86 6.69
C SER E 53 42.13 1.10 6.43
N TYR E 54 42.42 1.78 5.32
CA TYR E 54 43.79 1.98 4.89
C TYR E 54 44.15 3.46 4.98
N PRO E 55 45.42 3.78 5.21
CA PRO E 55 45.85 5.18 5.14
C PRO E 55 45.96 5.65 3.71
N GLU E 56 46.45 6.88 3.53
CA GLU E 56 46.79 7.35 2.20
C GLU E 56 47.84 6.44 1.60
N LEU E 57 47.73 6.13 0.31
CA LEU E 57 48.62 5.19 -0.35
C LEU E 57 49.36 5.89 -1.48
N PHE E 58 50.68 5.72 -1.49
CA PHE E 58 51.50 6.20 -2.60
C PHE E 58 51.23 5.31 -3.80
N PRO E 59 51.56 5.78 -5.01
CA PRO E 59 51.23 4.99 -6.21
C PRO E 59 51.79 3.58 -6.20
N ASP E 60 52.98 3.35 -5.67
CA ASP E 60 53.54 2.00 -5.67
C ASP E 60 52.73 1.05 -4.81
N GLU E 61 52.43 1.43 -3.57
CA GLU E 61 51.65 0.56 -2.69
C GLU E 61 50.26 0.33 -3.24
N TYR E 62 49.61 1.36 -3.76
CA TYR E 62 48.27 1.18 -4.30
C TYR E 62 48.29 0.40 -5.60
N ALA E 63 49.34 0.53 -6.40
CA ALA E 63 49.47 -0.32 -7.60
C ALA E 63 49.59 -1.78 -7.21
N PHE E 64 50.42 -2.07 -6.19
CA PHE E 64 50.53 -3.45 -5.73
C PHE E 64 49.21 -3.97 -5.17
N LEU E 65 48.50 -3.13 -4.41
CA LEU E 65 47.23 -3.57 -3.83
C LEU E 65 46.20 -3.81 -4.92
N ASP E 66 46.18 -2.98 -5.96
CA ASP E 66 45.30 -3.25 -7.09
C ASP E 66 45.69 -4.55 -7.79
N SER E 67 46.99 -4.79 -7.96
CA SER E 67 47.41 -6.04 -8.58
C SER E 67 46.85 -7.23 -7.81
N ARG E 68 47.04 -7.23 -6.49
CA ARG E 68 46.56 -8.36 -5.70
C ARG E 68 45.03 -8.45 -5.71
N LEU E 69 44.34 -7.32 -5.57
CA LEU E 69 42.88 -7.38 -5.52
C LEU E 69 42.28 -7.78 -6.86
N LEU E 70 42.90 -7.38 -7.97
CA LEU E 70 42.41 -7.83 -9.27
C LEU E 70 42.72 -9.31 -9.47
N GLU E 71 43.84 -9.79 -8.94
CA GLU E 71 44.07 -11.23 -8.93
C GLU E 71 42.99 -11.95 -8.12
N TYR E 72 42.56 -11.35 -7.02
CA TYR E 72 41.47 -11.90 -6.24
C TYR E 72 40.16 -11.92 -7.03
N LYS E 73 39.91 -10.85 -7.79
CA LYS E 73 38.62 -10.73 -8.46
C LYS E 73 38.53 -11.62 -9.69
N ARG E 74 39.52 -11.55 -10.60
CA ARG E 74 39.43 -12.34 -11.83
C ARG E 74 39.50 -13.83 -11.52
N THR E 75 40.10 -14.21 -10.40
CA THR E 75 40.08 -15.58 -9.95
C THR E 75 38.94 -15.77 -8.94
N GLY E 76 38.57 -17.02 -8.70
CA GLY E 76 37.55 -17.33 -7.71
C GLY E 76 38.06 -17.54 -6.32
N ASP E 77 39.37 -17.38 -6.07
CA ASP E 77 39.91 -17.70 -4.77
C ASP E 77 39.53 -16.67 -3.71
N TYR E 78 39.60 -17.08 -2.45
CA TYR E 78 39.17 -16.22 -1.35
C TYR E 78 40.33 -15.42 -0.78
N LEU E 79 40.02 -14.22 -0.31
CA LEU E 79 41.01 -13.43 0.42
C LEU E 79 41.35 -14.09 1.75
N ASP E 80 42.62 -14.02 2.12
CA ASP E 80 43.10 -14.51 3.42
C ASP E 80 43.67 -13.33 4.17
N VAL E 81 43.22 -13.15 5.41
CA VAL E 81 43.65 -12.04 6.25
C VAL E 81 44.23 -12.60 7.54
N LEU E 82 45.41 -12.12 7.91
CA LEU E 82 46.04 -12.47 9.17
C LEU E 82 45.90 -11.29 10.13
N LEU E 83 45.29 -11.53 11.27
CA LEU E 83 45.17 -10.47 12.26
C LEU E 83 46.32 -10.55 13.26
N PRO E 84 47.17 -9.54 13.34
CA PRO E 84 48.35 -9.64 14.21
C PRO E 84 48.03 -9.72 15.69
N GLN E 85 46.94 -9.11 16.15
CA GLN E 85 46.69 -9.06 17.60
C GLN E 85 46.46 -10.45 18.18
N TYR E 86 46.01 -11.39 17.36
CA TYR E 86 45.77 -12.76 17.79
C TYR E 86 46.92 -13.69 17.45
N GLU E 87 47.96 -13.18 16.77
CA GLU E 87 49.14 -13.98 16.46
C GLU E 87 50.01 -14.06 17.72
N ALA E 88 49.50 -14.79 18.71
CA ALA E 88 50.18 -14.94 19.98
C ALA E 88 51.26 -16.02 19.95
N PHE E 89 51.15 -16.98 19.03
CA PHE E 89 52.15 -18.05 18.87
C PHE E 89 52.41 -18.77 20.18
N ARG E 90 51.33 -19.04 20.92
CA ARG E 90 51.36 -19.97 22.03
C ARG E 90 51.27 -21.40 21.48
N VAL E 91 50.96 -22.36 22.35
CA VAL E 91 50.82 -23.77 21.95
C VAL E 91 52.17 -24.29 21.47
N ARG E 92 52.53 -23.97 20.23
CA ARG E 92 53.84 -24.30 19.65
C ARG E 92 53.93 -25.81 19.44
N GLY E 93 54.99 -26.27 18.78
CA GLY E 93 55.09 -27.66 18.43
C GLY E 93 54.46 -27.97 17.08
N ASP E 94 54.11 -29.23 16.90
CA ASP E 94 53.47 -29.71 15.70
C ASP E 94 52.08 -30.24 16.04
N THR E 95 51.23 -30.37 15.03
CA THR E 95 49.85 -30.78 15.23
C THR E 95 49.50 -32.07 14.50
N LYS E 96 50.49 -32.82 14.01
CA LYS E 96 50.18 -34.01 13.24
C LYS E 96 49.77 -35.18 14.14
N SER E 97 50.37 -35.28 15.32
CA SER E 97 50.14 -36.44 16.17
C SER E 97 48.88 -36.33 17.01
N VAL E 98 48.33 -35.13 17.18
CA VAL E 98 47.12 -34.96 17.97
C VAL E 98 45.93 -35.52 17.20
N THR E 99 45.00 -36.14 17.94
CA THR E 99 43.81 -36.75 17.36
C THR E 99 42.56 -36.19 18.00
N ILE E 100 41.50 -36.13 17.22
CA ILE E 100 40.18 -35.67 17.66
C ILE E 100 39.24 -36.86 17.56
N PRO E 101 38.32 -37.06 18.50
CA PRO E 101 37.45 -38.24 18.45
C PRO E 101 36.58 -38.24 17.20
N ALA E 102 35.82 -39.33 17.04
CA ALA E 102 35.17 -39.61 15.77
C ALA E 102 34.19 -38.52 15.36
N GLY E 103 33.11 -38.33 16.11
CA GLY E 103 32.18 -37.25 15.83
C GLY E 103 31.92 -36.42 17.07
N GLN E 104 32.36 -35.16 17.06
CA GLN E 104 32.43 -34.39 18.29
C GLN E 104 31.23 -33.46 18.33
N LYS E 105 31.10 -32.49 17.41
CA LYS E 105 29.96 -31.58 17.33
C LYS E 105 29.76 -30.77 18.61
N GLY E 106 28.81 -29.84 18.57
CA GLY E 106 28.31 -29.21 19.79
C GLY E 106 29.29 -28.28 20.49
N SER E 107 30.03 -27.47 19.76
CA SER E 107 30.78 -26.33 20.27
C SER E 107 31.87 -26.67 21.28
N GLN E 108 32.13 -27.94 21.57
CA GLN E 108 33.22 -28.33 22.45
C GLN E 108 34.04 -29.41 21.76
N ILE E 109 35.30 -29.13 21.49
CA ILE E 109 36.23 -30.11 20.92
C ILE E 109 37.11 -30.61 22.04
N ILE E 110 37.12 -31.93 22.26
CA ILE E 110 37.98 -32.55 23.25
C ILE E 110 39.08 -33.33 22.52
N LEU E 111 40.21 -32.67 22.32
CA LEU E 111 41.34 -33.26 21.63
C LEU E 111 42.39 -33.65 22.66
N ASN E 112 43.02 -34.81 22.46
CA ASN E 112 44.09 -35.27 23.33
C ASN E 112 45.42 -35.16 22.62
N THR E 113 46.40 -34.56 23.29
CA THR E 113 47.75 -34.46 22.76
C THR E 113 48.66 -35.37 23.56
N ASN E 114 49.45 -36.16 22.85
CA ASN E 114 50.29 -37.15 23.53
C ASN E 114 51.57 -36.50 24.04
N GLY E 115 52.41 -36.02 23.13
CA GLY E 115 53.62 -35.33 23.53
C GLY E 115 54.04 -34.23 22.57
N THR E 116 53.18 -33.93 21.60
CA THR E 116 53.56 -33.07 20.49
C THR E 116 53.22 -31.60 20.73
N LEU E 117 52.24 -31.29 21.57
CA LEU E 117 51.86 -29.92 21.86
C LEU E 117 52.33 -29.56 23.26
N THR E 118 53.08 -28.46 23.37
CA THR E 118 53.69 -28.03 24.64
C THR E 118 53.29 -26.59 24.91
N GLY E 119 52.15 -26.40 25.58
CA GLY E 119 51.72 -25.07 25.94
C GLY E 119 50.21 -24.89 25.98
N GLN E 120 49.74 -24.28 27.04
CA GLN E 120 48.31 -24.12 27.24
C GLN E 120 47.83 -22.80 26.63
N PRO E 121 46.89 -22.83 25.68
CA PRO E 121 46.37 -21.58 25.12
C PRO E 121 45.52 -20.84 26.13
N LYS E 122 45.44 -19.52 25.93
CA LYS E 122 44.64 -18.66 26.76
C LYS E 122 43.26 -18.50 26.14
N ALA E 123 42.25 -18.41 27.00
CA ALA E 123 40.88 -18.21 26.53
C ALA E 123 40.78 -16.91 25.76
N GLY E 124 40.36 -17.02 24.50
CA GLY E 124 40.28 -15.88 23.61
C GLY E 124 41.21 -15.92 22.42
N ASP E 125 41.95 -17.00 22.22
CA ASP E 125 42.84 -17.16 21.09
C ASP E 125 42.12 -17.92 19.98
N LEU E 126 42.24 -17.43 18.76
CA LEU E 126 41.52 -18.05 17.64
C LEU E 126 41.98 -19.48 17.43
N PHE E 127 41.03 -20.36 17.10
CA PHE E 127 41.26 -21.77 16.89
C PHE E 127 40.59 -22.20 15.60
N LYS E 128 41.28 -23.00 14.80
CA LYS E 128 40.75 -23.47 13.54
C LYS E 128 40.96 -24.97 13.43
N LEU E 129 40.00 -25.64 12.77
CA LEU E 129 40.13 -27.03 12.37
C LEU E 129 40.78 -27.05 11.00
N SER E 130 41.64 -28.06 10.76
CA SER E 130 42.49 -28.03 9.58
C SER E 130 41.68 -28.06 8.29
N THR E 131 40.63 -28.88 8.23
CA THR E 131 39.93 -29.08 6.97
C THR E 131 38.96 -27.94 6.66
N HIS E 132 38.32 -27.39 7.69
CA HIS E 132 37.23 -26.45 7.46
C HIS E 132 37.75 -25.02 7.57
N PRO E 133 37.40 -24.17 6.61
CA PRO E 133 38.03 -22.83 6.55
C PRO E 133 37.84 -21.97 7.79
N LYS E 134 36.68 -22.00 8.44
CA LYS E 134 36.38 -20.95 9.41
C LYS E 134 37.20 -21.11 10.67
N VAL E 135 37.40 -19.99 11.37
CA VAL E 135 38.22 -19.91 12.56
C VAL E 135 37.32 -19.63 13.76
N TYR E 136 37.58 -20.31 14.88
CA TYR E 136 36.75 -20.23 16.06
C TYR E 136 37.55 -19.53 17.16
N LYS E 137 36.87 -18.77 18.01
CA LYS E 137 37.57 -18.26 19.17
C LYS E 137 37.25 -19.10 20.40
N ILE E 138 38.28 -19.38 21.17
CA ILE E 138 38.16 -20.19 22.38
C ILE E 138 37.53 -19.35 23.48
N THR E 139 36.68 -19.98 24.28
CA THR E 139 36.00 -19.29 25.37
C THR E 139 36.35 -19.85 26.73
N ASN E 140 36.88 -21.07 26.80
CA ASN E 140 37.30 -21.67 28.05
C ASN E 140 38.27 -22.79 27.72
N PHE E 141 38.98 -23.27 28.74
CA PHE E 141 39.99 -24.28 28.53
C PHE E 141 40.16 -25.11 29.79
N SER E 142 40.42 -26.40 29.60
CA SER E 142 40.65 -27.30 30.73
C SER E 142 41.43 -28.50 30.21
N SER E 143 42.45 -28.89 30.98
CA SER E 143 43.37 -29.93 30.54
C SER E 143 43.54 -30.98 31.63
N SER E 144 43.74 -32.22 31.20
CA SER E 144 44.02 -33.33 32.10
C SER E 144 45.36 -33.99 31.81
N GLY E 145 46.38 -33.20 31.49
CA GLY E 145 47.69 -33.72 31.15
C GLY E 145 47.86 -33.96 29.67
N ASN E 146 47.18 -34.96 29.13
CA ASN E 146 47.24 -35.25 27.70
C ASN E 146 45.98 -34.83 26.98
N VAL E 147 44.83 -34.98 27.62
CA VAL E 147 43.53 -34.65 27.04
C VAL E 147 43.12 -33.29 27.57
N TRP E 148 42.96 -32.31 26.68
CA TRP E 148 42.34 -31.05 27.08
C TRP E 148 41.09 -30.76 26.27
N ASN E 149 40.04 -30.38 26.99
CA ASN E 149 38.80 -29.92 26.40
C ASN E 149 38.96 -28.48 25.94
N ILE E 150 38.48 -28.19 24.73
CA ILE E 150 38.48 -26.83 24.19
C ILE E 150 37.04 -26.47 23.83
N SER E 151 36.60 -25.31 24.31
CA SER E 151 35.27 -24.81 24.03
C SER E 151 35.37 -23.71 23.00
N LEU E 152 34.52 -23.77 21.98
CA LEU E 152 34.55 -22.81 20.88
C LEU E 152 33.28 -21.99 20.89
N TYR E 153 33.42 -20.72 20.47
CA TYR E 153 32.25 -19.85 20.42
C TYR E 153 31.35 -20.17 19.23
N PRO E 154 31.82 -20.17 17.99
CA PRO E 154 30.98 -20.71 16.91
C PRO E 154 30.76 -22.20 17.13
N ASP E 155 29.58 -22.67 16.76
CA ASP E 155 29.15 -24.01 17.12
C ASP E 155 29.57 -25.02 16.05
N LEU E 156 30.88 -25.09 15.81
CA LEU E 156 31.47 -26.16 15.02
C LEU E 156 30.79 -26.37 13.67
N PHE E 157 30.93 -25.41 12.76
CA PHE E 157 30.22 -25.48 11.48
C PHE E 157 30.42 -26.83 10.79
N ILE E 158 31.61 -27.39 10.88
CA ILE E 158 31.82 -28.74 10.37
C ILE E 158 31.60 -29.75 11.48
N THR E 159 31.12 -30.93 11.11
CA THR E 159 31.13 -32.05 12.05
C THR E 159 32.55 -32.58 12.14
N THR E 160 32.77 -33.66 12.87
CA THR E 160 34.10 -34.23 13.00
C THR E 160 34.14 -35.54 12.24
N THR E 161 35.14 -35.71 11.39
CA THR E 161 35.25 -36.93 10.60
C THR E 161 36.17 -37.95 11.27
N GLY E 162 37.07 -37.48 12.13
CA GLY E 162 38.02 -38.34 12.79
C GLY E 162 39.47 -38.13 12.41
N SER E 163 39.75 -37.36 11.36
CA SER E 163 41.10 -37.01 10.96
C SER E 163 41.37 -35.53 11.14
N GLU E 164 40.49 -34.81 11.84
CA GLU E 164 40.64 -33.38 12.01
C GLU E 164 41.82 -33.07 12.90
N LYS E 165 42.50 -31.96 12.63
CA LYS E 165 43.63 -31.55 13.44
C LYS E 165 43.58 -30.05 13.68
N PRO E 166 44.02 -29.57 14.85
CA PRO E 166 44.04 -28.13 15.11
C PRO E 166 45.12 -27.42 14.31
N VAL E 167 45.08 -26.10 14.36
CA VAL E 167 46.10 -25.26 13.72
C VAL E 167 46.81 -24.38 14.75
N PHE E 168 46.07 -23.50 15.42
CA PHE E 168 46.55 -22.70 16.55
C PHE E 168 47.52 -21.59 16.17
N ASN E 169 48.00 -21.56 14.93
CA ASN E 169 49.04 -20.64 14.51
C ASN E 169 48.95 -20.40 13.02
N GLY E 170 49.15 -19.15 12.60
CA GLY E 170 49.16 -18.83 11.19
C GLY E 170 47.84 -19.05 10.50
N ILE E 171 46.73 -18.96 11.22
CA ILE E 171 45.42 -19.13 10.60
C ILE E 171 45.13 -17.91 9.74
N LEU E 172 44.32 -18.11 8.70
CA LEU E 172 43.91 -17.03 7.82
C LEU E 172 42.40 -17.04 7.67
N PHE E 173 41.78 -15.87 7.82
CA PHE E 173 40.35 -15.74 7.60
C PHE E 173 40.06 -15.82 6.10
N ARG E 174 39.45 -16.91 5.65
CA ARG E 174 38.96 -16.96 4.29
C ARG E 174 37.85 -15.92 4.12
N THR E 175 38.13 -14.89 3.33
CA THR E 175 37.21 -13.77 3.21
C THR E 175 37.02 -13.40 1.74
N LYS E 176 35.92 -12.72 1.46
CA LYS E 176 35.63 -12.17 0.14
C LYS E 176 35.29 -10.70 0.27
N LEU E 177 35.66 -9.91 -0.74
CA LEU E 177 35.28 -8.51 -0.77
C LEU E 177 33.77 -8.36 -0.76
N MET E 178 33.26 -7.50 0.13
CA MET E 178 31.90 -7.03 0.07
C MET E 178 31.82 -5.62 -0.51
N ASN E 179 32.97 -5.03 -0.85
CA ASN E 179 33.03 -3.74 -1.52
C ASN E 179 33.38 -3.88 -3.00
N GLY E 180 33.38 -5.11 -3.52
CA GLY E 180 33.73 -5.32 -4.91
C GLY E 180 32.78 -4.62 -5.87
N ASP E 181 31.54 -4.39 -5.45
CA ASP E 181 30.55 -3.80 -6.33
C ASP E 181 30.91 -2.36 -6.69
N SER E 182 31.28 -1.56 -5.70
CA SER E 182 31.73 -0.19 -5.93
C SER E 182 33.05 0.01 -5.21
N PHE E 183 34.15 -0.37 -5.86
CA PHE E 183 35.48 -0.24 -5.29
C PHE E 183 36.26 0.82 -6.04
N GLY E 184 36.34 2.00 -5.47
CA GLY E 184 37.04 3.12 -6.08
C GLY E 184 38.09 3.69 -5.14
N SER E 185 39.00 4.46 -5.71
CA SER E 185 40.05 5.12 -4.95
C SER E 185 40.39 6.44 -5.62
N THR E 186 40.14 7.55 -4.92
CA THR E 186 40.38 8.88 -5.44
C THR E 186 41.87 9.16 -5.39
N LEU E 187 42.43 9.64 -6.49
CA LEU E 187 43.83 10.07 -6.53
C LEU E 187 43.86 11.59 -6.42
N ASN E 188 44.27 12.08 -5.26
CA ASN E 188 44.18 13.49 -4.93
C ASN E 188 45.22 14.30 -5.69
N ASN E 189 45.21 15.62 -5.43
CA ASN E 189 46.24 16.50 -5.96
C ASN E 189 47.62 16.03 -5.52
N ASN E 190 47.75 15.65 -4.25
CA ASN E 190 49.01 15.23 -3.68
C ASN E 190 49.62 14.05 -4.40
N GLY E 191 48.81 13.27 -5.13
CA GLY E 191 49.26 12.07 -5.77
C GLY E 191 49.14 10.81 -4.94
N THR E 192 48.46 10.87 -3.81
CA THR E 192 48.26 9.71 -2.95
C THR E 192 46.81 9.24 -3.07
N TYR E 193 46.64 7.95 -3.34
CA TYR E 193 45.32 7.36 -3.41
C TYR E 193 44.74 7.25 -2.01
N SER E 194 43.57 7.86 -1.81
CA SER E 194 42.99 8.01 -0.48
C SER E 194 41.59 7.44 -0.45
N GLY E 195 41.09 7.20 0.76
CA GLY E 195 39.74 6.72 0.96
C GLY E 195 39.50 5.32 0.44
N ILE E 196 40.51 4.46 0.52
CA ILE E 196 40.38 3.07 0.10
C ILE E 196 40.25 2.19 1.33
N SER E 197 39.02 1.79 1.64
CA SER E 197 38.75 0.94 2.79
C SER E 197 38.14 -0.37 2.31
N LEU E 198 38.51 -1.45 2.99
CA LEU E 198 38.06 -2.78 2.62
C LEU E 198 37.11 -3.33 3.67
N SER E 199 35.95 -3.81 3.23
CA SER E 199 35.01 -4.51 4.09
C SER E 199 35.01 -5.97 3.71
N LEU E 200 35.35 -6.84 4.66
CA LEU E 200 35.54 -8.25 4.38
C LEU E 200 34.59 -9.09 5.23
N ARG E 201 34.11 -10.16 4.63
CA ARG E 201 33.25 -11.12 5.29
C ARG E 201 33.75 -12.52 4.96
N GLU E 202 33.63 -13.43 5.93
CA GLU E 202 34.13 -14.78 5.72
C GLU E 202 33.32 -15.51 4.65
N SER E 203 34.00 -16.39 3.92
CA SER E 203 33.40 -17.21 2.88
C SER E 203 33.75 -18.67 3.11
N LEU E 204 33.51 -19.13 4.33
CA LEU E 204 33.75 -20.51 4.73
C LEU E 204 33.15 -21.53 3.76
N MET F 1 2.68 14.97 45.04
CA MET F 1 3.83 14.40 45.72
C MET F 1 4.92 15.46 45.80
N ARG F 2 4.75 16.53 45.02
CA ARG F 2 5.63 17.69 45.04
C ARG F 2 7.07 17.36 44.73
N LEU F 3 7.34 17.05 43.47
CA LEU F 3 8.71 16.85 42.97
C LEU F 3 9.66 17.84 43.63
N PRO F 4 10.82 17.39 44.13
CA PRO F 4 11.62 18.24 45.03
C PRO F 4 12.09 19.52 44.35
N ASP F 5 12.03 20.60 45.11
CA ASP F 5 12.43 21.94 44.71
C ASP F 5 13.33 22.52 45.78
N PRO F 6 14.13 23.52 45.45
CA PRO F 6 14.90 24.21 46.50
C PRO F 6 14.03 24.80 47.59
N TYR F 7 12.84 25.28 47.27
CA TYR F 7 11.92 25.71 48.32
C TYR F 7 11.52 24.55 49.21
N THR F 8 11.25 23.38 48.60
CA THR F 8 10.88 22.20 49.37
C THR F 8 12.00 21.78 50.30
N ASN F 9 13.20 21.62 49.77
CA ASN F 9 14.37 21.21 50.56
C ASN F 9 15.65 21.72 49.92
N PRO F 10 16.28 22.75 50.46
CA PRO F 10 17.48 23.34 49.84
C PRO F 10 18.81 22.68 50.21
N GLU F 11 18.81 21.61 51.01
CA GLU F 11 20.09 20.99 51.36
C GLU F 11 20.70 20.27 50.17
N TYR F 12 19.88 19.92 49.18
CA TYR F 12 20.36 19.34 47.94
C TYR F 12 20.22 20.35 46.82
N PRO F 13 21.20 21.22 46.59
CA PRO F 13 21.13 22.11 45.43
C PRO F 13 21.45 21.37 44.15
N GLY F 14 21.09 21.99 43.04
CA GLY F 14 21.19 21.35 41.75
C GLY F 14 19.99 20.53 41.37
N LEU F 15 19.13 20.19 42.32
CA LEU F 15 17.81 19.67 42.01
C LEU F 15 16.87 20.79 41.56
N GLY F 16 17.29 22.05 41.74
CA GLY F 16 16.53 23.14 41.19
C GLY F 16 16.59 23.14 39.68
N PHE F 17 15.60 23.78 39.07
CA PHE F 17 15.41 23.65 37.64
C PHE F 17 16.36 24.60 36.93
N GLU F 18 17.02 24.13 35.86
CA GLU F 18 17.86 25.04 35.10
C GLU F 18 17.19 25.57 33.85
N SER F 19 16.11 24.96 33.39
CA SER F 19 15.35 25.49 32.27
C SER F 19 13.98 24.82 32.26
N VAL F 20 12.94 25.61 32.44
CA VAL F 20 11.57 25.09 32.48
C VAL F 20 10.85 25.58 31.24
N ASN F 21 10.19 24.67 30.53
CA ASN F 21 9.48 24.98 29.30
C ASN F 21 8.02 24.62 29.46
N LEU F 22 7.17 25.63 29.68
CA LEU F 22 5.72 25.43 29.63
C LEU F 22 5.30 25.37 28.17
N VAL F 23 4.93 24.18 27.71
CA VAL F 23 4.50 23.98 26.34
C VAL F 23 2.99 24.11 26.31
N ASP F 24 2.49 25.13 25.62
CA ASP F 24 1.05 25.35 25.48
C ASP F 24 0.48 24.31 24.52
N ASN F 25 0.53 23.06 24.98
CA ASN F 25 0.03 21.96 24.14
C ASN F 25 -1.48 22.06 24.00
N ASP F 26 -1.91 22.54 22.84
CA ASP F 26 -3.31 22.82 22.58
C ASP F 26 -3.69 22.12 21.28
N PRO F 27 -4.03 20.84 21.35
CA PRO F 27 -4.43 20.12 20.14
C PRO F 27 -5.68 20.73 19.53
N MET F 28 -5.55 21.12 18.26
CA MET F 28 -6.62 21.80 17.56
C MET F 28 -6.46 21.53 16.07
N ILE F 29 -7.58 21.51 15.36
CA ILE F 29 -7.64 21.12 13.95
C ILE F 29 -7.76 22.39 13.12
N ARG F 30 -6.84 22.57 12.18
CA ARG F 30 -6.74 23.78 11.39
C ARG F 30 -6.87 23.45 9.91
N ASP F 31 -7.78 24.14 9.21
CA ASP F 31 -7.95 24.00 7.78
C ASP F 31 -7.63 25.35 7.13
N GLU F 32 -6.98 25.31 5.98
CA GLU F 32 -6.57 26.53 5.26
C GLU F 32 -7.33 26.58 3.95
N LEU F 33 -8.43 27.32 3.93
CA LEU F 33 -9.25 27.42 2.74
C LEU F 33 -8.55 28.24 1.66
N PRO F 34 -8.83 27.96 0.39
CA PRO F 34 -8.38 28.87 -0.68
C PRO F 34 -9.01 30.23 -0.60
N ASN F 35 -10.14 30.36 0.10
CA ASN F 35 -10.76 31.67 0.27
C ASN F 35 -9.79 32.65 0.92
N GLY F 36 -8.84 32.14 1.68
CA GLY F 36 -7.88 32.97 2.39
C GLY F 36 -8.02 32.79 3.89
N LYS F 37 -9.23 32.46 4.32
CA LYS F 37 -9.51 32.28 5.74
C LYS F 37 -8.86 31.00 6.24
N VAL F 38 -8.63 30.94 7.55
CA VAL F 38 -8.22 29.71 8.22
C VAL F 38 -9.29 29.38 9.26
N LYS F 39 -9.66 28.12 9.33
CA LYS F 39 -10.74 27.67 10.21
C LYS F 39 -10.16 26.72 11.25
N GLU F 40 -10.50 26.95 12.51
CA GLU F 40 -9.94 26.19 13.62
C GLU F 40 -11.08 25.70 14.50
N VAL F 41 -11.00 24.43 14.92
CA VAL F 41 -12.00 23.81 15.78
C VAL F 41 -11.31 23.22 16.99
N LYS F 42 -11.85 23.50 18.18
CA LYS F 42 -11.27 23.05 19.44
C LYS F 42 -11.98 21.79 19.90
N ILE F 43 -11.22 20.70 20.00
CA ILE F 43 -11.65 19.46 20.63
C ILE F 43 -10.53 19.06 21.58
N SER F 44 -10.66 17.90 22.22
CA SER F 44 -9.63 17.37 23.13
C SER F 44 -9.51 18.37 24.27
N ALA F 45 -8.31 18.69 24.75
CA ALA F 45 -8.15 19.57 25.90
C ALA F 45 -6.85 20.34 25.76
N GLN F 46 -6.45 20.99 26.84
CA GLN F 46 -5.15 21.65 26.94
C GLN F 46 -4.38 21.08 28.11
N TYR F 47 -3.14 20.72 27.88
CA TYR F 47 -2.27 20.19 28.92
C TYR F 47 -0.94 20.96 28.89
N TRP F 48 -0.67 21.70 29.96
CA TRP F 48 0.57 22.44 30.04
C TRP F 48 1.74 21.45 30.09
N GLY F 49 2.49 21.37 29.00
CA GLY F 49 3.62 20.46 28.97
C GLY F 49 4.85 21.12 29.55
N ILE F 50 5.40 20.55 30.62
CA ILE F 50 6.56 21.10 31.31
C ILE F 50 7.78 20.29 30.94
N ASN F 51 8.76 20.96 30.31
CA ASN F 51 9.97 20.30 29.81
C ASN F 51 11.15 20.64 30.73
N ILE F 52 11.46 19.72 31.64
CA ILE F 52 12.42 20.00 32.68
C ILE F 52 13.77 19.40 32.32
N SER F 53 14.84 20.15 32.56
CA SER F 53 16.19 19.64 32.43
C SER F 53 16.95 19.88 33.73
N TYR F 54 17.76 18.90 34.12
CA TYR F 54 18.59 19.01 35.31
C TYR F 54 20.06 19.11 34.93
N PRO F 55 20.89 19.74 35.77
CA PRO F 55 22.33 19.65 35.57
C PRO F 55 22.87 18.33 36.08
N GLU F 56 24.20 18.21 36.05
CA GLU F 56 24.85 17.03 36.61
C GLU F 56 24.48 16.88 38.07
N LEU F 57 24.30 15.66 38.53
CA LEU F 57 23.81 15.39 39.87
C LEU F 57 24.81 14.52 40.61
N PHE F 58 25.18 14.94 41.81
CA PHE F 58 26.02 14.13 42.67
C PHE F 58 25.18 12.97 43.21
N PRO F 59 25.82 11.91 43.69
CA PRO F 59 25.05 10.72 44.11
C PRO F 59 23.98 11.02 45.14
N ASP F 60 24.21 11.93 46.08
CA ASP F 60 23.20 12.21 47.09
C ASP F 60 21.94 12.83 46.48
N GLU F 61 22.10 13.87 45.66
CA GLU F 61 20.94 14.51 45.04
C GLU F 61 20.23 13.56 44.10
N TYR F 62 20.97 12.78 43.31
CA TYR F 62 20.32 11.85 42.41
C TYR F 62 19.69 10.68 43.15
N ALA F 63 20.29 10.26 44.28
CA ALA F 63 19.65 9.23 45.09
C ALA F 63 18.32 9.73 45.64
N PHE F 64 18.29 10.97 46.13
CA PHE F 64 17.03 11.54 46.59
C PHE F 64 16.02 11.67 45.46
N LEU F 65 16.48 12.09 44.28
CA LEU F 65 15.55 12.23 43.16
C LEU F 65 14.98 10.88 42.75
N ASP F 66 15.80 9.83 42.75
CA ASP F 66 15.27 8.49 42.49
C ASP F 66 14.29 8.07 43.58
N SER F 67 14.59 8.37 44.84
CA SER F 67 13.66 8.03 45.91
C SER F 67 12.29 8.64 45.64
N ARG F 68 12.26 9.94 45.33
CA ARG F 68 10.98 10.60 45.12
C ARG F 68 10.31 10.11 43.85
N LEU F 69 11.06 9.91 42.77
CA LEU F 69 10.43 9.48 41.52
C LEU F 69 9.92 8.04 41.60
N LEU F 70 10.62 7.18 42.34
CA LEU F 70 10.13 5.83 42.53
C LEU F 70 8.91 5.82 43.45
N GLU F 71 8.87 6.73 44.43
CA GLU F 71 7.65 6.90 45.21
C GLU F 71 6.50 7.34 44.32
N TYR F 72 6.78 8.20 43.35
CA TYR F 72 5.78 8.59 42.36
C TYR F 72 5.33 7.40 41.53
N LYS F 73 6.27 6.55 41.12
CA LYS F 73 5.93 5.48 40.18
C LYS F 73 5.16 4.36 40.86
N ARG F 74 5.68 3.83 41.97
CA ARG F 74 5.02 2.70 42.60
C ARG F 74 3.65 3.09 43.16
N THR F 75 3.46 4.38 43.42
CA THR F 75 2.15 4.88 43.83
C THR F 75 1.43 5.47 42.62
N GLY F 76 0.13 5.70 42.77
CA GLY F 76 -0.65 6.33 41.74
C GLY F 76 -0.74 7.84 41.82
N ASP F 77 -0.09 8.48 42.79
CA ASP F 77 -0.23 9.91 42.97
C ASP F 77 0.46 10.68 41.85
N TYR F 78 0.02 11.91 41.65
CA TYR F 78 0.50 12.70 40.53
C TYR F 78 1.64 13.61 40.97
N LEU F 79 2.62 13.80 40.09
CA LEU F 79 3.71 14.73 40.37
C LEU F 79 3.16 16.15 40.44
N ASP F 80 3.61 16.89 41.46
CA ASP F 80 3.23 18.28 41.65
C ASP F 80 4.46 19.14 41.46
N VAL F 81 4.37 20.14 40.60
CA VAL F 81 5.49 21.03 40.28
C VAL F 81 5.09 22.46 40.60
N LEU F 82 5.92 23.15 41.38
CA LEU F 82 5.76 24.57 41.63
C LEU F 82 6.76 25.31 40.77
N LEU F 83 6.27 26.23 39.96
CA LEU F 83 7.15 27.01 39.12
C LEU F 83 7.50 28.33 39.80
N PRO F 84 8.78 28.61 40.04
CA PRO F 84 9.15 29.91 40.61
C PRO F 84 8.83 31.07 39.70
N GLN F 85 8.56 30.81 38.42
CA GLN F 85 8.30 31.88 37.47
C GLN F 85 7.10 32.73 37.88
N TYR F 86 6.01 32.09 38.30
CA TYR F 86 4.73 32.76 38.50
C TYR F 86 4.36 32.93 39.96
N GLU F 87 5.23 32.51 40.88
CA GLU F 87 4.96 32.68 42.31
C GLU F 87 5.25 34.14 42.66
N ALA F 88 4.29 34.99 42.30
CA ALA F 88 4.38 36.42 42.52
C ALA F 88 3.82 36.85 43.87
N PHE F 89 2.96 36.03 44.47
CA PHE F 89 2.37 36.32 45.78
C PHE F 89 1.69 37.68 45.82
N ARG F 90 1.00 38.01 44.73
CA ARG F 90 0.07 39.13 44.73
C ARG F 90 -1.23 38.67 45.38
N VAL F 91 -2.29 39.48 45.25
CA VAL F 91 -3.60 39.14 45.81
C VAL F 91 -3.47 38.98 47.32
N ARG F 92 -3.06 37.79 47.76
CA ARG F 92 -2.76 37.52 49.17
C ARG F 92 -4.01 37.61 50.02
N GLY F 93 -3.86 37.43 51.32
CA GLY F 93 -5.00 37.28 52.19
C GLY F 93 -5.50 35.85 52.20
N ASP F 94 -6.77 35.71 52.56
CA ASP F 94 -7.43 34.41 52.57
C ASP F 94 -8.47 34.37 51.46
N THR F 95 -8.90 33.17 51.09
CA THR F 95 -9.83 32.98 49.99
C THR F 95 -11.10 32.24 50.41
N LYS F 96 -11.36 32.10 51.71
CA LYS F 96 -12.48 31.29 52.16
C LYS F 96 -13.81 32.02 51.94
N SER F 97 -13.83 33.34 52.13
CA SER F 97 -15.09 34.08 52.09
C SER F 97 -15.51 34.44 50.67
N VAL F 98 -14.62 34.28 49.69
CA VAL F 98 -14.95 34.66 48.32
C VAL F 98 -15.91 33.64 47.73
N THR F 99 -16.93 34.12 47.02
CA THR F 99 -17.96 33.27 46.45
C THR F 99 -17.95 33.37 44.93
N ILE F 100 -18.32 32.26 44.29
CA ILE F 100 -18.41 32.16 42.83
C ILE F 100 -19.87 31.84 42.52
N PRO F 101 -20.46 32.40 41.47
CA PRO F 101 -21.87 32.13 41.18
C PRO F 101 -22.12 30.66 40.85
N ALA F 102 -23.40 30.34 40.63
CA ALA F 102 -23.81 28.94 40.60
C ALA F 102 -23.13 28.16 39.49
N GLY F 103 -23.41 28.49 38.23
CA GLY F 103 -22.77 27.81 37.12
C GLY F 103 -22.20 28.80 36.13
N GLN F 104 -20.88 28.84 36.01
CA GLN F 104 -20.23 29.94 35.32
C GLN F 104 -19.91 29.52 33.89
N LYS F 105 -19.02 28.55 33.66
CA LYS F 105 -18.64 28.11 32.33
C LYS F 105 -18.06 29.23 31.47
N GLY F 106 -17.54 28.87 30.29
CA GLY F 106 -17.22 29.86 29.27
C GLY F 106 -16.08 30.80 29.55
N SER F 107 -14.98 30.30 30.13
CA SER F 107 -13.67 30.95 30.15
C SER F 107 -13.62 32.27 30.92
N GLN F 108 -14.71 32.74 31.51
CA GLN F 108 -14.69 33.94 32.35
C GLN F 108 -15.32 33.59 33.69
N ILE F 109 -14.62 33.87 34.78
CA ILE F 109 -15.14 33.69 36.13
C ILE F 109 -15.39 35.07 36.72
N ILE F 110 -16.62 35.31 37.19
CA ILE F 110 -16.96 36.56 37.85
C ILE F 110 -17.15 36.26 39.34
N LEU F 111 -16.07 36.39 40.09
CA LEU F 111 -16.08 36.12 41.52
C LEU F 111 -16.11 37.43 42.27
N ASN F 112 -16.97 37.51 43.28
CA ASN F 112 -17.10 38.72 44.10
C ASN F 112 -16.32 38.51 45.40
N THR F 113 -15.63 39.56 45.83
CA THR F 113 -14.85 39.53 47.06
C THR F 113 -15.34 40.61 48.00
N ASN F 114 -15.61 40.21 49.24
CA ASN F 114 -16.19 41.17 50.19
C ASN F 114 -15.10 42.04 50.81
N GLY F 115 -14.21 41.43 51.59
CA GLY F 115 -13.06 42.14 52.11
C GLY F 115 -11.86 41.25 52.30
N THR F 116 -11.95 40.01 51.83
CA THR F 116 -10.97 39.00 52.20
C THR F 116 -9.76 38.96 51.27
N LEU F 117 -9.88 39.50 50.05
CA LEU F 117 -8.75 39.58 49.13
C LEU F 117 -8.38 41.04 48.93
N THR F 118 -7.09 41.35 49.11
CA THR F 118 -6.57 42.72 49.05
C THR F 118 -5.42 42.75 48.04
N GLY F 119 -5.75 43.01 46.78
CA GLY F 119 -4.73 43.10 45.76
C GLY F 119 -5.18 42.63 44.39
N GLN F 120 -4.92 43.45 43.38
CA GLN F 120 -5.35 43.14 42.03
C GLN F 120 -4.27 42.34 41.31
N PRO F 121 -4.58 41.15 40.80
CA PRO F 121 -3.59 40.39 40.04
C PRO F 121 -3.29 41.04 38.70
N LYS F 122 -2.09 40.75 38.21
CA LYS F 122 -1.68 41.22 36.89
C LYS F 122 -2.04 40.15 35.86
N ALA F 123 -2.41 40.61 34.66
CA ALA F 123 -2.73 39.71 33.58
C ALA F 123 -1.53 38.87 33.22
N GLY F 124 -1.71 37.55 33.25
CA GLY F 124 -0.63 36.62 33.02
C GLY F 124 -0.22 35.79 34.22
N ASP F 125 -0.94 35.88 35.32
CA ASP F 125 -0.63 35.15 36.55
C ASP F 125 -1.43 33.86 36.59
N LEU F 126 -0.78 32.77 36.99
CA LEU F 126 -1.46 31.49 37.09
C LEU F 126 -2.61 31.55 38.08
N PHE F 127 -3.72 30.90 37.73
CA PHE F 127 -4.94 30.88 38.53
C PHE F 127 -5.50 29.47 38.55
N LYS F 128 -5.99 29.02 39.69
CA LYS F 128 -6.56 27.69 39.82
C LYS F 128 -7.85 27.77 40.61
N LEU F 129 -8.79 26.88 40.30
CA LEU F 129 -9.98 26.65 41.10
C LEU F 129 -9.66 25.58 42.13
N SER F 130 -10.23 25.71 43.32
CA SER F 130 -9.81 24.88 44.44
C SER F 130 -10.08 23.40 44.19
N THR F 131 -11.23 23.08 43.59
CA THR F 131 -11.62 21.67 43.50
C THR F 131 -11.05 20.99 42.27
N HIS F 132 -10.85 21.72 41.18
CA HIS F 132 -10.39 21.10 39.95
C HIS F 132 -8.88 21.30 39.81
N PRO F 133 -8.15 20.23 39.50
CA PRO F 133 -6.68 20.30 39.54
C PRO F 133 -6.06 21.34 38.63
N LYS F 134 -6.55 21.51 37.40
CA LYS F 134 -5.75 22.22 36.41
C LYS F 134 -5.63 23.70 36.72
N VAL F 135 -4.49 24.28 36.37
CA VAL F 135 -4.18 25.68 36.66
C VAL F 135 -4.37 26.48 35.37
N TYR F 136 -4.97 27.65 35.52
CA TYR F 136 -5.37 28.50 34.40
C TYR F 136 -4.49 29.74 34.41
N LYS F 137 -4.19 30.27 33.24
CA LYS F 137 -3.51 31.56 33.26
C LYS F 137 -4.50 32.68 32.98
N ILE F 138 -4.51 33.66 33.88
CA ILE F 138 -5.30 34.87 33.71
C ILE F 138 -4.75 35.60 32.49
N THR F 139 -5.64 36.17 31.69
CA THR F 139 -5.21 36.92 30.51
C THR F 139 -5.90 38.26 30.37
N ASN F 140 -6.77 38.63 31.31
CA ASN F 140 -7.32 39.97 31.42
C ASN F 140 -7.95 40.09 32.79
N PHE F 141 -8.30 41.31 33.19
CA PHE F 141 -8.82 41.53 34.52
C PHE F 141 -9.59 42.84 34.56
N SER F 142 -10.64 42.86 35.38
CA SER F 142 -11.42 44.08 35.60
C SER F 142 -12.17 43.93 36.91
N SER F 143 -12.22 45.02 37.68
CA SER F 143 -12.79 44.98 39.01
C SER F 143 -13.78 46.11 39.18
N SER F 144 -14.80 45.86 40.01
CA SER F 144 -15.78 46.87 40.39
C SER F 144 -15.81 47.08 41.90
N GLY F 145 -14.65 47.06 42.55
CA GLY F 145 -14.58 47.21 44.00
C GLY F 145 -14.65 45.88 44.71
N ASN F 146 -15.82 45.26 44.72
CA ASN F 146 -15.99 43.97 45.36
C ASN F 146 -16.05 42.82 44.37
N VAL F 147 -16.63 43.05 43.19
CA VAL F 147 -16.81 42.03 42.18
C VAL F 147 -15.78 42.27 41.08
N TRP F 148 -14.85 41.33 40.91
CA TRP F 148 -13.94 41.39 39.79
C TRP F 148 -14.03 40.11 38.97
N ASN F 149 -14.13 40.28 37.65
CA ASN F 149 -14.16 39.14 36.75
C ASN F 149 -12.74 38.77 36.32
N ILE F 150 -12.53 37.49 36.08
CA ILE F 150 -11.24 36.98 35.63
C ILE F 150 -11.44 36.17 34.36
N SER F 151 -10.64 36.46 33.35
CA SER F 151 -10.69 35.76 32.08
C SER F 151 -9.55 34.76 32.02
N LEU F 152 -9.88 33.51 31.73
CA LEU F 152 -8.91 32.42 31.71
C LEU F 152 -8.70 31.94 30.29
N TYR F 153 -7.48 31.51 29.98
CA TYR F 153 -7.21 30.99 28.65
C TYR F 153 -7.81 29.61 28.44
N PRO F 154 -7.46 28.57 29.20
CA PRO F 154 -8.21 27.33 29.08
C PRO F 154 -9.65 27.54 29.50
N ASP F 155 -10.55 26.88 28.79
CA ASP F 155 -11.97 27.23 28.89
C ASP F 155 -12.65 26.40 29.98
N LEU F 156 -12.17 26.60 31.22
CA LEU F 156 -12.85 26.09 32.41
C LEU F 156 -13.22 24.62 32.32
N PHE F 157 -12.23 23.74 32.37
CA PHE F 157 -12.49 22.31 32.22
C PHE F 157 -13.60 21.84 33.14
N ILE F 158 -13.61 22.31 34.38
CA ILE F 158 -14.74 22.02 35.25
C ILE F 158 -15.81 23.09 35.07
N THR F 159 -17.07 22.70 35.25
CA THR F 159 -18.13 23.69 35.38
C THR F 159 -18.07 24.26 36.78
N THR F 160 -19.03 25.09 37.16
CA THR F 160 -19.02 25.67 38.50
C THR F 160 -20.13 25.02 39.31
N THR F 161 -19.77 24.51 40.49
CA THR F 161 -20.78 23.90 41.36
C THR F 161 -21.43 24.94 42.25
N GLY F 162 -20.71 25.99 42.59
CA GLY F 162 -21.18 27.00 43.51
C GLY F 162 -20.36 27.13 44.78
N SER F 163 -19.41 26.22 45.02
CA SER F 163 -18.50 26.32 46.15
C SER F 163 -17.05 26.42 45.70
N GLU F 164 -16.81 26.69 44.41
CA GLU F 164 -15.45 26.87 43.93
C GLU F 164 -14.82 28.11 44.55
N LYS F 165 -13.54 28.01 44.89
CA LYS F 165 -12.82 29.11 45.51
C LYS F 165 -11.48 29.28 44.80
N PRO F 166 -11.04 30.51 44.56
CA PRO F 166 -9.71 30.72 43.96
C PRO F 166 -8.61 30.32 44.92
N VAL F 167 -7.39 30.21 44.39
CA VAL F 167 -6.21 29.93 45.20
C VAL F 167 -5.17 31.04 45.08
N PHE F 168 -4.71 31.32 43.86
CA PHE F 168 -3.88 32.47 43.52
C PHE F 168 -2.44 32.37 44.04
N ASN F 169 -2.15 31.37 44.87
CA ASN F 169 -0.85 31.24 45.52
C ASN F 169 -0.57 29.78 45.84
N GLY F 170 0.67 29.36 45.60
CA GLY F 170 1.04 27.99 45.88
C GLY F 170 0.28 26.98 45.08
N ILE F 171 0.00 27.25 43.81
CA ILE F 171 -0.68 26.28 42.97
C ILE F 171 0.36 25.42 42.27
N LEU F 172 0.16 24.11 42.31
CA LEU F 172 1.13 23.17 41.78
C LEU F 172 0.49 22.41 40.62
N PHE F 173 1.20 22.37 39.49
CA PHE F 173 0.76 21.61 38.33
C PHE F 173 0.73 20.13 38.70
N ARG F 174 -0.45 19.51 38.69
CA ARG F 174 -0.49 18.06 38.70
C ARG F 174 0.15 17.57 37.41
N THR F 175 1.13 16.67 37.53
CA THR F 175 1.87 16.23 36.37
C THR F 175 2.19 14.75 36.48
N LYS F 176 2.47 14.13 35.33
CA LYS F 176 2.89 12.74 35.26
C LYS F 176 4.08 12.62 34.34
N LEU F 177 5.00 11.70 34.67
CA LEU F 177 6.14 11.44 33.79
C LEU F 177 5.67 10.91 32.45
N MET F 178 6.02 11.64 31.39
CA MET F 178 5.94 11.09 30.04
C MET F 178 7.25 10.47 29.61
N ASN F 179 8.26 10.52 30.47
CA ASN F 179 9.53 9.85 30.24
C ASN F 179 9.67 8.60 31.09
N GLY F 180 8.58 8.15 31.70
CA GLY F 180 8.66 6.98 32.57
C GLY F 180 9.02 5.72 31.81
N ASP F 181 8.80 5.71 30.50
CA ASP F 181 9.06 4.51 29.72
C ASP F 181 10.54 4.16 29.73
N SER F 182 11.39 5.11 29.39
CA SER F 182 12.84 4.91 29.41
C SER F 182 13.46 6.03 30.22
N PHE F 183 13.54 5.83 31.54
CA PHE F 183 14.13 6.80 32.44
C PHE F 183 15.49 6.31 32.91
N GLY F 184 16.52 6.70 32.20
CA GLY F 184 17.87 6.27 32.53
C GLY F 184 18.74 7.45 32.92
N SER F 185 19.84 7.16 33.60
CA SER F 185 20.77 8.17 34.07
C SER F 185 22.19 7.61 34.00
N THR F 186 23.01 8.20 33.14
CA THR F 186 24.38 7.75 32.94
C THR F 186 25.25 8.23 34.08
N LEU F 187 25.93 7.29 34.73
CA LEU F 187 26.92 7.62 35.75
C LEU F 187 28.28 7.76 35.07
N ASN F 188 28.72 9.00 34.90
CA ASN F 188 29.98 9.27 34.23
C ASN F 188 31.16 8.89 35.12
N ASN F 189 32.35 8.92 34.53
CA ASN F 189 33.57 8.70 35.30
C ASN F 189 33.66 9.68 36.45
N ASN F 190 33.28 10.93 36.21
CA ASN F 190 33.33 12.00 37.20
C ASN F 190 32.52 11.68 38.45
N GLY F 191 31.74 10.61 38.43
CA GLY F 191 30.91 10.25 39.57
C GLY F 191 29.58 10.97 39.64
N THR F 192 29.25 11.81 38.66
CA THR F 192 28.03 12.57 38.66
C THR F 192 27.06 12.01 37.64
N TYR F 193 25.84 11.74 38.06
CA TYR F 193 24.79 11.29 37.16
C TYR F 193 24.36 12.43 36.26
N SER F 194 24.42 12.21 34.95
CA SER F 194 24.15 13.26 33.97
C SER F 194 23.03 12.84 33.05
N GLY F 195 22.50 13.82 32.32
CA GLY F 195 21.43 13.57 31.37
C GLY F 195 20.11 13.16 32.00
N ILE F 196 19.77 13.71 33.15
CA ILE F 196 18.48 13.46 33.78
C ILE F 196 17.55 14.60 33.42
N SER F 197 16.72 14.40 32.41
CA SER F 197 15.74 15.40 31.99
C SER F 197 14.35 14.82 32.15
N LEU F 198 13.43 15.66 32.60
CA LEU F 198 12.06 15.26 32.86
C LEU F 198 11.12 15.98 31.92
N SER F 199 10.27 15.22 31.23
CA SER F 199 9.18 15.77 30.43
C SER F 199 7.88 15.50 31.15
N LEU F 200 7.21 16.56 31.60
CA LEU F 200 6.03 16.41 32.42
C LEU F 200 4.80 16.89 31.66
N ARG F 201 3.65 16.35 32.06
CA ARG F 201 2.37 16.62 31.42
C ARG F 201 1.29 16.40 32.46
N GLU F 202 0.22 17.17 32.37
CA GLU F 202 -0.75 17.14 33.45
C GLU F 202 -1.68 15.94 33.34
N SER F 203 -2.18 15.52 34.50
CA SER F 203 -3.20 14.49 34.63
C SER F 203 -4.41 15.06 35.35
N LEU F 204 -4.82 16.24 34.93
CA LEU F 204 -5.96 16.97 35.49
C LEU F 204 -7.18 16.08 35.70
N MET G 1 -6.07 42.41 17.75
CA MET G 1 -5.69 42.78 19.11
C MET G 1 -4.58 43.82 19.23
N ARG G 2 -3.95 44.17 18.11
CA ARG G 2 -2.74 44.99 18.20
C ARG G 2 -1.74 44.28 19.09
N LEU G 3 -1.24 43.13 18.61
CA LEU G 3 -0.18 42.41 19.31
C LEU G 3 0.82 43.39 19.90
N PRO G 4 1.05 43.36 21.21
CA PRO G 4 1.72 44.47 21.88
C PRO G 4 3.10 44.75 21.30
N ASP G 5 3.39 46.04 21.14
CA ASP G 5 4.64 46.55 20.60
C ASP G 5 5.10 47.70 21.47
N PRO G 6 6.36 48.10 21.36
CA PRO G 6 6.79 49.35 22.02
C PRO G 6 5.99 50.56 21.57
N TYR G 7 5.46 50.57 20.34
CA TYR G 7 4.60 51.66 19.90
C TYR G 7 3.32 51.71 20.73
N THR G 8 2.70 50.55 20.95
CA THR G 8 1.46 50.50 21.75
C THR G 8 1.73 50.87 23.20
N ASN G 9 2.72 50.23 23.80
CA ASN G 9 3.13 50.51 25.19
C ASN G 9 4.62 50.25 25.33
N PRO G 10 5.42 51.28 25.61
CA PRO G 10 6.89 51.11 25.65
C PRO G 10 7.47 50.76 27.01
N GLU G 11 6.65 50.59 28.05
CA GLU G 11 7.21 50.24 29.36
C GLU G 11 7.88 48.87 29.32
N TYR G 12 7.52 48.04 28.36
CA TYR G 12 8.16 46.76 28.18
C TYR G 12 8.98 46.77 26.90
N PRO G 13 10.23 47.22 26.93
CA PRO G 13 11.08 47.10 25.74
C PRO G 13 11.50 45.66 25.54
N GLY G 14 11.83 45.34 24.30
CA GLY G 14 12.10 43.97 23.93
C GLY G 14 10.92 43.24 23.34
N LEU G 15 9.72 43.77 23.45
CA LEU G 15 8.58 43.26 22.70
C LEU G 15 8.69 43.59 21.22
N GLY G 16 9.57 44.51 20.84
CA GLY G 16 9.82 44.75 19.44
C GLY G 16 10.52 43.57 18.79
N PHE G 17 10.27 43.40 17.50
CA PHE G 17 10.79 42.23 16.80
C PHE G 17 12.28 42.36 16.59
N GLU G 18 12.99 41.23 16.57
CA GLU G 18 14.37 41.25 16.14
C GLU G 18 14.55 40.73 14.72
N SER G 19 13.48 40.21 14.11
CA SER G 19 13.52 39.81 12.71
C SER G 19 12.09 39.63 12.23
N VAL G 20 11.72 40.32 11.16
CA VAL G 20 10.39 40.23 10.57
C VAL G 20 10.53 39.67 9.18
N ASN G 21 9.73 38.64 8.88
CA ASN G 21 9.82 37.93 7.61
C ASN G 21 8.45 37.88 6.96
N LEU G 22 8.18 38.83 6.06
CA LEU G 22 6.96 38.80 5.26
C LEU G 22 7.14 37.75 4.16
N VAL G 23 6.65 36.54 4.41
CA VAL G 23 6.67 35.47 3.41
C VAL G 23 5.56 35.78 2.43
N ASP G 24 5.94 36.12 1.20
CA ASP G 24 4.96 36.44 0.16
C ASP G 24 4.36 35.13 -0.35
N ASN G 25 3.52 34.54 0.49
CA ASN G 25 2.89 33.27 0.12
C ASN G 25 1.94 33.48 -1.05
N ASP G 26 2.30 32.92 -2.20
CA ASP G 26 1.56 33.10 -3.45
C ASP G 26 1.23 31.74 -4.05
N PRO G 27 0.25 31.05 -3.48
CA PRO G 27 -0.15 29.76 -4.04
C PRO G 27 -0.73 29.91 -5.44
N MET G 28 -0.52 28.89 -6.26
CA MET G 28 -0.95 28.93 -7.65
C MET G 28 -0.88 27.52 -8.22
N ILE G 29 -1.07 27.44 -9.54
CA ILE G 29 -0.88 26.22 -10.31
C ILE G 29 0.25 26.47 -11.30
N ARG G 30 1.28 25.63 -11.27
CA ARG G 30 2.36 25.71 -12.23
C ARG G 30 2.58 24.35 -12.87
N ASP G 31 2.61 24.33 -14.20
CA ASP G 31 3.03 23.16 -14.95
C ASP G 31 4.25 23.54 -15.78
N GLU G 32 5.33 22.78 -15.63
CA GLU G 32 6.53 22.98 -16.44
C GLU G 32 6.32 22.20 -17.72
N LEU G 33 5.76 22.87 -18.73
CA LEU G 33 5.31 22.21 -19.94
C LEU G 33 6.49 21.56 -20.67
N PRO G 34 6.23 20.47 -21.39
CA PRO G 34 7.30 19.88 -22.21
C PRO G 34 7.79 20.81 -23.30
N ASN G 35 6.99 21.81 -23.67
CA ASN G 35 7.47 22.83 -24.58
C ASN G 35 8.65 23.59 -23.98
N GLY G 36 8.58 23.88 -22.69
CA GLY G 36 9.60 24.65 -22.02
C GLY G 36 9.00 25.86 -21.33
N LYS G 37 7.82 26.28 -21.77
CA LYS G 37 7.13 27.39 -21.15
C LYS G 37 6.64 26.99 -19.76
N VAL G 38 6.51 27.99 -18.89
CA VAL G 38 5.87 27.82 -17.59
C VAL G 38 4.60 28.65 -17.60
N LYS G 39 3.46 28.00 -17.46
CA LYS G 39 2.17 28.66 -17.40
C LYS G 39 1.68 28.62 -15.96
N GLU G 40 1.38 29.78 -15.40
CA GLU G 40 0.90 29.90 -14.03
C GLU G 40 -0.46 30.56 -14.04
N VAL G 41 -1.41 29.93 -13.36
CA VAL G 41 -2.75 30.49 -13.15
C VAL G 41 -2.96 30.62 -11.65
N LYS G 42 -3.44 31.78 -11.22
CA LYS G 42 -3.49 32.14 -9.81
C LYS G 42 -4.92 32.01 -9.31
N ILE G 43 -5.12 31.13 -8.33
CA ILE G 43 -6.38 30.96 -7.64
C ILE G 43 -6.01 31.06 -6.17
N SER G 44 -6.97 30.87 -5.27
CA SER G 44 -6.79 30.95 -3.81
C SER G 44 -6.51 32.42 -3.48
N ALA G 45 -5.49 32.74 -2.69
CA ALA G 45 -5.32 34.09 -2.19
C ALA G 45 -3.83 34.38 -2.06
N GLN G 46 -3.50 35.66 -1.92
CA GLN G 46 -2.12 36.12 -1.73
C GLN G 46 -1.99 36.63 -0.31
N TYR G 47 -1.75 35.72 0.64
CA TYR G 47 -1.78 36.05 2.06
C TYR G 47 -0.35 36.27 2.54
N TRP G 48 -0.12 37.39 3.21
CA TRP G 48 1.21 37.72 3.71
C TRP G 48 1.51 36.87 4.93
N GLY G 49 2.59 36.10 4.86
CA GLY G 49 2.99 35.29 5.99
C GLY G 49 4.08 35.98 6.79
N ILE G 50 3.84 36.21 8.08
CA ILE G 50 4.78 36.89 8.96
C ILE G 50 5.36 35.87 9.94
N ASN G 51 6.69 35.81 10.00
CA ASN G 51 7.39 34.92 10.90
C ASN G 51 8.18 35.78 11.89
N ILE G 52 7.51 36.19 12.96
CA ILE G 52 8.08 37.12 13.92
C ILE G 52 9.01 36.40 14.88
N SER G 53 10.10 37.06 15.25
CA SER G 53 11.01 36.57 16.28
C SER G 53 11.32 37.69 17.26
N TYR G 54 11.66 37.31 18.50
CA TYR G 54 11.84 38.24 19.60
C TYR G 54 13.21 38.11 20.25
N PRO G 55 13.72 39.18 20.83
CA PRO G 55 14.92 39.07 21.67
C PRO G 55 14.62 38.30 22.93
N GLU G 56 15.64 38.19 23.78
CA GLU G 56 15.41 37.55 25.08
C GLU G 56 14.47 38.43 25.90
N LEU G 57 13.39 37.84 26.40
CA LEU G 57 12.33 38.57 27.09
C LEU G 57 12.42 38.28 28.58
N PHE G 58 12.42 39.34 29.38
CA PHE G 58 12.39 39.19 30.83
C PHE G 58 11.00 38.71 31.24
N PRO G 59 10.87 38.11 32.43
CA PRO G 59 9.58 37.49 32.79
C PRO G 59 8.38 38.43 32.74
N ASP G 60 8.55 39.70 33.08
CA ASP G 60 7.41 40.61 33.01
C ASP G 60 6.95 40.86 31.58
N GLU G 61 7.90 41.11 30.67
CA GLU G 61 7.52 41.32 29.28
C GLU G 61 6.84 40.10 28.69
N TYR G 62 7.37 38.91 28.96
CA TYR G 62 6.73 37.72 28.41
C TYR G 62 5.45 37.40 29.14
N ALA G 63 5.32 37.80 30.40
CA ALA G 63 4.03 37.66 31.08
C ALA G 63 2.96 38.50 30.38
N PHE G 64 3.30 39.74 30.03
CA PHE G 64 2.36 40.57 29.28
C PHE G 64 2.07 39.99 27.91
N LEU G 65 3.11 39.45 27.26
CA LEU G 65 2.93 38.80 25.96
C LEU G 65 1.98 37.62 26.06
N ASP G 66 2.15 36.79 27.09
CA ASP G 66 1.24 35.68 27.31
C ASP G 66 -0.17 36.18 27.56
N SER G 67 -0.33 37.26 28.26
CA SER G 67 -1.65 37.72 28.44
C SER G 67 -2.22 37.97 27.09
N ARG G 68 -1.62 38.83 26.33
CA ARG G 68 -2.28 39.23 25.10
C ARG G 68 -2.51 38.04 24.16
N LEU G 69 -1.54 37.13 24.07
CA LEU G 69 -1.70 35.98 23.18
C LEU G 69 -2.77 35.02 23.69
N LEU G 70 -2.91 34.87 25.01
CA LEU G 70 -3.94 33.99 25.51
C LEU G 70 -5.32 34.63 25.43
N GLU G 71 -5.42 35.95 25.54
CA GLU G 71 -6.73 36.55 25.37
C GLU G 71 -7.11 36.51 23.89
N TYR G 72 -6.11 36.56 23.01
CA TYR G 72 -6.28 36.08 21.65
C TYR G 72 -6.89 34.69 21.59
N LYS G 73 -6.21 33.70 22.16
CA LYS G 73 -6.57 32.32 21.88
C LYS G 73 -7.94 31.97 22.44
N ARG G 74 -8.29 32.47 23.62
CA ARG G 74 -9.61 32.18 24.18
C ARG G 74 -10.71 32.85 23.37
N THR G 75 -10.43 34.02 22.81
CA THR G 75 -11.38 34.70 21.93
C THR G 75 -11.21 34.18 20.51
N GLY G 76 -12.19 34.47 19.66
CA GLY G 76 -12.07 34.20 18.25
C GLY G 76 -11.46 35.33 17.45
N ASP G 77 -11.18 36.46 18.08
CA ASP G 77 -10.73 37.65 17.35
C ASP G 77 -9.32 37.42 16.81
N TYR G 78 -8.95 38.23 15.82
CA TYR G 78 -7.71 38.01 15.09
C TYR G 78 -6.58 38.84 15.70
N LEU G 79 -5.35 38.40 15.49
CA LEU G 79 -4.20 39.23 15.80
C LEU G 79 -4.05 40.34 14.77
N ASP G 80 -3.65 41.51 15.25
CA ASP G 80 -3.29 42.63 14.39
C ASP G 80 -1.85 42.98 14.69
N VAL G 81 -0.99 42.94 13.68
CA VAL G 81 0.43 43.21 13.84
C VAL G 81 0.79 44.40 12.97
N LEU G 82 1.35 45.43 13.60
CA LEU G 82 1.76 46.64 12.91
C LEU G 82 3.26 46.58 12.65
N LEU G 83 3.63 46.45 11.39
CA LEU G 83 5.04 46.28 11.06
C LEU G 83 5.75 47.62 11.09
N PRO G 84 6.82 47.77 11.87
CA PRO G 84 7.50 49.06 11.95
C PRO G 84 8.36 49.38 10.75
N GLN G 85 8.82 48.36 10.02
CA GLN G 85 9.71 48.60 8.89
C GLN G 85 9.04 49.39 7.79
N TYR G 86 7.73 49.26 7.63
CA TYR G 86 6.99 49.95 6.58
C TYR G 86 6.24 51.18 7.08
N GLU G 87 6.36 51.52 8.35
CA GLU G 87 5.68 52.69 8.91
C GLU G 87 6.60 53.92 8.80
N ALA G 88 6.77 54.39 7.58
CA ALA G 88 7.63 55.53 7.30
C ALA G 88 6.96 56.88 7.58
N PHE G 89 5.65 56.90 7.83
CA PHE G 89 4.89 58.15 7.92
C PHE G 89 5.11 59.03 6.70
N ARG G 90 5.08 58.42 5.52
CA ARG G 90 4.92 59.20 4.30
C ARG G 90 3.44 59.51 4.13
N VAL G 91 3.06 60.07 2.98
CA VAL G 91 1.67 60.44 2.69
C VAL G 91 1.20 61.46 3.72
N ARG G 92 0.80 60.99 4.90
CA ARG G 92 0.44 61.83 6.03
C ARG G 92 -0.85 62.60 5.74
N GLY G 93 -1.26 63.44 6.67
CA GLY G 93 -2.52 64.14 6.54
C GLY G 93 -3.70 63.29 6.96
N ASP G 94 -4.87 63.70 6.51
CA ASP G 94 -6.12 62.99 6.79
C ASP G 94 -6.58 62.28 5.52
N THR G 95 -7.35 61.20 5.70
CA THR G 95 -7.82 60.39 4.59
C THR G 95 -9.34 60.45 4.42
N LYS G 96 -10.01 61.40 5.07
CA LYS G 96 -11.46 61.46 4.96
C LYS G 96 -11.90 61.98 3.60
N SER G 97 -11.17 62.95 3.05
CA SER G 97 -11.58 63.56 1.79
C SER G 97 -11.20 62.71 0.59
N VAL G 98 -10.40 61.66 0.79
CA VAL G 98 -10.00 60.81 -0.32
C VAL G 98 -11.21 60.05 -0.84
N THR G 99 -11.37 60.06 -2.16
CA THR G 99 -12.47 59.37 -2.81
C THR G 99 -11.95 58.32 -3.78
N ILE G 100 -12.75 57.30 -4.02
CA ILE G 100 -12.42 56.24 -4.97
C ILE G 100 -13.64 56.01 -5.84
N PRO G 101 -13.48 55.76 -7.14
CA PRO G 101 -14.64 55.53 -8.00
C PRO G 101 -15.39 54.26 -7.62
N ALA G 102 -16.47 53.99 -8.35
CA ALA G 102 -17.43 52.98 -7.92
C ALA G 102 -16.80 51.60 -7.80
N GLY G 103 -16.35 51.02 -8.91
CA GLY G 103 -15.72 49.71 -8.85
C GLY G 103 -14.46 49.65 -9.69
N GLN G 104 -13.31 49.42 -9.05
CA GLN G 104 -12.04 49.52 -9.73
C GLN G 104 -11.60 48.13 -10.17
N LYS G 105 -11.32 47.21 -9.25
CA LYS G 105 -10.83 45.86 -9.57
C LYS G 105 -9.52 45.92 -10.36
N GLY G 106 -8.94 44.77 -10.65
CA GLY G 106 -7.80 44.69 -11.56
C GLY G 106 -6.53 45.32 -11.05
N SER G 107 -6.29 45.28 -9.74
CA SER G 107 -5.02 45.63 -9.10
C SER G 107 -4.55 47.05 -9.35
N GLN G 108 -5.38 47.96 -9.84
CA GLN G 108 -5.01 49.36 -10.00
C GLN G 108 -6.12 50.23 -9.43
N ILE G 109 -5.82 50.95 -8.35
CA ILE G 109 -6.75 51.86 -7.72
C ILE G 109 -6.38 53.27 -8.14
N ILE G 110 -7.31 53.95 -8.81
CA ILE G 110 -7.12 55.35 -9.17
C ILE G 110 -7.93 56.17 -8.15
N LEU G 111 -7.27 56.55 -7.06
CA LEU G 111 -7.91 57.30 -5.99
C LEU G 111 -7.55 58.78 -6.14
N ASN G 112 -8.54 59.65 -6.01
CA ASN G 112 -8.36 61.08 -6.21
C ASN G 112 -8.56 61.82 -4.90
N THR G 113 -7.72 62.83 -4.66
CA THR G 113 -7.81 63.68 -3.50
C THR G 113 -7.89 65.13 -3.94
N ASN G 114 -8.47 65.98 -3.09
CA ASN G 114 -8.54 67.39 -3.46
C ASN G 114 -7.20 68.05 -3.14
N GLY G 115 -6.87 68.15 -1.85
CA GLY G 115 -5.55 68.57 -1.44
C GLY G 115 -5.15 67.94 -0.13
N THR G 116 -5.96 67.00 0.33
CA THR G 116 -5.94 66.57 1.73
C THR G 116 -4.71 65.73 2.08
N LEU G 117 -4.10 65.05 1.11
CA LEU G 117 -2.87 64.29 1.34
C LEU G 117 -1.70 65.07 0.78
N THR G 118 -0.64 65.18 1.59
CA THR G 118 0.57 65.93 1.23
C THR G 118 1.76 65.00 1.35
N GLY G 119 2.07 64.30 0.26
CA GLY G 119 3.19 63.37 0.25
C GLY G 119 2.99 62.20 -0.68
N GLN G 120 4.03 61.88 -1.44
CA GLN G 120 3.95 60.78 -2.40
C GLN G 120 4.35 59.47 -1.74
N PRO G 121 3.49 58.45 -1.78
CA PRO G 121 3.92 57.11 -1.37
C PRO G 121 4.96 56.55 -2.34
N LYS G 122 5.85 55.74 -1.78
CA LYS G 122 6.95 55.16 -2.55
C LYS G 122 6.66 53.71 -2.86
N ALA G 123 7.21 53.23 -3.98
CA ALA G 123 7.07 51.84 -4.35
C ALA G 123 7.62 50.94 -3.25
N GLY G 124 6.86 49.91 -2.90
CA GLY G 124 7.22 49.04 -1.81
C GLY G 124 6.65 49.42 -0.46
N ASP G 125 5.75 50.40 -0.40
CA ASP G 125 5.11 50.83 0.83
C ASP G 125 3.77 50.13 0.96
N LEU G 126 3.48 49.63 2.15
CA LEU G 126 2.24 48.88 2.37
C LEU G 126 1.01 49.77 2.19
N PHE G 127 -0.06 49.18 1.69
CA PHE G 127 -1.30 49.89 1.38
C PHE G 127 -2.48 49.02 1.77
N LYS G 128 -3.53 49.66 2.29
CA LYS G 128 -4.72 48.93 2.71
C LYS G 128 -5.95 49.79 2.50
N LEU G 129 -7.05 49.15 2.11
CA LEU G 129 -8.36 49.79 2.06
C LEU G 129 -9.03 49.63 3.40
N SER G 130 -9.72 50.68 3.85
CA SER G 130 -10.22 50.71 5.23
C SER G 130 -11.20 49.58 5.50
N THR G 131 -12.08 49.27 4.53
CA THR G 131 -13.14 48.31 4.79
C THR G 131 -12.63 46.88 4.87
N HIS G 132 -11.72 46.51 3.96
CA HIS G 132 -11.32 45.12 3.83
C HIS G 132 -10.02 44.89 4.58
N PRO G 133 -9.87 43.72 5.21
CA PRO G 133 -8.68 43.48 6.05
C PRO G 133 -7.35 43.56 5.32
N LYS G 134 -7.21 42.89 4.18
CA LYS G 134 -5.88 42.51 3.71
C LYS G 134 -5.05 43.74 3.32
N VAL G 135 -3.73 43.58 3.43
CA VAL G 135 -2.76 44.65 3.22
C VAL G 135 -2.06 44.41 1.88
N TYR G 136 -1.96 45.46 1.07
CA TYR G 136 -1.36 45.40 -0.25
C TYR G 136 -0.05 46.17 -0.22
N LYS G 137 0.90 45.78 -1.07
CA LYS G 137 2.07 46.61 -1.28
C LYS G 137 1.97 47.35 -2.62
N ILE G 138 2.43 48.58 -2.62
CA ILE G 138 2.42 49.40 -3.82
C ILE G 138 3.67 49.07 -4.64
N THR G 139 3.50 48.90 -5.94
CA THR G 139 4.59 48.51 -6.82
C THR G 139 4.91 49.55 -7.88
N ASN G 140 4.10 50.59 -8.03
CA ASN G 140 4.37 51.68 -8.97
C ASN G 140 3.49 52.84 -8.57
N PHE G 141 3.83 54.03 -9.06
CA PHE G 141 3.11 55.24 -8.68
C PHE G 141 3.23 56.28 -9.77
N SER G 142 2.17 57.07 -9.93
CA SER G 142 2.18 58.21 -10.84
C SER G 142 1.04 59.14 -10.42
N SER G 143 1.27 60.44 -10.61
CA SER G 143 0.36 61.44 -10.08
C SER G 143 0.01 62.47 -11.15
N SER G 144 -1.22 62.98 -11.06
CA SER G 144 -1.68 64.10 -11.86
C SER G 144 -2.14 65.27 -11.01
N GLY G 145 -1.58 65.43 -9.81
CA GLY G 145 -1.94 66.51 -8.93
C GLY G 145 -3.05 66.14 -7.96
N ASN G 146 -4.28 66.04 -8.46
CA ASN G 146 -5.41 65.65 -7.64
C ASN G 146 -5.77 64.19 -7.79
N VAL G 147 -5.51 63.62 -8.97
CA VAL G 147 -5.82 62.24 -9.27
C VAL G 147 -4.51 61.50 -9.49
N TRP G 148 -4.16 60.58 -8.60
CA TRP G 148 -3.03 59.71 -8.82
C TRP G 148 -3.45 58.25 -8.76
N ASN G 149 -2.98 57.47 -9.73
CA ASN G 149 -3.24 56.04 -9.78
C ASN G 149 -2.23 55.30 -8.91
N ILE G 150 -2.69 54.23 -8.27
CA ILE G 150 -1.85 53.41 -7.42
C ILE G 150 -1.96 51.96 -7.89
N SER G 151 -0.81 51.33 -8.10
CA SER G 151 -0.77 49.94 -8.53
C SER G 151 -0.45 49.06 -7.33
N LEU G 152 -1.21 47.98 -7.18
CA LEU G 152 -1.14 47.13 -6.01
C LEU G 152 -0.62 45.75 -6.41
N TYR G 153 0.08 45.09 -5.47
CA TYR G 153 0.50 43.71 -5.73
C TYR G 153 -0.69 42.76 -5.79
N PRO G 154 -1.46 42.54 -4.73
CA PRO G 154 -2.63 41.67 -4.85
C PRO G 154 -3.68 42.29 -5.74
N ASP G 155 -4.43 41.43 -6.43
CA ASP G 155 -5.37 41.89 -7.45
C ASP G 155 -6.69 42.31 -6.82
N LEU G 156 -6.59 43.15 -5.80
CA LEU G 156 -7.76 43.80 -5.22
C LEU G 156 -8.86 42.83 -4.84
N PHE G 157 -8.62 42.00 -3.81
CA PHE G 157 -9.60 40.99 -3.40
C PHE G 157 -11.01 41.54 -3.36
N ILE G 158 -11.24 42.57 -2.55
CA ILE G 158 -12.56 43.20 -2.54
C ILE G 158 -12.67 44.14 -3.74
N THR G 159 -13.84 44.09 -4.39
CA THR G 159 -14.14 45.10 -5.39
C THR G 159 -14.50 46.37 -4.64
N THR G 160 -14.35 47.53 -5.27
CA THR G 160 -14.58 48.80 -4.58
C THR G 160 -16.07 49.00 -4.40
N THR G 161 -16.48 49.34 -3.17
CA THR G 161 -17.89 49.60 -2.91
C THR G 161 -18.28 51.00 -3.36
N GLY G 162 -17.30 51.88 -3.54
CA GLY G 162 -17.56 53.28 -3.80
C GLY G 162 -17.37 54.19 -2.61
N SER G 163 -17.16 53.64 -1.42
CA SER G 163 -16.87 54.42 -0.23
C SER G 163 -15.53 54.04 0.39
N GLU G 164 -14.66 53.37 -0.36
CA GLU G 164 -13.37 52.96 0.17
C GLU G 164 -12.47 54.16 0.40
N LYS G 165 -11.63 54.08 1.44
CA LYS G 165 -10.71 55.16 1.78
C LYS G 165 -9.38 54.55 2.20
N PRO G 166 -8.27 54.97 1.58
CA PRO G 166 -6.96 54.40 1.93
C PRO G 166 -6.52 54.81 3.32
N VAL G 167 -5.48 54.15 3.80
CA VAL G 167 -4.94 54.40 5.14
C VAL G 167 -3.48 54.85 5.07
N PHE G 168 -2.64 54.09 4.37
CA PHE G 168 -1.27 54.47 4.01
C PHE G 168 -0.24 54.42 5.14
N ASN G 169 -0.69 54.25 6.38
CA ASN G 169 0.20 54.19 7.53
C ASN G 169 -0.58 53.74 8.75
N GLY G 170 0.08 53.00 9.63
CA GLY G 170 -0.63 52.38 10.73
C GLY G 170 -1.63 51.34 10.29
N ILE G 171 -1.24 50.49 9.34
CA ILE G 171 -2.14 49.45 8.85
C ILE G 171 -1.77 48.13 9.49
N LEU G 172 -2.78 47.42 10.00
CA LEU G 172 -2.57 46.28 10.87
C LEU G 172 -2.95 45.00 10.13
N PHE G 173 -2.04 44.03 10.13
CA PHE G 173 -2.27 42.77 9.44
C PHE G 173 -3.20 41.89 10.27
N ARG G 174 -4.45 41.76 9.82
CA ARG G 174 -5.36 40.81 10.44
C ARG G 174 -4.86 39.39 10.22
N THR G 175 -4.32 38.79 11.28
CA THR G 175 -3.60 37.53 11.15
C THR G 175 -3.95 36.60 12.31
N LYS G 176 -3.61 35.32 12.13
CA LYS G 176 -3.86 34.29 13.13
C LYS G 176 -2.61 33.47 13.35
N LEU G 177 -2.39 33.06 14.61
CA LEU G 177 -1.20 32.28 14.95
C LEU G 177 -1.25 30.90 14.32
N MET G 178 -0.14 30.48 13.72
CA MET G 178 0.04 29.13 13.24
C MET G 178 0.98 28.32 14.13
N ASN G 179 1.31 28.84 15.32
CA ASN G 179 2.18 28.16 16.27
C ASN G 179 1.47 27.89 17.58
N GLY G 180 0.15 28.08 17.63
CA GLY G 180 -0.57 27.93 18.89
C GLY G 180 -0.82 26.49 19.25
N ASP G 181 -0.47 25.56 18.36
CA ASP G 181 -0.66 24.15 18.66
C ASP G 181 0.18 23.72 19.85
N SER G 182 1.47 24.09 19.84
CA SER G 182 2.38 23.81 20.94
C SER G 182 3.35 24.97 21.07
N PHE G 183 3.12 25.84 22.05
CA PHE G 183 3.91 27.06 22.22
C PHE G 183 4.88 26.87 23.37
N GLY G 184 6.15 27.08 23.10
CA GLY G 184 7.20 26.80 24.08
C GLY G 184 7.75 28.06 24.70
N SER G 185 8.01 27.99 26.00
CA SER G 185 8.56 29.10 26.76
C SER G 185 9.65 28.59 27.68
N THR G 186 10.91 28.67 27.25
CA THR G 186 12.04 28.21 28.03
C THR G 186 12.62 29.38 28.80
N LEU G 187 12.72 29.24 30.12
CA LEU G 187 13.35 30.26 30.96
C LEU G 187 14.78 29.84 31.23
N ASN G 188 15.73 30.51 30.60
CA ASN G 188 17.14 30.19 30.75
C ASN G 188 17.59 30.39 32.18
N ASN G 189 18.78 29.87 32.45
CA ASN G 189 19.42 30.11 33.74
C ASN G 189 19.55 31.60 34.04
N ASN G 190 19.85 32.40 33.01
CA ASN G 190 20.02 33.83 33.18
C ASN G 190 18.73 34.55 33.53
N GLY G 191 17.58 33.88 33.42
CA GLY G 191 16.32 34.49 33.77
C GLY G 191 15.54 35.10 32.63
N THR G 192 15.92 34.84 31.38
CA THR G 192 15.27 35.44 30.22
C THR G 192 14.61 34.37 29.38
N TYR G 193 13.32 34.57 29.08
CA TYR G 193 12.63 33.79 28.08
C TYR G 193 13.20 34.09 26.70
N SER G 194 13.86 33.10 26.10
CA SER G 194 14.64 33.31 24.89
C SER G 194 14.08 32.48 23.75
N GLY G 195 14.33 32.96 22.53
CA GLY G 195 13.93 32.25 21.33
C GLY G 195 12.43 32.13 21.16
N ILE G 196 11.68 33.13 21.64
CA ILE G 196 10.23 33.16 21.45
C ILE G 196 9.96 33.71 20.06
N SER G 197 9.45 32.87 19.17
CA SER G 197 9.15 33.26 17.81
C SER G 197 7.69 32.94 17.50
N LEU G 198 7.09 33.80 16.69
CA LEU G 198 5.69 33.65 16.30
C LEU G 198 5.60 33.54 14.78
N SER G 199 4.83 32.57 14.30
CA SER G 199 4.58 32.39 12.89
C SER G 199 3.13 32.73 12.60
N LEU G 200 2.91 33.71 11.72
CA LEU G 200 1.59 34.27 11.52
C LEU G 200 1.16 34.13 10.08
N ARG G 201 -0.16 34.21 9.87
CA ARG G 201 -0.79 34.15 8.57
C ARG G 201 -2.10 34.89 8.63
N GLU G 202 -2.42 35.62 7.58
CA GLU G 202 -3.65 36.42 7.60
C GLU G 202 -4.88 35.53 7.52
N SER G 203 -6.01 36.11 7.92
CA SER G 203 -7.33 35.50 7.83
C SER G 203 -8.28 36.41 7.08
N LEU G 204 -7.80 36.91 5.94
CA LEU G 204 -8.57 37.81 5.08
C LEU G 204 -9.95 37.25 4.74
N MET H 1 35.25 11.99 -27.86
CA MET H 1 35.60 13.39 -28.02
C MET H 1 36.96 13.79 -27.49
N ARG H 2 37.59 12.92 -26.71
CA ARG H 2 38.80 13.31 -26.02
C ARG H 2 38.50 14.54 -25.16
N LEU H 3 37.68 14.34 -24.13
CA LEU H 3 37.38 15.40 -23.17
C LEU H 3 38.62 16.23 -22.90
N PRO H 4 38.58 17.55 -23.09
CA PRO H 4 39.80 18.33 -23.17
C PRO H 4 40.66 18.22 -21.92
N ASP H 5 41.95 18.11 -22.13
CA ASP H 5 42.96 17.96 -21.09
C ASP H 5 44.15 18.85 -21.42
N PRO H 6 45.01 19.14 -20.45
CA PRO H 6 46.27 19.81 -20.77
C PRO H 6 47.11 19.05 -21.79
N TYR H 7 46.99 17.72 -21.82
CA TYR H 7 47.70 16.94 -22.84
C TYR H 7 47.20 17.29 -24.23
N THR H 8 45.88 17.44 -24.40
CA THR H 8 45.31 17.79 -25.68
C THR H 8 45.64 19.22 -26.07
N ASN H 9 45.21 20.18 -25.26
CA ASN H 9 45.53 21.59 -25.46
C ASN H 9 45.93 22.21 -24.13
N PRO H 10 47.21 22.51 -23.92
CA PRO H 10 47.66 23.05 -22.63
C PRO H 10 47.41 24.54 -22.42
N GLU H 11 46.88 25.25 -23.43
CA GLU H 11 46.67 26.68 -23.29
C GLU H 11 45.68 27.00 -22.17
N TYR H 12 44.85 26.04 -21.80
CA TYR H 12 43.95 26.21 -20.68
C TYR H 12 44.40 25.32 -19.54
N PRO H 13 45.27 25.77 -18.65
CA PRO H 13 45.61 24.98 -17.47
C PRO H 13 44.47 24.98 -16.47
N GLY H 14 44.45 23.94 -15.64
CA GLY H 14 43.36 23.74 -14.73
C GLY H 14 42.25 22.86 -15.25
N LEU H 15 42.25 22.54 -16.54
CA LEU H 15 41.38 21.49 -17.06
C LEU H 15 41.84 20.11 -16.60
N GLY H 16 43.07 19.99 -16.12
CA GLY H 16 43.50 18.74 -15.52
C GLY H 16 42.73 18.46 -14.25
N PHE H 17 42.52 17.18 -13.97
CA PHE H 17 41.67 16.78 -12.86
C PHE H 17 42.37 17.04 -11.54
N GLU H 18 41.61 17.37 -10.50
CA GLU H 18 42.18 17.42 -9.16
C GLU H 18 41.89 16.16 -8.36
N SER H 19 41.07 15.25 -8.88
CA SER H 19 40.81 13.97 -8.23
C SER H 19 40.12 13.06 -9.23
N VAL H 20 40.68 11.87 -9.44
CA VAL H 20 40.13 10.88 -10.36
C VAL H 20 39.78 9.64 -9.56
N ASN H 21 38.57 9.15 -9.73
CA ASN H 21 38.06 8.02 -8.97
C ASN H 21 37.54 6.97 -9.92
N LEU H 22 38.37 5.96 -10.20
CA LEU H 22 37.93 4.80 -10.98
C LEU H 22 37.13 3.87 -10.07
N VAL H 23 35.81 4.01 -10.10
CA VAL H 23 34.92 3.13 -9.37
C VAL H 23 34.86 1.82 -10.14
N ASP H 24 35.39 0.75 -9.54
CA ASP H 24 35.39 -0.56 -10.17
C ASP H 24 34.00 -1.17 -10.01
N ASN H 25 33.05 -0.62 -10.76
CA ASN H 25 31.68 -1.08 -10.65
C ASN H 25 31.57 -2.52 -11.15
N ASP H 26 31.21 -3.41 -10.23
CA ASP H 26 31.17 -4.85 -10.49
C ASP H 26 29.81 -5.42 -10.12
N PRO H 27 28.80 -5.24 -10.98
CA PRO H 27 27.52 -5.87 -10.73
C PRO H 27 27.64 -7.38 -10.68
N MET H 28 26.83 -7.99 -9.83
CA MET H 28 26.83 -9.44 -9.67
C MET H 28 25.58 -9.85 -8.91
N ILE H 29 25.53 -11.13 -8.57
CA ILE H 29 24.51 -11.69 -7.68
C ILE H 29 25.22 -12.26 -6.47
N ARG H 30 24.82 -11.83 -5.28
CA ARG H 30 25.40 -12.34 -4.05
C ARG H 30 24.30 -12.85 -3.13
N ASP H 31 24.45 -14.07 -2.65
CA ASP H 31 23.58 -14.64 -1.62
C ASP H 31 24.44 -14.99 -0.42
N GLU H 32 24.11 -14.40 0.73
CA GLU H 32 24.80 -14.71 1.98
C GLU H 32 24.15 -15.96 2.53
N LEU H 33 24.70 -17.11 2.14
CA LEU H 33 24.07 -18.40 2.40
C LEU H 33 23.98 -18.66 3.90
N PRO H 34 22.93 -19.39 4.33
CA PRO H 34 22.86 -19.78 5.75
C PRO H 34 23.98 -20.70 6.16
N ASN H 35 24.63 -21.37 5.21
CA ASN H 35 25.81 -22.15 5.55
C ASN H 35 26.92 -21.26 6.08
N GLY H 36 27.07 -20.07 5.51
CA GLY H 36 28.16 -19.18 5.85
C GLY H 36 28.92 -18.76 4.61
N LYS H 37 28.88 -19.61 3.60
CA LYS H 37 29.53 -19.30 2.34
C LYS H 37 28.86 -18.14 1.64
N VAL H 38 29.63 -17.37 0.89
CA VAL H 38 29.12 -16.33 0.01
C VAL H 38 29.43 -16.73 -1.41
N LYS H 39 28.41 -16.88 -2.24
CA LYS H 39 28.56 -17.31 -3.62
C LYS H 39 28.35 -16.13 -4.53
N GLU H 40 29.32 -15.87 -5.40
CA GLU H 40 29.26 -14.76 -6.35
C GLU H 40 29.19 -15.34 -7.76
N VAL H 41 28.16 -14.96 -8.50
CA VAL H 41 28.05 -15.25 -9.92
C VAL H 41 27.96 -13.94 -10.67
N LYS H 42 28.78 -13.78 -11.70
CA LYS H 42 28.97 -12.50 -12.37
C LYS H 42 28.20 -12.50 -13.68
N ILE H 43 27.27 -11.56 -13.82
CA ILE H 43 26.54 -11.34 -15.06
C ILE H 43 26.66 -9.85 -15.33
N SER H 44 26.04 -9.35 -16.39
CA SER H 44 26.06 -7.94 -16.79
C SER H 44 27.49 -7.59 -17.18
N ALA H 45 28.06 -6.50 -16.70
CA ALA H 45 29.35 -6.04 -17.19
C ALA H 45 30.17 -5.51 -16.01
N GLN H 46 31.43 -5.15 -16.29
CA GLN H 46 32.33 -4.58 -15.30
C GLN H 46 32.76 -3.21 -15.83
N TYR H 47 31.94 -2.20 -15.61
CA TYR H 47 32.11 -0.91 -16.28
C TYR H 47 32.85 0.04 -15.34
N TRP H 48 33.94 0.62 -15.85
CA TRP H 48 34.75 1.53 -15.04
C TRP H 48 34.01 2.84 -14.84
N GLY H 49 33.74 3.18 -13.58
CA GLY H 49 33.13 4.45 -13.29
C GLY H 49 34.14 5.51 -12.91
N ILE H 50 34.14 6.63 -13.64
CA ILE H 50 35.07 7.72 -13.39
C ILE H 50 34.30 8.90 -12.81
N ASN H 51 34.73 9.38 -11.66
CA ASN H 51 34.10 10.53 -11.00
C ASN H 51 35.13 11.67 -10.95
N ILE H 52 35.16 12.46 -12.03
CA ILE H 52 36.15 13.51 -12.17
C ILE H 52 35.72 14.75 -11.39
N SER H 53 36.68 15.39 -10.73
CA SER H 53 36.49 16.69 -10.11
C SER H 53 37.53 17.66 -10.63
N TYR H 54 37.16 18.94 -10.69
CA TYR H 54 38.01 19.93 -11.31
C TYR H 54 38.45 20.99 -10.32
N PRO H 55 39.60 21.61 -10.53
CA PRO H 55 39.99 22.74 -9.69
C PRO H 55 39.20 23.99 -10.05
N GLU H 56 39.60 25.10 -9.45
CA GLU H 56 39.02 26.39 -9.78
C GLU H 56 39.22 26.67 -11.26
N LEU H 57 38.12 26.89 -11.99
CA LEU H 57 38.17 27.13 -13.42
C LEU H 57 37.84 28.59 -13.71
N PHE H 58 38.73 29.26 -14.43
CA PHE H 58 38.47 30.61 -14.89
C PHE H 58 37.46 30.56 -16.03
N PRO H 59 36.77 31.67 -16.32
CA PRO H 59 35.67 31.61 -17.29
C PRO H 59 36.06 31.09 -18.66
N ASP H 60 37.26 31.41 -19.16
CA ASP H 60 37.66 30.94 -20.49
C ASP H 60 37.84 29.43 -20.51
N GLU H 61 38.51 28.87 -19.51
CA GLU H 61 38.66 27.42 -19.47
C GLU H 61 37.33 26.72 -19.36
N TYR H 62 36.42 27.23 -18.53
CA TYR H 62 35.12 26.61 -18.43
C TYR H 62 34.26 26.91 -19.65
N ALA H 63 34.50 28.01 -20.34
CA ALA H 63 33.83 28.22 -21.61
C ALA H 63 34.21 27.12 -22.60
N PHE H 64 35.49 26.79 -22.67
CA PHE H 64 35.91 25.70 -23.55
C PHE H 64 35.36 24.36 -23.08
N LEU H 65 35.36 24.13 -21.77
CA LEU H 65 34.82 22.88 -21.24
C LEU H 65 33.34 22.74 -21.56
N ASP H 66 32.57 23.82 -21.40
CA ASP H 66 31.17 23.79 -21.80
C ASP H 66 31.03 23.54 -23.29
N SER H 67 31.87 24.17 -24.11
CA SER H 67 31.82 23.91 -25.53
C SER H 67 31.93 22.41 -25.81
N ARG H 68 32.93 21.77 -25.24
CA ARG H 68 33.14 20.36 -25.56
C ARG H 68 32.05 19.47 -24.97
N LEU H 69 31.62 19.75 -23.73
CA LEU H 69 30.58 18.91 -23.14
C LEU H 69 29.24 19.10 -23.86
N LEU H 70 28.96 20.30 -24.35
CA LEU H 70 27.70 20.51 -25.05
C LEU H 70 27.73 19.94 -26.45
N GLU H 71 28.89 19.96 -27.12
CA GLU H 71 28.93 19.32 -28.42
C GLU H 71 28.87 17.81 -28.26
N TYR H 72 29.39 17.30 -27.15
CA TYR H 72 29.03 15.96 -26.69
C TYR H 72 27.52 15.77 -26.62
N LYS H 73 26.83 16.61 -25.85
CA LYS H 73 25.43 16.33 -25.54
C LYS H 73 24.55 16.42 -26.78
N ARG H 74 24.78 17.43 -27.64
CA ARG H 74 23.93 17.57 -28.82
C ARG H 74 24.14 16.41 -29.79
N THR H 75 25.36 15.91 -29.88
CA THR H 75 25.65 14.73 -30.69
C THR H 75 25.45 13.48 -29.82
N GLY H 76 25.54 12.31 -30.44
CA GLY H 76 25.46 11.07 -29.72
C GLY H 76 26.78 10.44 -29.36
N ASP H 77 27.91 10.97 -29.85
CA ASP H 77 29.19 10.32 -29.67
C ASP H 77 29.59 10.32 -28.20
N TYR H 78 30.41 9.33 -27.83
CA TYR H 78 30.74 9.11 -26.44
C TYR H 78 31.86 10.04 -25.99
N LEU H 79 31.87 10.39 -24.71
CA LEU H 79 33.02 11.08 -24.15
C LEU H 79 34.20 10.13 -24.00
N ASP H 80 35.38 10.58 -24.41
CA ASP H 80 36.61 9.81 -24.29
C ASP H 80 37.51 10.52 -23.29
N VAL H 81 37.93 9.81 -22.25
CA VAL H 81 38.76 10.37 -21.19
C VAL H 81 40.06 9.60 -21.13
N LEU H 82 41.17 10.33 -21.16
CA LEU H 82 42.50 9.75 -21.01
C LEU H 82 43.00 10.04 -19.60
N LEU H 83 43.19 8.98 -18.82
CA LEU H 83 43.61 9.17 -17.44
C LEU H 83 45.12 9.36 -17.38
N PRO H 84 45.61 10.48 -16.86
CA PRO H 84 47.06 10.70 -16.81
C PRO H 84 47.76 9.82 -15.79
N GLN H 85 47.06 9.37 -14.77
CA GLN H 85 47.68 8.56 -13.72
C GLN H 85 48.20 7.23 -14.27
N TYR H 86 47.62 6.72 -15.34
CA TYR H 86 48.03 5.44 -15.92
C TYR H 86 48.81 5.58 -17.21
N GLU H 87 49.06 6.81 -17.68
CA GLU H 87 49.82 7.02 -18.91
C GLU H 87 51.31 7.15 -18.57
N ALA H 88 51.87 6.05 -18.09
CA ALA H 88 53.27 6.00 -17.71
C ALA H 88 54.20 5.81 -18.89
N PHE H 89 53.66 5.58 -20.09
CA PHE H 89 54.46 5.34 -21.30
C PHE H 89 55.48 4.23 -21.09
N ARG H 90 55.05 3.15 -20.46
CA ARG H 90 55.82 1.92 -20.49
C ARG H 90 55.54 1.21 -21.81
N VAL H 91 56.01 -0.03 -21.96
CA VAL H 91 55.87 -0.79 -23.19
C VAL H 91 56.55 -0.03 -24.32
N ARG H 92 55.85 0.97 -24.87
CA ARG H 92 56.41 1.90 -25.85
C ARG H 92 56.68 1.18 -27.16
N GLY H 93 57.15 1.90 -28.17
CA GLY H 93 57.33 1.32 -29.49
C GLY H 93 56.05 1.36 -30.31
N ASP H 94 56.01 0.51 -31.33
CA ASP H 94 54.87 0.41 -32.23
C ASP H 94 54.15 -0.90 -31.95
N THR H 95 52.87 -0.95 -32.31
CA THR H 95 52.04 -2.13 -32.07
C THR H 95 51.47 -2.72 -33.35
N LYS H 96 52.03 -2.40 -34.51
CA LYS H 96 51.47 -2.91 -35.76
C LYS H 96 51.76 -4.38 -35.94
N SER H 97 52.99 -4.82 -35.62
CA SER H 97 53.37 -6.20 -35.86
C SER H 97 52.96 -7.11 -34.72
N VAL H 98 52.40 -6.56 -33.64
CA VAL H 98 51.94 -7.39 -32.53
C VAL H 98 50.78 -8.24 -32.99
N THR H 99 50.86 -9.54 -32.77
CA THR H 99 49.86 -10.48 -33.23
C THR H 99 49.16 -11.12 -32.03
N ILE H 100 47.93 -11.55 -32.26
CA ILE H 100 47.13 -12.23 -31.24
C ILE H 100 46.50 -13.46 -31.88
N PRO H 101 46.41 -14.60 -31.20
CA PRO H 101 45.82 -15.79 -31.82
C PRO H 101 44.34 -15.60 -32.11
N ALA H 102 43.75 -16.65 -32.69
CA ALA H 102 42.40 -16.53 -33.25
C ALA H 102 41.37 -16.15 -32.20
N GLY H 103 41.11 -17.02 -31.22
CA GLY H 103 40.15 -16.71 -30.18
C GLY H 103 40.67 -17.03 -28.80
N GLN H 104 40.84 -16.01 -27.94
CA GLN H 104 41.48 -16.22 -26.67
C GLN H 104 40.43 -16.42 -25.59
N LYS H 105 39.59 -15.43 -25.29
CA LYS H 105 38.57 -15.51 -24.26
C LYS H 105 39.17 -15.81 -22.88
N GLY H 106 38.33 -15.81 -21.84
CA GLY H 106 38.75 -16.30 -20.54
C GLY H 106 39.79 -15.47 -19.83
N SER H 107 39.75 -14.15 -19.99
CA SER H 107 40.49 -13.17 -19.19
C SER H 107 42.00 -13.31 -19.27
N GLN H 108 42.56 -14.10 -20.19
CA GLN H 108 44.00 -14.21 -20.35
C GLN H 108 44.35 -14.11 -21.83
N ILE H 109 45.00 -13.03 -22.22
CA ILE H 109 45.46 -12.82 -23.59
C ILE H 109 46.92 -13.22 -23.67
N ILE H 110 47.24 -14.13 -24.57
CA ILE H 110 48.62 -14.50 -24.85
C ILE H 110 48.98 -13.89 -26.20
N LEU H 111 49.55 -12.69 -26.16
CA LEU H 111 49.90 -11.96 -27.37
C LEU H 111 51.40 -12.07 -27.60
N ASN H 112 51.79 -12.37 -28.83
CA ASN H 112 53.19 -12.58 -29.17
C ASN H 112 53.70 -11.41 -30.01
N THR H 113 54.90 -10.94 -29.68
CA THR H 113 55.54 -9.85 -30.40
C THR H 113 56.91 -10.32 -30.90
N ASN H 114 57.31 -9.81 -32.05
CA ASN H 114 58.58 -10.25 -32.61
C ASN H 114 59.74 -9.53 -31.92
N GLY H 115 59.84 -8.23 -32.13
CA GLY H 115 60.76 -7.40 -31.38
C GLY H 115 60.25 -5.99 -31.22
N THR H 116 59.01 -5.77 -31.66
CA THR H 116 58.51 -4.41 -31.87
C THR H 116 58.19 -3.68 -30.57
N LEU H 117 58.02 -4.40 -29.47
CA LEU H 117 57.76 -3.78 -28.17
C LEU H 117 58.98 -3.93 -27.29
N THR H 118 59.39 -2.83 -26.66
CA THR H 118 60.59 -2.79 -25.81
C THR H 118 60.18 -2.24 -24.45
N GLY H 119 59.74 -3.13 -23.56
CA GLY H 119 59.33 -2.73 -22.24
C GLY H 119 58.26 -3.63 -21.64
N GLN H 120 58.42 -3.97 -20.38
CA GLN H 120 57.47 -4.85 -19.72
C GLN H 120 56.38 -4.04 -19.05
N PRO H 121 55.10 -4.27 -19.38
CA PRO H 121 54.02 -3.65 -18.62
C PRO H 121 53.99 -4.19 -17.19
N LYS H 122 53.59 -3.30 -16.27
CA LYS H 122 53.55 -3.62 -14.86
C LYS H 122 52.11 -3.92 -14.45
N ALA H 123 51.95 -4.74 -13.43
CA ALA H 123 50.63 -5.05 -12.92
C ALA H 123 49.94 -3.77 -12.45
N GLY H 124 48.72 -3.55 -12.94
CA GLY H 124 48.01 -2.32 -12.68
C GLY H 124 48.04 -1.31 -13.80
N ASP H 125 48.66 -1.64 -14.93
CA ASP H 125 48.68 -0.76 -16.10
C ASP H 125 47.46 -1.05 -16.95
N LEU H 126 46.73 0.01 -17.31
CA LEU H 126 45.53 -0.14 -18.11
C LEU H 126 45.86 -0.77 -19.47
N PHE H 127 44.97 -1.64 -19.93
CA PHE H 127 45.13 -2.38 -21.17
C PHE H 127 43.86 -2.26 -21.98
N LYS H 128 44.01 -2.22 -23.31
CA LYS H 128 42.87 -2.10 -24.20
C LYS H 128 43.17 -2.83 -25.50
N LEU H 129 42.12 -3.31 -26.15
CA LEU H 129 42.19 -3.85 -27.50
C LEU H 129 41.74 -2.79 -28.47
N SER H 130 42.38 -2.72 -29.64
CA SER H 130 42.13 -1.63 -30.56
C SER H 130 40.68 -1.62 -31.04
N THR H 131 40.11 -2.79 -31.31
CA THR H 131 38.78 -2.84 -31.91
C THR H 131 37.69 -2.51 -30.91
N HIS H 132 37.80 -3.03 -29.68
CA HIS H 132 36.70 -2.94 -28.74
C HIS H 132 36.94 -1.82 -27.75
N PRO H 133 35.88 -1.07 -27.41
CA PRO H 133 36.06 0.12 -26.57
C PRO H 133 36.69 -0.14 -25.21
N LYS H 134 36.36 -1.26 -24.56
CA LYS H 134 36.54 -1.35 -23.12
C LYS H 134 38.01 -1.34 -22.74
N VAL H 135 38.28 -0.84 -21.54
CA VAL H 135 39.63 -0.72 -20.98
C VAL H 135 39.79 -1.75 -19.88
N TYR H 136 40.89 -2.49 -19.91
CA TYR H 136 41.18 -3.55 -18.95
C TYR H 136 42.39 -3.15 -18.11
N LYS H 137 42.41 -3.58 -16.86
CA LYS H 137 43.65 -3.44 -16.09
C LYS H 137 44.39 -4.78 -16.05
N ILE H 138 45.70 -4.69 -16.21
CA ILE H 138 46.56 -5.87 -16.14
C ILE H 138 46.79 -6.22 -14.68
N THR H 139 46.59 -7.50 -14.36
CA THR H 139 46.73 -7.97 -12.98
C THR H 139 47.92 -8.90 -12.79
N ASN H 140 48.58 -9.32 -13.85
CA ASN H 140 49.76 -10.17 -13.76
C ASN H 140 50.45 -10.16 -15.11
N PHE H 141 51.72 -10.57 -15.13
CA PHE H 141 52.50 -10.57 -16.35
C PHE H 141 53.61 -11.60 -16.26
N SER H 142 53.94 -12.19 -17.40
CA SER H 142 55.06 -13.12 -17.51
C SER H 142 55.43 -13.23 -18.99
N SER H 143 56.73 -13.37 -19.24
CA SER H 143 57.24 -13.26 -20.59
C SER H 143 58.12 -14.45 -20.94
N SER H 144 58.10 -14.82 -22.23
CA SER H 144 59.00 -15.81 -22.80
C SER H 144 59.83 -15.23 -23.94
N GLY H 145 60.15 -13.93 -23.89
CA GLY H 145 60.92 -13.29 -24.93
C GLY H 145 60.05 -12.72 -26.05
N ASN H 146 59.52 -13.59 -26.89
CA ASN H 146 58.65 -13.16 -27.98
C ASN H 146 57.17 -13.33 -27.64
N VAL H 147 56.85 -14.31 -26.81
CA VAL H 147 55.48 -14.59 -26.41
C VAL H 147 55.36 -14.31 -24.93
N TRP H 148 54.50 -13.35 -24.57
CA TRP H 148 54.19 -13.12 -23.17
C TRP H 148 52.69 -13.14 -22.96
N ASN H 149 52.27 -13.76 -21.86
CA ASN H 149 50.86 -13.82 -21.50
C ASN H 149 50.49 -12.61 -20.65
N ILE H 150 49.29 -12.10 -20.86
CA ILE H 150 48.78 -10.93 -20.16
C ILE H 150 47.42 -11.27 -19.59
N SER H 151 47.24 -11.07 -18.29
CA SER H 151 45.99 -11.38 -17.62
C SER H 151 45.25 -10.09 -17.30
N LEU H 152 43.98 -10.05 -17.69
CA LEU H 152 43.15 -8.87 -17.54
C LEU H 152 42.16 -9.08 -16.40
N TYR H 153 41.73 -7.97 -15.79
CA TYR H 153 40.71 -8.09 -14.74
C TYR H 153 39.33 -8.36 -15.33
N PRO H 154 38.79 -7.54 -16.24
CA PRO H 154 37.58 -7.95 -16.93
C PRO H 154 37.86 -9.12 -17.85
N ASP H 155 36.86 -9.97 -18.03
CA ASP H 155 37.06 -11.25 -18.69
C ASP H 155 36.80 -11.13 -20.18
N LEU H 156 37.49 -10.17 -20.80
CA LEU H 156 37.53 -10.06 -22.26
C LEU H 156 36.16 -10.07 -22.89
N PHE H 157 35.37 -9.02 -22.66
CA PHE H 157 34.00 -8.94 -23.18
C PHE H 157 33.92 -9.40 -24.63
N ILE H 158 34.70 -8.79 -25.51
CA ILE H 158 34.75 -9.27 -26.88
C ILE H 158 35.67 -10.49 -26.96
N THR H 159 35.26 -11.46 -27.76
CA THR H 159 36.15 -12.57 -28.06
C THR H 159 37.14 -12.06 -29.10
N THR H 160 38.22 -12.78 -29.36
CA THR H 160 39.26 -12.28 -30.24
C THR H 160 38.87 -12.60 -31.68
N THR H 161 38.92 -11.59 -32.54
CA THR H 161 38.64 -11.81 -33.96
C THR H 161 39.83 -12.44 -34.66
N GLY H 162 41.02 -12.32 -34.07
CA GLY H 162 42.25 -12.72 -34.72
C GLY H 162 43.06 -11.59 -35.31
N SER H 163 42.57 -10.36 -35.25
CA SER H 163 43.30 -9.19 -35.71
C SER H 163 43.43 -8.13 -34.63
N GLU H 164 43.21 -8.49 -33.36
CA GLU H 164 43.30 -7.53 -32.27
C GLU H 164 44.74 -7.12 -32.05
N LYS H 165 44.94 -5.84 -31.70
CA LYS H 165 46.26 -5.29 -31.45
C LYS H 165 46.21 -4.42 -30.20
N PRO H 166 47.04 -4.69 -29.20
CA PRO H 166 47.01 -3.88 -27.97
C PRO H 166 47.48 -2.46 -28.22
N VAL H 167 47.24 -1.61 -27.23
CA VAL H 167 47.60 -0.19 -27.31
C VAL H 167 48.56 0.21 -26.20
N PHE H 168 48.23 -0.12 -24.94
CA PHE H 168 49.13 -0.03 -23.79
C PHE H 168 49.38 1.38 -23.29
N ASN H 169 48.95 2.40 -24.02
CA ASN H 169 49.16 3.79 -23.63
C ASN H 169 48.35 4.70 -24.53
N GLY H 170 47.91 5.84 -24.01
CA GLY H 170 46.99 6.67 -24.74
C GLY H 170 45.67 5.99 -25.03
N ILE H 171 45.13 5.28 -24.04
CA ILE H 171 43.88 4.56 -24.24
C ILE H 171 42.74 5.34 -23.61
N LEU H 172 41.65 5.50 -24.35
CA LEU H 172 40.59 6.42 -24.01
C LEU H 172 39.34 5.65 -23.60
N PHE H 173 38.83 5.98 -22.42
CA PHE H 173 37.61 5.35 -21.92
C PHE H 173 36.41 5.92 -22.66
N ARG H 174 35.73 5.10 -23.45
CA ARG H 174 34.43 5.51 -23.98
C ARG H 174 33.46 5.65 -22.81
N THR H 175 32.96 6.87 -22.61
CA THR H 175 32.17 7.18 -21.42
C THR H 175 31.03 8.10 -21.79
N LYS H 176 30.00 8.10 -20.94
CA LYS H 176 28.83 8.98 -21.10
C LYS H 176 28.52 9.65 -19.77
N LEU H 177 28.18 10.94 -19.83
CA LEU H 177 27.90 11.69 -18.62
C LEU H 177 26.66 11.17 -17.91
N MET H 178 26.78 10.96 -16.60
CA MET H 178 25.64 10.67 -15.75
C MET H 178 25.20 11.88 -14.94
N ASN H 179 25.74 13.06 -15.26
CA ASN H 179 25.40 14.31 -14.56
C ASN H 179 24.73 15.31 -15.50
N GLY H 180 24.34 14.88 -16.69
CA GLY H 180 23.80 15.81 -17.67
C GLY H 180 22.37 16.21 -17.38
N ASP H 181 21.73 15.54 -16.42
CA ASP H 181 20.35 15.87 -16.09
C ASP H 181 20.24 17.29 -15.54
N SER H 182 21.03 17.60 -14.52
CA SER H 182 21.06 18.94 -13.93
C SER H 182 22.51 19.29 -13.63
N PHE H 183 23.14 20.00 -14.56
CA PHE H 183 24.56 20.29 -14.48
C PHE H 183 24.75 21.77 -14.16
N GLY H 184 25.41 22.04 -13.04
CA GLY H 184 25.42 23.38 -12.47
C GLY H 184 26.79 24.01 -12.53
N SER H 185 26.80 25.32 -12.74
CA SER H 185 28.02 26.11 -12.82
C SER H 185 27.88 27.37 -11.98
N THR H 186 28.34 27.31 -10.73
CA THR H 186 28.32 28.46 -9.83
C THR H 186 29.55 29.29 -10.07
N LEU H 187 29.37 30.60 -10.26
CA LEU H 187 30.48 31.52 -10.44
C LEU H 187 30.74 32.22 -9.12
N ASN H 188 31.89 31.93 -8.51
CA ASN H 188 32.24 32.57 -7.26
C ASN H 188 32.45 34.06 -7.46
N ASN H 189 32.36 34.81 -6.36
CA ASN H 189 32.62 36.24 -6.41
C ASN H 189 34.02 36.53 -6.93
N ASN H 190 34.97 35.65 -6.65
CA ASN H 190 36.35 35.82 -7.08
C ASN H 190 36.51 35.72 -8.59
N GLY H 191 35.48 35.26 -9.31
CA GLY H 191 35.53 35.17 -10.75
C GLY H 191 35.81 33.79 -11.30
N THR H 192 35.82 32.75 -10.47
CA THR H 192 36.13 31.40 -10.90
C THR H 192 34.96 30.47 -10.62
N TYR H 193 34.62 29.65 -11.61
CA TYR H 193 33.67 28.57 -11.43
C TYR H 193 34.26 27.52 -10.49
N SER H 194 33.57 27.22 -9.41
CA SER H 194 34.11 26.41 -8.33
C SER H 194 33.34 25.11 -8.21
N GLY H 195 34.07 24.05 -7.87
CA GLY H 195 33.45 22.76 -7.59
C GLY H 195 32.78 22.10 -8.76
N ILE H 196 33.33 22.26 -9.96
CA ILE H 196 32.81 21.59 -11.14
C ILE H 196 33.31 20.15 -11.14
N SER H 197 32.38 19.20 -11.06
CA SER H 197 32.73 17.80 -11.05
C SER H 197 31.90 17.05 -12.08
N LEU H 198 32.47 15.99 -12.62
CA LEU H 198 31.82 15.17 -13.63
C LEU H 198 31.79 13.73 -13.17
N SER H 199 30.64 13.07 -13.34
CA SER H 199 30.48 11.66 -13.03
C SER H 199 30.28 10.90 -14.34
N LEU H 200 31.16 9.94 -14.61
CA LEU H 200 31.20 9.29 -15.91
C LEU H 200 31.06 7.79 -15.74
N ARG H 201 30.71 7.13 -16.85
CA ARG H 201 30.49 5.70 -16.88
C ARG H 201 30.66 5.22 -18.32
N GLU H 202 31.27 4.04 -18.48
CA GLU H 202 31.49 3.53 -19.82
C GLU H 202 30.18 3.13 -20.49
N SER H 203 30.25 3.00 -21.81
CA SER H 203 29.14 2.54 -22.64
C SER H 203 29.64 1.51 -23.64
N LEU H 204 30.42 0.56 -23.15
CA LEU H 204 30.95 -0.53 -23.95
C LEU H 204 29.84 -1.29 -24.69
N MET I 1 11.45 42.50 -18.46
CA MET I 1 11.29 43.37 -17.30
C MET I 1 12.68 43.85 -16.87
N ARG I 2 13.71 43.08 -17.23
CA ARG I 2 15.09 43.41 -16.91
C ARG I 2 15.33 43.52 -15.41
N LEU I 3 15.29 42.38 -14.73
CA LEU I 3 15.67 42.30 -13.32
C LEU I 3 16.86 43.21 -13.05
N PRO I 4 16.83 44.02 -11.99
CA PRO I 4 17.82 45.09 -11.85
C PRO I 4 19.24 44.57 -11.74
N ASP I 5 20.13 45.20 -12.49
CA ASP I 5 21.54 44.89 -12.56
C ASP I 5 22.34 46.18 -12.41
N PRO I 6 23.61 46.09 -12.01
CA PRO I 6 24.44 47.30 -11.97
C PRO I 6 24.55 48.02 -13.30
N TYR I 7 24.53 47.29 -14.43
CA TYR I 7 24.52 47.96 -15.73
C TYR I 7 23.28 48.81 -15.91
N THR I 8 22.12 48.29 -15.53
CA THR I 8 20.88 49.05 -15.66
C THR I 8 20.91 50.29 -14.79
N ASN I 9 21.27 50.13 -13.52
CA ASN I 9 21.28 51.21 -12.56
C ASN I 9 22.26 50.93 -11.44
N PRO I 10 23.44 51.58 -11.42
CA PRO I 10 24.45 51.30 -10.38
C PRO I 10 24.31 52.11 -9.11
N GLU I 11 23.30 52.97 -8.96
CA GLU I 11 23.18 53.76 -7.74
C GLU I 11 22.76 52.87 -6.56
N TYR I 12 22.23 51.68 -6.86
CA TYR I 12 21.97 50.69 -5.82
C TYR I 12 22.96 49.55 -5.98
N PRO I 13 24.15 49.64 -5.41
CA PRO I 13 25.07 48.50 -5.43
C PRO I 13 24.63 47.42 -4.46
N GLY I 14 25.15 46.22 -4.69
CA GLY I 14 24.74 45.07 -3.93
C GLY I 14 23.56 44.33 -4.52
N LEU I 15 22.83 44.93 -5.44
CA LEU I 15 21.91 44.20 -6.29
C LEU I 15 22.63 43.47 -7.41
N GLY I 16 23.93 43.69 -7.54
CA GLY I 16 24.72 42.87 -8.43
C GLY I 16 24.81 41.46 -7.88
N PHE I 17 24.95 40.50 -8.80
CA PHE I 17 24.90 39.11 -8.42
C PHE I 17 26.18 38.75 -7.68
N GLU I 18 26.09 37.84 -6.72
CA GLU I 18 27.31 37.32 -6.13
C GLU I 18 27.61 35.88 -6.53
N SER I 19 26.63 35.16 -7.05
CA SER I 19 26.86 33.81 -7.56
C SER I 19 25.70 33.42 -8.47
N VAL I 20 25.98 33.25 -9.75
CA VAL I 20 24.98 32.79 -10.70
C VAL I 20 25.29 31.36 -11.07
N ASN I 21 24.29 30.49 -10.96
CA ASN I 21 24.38 29.10 -11.35
C ASN I 21 23.52 28.90 -12.59
N LEU I 22 24.13 28.49 -13.69
CA LEU I 22 23.38 28.02 -14.85
C LEU I 22 23.20 26.52 -14.72
N VAL I 23 22.01 26.11 -14.31
CA VAL I 23 21.67 24.70 -14.19
C VAL I 23 21.27 24.21 -15.58
N ASP I 24 22.12 23.39 -16.19
CA ASP I 24 21.84 22.83 -17.50
C ASP I 24 20.75 21.77 -17.33
N ASN I 25 19.55 22.25 -17.03
CA ASN I 25 18.44 21.35 -16.76
C ASN I 25 18.00 20.68 -18.05
N ASP I 26 18.34 19.39 -18.19
CA ASP I 26 18.03 18.62 -19.40
C ASP I 26 17.31 17.37 -18.97
N PRO I 27 16.00 17.44 -18.75
CA PRO I 27 15.23 16.25 -18.42
C PRO I 27 15.33 15.21 -19.52
N MET I 28 15.77 14.02 -19.13
CA MET I 28 16.06 12.97 -20.09
C MET I 28 16.02 11.63 -19.37
N ILE I 29 15.50 10.62 -20.06
CA ILE I 29 15.23 9.32 -19.48
C ILE I 29 16.41 8.40 -19.78
N ARG I 30 17.02 7.87 -18.71
CA ARG I 30 18.23 7.07 -18.82
C ARG I 30 17.96 5.66 -18.34
N ASP I 31 18.36 4.68 -19.15
CA ASP I 31 18.30 3.26 -18.78
C ASP I 31 19.71 2.68 -18.84
N GLU I 32 20.05 1.85 -17.86
CA GLU I 32 21.37 1.23 -17.80
C GLU I 32 21.20 -0.26 -18.07
N LEU I 33 21.53 -0.69 -19.28
CA LEU I 33 21.39 -2.07 -19.65
C LEU I 33 22.44 -2.92 -18.93
N PRO I 34 22.14 -4.20 -18.70
CA PRO I 34 23.20 -5.11 -18.24
C PRO I 34 24.21 -5.43 -19.32
N ASN I 35 23.86 -5.18 -20.58
CA ASN I 35 24.82 -5.35 -21.67
C ASN I 35 26.06 -4.51 -21.44
N GLY I 36 25.91 -3.38 -20.74
CA GLY I 36 27.00 -2.47 -20.50
C GLY I 36 26.66 -1.10 -21.06
N LYS I 37 25.86 -1.09 -22.11
CA LYS I 37 25.44 0.16 -22.74
C LYS I 37 24.50 0.93 -21.83
N VAL I 38 24.46 2.24 -22.01
CA VAL I 38 23.44 3.09 -21.41
C VAL I 38 22.63 3.71 -22.52
N LYS I 39 21.31 3.64 -22.40
CA LYS I 39 20.40 4.14 -23.42
C LYS I 39 19.60 5.29 -22.84
N GLU I 40 19.60 6.42 -23.54
CA GLU I 40 18.92 7.62 -23.07
C GLU I 40 18.10 8.21 -24.20
N VAL I 41 16.90 8.68 -23.89
CA VAL I 41 15.99 9.26 -24.86
C VAL I 41 15.63 10.67 -24.41
N LYS I 42 15.68 11.62 -25.35
CA LYS I 42 15.44 13.02 -25.07
C LYS I 42 13.99 13.38 -25.39
N ILE I 43 13.25 13.77 -24.37
CA ILE I 43 11.89 14.26 -24.51
C ILE I 43 11.82 15.56 -23.73
N SER I 44 10.65 16.17 -23.63
CA SER I 44 10.42 17.39 -22.85
C SER I 44 11.30 18.48 -23.47
N ALA I 45 11.95 19.32 -22.68
CA ALA I 45 12.72 20.44 -23.23
C ALA I 45 13.91 20.69 -22.33
N GLN I 46 14.67 21.74 -22.66
CA GLN I 46 15.79 22.19 -21.85
C GLN I 46 15.52 23.62 -21.39
N TYR I 47 15.65 23.86 -20.10
CA TYR I 47 15.48 25.19 -19.53
C TYR I 47 16.72 25.51 -18.72
N TRP I 48 17.37 26.63 -19.05
CA TRP I 48 18.52 27.08 -18.27
C TRP I 48 18.03 27.53 -16.90
N GLY I 49 18.49 26.85 -15.86
CA GLY I 49 18.08 27.22 -14.52
C GLY I 49 19.08 28.16 -13.89
N ILE I 50 18.65 29.37 -13.56
CA ILE I 50 19.53 30.40 -12.99
C ILE I 50 19.27 30.49 -11.50
N ASN I 51 20.32 30.29 -10.70
CA ASN I 51 20.22 30.29 -9.23
C ASN I 51 20.88 31.55 -8.69
N ILE I 52 20.06 32.57 -8.41
CA ILE I 52 20.59 33.85 -8.00
C ILE I 52 20.69 33.89 -6.49
N SER I 53 21.83 34.35 -5.98
CA SER I 53 21.98 34.60 -4.56
C SER I 53 22.41 36.06 -4.37
N TYR I 54 21.80 36.70 -3.38
CA TYR I 54 22.06 38.10 -3.09
C TYR I 54 22.74 38.25 -1.74
N PRO I 55 23.54 39.30 -1.55
CA PRO I 55 24.06 39.58 -0.22
C PRO I 55 23.04 40.32 0.61
N GLU I 56 23.46 40.76 1.80
CA GLU I 56 22.61 41.60 2.63
C GLU I 56 22.21 42.85 1.85
N LEU I 57 20.96 43.28 2.00
CA LEU I 57 20.45 44.43 1.27
C LEU I 57 20.01 45.51 2.25
N PHE I 58 20.45 46.73 2.01
CA PHE I 58 19.96 47.87 2.77
C PHE I 58 18.53 48.17 2.35
N PRO I 59 17.77 48.90 3.16
CA PRO I 59 16.35 49.12 2.83
C PRO I 59 16.10 49.71 1.46
N ASP I 60 16.95 50.62 0.98
CA ASP I 60 16.70 51.21 -0.33
C ASP I 60 16.84 50.20 -1.45
N GLU I 61 17.93 49.43 -1.46
CA GLU I 61 18.12 48.42 -2.50
C GLU I 61 17.04 47.36 -2.44
N TYR I 62 16.66 46.92 -1.24
CA TYR I 62 15.61 45.91 -1.14
C TYR I 62 14.24 46.49 -1.45
N ALA I 63 14.02 47.77 -1.16
CA ALA I 63 12.77 48.40 -1.58
C ALA I 63 12.68 48.44 -3.10
N PHE I 64 13.77 48.78 -3.78
CA PHE I 64 13.77 48.73 -5.24
C PHE I 64 13.56 47.32 -5.75
N LEU I 65 14.18 46.34 -5.10
CA LEU I 65 14.01 44.95 -5.54
C LEU I 65 12.55 44.51 -5.39
N ASP I 66 11.91 44.89 -4.28
CA ASP I 66 10.48 44.59 -4.14
C ASP I 66 9.66 45.30 -5.19
N SER I 67 9.97 46.56 -5.47
CA SER I 67 9.23 47.28 -6.51
C SER I 67 9.28 46.52 -7.83
N ARG I 68 10.48 46.16 -8.26
CA ARG I 68 10.60 45.49 -9.55
C ARG I 68 9.98 44.09 -9.53
N LEU I 69 10.21 43.33 -8.47
CA LEU I 69 9.66 41.97 -8.44
C LEU I 69 8.14 41.98 -8.32
N LEU I 70 7.57 42.94 -7.60
CA LEU I 70 6.11 43.02 -7.53
C LEU I 70 5.52 43.47 -8.85
N GLU I 71 6.18 44.40 -9.55
CA GLU I 71 5.69 44.78 -10.86
C GLU I 71 5.81 43.62 -11.84
N TYR I 72 6.81 42.76 -11.63
CA TYR I 72 6.87 41.51 -12.39
C TYR I 72 5.70 40.60 -12.06
N LYS I 73 5.40 40.44 -10.77
CA LYS I 73 4.45 39.42 -10.35
C LYS I 73 3.02 39.81 -10.70
N ARG I 74 2.64 41.06 -10.43
CA ARG I 74 1.27 41.48 -10.74
C ARG I 74 1.02 41.54 -12.24
N THR I 75 2.09 41.66 -13.03
CA THR I 75 1.97 41.63 -14.47
C THR I 75 2.28 40.23 -14.99
N GLY I 76 1.88 39.96 -16.23
CA GLY I 76 2.19 38.71 -16.88
C GLY I 76 3.53 38.66 -17.58
N ASP I 77 4.32 39.73 -17.51
CA ASP I 77 5.58 39.76 -18.24
C ASP I 77 6.62 38.86 -17.57
N TYR I 78 7.70 38.59 -18.29
CA TYR I 78 8.66 37.61 -17.82
C TYR I 78 9.94 38.30 -17.37
N LEU I 79 10.53 37.79 -16.29
CA LEU I 79 11.79 38.35 -15.81
C LEU I 79 12.89 38.14 -16.83
N ASP I 80 13.71 39.18 -17.03
CA ASP I 80 14.82 39.14 -17.96
C ASP I 80 16.11 39.30 -17.16
N VAL I 81 17.05 38.39 -17.37
CA VAL I 81 18.33 38.40 -16.67
C VAL I 81 19.45 38.46 -17.69
N LEU I 82 20.36 39.42 -17.51
CA LEU I 82 21.57 39.52 -18.32
C LEU I 82 22.72 38.95 -17.50
N LEU I 83 23.42 37.98 -18.05
CA LEU I 83 24.56 37.42 -17.35
C LEU I 83 25.84 38.11 -17.79
N PRO I 84 26.57 38.76 -16.88
CA PRO I 84 27.87 39.34 -17.27
C PRO I 84 28.90 38.30 -17.65
N GLN I 85 28.63 37.03 -17.35
CA GLN I 85 29.59 35.96 -17.64
C GLN I 85 29.91 35.89 -19.12
N TYR I 86 28.90 35.99 -19.98
CA TYR I 86 29.03 35.72 -21.40
C TYR I 86 28.95 36.97 -22.27
N GLU I 87 28.78 38.14 -21.67
CA GLU I 87 28.72 39.39 -22.45
C GLU I 87 30.14 39.72 -22.90
N ALA I 88 30.56 39.01 -23.95
CA ALA I 88 31.89 39.17 -24.51
C ALA I 88 31.96 40.22 -25.60
N PHE I 89 30.83 40.55 -26.22
CA PHE I 89 30.75 41.56 -27.27
C PHE I 89 31.73 41.27 -28.40
N ARG I 90 31.83 40.00 -28.78
CA ARG I 90 32.49 39.62 -30.02
C ARG I 90 31.51 39.83 -31.17
N VAL I 91 31.85 39.37 -32.36
CA VAL I 91 31.00 39.50 -33.55
C VAL I 91 30.80 40.98 -33.83
N ARG I 92 29.85 41.60 -33.13
CA ARG I 92 29.61 43.03 -33.18
C ARG I 92 29.10 43.41 -34.58
N GLY I 93 28.81 44.68 -34.81
CA GLY I 93 28.16 45.09 -36.02
C GLY I 93 26.65 45.02 -35.89
N ASP I 94 26.00 44.85 -37.03
CA ASP I 94 24.55 44.74 -37.09
C ASP I 94 24.17 43.36 -37.60
N THR I 95 22.93 42.97 -37.37
CA THR I 95 22.42 41.65 -37.76
C THR I 95 21.25 41.73 -38.73
N LYS I 96 21.02 42.88 -39.34
CA LYS I 96 19.83 43.01 -40.20
C LYS I 96 20.04 42.34 -41.55
N SER I 97 21.26 42.39 -42.08
CA SER I 97 21.49 41.90 -43.43
C SER I 97 21.75 40.40 -43.48
N VAL I 98 22.15 39.79 -42.37
CA VAL I 98 22.39 38.35 -42.34
C VAL I 98 21.05 37.63 -42.46
N THR I 99 21.05 36.54 -43.23
CA THR I 99 19.85 35.76 -43.49
C THR I 99 20.10 34.29 -43.20
N ILE I 100 19.02 33.59 -42.87
CA ILE I 100 19.05 32.16 -42.55
C ILE I 100 18.18 31.45 -43.58
N PRO I 101 18.53 30.24 -44.03
CA PRO I 101 17.72 29.55 -45.03
C PRO I 101 16.36 29.16 -44.48
N ALA I 102 15.58 28.50 -45.34
CA ALA I 102 14.13 28.38 -45.10
C ALA I 102 13.82 27.68 -43.79
N GLY I 103 14.14 26.39 -43.66
CA GLY I 103 13.86 25.66 -42.44
C GLY I 103 15.02 24.80 -42.02
N GLN I 104 15.62 25.09 -40.86
CA GLN I 104 16.90 24.49 -40.50
C GLN I 104 16.65 23.29 -39.59
N LYS I 105 16.12 23.47 -38.39
CA LYS I 105 15.93 22.41 -37.41
C LYS I 105 17.26 21.72 -37.06
N GLY I 106 17.23 20.84 -36.06
CA GLY I 106 18.34 19.92 -35.84
C GLY I 106 19.66 20.51 -35.43
N SER I 107 19.66 21.49 -34.52
CA SER I 107 20.81 21.93 -33.75
C SER I 107 21.95 22.53 -34.58
N GLN I 108 21.74 22.88 -35.84
CA GLN I 108 22.73 23.62 -36.62
C GLN I 108 22.03 24.72 -37.39
N ILE I 109 22.53 25.95 -37.24
CA ILE I 109 22.03 27.09 -38.00
C ILE I 109 23.13 27.50 -38.98
N ILE I 110 22.86 27.33 -40.27
CA ILE I 110 23.86 27.59 -41.31
C ILE I 110 23.52 28.96 -41.88
N LEU I 111 24.07 30.01 -41.30
CA LEU I 111 23.74 31.37 -41.69
C LEU I 111 24.93 31.99 -42.41
N ASN I 112 24.65 32.77 -43.45
CA ASN I 112 25.68 33.45 -44.21
C ASN I 112 25.63 34.95 -43.93
N THR I 113 26.79 35.55 -43.72
CA THR I 113 26.91 36.99 -43.54
C THR I 113 27.63 37.59 -44.74
N ASN I 114 27.05 38.64 -45.29
CA ASN I 114 27.61 39.24 -46.49
C ASN I 114 28.76 40.18 -46.14
N GLY I 115 28.45 41.27 -45.44
CA GLY I 115 29.48 42.18 -45.01
C GLY I 115 29.18 42.86 -43.68
N THR I 116 28.12 42.42 -43.01
CA THR I 116 27.60 43.13 -41.86
C THR I 116 28.15 42.60 -40.54
N LEU I 117 28.64 41.38 -40.49
CA LEU I 117 29.18 40.80 -39.27
C LEU I 117 30.69 40.65 -39.42
N THR I 118 31.44 41.22 -38.48
CA THR I 118 32.91 41.24 -38.52
C THR I 118 33.44 40.69 -37.21
N GLY I 119 33.64 39.37 -37.16
CA GLY I 119 34.18 38.76 -35.96
C GLY I 119 33.69 37.35 -35.73
N GLN I 120 34.61 36.45 -35.43
CA GLN I 120 34.28 35.05 -35.26
C GLN I 120 34.00 34.75 -33.80
N PRO I 121 32.80 34.25 -33.46
CA PRO I 121 32.51 33.90 -32.07
C PRO I 121 33.35 32.71 -31.61
N LYS I 122 33.58 32.67 -30.30
CA LYS I 122 34.28 31.56 -29.68
C LYS I 122 33.26 30.52 -29.24
N ALA I 123 33.66 29.25 -29.37
CA ALA I 123 32.79 28.16 -28.95
C ALA I 123 32.50 28.25 -27.47
N GLY I 124 31.22 28.39 -27.14
CA GLY I 124 30.79 28.58 -25.76
C GLY I 124 30.13 29.92 -25.49
N ASP I 125 29.90 30.73 -26.50
CA ASP I 125 29.28 32.04 -26.35
C ASP I 125 27.78 31.92 -26.59
N LEU I 126 26.99 32.58 -25.74
CA LEU I 126 25.55 32.50 -25.84
C LEU I 126 25.07 33.02 -27.19
N PHE I 127 24.06 32.36 -27.75
CA PHE I 127 23.50 32.73 -29.05
C PHE I 127 21.98 32.63 -28.98
N LYS I 128 21.29 33.55 -29.66
CA LYS I 128 19.84 33.57 -29.66
C LYS I 128 19.34 33.89 -31.06
N LEU I 129 18.17 33.34 -31.38
CA LEU I 129 17.42 33.73 -32.57
C LEU I 129 16.46 34.84 -32.19
N SER I 130 16.28 35.80 -33.11
CA SER I 130 15.59 37.04 -32.75
C SER I 130 14.15 36.79 -32.32
N THR I 131 13.44 35.89 -33.01
CA THR I 131 12.02 35.74 -32.75
C THR I 131 11.75 34.86 -31.54
N HIS I 132 12.56 33.83 -31.32
CA HIS I 132 12.26 32.87 -30.27
C HIS I 132 13.03 33.22 -29.01
N PRO I 133 12.35 33.27 -27.86
CA PRO I 133 12.97 33.80 -26.65
C PRO I 133 14.23 33.07 -26.19
N LYS I 134 14.29 31.74 -26.30
CA LYS I 134 15.27 31.01 -25.51
C LYS I 134 16.69 31.26 -26.00
N VAL I 135 17.65 31.00 -25.12
CA VAL I 135 19.06 31.30 -25.33
C VAL I 135 19.81 30.01 -25.56
N TYR I 136 20.58 29.97 -26.66
CA TYR I 136 21.34 28.79 -27.06
C TYR I 136 22.81 29.05 -26.79
N LYS I 137 23.55 28.02 -26.37
CA LYS I 137 24.99 28.18 -26.33
C LYS I 137 25.64 27.51 -27.53
N ILE I 138 26.50 28.25 -28.19
CA ILE I 138 27.31 27.73 -29.29
C ILE I 138 28.26 26.69 -28.71
N THR I 139 28.48 25.61 -29.44
CA THR I 139 29.39 24.57 -29.00
C THR I 139 30.42 24.17 -30.04
N ASN I 140 30.35 24.74 -31.24
CA ASN I 140 31.38 24.61 -32.26
C ASN I 140 31.11 25.67 -33.32
N PHE I 141 32.10 25.91 -34.16
CA PHE I 141 31.99 26.96 -35.15
C PHE I 141 32.89 26.66 -36.34
N SER I 142 32.45 27.07 -37.52
CA SER I 142 33.24 26.92 -38.73
C SER I 142 32.73 27.91 -39.76
N SER I 143 33.66 28.53 -40.48
CA SER I 143 33.32 29.62 -41.39
C SER I 143 33.95 29.38 -42.75
N SER I 144 33.27 29.89 -43.78
CA SER I 144 33.76 29.84 -45.16
C SER I 144 33.79 31.21 -45.80
N GLY I 145 34.19 32.24 -45.05
CA GLY I 145 34.22 33.60 -45.56
C GLY I 145 32.94 34.36 -45.34
N ASN I 146 31.90 34.00 -46.09
CA ASN I 146 30.59 34.62 -45.92
C ASN I 146 29.62 33.73 -45.16
N VAL I 147 29.67 32.42 -45.42
CA VAL I 147 28.79 31.45 -44.77
C VAL I 147 29.57 30.83 -43.62
N TRP I 148 29.02 30.89 -42.41
CA TRP I 148 29.61 30.15 -41.31
C TRP I 148 28.58 29.27 -40.62
N ASN I 149 29.00 28.06 -40.28
CA ASN I 149 28.15 27.10 -39.59
C ASN I 149 28.16 27.41 -38.10
N ILE I 150 26.99 27.30 -37.46
CA ILE I 150 26.89 27.44 -36.02
C ILE I 150 26.13 26.25 -35.46
N SER I 151 26.71 25.59 -34.47
CA SER I 151 26.10 24.45 -33.81
C SER I 151 25.66 24.84 -32.41
N LEU I 152 24.41 24.50 -32.08
CA LEU I 152 23.82 24.86 -30.80
C LEU I 152 23.55 23.62 -29.98
N TYR I 153 23.67 23.74 -28.66
CA TYR I 153 23.40 22.59 -27.80
C TYR I 153 21.91 22.31 -27.66
N PRO I 154 21.08 23.24 -27.18
CA PRO I 154 19.64 23.00 -27.27
C PRO I 154 19.21 22.93 -28.73
N ASP I 155 18.37 21.95 -29.02
CA ASP I 155 18.14 21.54 -30.40
C ASP I 155 17.05 22.38 -31.05
N LEU I 156 17.33 23.68 -31.17
CA LEU I 156 16.53 24.59 -31.97
C LEU I 156 15.04 24.51 -31.69
N PHE I 157 14.62 24.96 -30.51
CA PHE I 157 13.21 24.83 -30.12
C PHE I 157 12.27 25.35 -31.19
N ILE I 158 12.58 26.50 -31.77
CA ILE I 158 11.80 26.96 -32.91
C ILE I 158 12.38 26.38 -34.19
N THR I 159 11.51 26.12 -35.16
CA THR I 159 11.99 25.85 -36.51
C THR I 159 12.40 27.16 -37.14
N THR I 160 12.81 27.13 -38.41
CA THR I 160 13.22 28.36 -39.08
C THR I 160 12.12 28.76 -40.05
N THR I 161 11.72 30.02 -40.02
CA THR I 161 10.68 30.49 -40.92
C THR I 161 11.27 31.16 -42.16
N GLY I 162 12.53 31.57 -42.08
CA GLY I 162 13.18 32.25 -43.17
C GLY I 162 13.52 33.71 -42.93
N SER I 163 13.01 34.31 -41.86
CA SER I 163 13.33 35.67 -41.49
C SER I 163 14.04 35.76 -40.14
N GLU I 164 14.52 34.62 -39.64
CA GLU I 164 15.19 34.61 -38.35
C GLU I 164 16.53 35.31 -38.43
N LYS I 165 16.89 36.04 -37.36
CA LYS I 165 18.14 36.77 -37.33
C LYS I 165 18.88 36.47 -36.03
N PRO I 166 20.21 36.35 -36.06
CA PRO I 166 20.97 36.20 -34.81
C PRO I 166 20.98 37.49 -34.00
N VAL I 167 21.39 37.37 -32.75
CA VAL I 167 21.53 38.52 -31.86
C VAL I 167 22.97 38.71 -31.40
N PHE I 168 23.52 37.72 -30.69
CA PHE I 168 24.93 37.65 -30.33
C PHE I 168 25.36 38.64 -29.25
N ASN I 169 24.49 39.59 -28.89
CA ASN I 169 24.84 40.68 -27.99
C ASN I 169 23.59 41.18 -27.29
N GLY I 170 23.72 41.47 -26.00
CA GLY I 170 22.58 41.95 -25.24
C GLY I 170 21.43 40.98 -25.18
N ILE I 171 21.72 39.68 -25.12
CA ILE I 171 20.66 38.69 -25.05
C ILE I 171 20.23 38.51 -23.61
N LEU I 172 18.94 38.33 -23.40
CA LEU I 172 18.36 38.25 -22.06
C LEU I 172 17.58 36.95 -21.91
N PHE I 173 17.85 36.23 -20.83
CA PHE I 173 17.09 35.02 -20.53
C PHE I 173 15.69 35.42 -20.06
N ARG I 174 14.67 35.04 -20.82
CA ARG I 174 13.32 35.13 -20.30
C ARG I 174 13.16 34.14 -19.15
N THR I 175 12.87 34.64 -17.96
CA THR I 175 12.84 33.79 -16.78
C THR I 175 11.61 34.12 -15.94
N LYS I 176 11.23 33.18 -15.09
CA LYS I 176 10.12 33.35 -14.15
C LYS I 176 10.58 32.90 -12.77
N LEU I 177 10.05 33.56 -11.73
CA LEU I 177 10.35 33.15 -10.36
C LEU I 177 9.82 31.75 -10.10
N MET I 178 10.69 30.86 -9.67
CA MET I 178 10.27 29.60 -9.07
C MET I 178 10.16 29.70 -7.56
N ASN I 179 10.50 30.86 -6.99
CA ASN I 179 10.38 31.11 -5.56
C ASN I 179 9.23 32.05 -5.24
N GLY I 180 8.37 32.33 -6.22
CA GLY I 180 7.23 33.20 -5.96
C GLY I 180 6.27 32.61 -4.94
N ASP I 181 6.35 31.30 -4.73
CA ASP I 181 5.43 30.64 -3.81
C ASP I 181 5.63 31.13 -2.38
N SER I 182 6.87 31.10 -1.90
CA SER I 182 7.21 31.60 -0.58
C SER I 182 8.42 32.51 -0.71
N PHE I 183 8.19 33.77 -1.02
CA PHE I 183 9.24 34.75 -1.19
C PHE I 183 9.26 35.69 0.00
N GLY I 184 10.12 35.40 0.96
CA GLY I 184 10.22 36.20 2.17
C GLY I 184 11.62 36.75 2.34
N SER I 185 11.73 37.77 3.18
CA SER I 185 12.99 38.44 3.44
C SER I 185 13.03 38.91 4.88
N THR I 186 13.94 38.34 5.66
CA THR I 186 14.08 38.65 7.07
C THR I 186 14.81 39.98 7.20
N LEU I 187 14.22 40.92 7.94
CA LEU I 187 14.89 42.17 8.27
C LEU I 187 15.47 42.05 9.66
N ASN I 188 16.79 41.88 9.73
CA ASN I 188 17.47 41.64 10.99
C ASN I 188 17.52 42.92 11.83
N ASN I 189 18.16 42.79 12.99
CA ASN I 189 18.35 43.94 13.87
C ASN I 189 19.13 45.05 13.18
N ASN I 190 20.12 44.67 12.37
CA ASN I 190 21.03 45.61 11.75
C ASN I 190 20.32 46.60 10.85
N GLY I 191 19.10 46.29 10.43
CA GLY I 191 18.38 47.10 9.47
C GLY I 191 18.56 46.67 8.04
N THR I 192 19.20 45.54 7.80
CA THR I 192 19.46 45.04 6.46
C THR I 192 18.65 43.78 6.22
N TYR I 193 18.09 43.67 5.01
CA TYR I 193 17.32 42.51 4.62
C TYR I 193 18.24 41.42 4.13
N SER I 194 18.15 40.23 4.73
CA SER I 194 19.06 39.14 4.44
C SER I 194 18.31 37.94 3.91
N GLY I 195 19.05 37.02 3.30
CA GLY I 195 18.48 35.79 2.79
C GLY I 195 17.53 35.95 1.63
N ILE I 196 17.81 36.87 0.72
CA ILE I 196 17.02 37.04 -0.49
C ILE I 196 17.72 36.32 -1.62
N SER I 197 17.26 35.12 -1.94
CA SER I 197 17.82 34.35 -3.05
C SER I 197 16.74 34.09 -4.08
N LEU I 198 17.13 34.15 -5.35
CA LEU I 198 16.20 33.97 -6.46
C LEU I 198 16.56 32.70 -7.21
N SER I 199 15.55 31.85 -7.44
CA SER I 199 15.71 30.68 -8.28
C SER I 199 14.89 30.90 -9.54
N LEU I 200 15.57 31.04 -10.67
CA LEU I 200 14.91 31.40 -11.91
C LEU I 200 14.96 30.25 -12.90
N ARG I 201 14.05 30.30 -13.86
CA ARG I 201 13.86 29.23 -14.82
C ARG I 201 13.19 29.84 -16.05
N GLU I 202 13.56 29.35 -17.23
CA GLU I 202 13.11 30.05 -18.42
C GLU I 202 11.64 29.75 -18.72
N SER I 203 11.01 30.69 -19.41
CA SER I 203 9.63 30.60 -19.87
C SER I 203 9.56 30.79 -21.37
N LEU I 204 10.47 30.11 -22.08
CA LEU I 204 10.59 30.18 -23.52
C LEU I 204 9.25 30.09 -24.25
N MET J 1 -31.44 18.91 2.40
CA MET J 1 -31.34 20.11 3.21
C MET J 1 -31.79 19.91 4.65
N LYS J 2 -30.92 20.28 5.57
CA LYS J 2 -31.29 20.54 6.95
C LYS J 2 -31.29 22.04 7.17
N LYS J 3 -32.35 22.55 7.77
CA LYS J 3 -32.62 23.99 7.74
C LYS J 3 -31.55 24.82 8.45
N ILE J 4 -31.18 24.41 9.67
CA ILE J 4 -30.00 24.91 10.38
C ILE J 4 -30.31 26.19 11.15
N LEU J 5 -31.35 26.93 10.71
CA LEU J 5 -31.69 28.28 11.16
C LEU J 5 -30.72 29.33 10.63
N ASP J 6 -31.25 30.53 10.41
CA ASP J 6 -30.46 31.70 10.07
C ASP J 6 -29.49 32.08 11.17
N SER J 7 -29.85 31.87 12.43
CA SER J 7 -28.93 32.16 13.52
C SER J 7 -27.68 31.31 13.44
N ALA J 8 -27.83 30.00 13.27
CA ALA J 8 -26.65 29.14 13.15
C ALA J 8 -25.92 29.40 11.84
N LYS J 9 -26.64 29.74 10.77
CA LYS J 9 -25.95 30.12 9.54
C LYS J 9 -25.04 31.32 9.77
N ASN J 10 -25.56 32.35 10.44
CA ASN J 10 -24.74 33.53 10.73
C ASN J 10 -23.55 33.18 11.61
N TYR J 11 -23.77 32.36 12.63
CA TYR J 11 -22.67 31.98 13.50
C TYR J 11 -21.58 31.24 12.73
N LEU J 12 -21.98 30.29 11.88
CA LEU J 12 -21.00 29.53 11.11
C LEU J 12 -20.26 30.43 10.12
N ASN J 13 -20.94 31.44 9.59
CA ASN J 13 -20.28 32.35 8.66
C ASN J 13 -19.28 33.25 9.36
N THR J 14 -19.63 33.76 10.55
CA THR J 14 -18.82 34.81 11.15
C THR J 14 -17.76 34.26 12.10
N HIS J 15 -18.16 33.39 13.04
CA HIS J 15 -17.34 33.18 14.22
C HIS J 15 -15.96 32.60 13.90
N ASP J 16 -15.88 31.63 12.98
CA ASP J 16 -14.62 31.24 12.34
C ASP J 16 -13.70 30.45 13.26
N LYS J 17 -14.01 30.35 14.56
CA LYS J 17 -13.33 29.45 15.47
C LYS J 17 -14.38 28.83 16.39
N LEU J 18 -14.90 27.68 15.99
CA LEU J 18 -16.04 27.07 16.66
C LEU J 18 -15.58 25.77 17.32
N LYS J 19 -16.08 25.53 18.54
CA LYS J 19 -15.66 24.38 19.34
C LYS J 19 -16.71 23.28 19.22
N THR J 20 -16.46 22.34 18.33
CA THR J 20 -17.39 21.24 18.13
C THR J 20 -17.31 20.25 19.29
N ALA J 21 -18.47 19.69 19.63
CA ALA J 21 -18.57 18.68 20.68
C ALA J 21 -19.58 17.63 20.26
N CYS J 22 -19.25 16.37 20.49
CA CYS J 22 -20.12 15.27 20.13
C CYS J 22 -20.83 14.72 21.36
N LEU J 23 -22.13 14.50 21.23
CA LEU J 23 -22.97 13.99 22.30
C LEU J 23 -23.39 12.57 21.98
N ILE J 24 -22.66 11.59 22.52
CA ILE J 24 -22.91 10.19 22.25
C ILE J 24 -23.83 9.65 23.34
N ALA J 25 -25.06 9.34 22.98
CA ALA J 25 -26.05 8.76 23.89
C ALA J 25 -26.06 7.26 23.66
N LEU J 26 -25.02 6.58 24.11
CA LEU J 26 -24.90 5.14 23.96
C LEU J 26 -25.98 4.42 24.75
N GLU J 27 -26.35 3.23 24.29
CA GLU J 27 -27.25 2.36 25.04
C GLU J 27 -26.47 1.13 25.46
N LEU J 28 -26.44 0.85 26.76
CA LEU J 28 -25.54 -0.15 27.27
C LEU J 28 -25.94 -1.55 26.81
N PRO J 29 -24.99 -2.37 26.39
CA PRO J 29 -25.27 -3.80 26.18
C PRO J 29 -25.73 -4.42 27.48
N SER J 30 -26.99 -4.84 27.51
CA SER J 30 -27.60 -5.39 28.72
C SER J 30 -28.06 -6.82 28.45
N SER J 31 -27.85 -7.69 29.41
CA SER J 31 -28.26 -9.09 29.32
C SER J 31 -29.47 -9.32 30.21
N SER J 32 -30.17 -10.42 29.92
CA SER J 32 -31.31 -10.95 30.67
C SER J 32 -32.57 -10.11 30.50
N GLY J 33 -32.49 -8.97 29.83
CA GLY J 33 -33.67 -8.18 29.56
C GLY J 33 -34.05 -7.25 30.68
N SER J 34 -34.13 -5.95 30.40
CA SER J 34 -34.51 -4.95 31.39
C SER J 34 -34.80 -3.65 30.66
N ALA J 35 -35.03 -2.59 31.44
CA ALA J 35 -35.14 -1.27 30.85
C ALA J 35 -33.79 -0.81 30.31
N ALA J 36 -33.83 0.03 29.29
CA ALA J 36 -32.60 0.51 28.66
C ALA J 36 -31.85 1.43 29.60
N THR J 37 -30.56 1.17 29.77
CA THR J 37 -29.67 2.01 30.58
C THR J 37 -28.67 2.65 29.63
N TYR J 38 -28.61 3.97 29.63
CA TYR J 38 -27.79 4.71 28.69
C TYR J 38 -26.57 5.29 29.39
N ILE J 39 -25.39 5.04 28.82
CA ILE J 39 -24.22 5.81 29.21
C ILE J 39 -24.02 6.96 28.25
N TYR J 40 -23.89 8.17 28.81
CA TYR J 40 -23.84 9.40 28.05
C TYR J 40 -22.38 9.89 28.01
N LEU J 41 -21.72 9.63 26.90
CA LEU J 41 -20.34 10.09 26.73
C LEU J 41 -20.29 11.24 25.74
N THR J 42 -19.32 12.12 25.94
CA THR J 42 -19.07 13.20 24.99
C THR J 42 -17.58 13.30 24.75
N ASP J 43 -17.23 13.89 23.61
CA ASP J 43 -15.82 14.03 23.28
C ASP J 43 -15.26 15.24 24.02
N TYR J 44 -15.75 16.43 23.65
CA TYR J 44 -15.36 17.77 24.08
C TYR J 44 -14.25 17.80 25.13
N PHE J 45 -14.36 18.66 26.15
CA PHE J 45 -13.52 18.47 27.32
C PHE J 45 -14.18 18.68 28.67
N ARG J 46 -15.24 19.49 28.79
CA ARG J 46 -15.62 19.83 30.17
C ARG J 46 -16.55 18.81 30.80
N ASP J 47 -17.85 19.02 30.57
CA ASP J 47 -18.94 18.06 30.65
C ASP J 47 -20.13 18.76 30.03
N VAL J 48 -20.41 18.52 28.75
CA VAL J 48 -21.46 19.31 28.11
C VAL J 48 -22.82 18.67 28.34
N THR J 49 -23.71 19.40 29.00
CA THR J 49 -25.03 18.92 29.36
C THR J 49 -26.06 19.55 28.43
N TYR J 50 -26.87 18.71 27.80
CA TYR J 50 -27.85 19.17 26.82
C TYR J 50 -29.20 18.55 27.16
N ASN J 51 -30.10 19.38 27.67
CA ASN J 51 -31.44 18.95 28.07
C ASN J 51 -31.38 17.77 29.04
N GLY J 52 -30.84 18.02 30.22
CA GLY J 52 -30.81 16.99 31.23
C GLY J 52 -29.44 16.38 31.51
N ILE J 53 -29.21 15.18 30.98
CA ILE J 53 -28.11 14.34 31.42
C ILE J 53 -26.77 15.02 31.15
N LEU J 54 -25.79 14.71 32.00
CA LEU J 54 -24.49 15.38 32.03
C LEU J 54 -23.64 15.16 30.79
N TYR J 55 -23.71 13.99 30.16
CA TYR J 55 -22.81 13.64 29.06
C TYR J 55 -21.35 13.74 29.50
N ARG J 56 -20.96 12.80 30.36
CA ARG J 56 -19.60 12.72 30.89
C ARG J 56 -18.55 12.83 29.78
N SER J 57 -17.36 13.35 30.11
CA SER J 57 -16.37 13.74 29.11
C SER J 57 -15.01 13.12 29.43
N GLY J 58 -14.99 11.82 29.68
CA GLY J 58 -13.74 11.17 30.02
C GLY J 58 -13.34 10.06 29.08
N LYS J 59 -14.02 9.95 27.95
CA LYS J 59 -13.77 8.84 27.02
C LYS J 59 -13.96 9.33 25.58
N VAL J 60 -14.09 8.39 24.65
CA VAL J 60 -14.33 8.69 23.24
C VAL J 60 -13.21 9.56 22.68
N LYS J 61 -12.10 8.94 22.31
CA LYS J 61 -10.98 9.70 21.77
C LYS J 61 -11.30 10.28 20.40
N SER J 62 -11.99 9.52 19.55
CA SER J 62 -12.28 9.99 18.20
C SER J 62 -13.52 9.31 17.66
N ILE J 63 -14.10 9.91 16.62
CA ILE J 63 -15.27 9.36 15.93
C ILE J 63 -14.97 9.34 14.43
N SER J 64 -15.38 8.26 13.77
CA SER J 64 -15.11 8.07 12.36
C SER J 64 -15.96 9.01 11.52
N SER J 65 -15.88 8.87 10.20
CA SER J 65 -16.60 9.73 9.26
C SER J 65 -17.84 9.01 8.75
N HIS J 66 -18.92 9.76 8.56
CA HIS J 66 -20.22 9.19 8.21
C HIS J 66 -20.45 9.35 6.70
N LYS J 67 -19.91 8.39 5.96
CA LYS J 67 -19.93 8.42 4.50
C LYS J 67 -21.11 7.60 4.00
N GLN J 68 -21.95 8.20 3.16
CA GLN J 68 -23.12 7.51 2.62
C GLN J 68 -23.50 8.12 1.28
N ASN J 69 -23.42 7.33 0.22
CA ASN J 69 -23.65 7.76 -1.14
C ASN J 69 -25.13 7.64 -1.50
N ARG J 70 -25.46 7.76 -2.78
CA ARG J 70 -26.83 7.69 -3.28
C ARG J 70 -27.14 6.22 -3.56
N GLN J 71 -26.90 5.39 -2.54
CA GLN J 71 -27.15 3.96 -2.56
C GLN J 71 -27.21 3.50 -1.12
N LEU J 72 -28.27 2.78 -0.73
CA LEU J 72 -28.35 2.35 0.66
C LEU J 72 -27.15 1.47 0.97
N SER J 73 -26.33 1.90 1.92
CA SER J 73 -25.04 1.29 2.11
C SER J 73 -24.65 1.08 3.57
N ILE J 74 -25.55 0.58 4.42
CA ILE J 74 -25.28 0.13 5.77
C ILE J 74 -24.38 1.14 6.50
N GLY J 75 -24.65 2.43 6.28
CA GLY J 75 -23.81 3.52 6.75
C GLY J 75 -23.26 3.34 8.14
N SER J 76 -21.93 3.23 8.25
CA SER J 76 -21.29 2.74 9.46
C SER J 76 -20.31 3.75 10.03
N LEU J 77 -20.25 3.79 11.36
CA LEU J 77 -19.27 4.58 12.09
C LEU J 77 -18.36 3.69 12.91
N SER J 78 -17.50 4.30 13.73
CA SER J 78 -16.68 3.55 14.66
C SER J 78 -16.18 4.47 15.77
N PHE J 79 -16.59 4.22 17.00
CA PHE J 79 -16.06 4.97 18.12
C PHE J 79 -14.61 4.58 18.37
N THR J 80 -13.94 5.37 19.20
CA THR J 80 -12.67 4.98 19.79
C THR J 80 -12.72 5.40 21.25
N ILE J 81 -13.24 4.53 22.09
CA ILE J 81 -13.31 4.75 23.54
C ILE J 81 -12.05 4.18 24.14
N THR J 82 -11.40 4.95 25.03
CA THR J 82 -10.12 4.53 25.58
C THR J 82 -10.23 3.19 26.27
N GLY J 83 -9.24 2.33 26.04
CA GLY J 83 -9.27 0.99 26.56
C GLY J 83 -8.65 0.86 27.94
N THR J 84 -8.26 2.00 28.51
CA THR J 84 -7.73 2.04 29.87
C THR J 84 -8.81 2.29 30.91
N ALA J 85 -10.04 2.54 30.49
CA ALA J 85 -11.15 2.72 31.41
C ALA J 85 -11.76 1.35 31.71
N GLU J 86 -11.67 0.94 32.97
CA GLU J 86 -12.12 -0.40 33.35
C GLU J 86 -13.60 -0.59 33.08
N ASP J 87 -14.39 0.47 33.23
CA ASP J 87 -15.84 0.35 33.09
C ASP J 87 -16.24 -0.09 31.69
N GLU J 88 -15.76 0.63 30.67
CA GLU J 88 -16.15 0.31 29.30
C GLU J 88 -15.63 -1.05 28.86
N VAL J 89 -14.40 -1.39 29.21
CA VAL J 89 -13.86 -2.68 28.80
C VAL J 89 -14.62 -3.81 29.47
N LEU J 90 -14.96 -3.65 30.76
CA LEU J 90 -15.74 -4.67 31.45
C LEU J 90 -17.13 -4.82 30.82
N LYS J 91 -17.75 -3.69 30.44
CA LYS J 91 -19.06 -3.78 29.82
C LYS J 91 -18.98 -4.44 28.45
N LEU J 92 -17.86 -4.26 27.75
CA LEU J 92 -17.66 -4.90 26.47
C LEU J 92 -17.45 -6.41 26.56
N VAL J 93 -16.58 -6.88 27.46
CA VAL J 93 -16.16 -8.27 27.41
C VAL J 93 -16.89 -9.14 28.43
N GLN J 94 -17.97 -8.64 29.02
CA GLN J 94 -18.69 -9.45 30.00
C GLN J 94 -19.46 -10.57 29.31
N ASN J 95 -19.52 -11.72 29.97
CA ASN J 95 -20.13 -12.93 29.41
C ASN J 95 -21.64 -12.88 29.63
N GLY J 96 -22.40 -13.00 28.54
CA GLY J 96 -23.84 -13.11 28.66
C GLY J 96 -24.59 -11.99 27.96
N VAL J 97 -23.93 -10.85 27.77
CA VAL J 97 -24.61 -9.71 27.17
C VAL J 97 -24.68 -9.88 25.66
N SER J 98 -25.80 -9.44 25.09
CA SER J 98 -26.00 -9.46 23.65
C SER J 98 -26.57 -8.11 23.24
N PHE J 99 -25.99 -7.52 22.19
CA PHE J 99 -26.34 -6.17 21.78
C PHE J 99 -26.54 -6.11 20.26
N LEU J 100 -27.36 -7.02 19.73
CA LEU J 100 -27.80 -6.89 18.34
C LEU J 100 -28.47 -5.54 18.12
N ASP J 101 -29.40 -5.19 18.99
CA ASP J 101 -30.05 -3.89 18.97
C ASP J 101 -29.17 -2.95 19.80
N ARG J 102 -29.74 -1.79 20.13
CA ARG J 102 -29.30 -0.80 21.13
C ARG J 102 -28.93 0.47 20.38
N GLY J 103 -29.78 1.48 20.45
CA GLY J 103 -29.56 2.68 19.67
C GLY J 103 -28.35 3.47 20.15
N ILE J 104 -27.64 4.06 19.20
CA ILE J 104 -26.63 5.07 19.48
C ILE J 104 -27.09 6.38 18.85
N THR J 105 -27.07 7.45 19.64
CA THR J 105 -27.43 8.77 19.16
C THR J 105 -26.25 9.69 19.36
N ILE J 106 -25.80 10.33 18.27
CA ILE J 106 -24.68 11.26 18.32
C ILE J 106 -25.17 12.64 17.91
N HIS J 107 -24.89 13.65 18.74
CA HIS J 107 -25.22 15.02 18.45
C HIS J 107 -23.92 15.81 18.32
N GLN J 108 -23.75 16.52 17.21
CA GLN J 108 -22.56 17.34 17.02
C GLN J 108 -22.85 18.73 17.57
N ALA J 109 -22.58 18.88 18.86
CA ALA J 109 -22.92 20.12 19.56
C ALA J 109 -21.89 21.20 19.26
N ILE J 110 -22.34 22.26 18.59
CA ILE J 110 -21.50 23.41 18.31
C ILE J 110 -21.49 24.26 19.57
N ILE J 111 -20.45 24.12 20.38
CA ILE J 111 -20.39 24.83 21.65
C ILE J 111 -20.27 26.33 21.38
N ASN J 112 -21.14 27.09 22.05
CA ASN J 112 -21.09 28.54 22.04
C ASN J 112 -20.01 28.98 23.01
N GLU J 113 -19.99 30.26 23.37
CA GLU J 113 -19.17 30.66 24.50
C GLU J 113 -19.61 29.92 25.77
N GLU J 114 -20.93 29.77 25.97
CA GLU J 114 -21.45 29.15 27.20
C GLU J 114 -22.60 28.16 26.93
N GLY J 115 -22.44 27.19 26.03
CA GLY J 115 -23.42 26.12 26.11
C GLY J 115 -24.36 25.73 24.97
N ASN J 116 -23.89 25.72 23.72
CA ASN J 116 -24.62 25.20 22.55
C ASN J 116 -25.49 26.29 21.94
N ILE J 117 -25.37 26.51 20.63
CA ILE J 117 -25.91 27.71 20.03
C ILE J 117 -27.18 27.44 19.22
N LEU J 118 -27.86 26.34 19.53
CA LEU J 118 -29.25 26.16 19.12
C LEU J 118 -29.49 26.13 17.62
N PRO J 119 -28.96 25.15 16.87
CA PRO J 119 -29.47 24.92 15.50
C PRO J 119 -30.66 23.99 15.47
N VAL J 120 -31.12 23.65 14.26
CA VAL J 120 -32.16 22.65 13.97
C VAL J 120 -33.57 23.18 14.25
N ASP J 121 -34.35 23.32 13.18
CA ASP J 121 -35.76 23.73 13.27
C ASP J 121 -36.66 22.58 13.73
N PRO J 122 -37.93 22.88 14.22
CA PRO J 122 -38.81 21.86 14.83
C PRO J 122 -38.20 20.58 15.40
N ASP J 123 -36.98 20.69 15.89
CA ASP J 123 -36.47 19.84 16.97
C ASP J 123 -35.97 20.88 17.96
N THR J 124 -36.27 20.67 19.25
CA THR J 124 -35.88 21.63 20.27
C THR J 124 -34.44 22.10 20.02
N ASP J 125 -34.25 23.42 20.13
CA ASP J 125 -33.13 24.08 19.45
C ASP J 125 -31.84 23.62 20.12
N GLY J 126 -31.38 22.45 19.69
CA GLY J 126 -30.16 21.87 20.20
C GLY J 126 -29.24 21.47 19.06
N PRO J 127 -28.28 20.60 19.37
CA PRO J 127 -27.29 20.21 18.37
C PRO J 127 -27.87 19.45 17.20
N LEU J 128 -27.16 19.50 16.07
CA LEU J 128 -27.52 18.69 14.91
C LEU J 128 -27.35 17.21 15.24
N LEU J 129 -28.31 16.39 14.83
CA LEU J 129 -28.13 14.95 14.94
C LEU J 129 -27.03 14.51 13.98
N PHE J 130 -26.29 13.47 14.36
CA PHE J 130 -25.14 13.05 13.58
C PHE J 130 -25.23 11.61 13.09
N PHE J 131 -25.56 10.63 13.96
CA PHE J 131 -25.71 9.27 13.47
C PHE J 131 -27.11 8.68 13.64
N ARG J 132 -27.59 8.56 14.89
CA ARG J 132 -28.86 7.91 15.21
C ARG J 132 -28.96 6.53 14.55
N GLY J 133 -28.11 5.61 15.02
CA GLY J 133 -28.12 4.27 14.49
C GLY J 133 -28.03 3.22 15.57
N ARG J 134 -27.87 1.97 15.14
CA ARG J 134 -27.78 0.81 16.00
C ARG J 134 -26.32 0.36 16.13
N ILE J 135 -26.06 -0.41 17.19
CA ILE J 135 -24.67 -0.74 17.57
C ILE J 135 -24.43 -2.19 17.14
N THR J 136 -23.52 -2.35 16.19
CA THR J 136 -23.00 -3.67 15.81
C THR J 136 -21.48 -3.59 15.73
N GLY J 137 -20.84 -3.75 16.87
CA GLY J 137 -19.46 -3.31 17.03
C GLY J 137 -18.48 -4.35 17.50
N GLY J 138 -17.21 -4.08 17.22
CA GLY J 138 -16.12 -4.95 17.61
C GLY J 138 -15.64 -4.66 19.01
N GLY J 139 -14.32 -4.74 19.21
CA GLY J 139 -13.82 -4.62 20.57
C GLY J 139 -12.37 -4.20 20.63
N ILE J 140 -11.70 -4.74 21.65
CA ILE J 140 -10.42 -4.20 22.09
C ILE J 140 -9.35 -4.41 21.02
N LYS J 141 -8.34 -3.54 21.04
CA LYS J 141 -7.04 -3.81 20.44
C LYS J 141 -5.96 -3.37 21.42
N ASP J 142 -5.32 -4.34 22.07
CA ASP J 142 -4.27 -4.07 23.03
C ASP J 142 -2.92 -4.32 22.37
N ASN J 143 -1.91 -3.53 22.76
CA ASN J 143 -0.60 -3.66 22.15
C ASN J 143 0.52 -3.95 23.14
N VAL J 144 0.46 -3.40 24.36
CA VAL J 144 1.41 -3.60 25.45
C VAL J 144 2.82 -3.91 24.95
N ASN J 145 3.38 -3.01 24.15
CA ASN J 145 4.74 -3.20 23.67
C ASN J 145 5.72 -3.25 24.85
N THR J 146 6.73 -4.12 24.70
CA THR J 146 7.74 -4.23 25.75
C THR J 146 8.75 -3.09 25.67
N SER J 147 8.71 -2.31 24.58
CA SER J 147 9.64 -1.20 24.44
C SER J 147 9.17 0.01 25.23
N GLY J 148 7.88 0.31 25.17
CA GLY J 148 7.36 1.54 25.76
C GLY J 148 5.85 1.67 25.64
N ILE J 149 5.39 2.84 25.21
CA ILE J 149 3.96 3.10 25.09
C ILE J 149 3.29 2.04 24.24
N GLY J 150 2.17 1.52 24.73
CA GLY J 150 1.28 0.72 23.91
C GLY J 150 -0.08 1.36 23.93
N THR J 151 -0.89 1.04 22.94
CA THR J 151 -2.20 1.63 22.83
C THR J 151 -3.27 0.62 23.23
N SER J 152 -4.48 1.10 23.49
CA SER J 152 -5.62 0.25 23.77
C SER J 152 -6.88 1.05 23.50
N VAL J 153 -7.59 0.70 22.44
CA VAL J 153 -8.74 1.47 22.00
C VAL J 153 -9.93 0.52 21.84
N ILE J 154 -11.07 0.93 22.37
CA ILE J 154 -12.33 0.22 22.17
C ILE J 154 -12.98 0.81 20.94
N THR J 155 -13.24 -0.03 19.94
CA THR J 155 -13.77 0.43 18.65
C THR J 155 -15.20 -0.10 18.52
N TRP J 156 -16.15 0.63 19.07
CA TRP J 156 -17.54 0.27 18.84
C TRP J 156 -17.93 0.61 17.41
N ASN J 157 -18.14 -0.41 16.60
CA ASN J 157 -18.71 -0.22 15.28
C ASN J 157 -20.21 -0.04 15.43
N CYS J 158 -20.81 0.75 14.55
CA CYS J 158 -22.24 0.99 14.59
C CYS J 158 -22.68 1.40 13.20
N SER J 159 -23.88 0.94 12.82
CA SER J 159 -24.27 1.01 11.42
C SER J 159 -25.75 1.35 11.35
N ASN J 160 -26.21 1.53 10.11
CA ASN J 160 -27.60 1.80 9.82
C ASN J 160 -28.47 0.64 10.29
N GLN J 161 -29.80 0.87 10.27
CA GLN J 161 -30.73 -0.19 10.64
C GLN J 161 -30.60 -1.39 9.71
N PHE J 162 -30.15 -1.17 8.48
CA PHE J 162 -29.95 -2.26 7.54
C PHE J 162 -28.60 -2.92 7.72
N TYR J 163 -28.27 -3.29 8.96
CA TYR J 163 -27.14 -4.18 9.16
C TYR J 163 -27.60 -5.61 8.94
N ASP J 164 -26.64 -6.53 8.86
CA ASP J 164 -26.93 -7.91 8.50
C ASP J 164 -27.68 -7.92 7.18
N PHE J 165 -27.01 -7.49 6.11
CA PHE J 165 -27.69 -7.21 4.85
C PHE J 165 -28.31 -8.45 4.23
N ASP J 166 -28.17 -9.62 4.84
CA ASP J 166 -28.82 -10.82 4.34
C ASP J 166 -29.97 -11.23 5.24
N ARG J 167 -30.48 -10.29 6.03
CA ARG J 167 -31.68 -10.56 6.82
C ARG J 167 -32.87 -10.74 5.89
N VAL J 168 -33.70 -11.74 6.21
CA VAL J 168 -34.72 -12.23 5.30
C VAL J 168 -36.12 -12.14 5.91
N ASN J 169 -36.38 -11.11 6.72
CA ASN J 169 -37.65 -10.99 7.44
C ASN J 169 -38.86 -11.27 6.54
N GLY J 170 -39.54 -12.36 6.84
CA GLY J 170 -40.74 -12.78 6.12
C GLY J 170 -41.41 -13.87 6.92
N ARG J 171 -42.73 -13.95 6.79
CA ARG J 171 -43.53 -14.71 7.73
C ARG J 171 -43.63 -16.20 7.38
N TYR J 172 -43.19 -16.61 6.19
CA TYR J 172 -43.32 -17.99 5.75
C TYR J 172 -44.78 -18.45 5.80
N THR J 173 -45.02 -19.74 5.58
CA THR J 173 -46.37 -20.30 5.61
C THR J 173 -46.35 -21.62 6.37
N ASP J 174 -45.65 -21.63 7.50
CA ASP J 174 -45.64 -22.79 8.37
C ASP J 174 -46.15 -22.37 9.74
N ASP J 175 -46.84 -23.30 10.41
CA ASP J 175 -47.38 -22.99 11.74
C ASP J 175 -46.27 -22.61 12.69
N ALA J 176 -45.16 -23.34 12.66
CA ALA J 176 -44.05 -23.06 13.56
C ALA J 176 -43.45 -21.68 13.29
N SER J 177 -43.34 -21.30 12.02
CA SER J 177 -42.84 -19.99 11.65
C SER J 177 -43.89 -18.90 11.79
N HIS J 178 -45.16 -19.25 11.94
CA HIS J 178 -46.23 -18.26 12.09
C HIS J 178 -46.54 -17.91 13.53
N ARG J 179 -46.51 -18.89 14.44
CA ARG J 179 -46.76 -18.54 15.84
C ARG J 179 -45.56 -18.81 16.73
N GLY J 180 -44.39 -19.11 16.16
CA GLY J 180 -43.19 -19.24 16.96
C GLY J 180 -43.24 -20.33 18.01
N LEU J 181 -43.26 -21.60 17.58
CA LEU J 181 -43.26 -22.69 18.53
C LEU J 181 -41.92 -22.76 19.26
N GLU J 182 -41.98 -23.08 20.55
CA GLU J 182 -40.77 -23.25 21.34
C GLU J 182 -40.76 -24.66 21.93
N VAL J 183 -39.68 -25.03 22.62
CA VAL J 183 -39.58 -26.38 23.16
C VAL J 183 -39.41 -26.24 24.68
N VAL J 184 -40.04 -25.21 25.25
CA VAL J 184 -39.96 -25.02 26.69
C VAL J 184 -40.71 -26.14 27.41
N ASN J 185 -40.56 -26.16 28.73
CA ASN J 185 -41.00 -27.25 29.61
C ASN J 185 -40.51 -28.60 29.11
N GLY J 186 -41.19 -29.67 29.49
CA GLY J 186 -40.68 -31.00 29.18
C GLY J 186 -40.73 -31.33 27.70
N THR J 187 -41.95 -31.54 27.18
CA THR J 187 -42.07 -32.05 25.82
C THR J 187 -43.20 -31.40 25.01
N LEU J 188 -43.78 -30.30 25.45
CA LEU J 188 -44.87 -29.67 24.73
C LEU J 188 -44.37 -28.37 24.12
N GLN J 189 -45.05 -27.89 23.09
CA GLN J 189 -44.61 -26.68 22.41
C GLN J 189 -45.60 -25.53 22.64
N PRO J 190 -45.46 -24.75 23.70
CA PRO J 190 -46.21 -23.50 23.77
C PRO J 190 -45.89 -22.54 22.64
N SER J 191 -46.55 -21.39 22.63
CA SER J 191 -46.45 -20.40 21.56
C SER J 191 -45.89 -19.11 22.13
N ASN J 192 -44.57 -18.94 22.05
CA ASN J 192 -43.90 -17.80 22.63
C ASN J 192 -42.95 -17.16 21.62
N GLY J 193 -42.75 -15.86 21.77
CA GLY J 193 -41.72 -15.14 21.03
C GLY J 193 -41.89 -15.07 19.52
N ALA J 194 -43.08 -14.70 19.06
CA ALA J 194 -43.33 -14.48 17.65
C ALA J 194 -43.88 -13.08 17.45
N LYS J 195 -43.88 -12.62 16.20
CA LYS J 195 -44.38 -11.29 15.89
C LYS J 195 -45.83 -11.16 16.34
N ARG J 196 -46.08 -10.31 17.36
CA ARG J 196 -47.34 -10.00 18.03
C ARG J 196 -48.04 -11.24 18.57
N PRO J 197 -48.52 -11.19 19.81
CA PRO J 197 -49.12 -12.40 20.43
C PRO J 197 -50.35 -12.91 19.71
N GLU J 198 -51.03 -12.03 18.98
CA GLU J 198 -52.12 -12.46 18.12
C GLU J 198 -51.70 -13.59 17.20
N TYR J 199 -50.50 -13.54 16.63
CA TYR J 199 -49.97 -14.68 15.89
C TYR J 199 -49.73 -15.87 16.81
N GLN J 200 -49.23 -15.64 18.02
CA GLN J 200 -48.97 -16.74 18.95
C GLN J 200 -50.23 -17.58 19.13
N GLU J 201 -51.39 -16.93 19.16
CA GLU J 201 -52.63 -17.70 19.22
C GLU J 201 -53.21 -17.97 17.83
N ASP J 202 -52.60 -17.45 16.77
CA ASP J 202 -53.13 -17.62 15.42
C ASP J 202 -52.90 -19.03 14.91
N TYR J 203 -53.68 -19.99 15.39
CA TYR J 203 -53.54 -21.39 15.02
C TYR J 203 -54.12 -21.67 13.64
N GLY J 204 -53.60 -21.03 12.61
CA GLY J 204 -54.22 -21.16 11.30
C GLY J 204 -53.35 -21.67 10.18
N PHE J 205 -52.10 -22.00 10.47
CA PHE J 205 -51.20 -22.52 9.45
C PHE J 205 -50.85 -23.97 9.74
N PHE J 206 -51.62 -24.60 10.65
CA PHE J 206 -51.27 -25.93 11.13
C PHE J 206 -51.27 -26.97 10.02
N HIS J 207 -52.23 -26.92 9.10
CA HIS J 207 -52.27 -27.83 7.97
C HIS J 207 -51.76 -27.09 6.74
N SER J 208 -50.44 -27.03 6.59
CA SER J 208 -49.84 -26.39 5.44
C SER J 208 -48.72 -27.26 4.87
N ASN J 209 -48.17 -28.14 5.71
CA ASN J 209 -47.15 -29.06 5.23
C ASN J 209 -47.74 -30.09 4.28
N LYS J 210 -48.94 -30.58 4.58
CA LYS J 210 -49.55 -31.68 3.85
C LYS J 210 -50.53 -31.24 2.77
N SER J 211 -50.80 -29.94 2.64
CA SER J 211 -51.80 -29.49 1.68
C SER J 211 -51.31 -29.64 0.24
N THR J 212 -50.02 -29.42 0.01
CA THR J 212 -49.49 -29.44 -1.35
C THR J 212 -49.69 -30.82 -1.98
N THR J 213 -49.46 -31.89 -1.23
CA THR J 213 -49.69 -33.22 -1.76
C THR J 213 -51.18 -33.46 -2.01
N ILE J 214 -52.04 -32.99 -1.10
CA ILE J 214 -53.47 -33.18 -1.29
C ILE J 214 -53.94 -32.52 -2.58
N LEU J 215 -53.40 -31.34 -2.90
CA LEU J 215 -53.67 -30.77 -4.22
C LEU J 215 -53.02 -31.56 -5.34
N ALA J 216 -51.81 -32.09 -5.13
CA ALA J 216 -51.16 -32.85 -6.19
C ALA J 216 -51.96 -34.10 -6.55
N LYS J 217 -52.80 -34.58 -5.63
CA LYS J 217 -53.73 -35.64 -5.99
C LYS J 217 -54.66 -35.19 -7.11
N TYR J 218 -55.27 -34.01 -6.94
CA TYR J 218 -56.25 -33.50 -7.88
C TYR J 218 -55.63 -32.50 -8.86
N GLN J 219 -54.59 -32.90 -9.59
CA GLN J 219 -53.86 -31.91 -10.37
C GLN J 219 -53.14 -32.58 -11.54
N VAL J 220 -52.81 -31.75 -12.53
CA VAL J 220 -52.16 -32.19 -13.77
C VAL J 220 -50.76 -32.71 -13.43
N LYS J 221 -50.24 -33.62 -14.26
CA LYS J 221 -48.91 -34.17 -14.02
C LYS J 221 -47.84 -33.09 -14.04
N GLU J 222 -47.93 -32.15 -14.98
CA GLU J 222 -46.89 -31.13 -15.11
C GLU J 222 -46.90 -30.17 -13.93
N GLU J 223 -48.08 -29.66 -13.56
CA GLU J 223 -48.15 -28.68 -12.49
C GLU J 223 -48.33 -29.34 -11.13
N ARG J 224 -47.47 -30.30 -10.81
CA ARG J 224 -47.47 -30.95 -9.51
C ARG J 224 -46.36 -30.35 -8.67
N TYR J 225 -46.72 -29.83 -7.50
CA TYR J 225 -45.80 -29.13 -6.60
C TYR J 225 -45.12 -27.97 -7.33
N LYS J 226 -45.93 -27.23 -8.09
CA LYS J 226 -45.38 -26.19 -8.96
C LYS J 226 -46.20 -24.91 -8.92
N LEU J 227 -45.68 -23.86 -8.30
CA LEU J 227 -46.29 -22.55 -8.41
C LEU J 227 -45.54 -21.70 -9.43
N GLN J 228 -46.18 -20.61 -9.83
CA GLN J 228 -45.48 -19.58 -10.59
C GLN J 228 -44.54 -18.84 -9.65
N SER J 229 -43.58 -18.10 -10.21
CA SER J 229 -42.66 -17.31 -9.40
C SER J 229 -43.39 -16.07 -8.91
N LYS J 230 -43.33 -15.85 -7.60
CA LYS J 230 -44.10 -14.77 -6.97
C LYS J 230 -43.62 -13.40 -7.39
N LYS J 231 -42.40 -13.29 -7.90
CA LYS J 231 -41.89 -12.03 -8.44
C LYS J 231 -41.17 -12.35 -9.74
N LYS J 232 -41.71 -11.84 -10.84
CA LYS J 232 -41.12 -12.07 -12.16
C LYS J 232 -40.51 -10.77 -12.66
N LEU J 233 -39.40 -10.91 -13.40
CA LEU J 233 -38.74 -9.78 -14.05
C LEU J 233 -38.30 -8.74 -13.03
N PHE J 234 -37.35 -9.13 -12.18
CA PHE J 234 -36.81 -8.20 -11.19
C PHE J 234 -35.94 -7.15 -11.87
N GLY J 235 -35.68 -6.07 -11.14
CA GLY J 235 -34.98 -4.92 -11.71
C GLY J 235 -33.57 -5.17 -12.15
N LEU J 236 -33.26 -4.89 -13.41
CA LEU J 236 -31.89 -4.93 -13.89
C LEU J 236 -31.10 -3.82 -13.22
N SER J 237 -29.88 -4.15 -12.77
CA SER J 237 -29.11 -3.19 -11.99
C SER J 237 -27.64 -3.16 -12.37
N ARG J 238 -27.30 -3.57 -13.61
CA ARG J 238 -25.96 -3.66 -14.17
C ARG J 238 -25.14 -4.76 -13.48
N SER J 239 -25.66 -5.40 -12.44
CA SER J 239 -25.00 -6.59 -11.91
C SER J 239 -25.16 -7.77 -12.87
N TYR J 240 -26.18 -7.72 -13.71
CA TYR J 240 -26.48 -8.77 -14.68
C TYR J 240 -26.10 -8.34 -16.08
N SER J 241 -26.04 -9.32 -16.97
CA SER J 241 -26.01 -9.11 -18.41
C SER J 241 -27.32 -9.64 -18.99
N LEU J 242 -27.72 -9.07 -20.13
CA LEU J 242 -29.08 -9.30 -20.63
C LEU J 242 -29.38 -10.79 -20.76
N LYS J 243 -28.49 -11.56 -21.37
CA LYS J 243 -28.76 -12.98 -21.52
C LYS J 243 -28.91 -13.65 -20.17
N LYS J 244 -27.93 -13.46 -19.29
CA LYS J 244 -28.01 -14.06 -17.95
C LYS J 244 -29.21 -13.53 -17.18
N TYR J 245 -29.47 -12.23 -17.27
CA TYR J 245 -30.56 -11.63 -16.52
C TYR J 245 -31.90 -12.24 -16.94
N TYR J 246 -32.12 -12.40 -18.24
CA TYR J 246 -33.39 -12.94 -18.68
C TYR J 246 -33.45 -14.45 -18.51
N GLU J 247 -32.29 -15.11 -18.41
CA GLU J 247 -32.30 -16.53 -18.05
C GLU J 247 -32.72 -16.72 -16.60
N THR J 248 -32.27 -15.84 -15.71
CA THR J 248 -32.61 -16.00 -14.30
C THR J 248 -34.11 -15.87 -14.06
N VAL J 249 -34.79 -15.07 -14.87
CA VAL J 249 -36.24 -14.91 -14.75
C VAL J 249 -36.92 -16.22 -15.08
N THR J 250 -37.62 -16.80 -14.11
CA THR J 250 -38.32 -18.07 -14.28
C THR J 250 -39.80 -17.87 -14.03
N LYS J 251 -40.62 -18.43 -14.92
CA LYS J 251 -42.07 -18.28 -14.78
C LYS J 251 -42.66 -19.18 -13.70
N GLU J 252 -42.06 -20.35 -13.45
CA GLU J 252 -42.60 -21.28 -12.46
C GLU J 252 -41.49 -21.64 -11.48
N VAL J 253 -41.90 -21.93 -10.24
CA VAL J 253 -40.95 -22.34 -9.21
C VAL J 253 -41.37 -23.71 -8.70
N ASP J 254 -40.38 -24.54 -8.35
CA ASP J 254 -40.67 -25.90 -7.93
C ASP J 254 -40.87 -25.91 -6.41
N LEU J 255 -42.13 -25.91 -5.97
CA LEU J 255 -42.45 -25.83 -4.56
C LEU J 255 -41.87 -26.99 -3.76
N ASP J 256 -41.62 -28.13 -4.39
CA ASP J 256 -41.18 -29.31 -3.66
C ASP J 256 -39.88 -29.05 -2.90
N PHE J 257 -38.87 -28.53 -3.60
CA PHE J 257 -37.56 -28.33 -3.00
C PHE J 257 -37.28 -26.89 -2.62
N ASN J 258 -37.93 -25.93 -3.30
CA ASN J 258 -37.69 -24.52 -3.06
C ASN J 258 -38.67 -24.05 -1.98
N LEU J 259 -38.20 -23.96 -0.75
CA LEU J 259 -39.01 -23.44 0.34
C LEU J 259 -39.14 -21.92 0.31
N ALA J 260 -38.28 -21.22 -0.43
CA ALA J 260 -38.42 -19.78 -0.51
C ALA J 260 -39.70 -19.37 -1.21
N ALA J 261 -40.34 -20.30 -1.92
CA ALA J 261 -41.61 -20.00 -2.56
C ALA J 261 -42.73 -19.85 -1.54
N LYS J 262 -42.53 -20.38 -0.33
CA LYS J 262 -43.62 -20.37 0.64
C LYS J 262 -43.74 -19.02 1.34
N PHE J 263 -42.74 -18.16 1.23
CA PHE J 263 -42.79 -16.86 1.88
C PHE J 263 -43.93 -16.01 1.31
N ILE J 264 -44.66 -15.34 2.19
CA ILE J 264 -45.82 -14.54 1.80
C ILE J 264 -45.36 -13.24 1.16
N PRO J 265 -45.79 -12.93 -0.06
CA PRO J 265 -45.38 -11.68 -0.70
C PRO J 265 -46.03 -10.47 -0.05
N VAL J 266 -45.50 -9.31 -0.39
CA VAL J 266 -46.12 -8.03 -0.10
C VAL J 266 -46.40 -7.35 -1.43
N VAL J 267 -47.65 -6.96 -1.66
CA VAL J 267 -48.06 -6.39 -2.93
C VAL J 267 -48.60 -4.99 -2.68
N TYR J 268 -48.11 -4.03 -3.45
CA TYR J 268 -48.63 -2.67 -3.44
C TYR J 268 -49.18 -2.36 -4.83
N GLY J 269 -50.30 -1.66 -4.88
CA GLY J 269 -50.98 -1.44 -6.14
C GLY J 269 -51.62 -2.70 -6.66
N VAL J 270 -51.86 -2.72 -7.97
CA VAL J 270 -52.51 -3.83 -8.63
C VAL J 270 -51.44 -4.64 -9.34
N GLN J 271 -51.36 -5.94 -9.04
CA GLN J 271 -50.39 -6.82 -9.66
C GLN J 271 -50.83 -8.26 -9.48
N LYS J 272 -50.42 -9.11 -10.43
CA LYS J 272 -50.75 -10.54 -10.43
C LYS J 272 -49.72 -11.30 -9.61
N ILE J 273 -50.20 -12.07 -8.64
CA ILE J 273 -49.33 -12.93 -7.84
C ILE J 273 -49.93 -14.34 -7.78
N PRO J 274 -49.11 -15.38 -7.69
CA PRO J 274 -49.63 -16.73 -7.51
C PRO J 274 -50.06 -16.97 -6.06
N GLY J 275 -50.84 -18.02 -5.88
CA GLY J 275 -51.39 -18.37 -4.58
C GLY J 275 -50.71 -19.60 -4.01
N ILE J 276 -50.27 -19.50 -2.76
CA ILE J 276 -49.66 -20.60 -2.05
C ILE J 276 -50.75 -21.51 -1.49
N PRO J 277 -50.71 -22.80 -1.78
CA PRO J 277 -51.78 -23.69 -1.30
C PRO J 277 -51.66 -24.02 0.17
N ILE J 278 -52.19 -23.15 1.04
CA ILE J 278 -52.12 -23.36 2.47
C ILE J 278 -52.88 -24.61 2.91
N PHE J 279 -54.12 -24.79 2.46
CA PHE J 279 -54.99 -25.82 3.01
C PHE J 279 -55.70 -26.51 1.85
N ALA J 280 -56.05 -27.79 2.04
CA ALA J 280 -56.66 -28.58 0.98
C ALA J 280 -57.35 -29.79 1.57
N ASP J 281 -58.63 -29.98 1.23
CA ASP J 281 -59.34 -31.20 1.58
C ASP J 281 -60.65 -31.24 0.79
N THR J 282 -61.31 -32.39 0.83
CA THR J 282 -62.55 -32.62 0.10
C THR J 282 -63.66 -33.00 1.08
N GLU J 283 -64.88 -32.58 0.78
CA GLU J 283 -66.02 -32.85 1.65
C GLU J 283 -66.33 -34.34 1.72
N LEU J 284 -66.82 -34.78 2.86
CA LEU J 284 -67.29 -36.15 3.01
C LEU J 284 -68.61 -36.37 2.29
N ASN J 285 -68.89 -37.63 1.97
CA ASN J 285 -70.17 -38.06 1.42
C ASN J 285 -70.40 -37.47 0.02
N ASN J 286 -69.42 -36.68 -0.44
CA ASN J 286 -69.46 -36.06 -1.76
C ASN J 286 -68.05 -35.62 -2.13
N PRO J 287 -67.12 -36.54 -2.31
CA PRO J 287 -65.69 -36.17 -2.41
C PRO J 287 -65.27 -35.72 -3.80
N ASN J 288 -66.03 -34.78 -4.37
CA ASN J 288 -65.61 -34.09 -5.58
C ASN J 288 -65.37 -32.62 -5.29
N ILE J 289 -66.13 -32.01 -4.37
CA ILE J 289 -65.89 -30.65 -3.93
C ILE J 289 -64.53 -30.60 -3.22
N VAL J 290 -63.70 -29.63 -3.59
CA VAL J 290 -62.38 -29.46 -2.99
C VAL J 290 -62.29 -28.07 -2.40
N TYR J 291 -61.88 -28.00 -1.14
CA TYR J 291 -61.72 -26.74 -0.42
C TYR J 291 -60.25 -26.43 -0.31
N VAL J 292 -59.81 -25.32 -0.91
CA VAL J 292 -58.41 -24.94 -0.95
C VAL J 292 -58.28 -23.53 -0.41
N VAL J 293 -57.42 -23.36 0.60
CA VAL J 293 -57.12 -22.03 1.11
C VAL J 293 -55.80 -21.55 0.51
N TYR J 294 -55.87 -20.40 -0.18
CA TYR J 294 -54.73 -19.88 -0.91
C TYR J 294 -54.29 -18.56 -0.29
N ALA J 295 -53.06 -18.53 0.22
CA ALA J 295 -52.48 -17.32 0.77
C ALA J 295 -51.77 -16.57 -0.34
N PHE J 296 -52.10 -15.29 -0.50
CA PHE J 296 -51.59 -14.48 -1.60
C PHE J 296 -50.66 -13.36 -1.18
N ALA J 297 -51.08 -12.49 -0.28
CA ALA J 297 -50.30 -11.31 0.07
C ALA J 297 -50.41 -11.09 1.58
N GLU J 298 -50.07 -9.88 2.01
CA GLU J 298 -50.01 -9.60 3.43
C GLU J 298 -51.05 -8.56 3.82
N GLY J 299 -51.15 -8.30 5.13
CA GLY J 299 -52.28 -7.69 5.79
C GLY J 299 -53.06 -6.57 5.13
N GLU J 300 -54.39 -6.69 5.18
CA GLU J 300 -55.34 -5.66 4.77
C GLU J 300 -55.15 -5.25 3.31
N ILE J 301 -55.40 -6.17 2.40
CA ILE J 301 -55.44 -5.83 0.98
C ILE J 301 -56.63 -4.91 0.72
N ASP J 302 -56.48 -4.03 -0.27
CA ASP J 302 -57.63 -3.25 -0.74
C ASP J 302 -58.73 -4.20 -1.22
N GLY J 303 -58.35 -5.24 -1.93
CA GLY J 303 -59.30 -6.26 -2.33
C GLY J 303 -58.77 -7.20 -3.40
N PHE J 304 -59.22 -8.44 -3.36
CA PHE J 304 -58.90 -9.36 -4.44
C PHE J 304 -59.62 -8.95 -5.71
N LEU J 305 -59.05 -9.34 -6.84
CA LEU J 305 -59.40 -8.77 -8.13
C LEU J 305 -59.13 -9.78 -9.24
N ASP J 306 -60.21 -10.29 -9.85
CA ASP J 306 -60.12 -11.09 -11.07
C ASP J 306 -59.23 -12.33 -10.87
N PHE J 307 -59.72 -13.26 -10.06
CA PHE J 307 -59.00 -14.50 -9.84
C PHE J 307 -58.66 -15.18 -11.16
N TYR J 308 -57.63 -16.01 -11.13
CA TYR J 308 -57.26 -16.81 -12.28
C TYR J 308 -57.55 -18.28 -11.99
N ILE J 309 -58.45 -18.86 -12.78
CA ILE J 309 -58.79 -20.27 -12.69
C ILE J 309 -57.97 -21.12 -13.64
N GLY J 310 -56.82 -20.61 -14.06
CA GLY J 310 -55.96 -21.29 -15.01
C GLY J 310 -55.05 -20.26 -15.65
N ASP J 311 -55.03 -20.24 -16.98
CA ASP J 311 -54.48 -19.11 -17.73
C ASP J 311 -55.59 -18.32 -18.42
N SER J 312 -56.79 -18.57 -17.92
CA SER J 312 -57.95 -17.91 -18.44
C SER J 312 -58.55 -17.23 -17.25
N PRO J 313 -58.48 -15.92 -17.24
CA PRO J 313 -59.11 -15.21 -16.15
C PRO J 313 -60.60 -15.17 -16.23
N MET J 314 -61.27 -14.85 -15.15
CA MET J 314 -62.72 -14.75 -15.07
C MET J 314 -63.29 -13.62 -15.91
N ILE J 315 -62.54 -12.53 -16.06
CA ILE J 315 -63.01 -11.38 -16.83
C ILE J 315 -62.22 -11.30 -18.11
N CYS J 316 -62.89 -11.42 -19.25
CA CYS J 316 -62.26 -11.57 -20.54
C CYS J 316 -61.39 -10.37 -20.92
N PHE J 317 -60.20 -10.65 -21.46
CA PHE J 317 -59.43 -9.63 -22.16
C PHE J 317 -60.05 -9.41 -23.53
N ASP J 318 -60.70 -8.25 -23.71
CA ASP J 318 -61.25 -7.86 -25.00
C ASP J 318 -62.40 -8.73 -25.48
N GLU J 319 -63.03 -8.30 -26.56
CA GLU J 319 -63.99 -9.13 -27.27
C GLU J 319 -63.36 -10.42 -27.78
N THR J 320 -62.04 -10.46 -27.92
CA THR J 320 -61.38 -11.71 -28.30
C THR J 320 -61.57 -12.79 -27.25
N ASP J 321 -61.25 -12.49 -25.99
CA ASP J 321 -61.51 -13.46 -24.93
C ASP J 321 -63.00 -13.61 -24.67
N SER J 322 -63.78 -12.56 -24.95
CA SER J 322 -65.23 -12.71 -24.84
C SER J 322 -65.75 -13.77 -25.80
N ASP J 323 -65.16 -13.84 -27.00
CA ASP J 323 -65.62 -14.81 -27.99
C ASP J 323 -65.16 -16.22 -27.65
N THR J 324 -63.91 -16.37 -27.20
CA THR J 324 -63.33 -17.70 -26.97
C THR J 324 -64.11 -18.46 -25.90
N ARG J 325 -64.08 -17.97 -24.67
CA ARG J 325 -64.76 -18.65 -23.57
C ARG J 325 -65.90 -17.78 -23.06
N THR J 326 -66.57 -18.23 -22.00
CA THR J 326 -67.68 -17.49 -21.41
C THR J 326 -67.16 -16.68 -20.23
N CYS J 327 -66.97 -15.38 -20.45
CA CYS J 327 -66.61 -14.45 -19.39
C CYS J 327 -67.66 -13.36 -19.31
N PHE J 328 -67.86 -12.87 -18.09
CA PHE J 328 -69.01 -12.03 -17.80
C PHE J 328 -68.73 -10.56 -18.03
N GLY J 329 -67.60 -10.06 -17.53
CA GLY J 329 -67.26 -8.67 -17.66
C GLY J 329 -66.14 -8.46 -18.67
N ARG J 330 -65.96 -7.20 -19.04
CA ARG J 330 -64.87 -6.82 -19.91
C ARG J 330 -63.73 -6.20 -19.11
N LYS J 331 -62.59 -6.05 -19.76
CA LYS J 331 -61.39 -5.51 -19.12
C LYS J 331 -60.78 -4.31 -19.81
N LYS J 332 -60.70 -4.31 -21.13
CA LYS J 332 -60.21 -3.15 -21.88
C LYS J 332 -61.35 -2.16 -22.10
N ILE J 333 -61.35 -1.12 -21.25
CA ILE J 333 -62.40 -0.10 -21.13
C ILE J 333 -63.43 -0.69 -20.20
N VAL J 334 -63.75 0.04 -19.12
CA VAL J 334 -64.51 -0.45 -17.97
C VAL J 334 -63.58 -1.36 -17.17
N GLY J 335 -63.74 -1.37 -15.85
CA GLY J 335 -62.82 -2.08 -14.99
C GLY J 335 -63.47 -3.21 -14.22
N ASP J 336 -64.29 -3.99 -14.91
CA ASP J 336 -65.03 -5.08 -14.26
C ASP J 336 -64.12 -6.02 -13.49
N THR J 337 -64.40 -6.20 -12.20
CA THR J 337 -63.65 -7.09 -11.35
C THR J 337 -64.57 -8.15 -10.78
N MET J 338 -64.09 -8.91 -9.80
CA MET J 338 -64.91 -9.94 -9.15
C MET J 338 -66.19 -9.37 -8.54
N HIS J 339 -66.21 -8.09 -8.16
CA HIS J 339 -67.45 -7.52 -7.64
C HIS J 339 -68.54 -7.50 -8.71
N ARG J 340 -68.15 -7.38 -9.98
CA ARG J 340 -69.12 -7.53 -11.06
C ARG J 340 -69.70 -8.95 -11.06
N LEU J 341 -68.84 -9.94 -10.80
CA LEU J 341 -69.29 -11.32 -10.68
C LEU J 341 -70.29 -11.47 -9.53
N ALA J 342 -69.98 -10.87 -8.38
CA ALA J 342 -70.84 -11.03 -7.21
C ALA J 342 -72.18 -10.33 -7.40
N ALA J 343 -72.16 -9.10 -7.89
CA ALA J 343 -73.40 -8.34 -7.99
C ALA J 343 -74.16 -8.67 -9.27
N GLY J 344 -73.47 -8.76 -10.39
CA GLY J 344 -74.10 -8.96 -11.69
C GLY J 344 -74.18 -7.70 -12.53
N THR J 345 -73.92 -6.53 -11.94
CA THR J 345 -73.88 -5.27 -12.66
C THR J 345 -72.42 -4.83 -12.81
N SER J 346 -72.10 -4.25 -13.97
CA SER J 346 -70.73 -3.83 -14.24
C SER J 346 -70.25 -2.85 -13.17
N THR J 347 -69.22 -3.26 -12.44
CA THR J 347 -68.65 -2.47 -11.35
C THR J 347 -67.15 -2.44 -11.49
N SER J 348 -66.53 -1.46 -10.82
CA SER J 348 -65.07 -1.37 -10.75
C SER J 348 -64.74 -1.16 -9.27
N GLN J 349 -64.59 -2.28 -8.56
CA GLN J 349 -64.47 -2.25 -7.12
C GLN J 349 -63.76 -3.52 -6.67
N PRO J 350 -62.87 -3.42 -5.70
CA PRO J 350 -62.19 -4.63 -5.21
C PRO J 350 -63.13 -5.53 -4.44
N SER J 351 -62.64 -6.72 -4.06
CA SER J 351 -63.48 -7.64 -3.29
C SER J 351 -63.82 -7.04 -1.93
N VAL J 352 -65.10 -7.03 -1.60
CA VAL J 352 -65.55 -6.51 -0.30
C VAL J 352 -65.58 -7.69 0.66
N HIS J 353 -64.41 -8.02 1.18
CA HIS J 353 -64.19 -9.06 2.21
C HIS J 353 -64.92 -10.34 1.82
N GLY J 354 -65.61 -10.95 2.78
CA GLY J 354 -66.05 -12.32 2.66
C GLY J 354 -67.16 -12.68 1.70
N GLN J 355 -67.52 -11.81 0.75
CA GLN J 355 -68.54 -12.23 -0.20
C GLN J 355 -68.24 -11.81 -1.63
N GLU J 356 -67.56 -12.71 -2.36
CA GLU J 356 -67.29 -12.57 -3.79
C GLU J 356 -67.51 -13.93 -4.47
N TYR J 357 -68.73 -14.44 -4.36
CA TYR J 357 -69.06 -15.85 -4.50
C TYR J 357 -68.98 -16.35 -5.94
N LYS J 358 -69.62 -17.50 -6.16
CA LYS J 358 -69.45 -18.40 -7.31
C LYS J 358 -69.14 -17.76 -8.65
N TYR J 359 -68.11 -18.29 -9.31
CA TYR J 359 -67.83 -18.05 -10.71
C TYR J 359 -68.22 -19.29 -11.50
N ASN J 360 -69.15 -19.14 -12.43
CA ASN J 360 -69.75 -20.29 -13.06
C ASN J 360 -69.71 -20.24 -14.58
N ASP J 361 -68.63 -20.72 -15.17
CA ASP J 361 -68.66 -21.09 -16.58
C ASP J 361 -69.02 -22.57 -16.67
N GLY J 362 -69.65 -22.97 -17.77
CA GLY J 362 -70.09 -24.34 -17.88
C GLY J 362 -68.95 -25.33 -17.82
N ASN J 363 -68.80 -25.97 -16.66
CA ASN J 363 -67.73 -26.89 -16.28
C ASN J 363 -67.95 -27.31 -14.83
N GLY J 364 -67.84 -26.36 -13.91
CA GLY J 364 -68.06 -26.62 -12.50
C GLY J 364 -68.35 -25.33 -11.78
N ASP J 365 -68.90 -25.46 -10.59
CA ASP J 365 -69.27 -24.32 -9.75
C ASP J 365 -68.06 -23.97 -8.89
N ILE J 366 -67.44 -22.84 -9.19
CA ILE J 366 -66.24 -22.37 -8.49
C ILE J 366 -66.65 -21.30 -7.51
N ARG J 367 -66.84 -21.69 -6.24
CA ARG J 367 -67.16 -20.75 -5.17
C ARG J 367 -65.86 -20.33 -4.52
N ILE J 368 -65.55 -19.03 -4.60
CA ILE J 368 -64.32 -18.49 -4.05
C ILE J 368 -64.64 -17.56 -2.90
N TRP J 369 -64.11 -17.88 -1.73
CA TRP J 369 -64.29 -17.10 -0.51
C TRP J 369 -63.05 -16.25 -0.32
N THR J 370 -63.17 -14.95 -0.55
CA THR J 370 -62.02 -14.05 -0.55
C THR J 370 -61.94 -13.35 0.80
N PHE J 371 -60.76 -13.39 1.40
CA PHE J 371 -60.52 -12.71 2.66
C PHE J 371 -59.22 -11.91 2.59
N HIS J 372 -59.27 -10.70 3.14
CA HIS J 372 -58.11 -9.83 3.19
C HIS J 372 -57.31 -10.18 4.43
N GLY J 373 -56.32 -9.35 4.76
CA GLY J 373 -55.75 -9.40 6.08
C GLY J 373 -56.46 -8.38 6.95
N LYS J 374 -56.33 -8.49 8.25
CA LYS J 374 -56.92 -7.51 9.15
C LYS J 374 -56.19 -7.55 10.49
N PRO J 375 -56.16 -6.45 11.24
CA PRO J 375 -55.69 -6.51 12.63
C PRO J 375 -56.53 -7.42 13.52
N ASP J 376 -57.78 -7.68 13.15
CA ASP J 376 -58.65 -8.59 13.88
C ASP J 376 -59.67 -9.18 12.91
N GLN J 377 -59.40 -10.39 12.42
CA GLN J 377 -60.32 -11.06 11.52
C GLN J 377 -60.46 -12.51 11.95
N THR J 378 -61.59 -13.10 11.58
CA THR J 378 -61.96 -14.44 12.03
C THR J 378 -62.07 -15.37 10.85
N ALA J 379 -61.85 -16.67 11.09
CA ALA J 379 -61.97 -17.65 10.05
C ALA J 379 -63.41 -17.71 9.53
N ALA J 380 -63.55 -18.11 8.27
CA ALA J 380 -64.85 -18.19 7.64
C ALA J 380 -65.75 -19.18 8.36
N GLN J 381 -67.04 -18.85 8.44
CA GLN J 381 -67.99 -19.79 8.98
C GLN J 381 -68.13 -21.02 8.10
N VAL J 382 -67.65 -20.96 6.86
CA VAL J 382 -67.71 -22.13 5.98
C VAL J 382 -66.86 -23.25 6.55
N LEU J 383 -65.56 -23.01 6.68
CA LEU J 383 -64.64 -24.05 7.15
C LEU J 383 -64.97 -24.46 8.59
N VAL J 384 -65.24 -23.48 9.45
CA VAL J 384 -65.53 -23.79 10.85
C VAL J 384 -66.80 -24.61 10.97
N ASP J 385 -67.85 -24.23 10.24
CA ASP J 385 -69.10 -24.98 10.30
C ASP J 385 -68.94 -26.39 9.75
N ILE J 386 -68.21 -26.53 8.65
CA ILE J 386 -68.05 -27.86 8.05
C ILE J 386 -67.21 -28.76 8.95
N ALA J 387 -66.18 -28.19 9.57
CA ALA J 387 -65.40 -28.97 10.54
C ALA J 387 -66.23 -29.32 11.78
N LYS J 388 -67.14 -28.43 12.18
CA LYS J 388 -68.05 -28.74 13.27
C LYS J 388 -68.96 -29.91 12.91
N LYS J 389 -69.45 -29.92 11.66
CA LYS J 389 -70.20 -31.08 11.19
C LYS J 389 -69.27 -32.27 10.96
N LYS J 390 -67.95 -32.04 11.02
CA LYS J 390 -66.95 -33.06 10.80
C LYS J 390 -67.12 -33.68 9.42
N GLY J 391 -67.24 -32.83 8.41
CA GLY J 391 -67.46 -33.29 7.04
C GLY J 391 -66.28 -33.09 6.12
N PHE J 392 -65.07 -33.28 6.63
CA PHE J 392 -63.86 -33.26 5.81
C PHE J 392 -63.31 -34.67 5.74
N TYR J 393 -62.84 -35.06 4.55
CA TYR J 393 -62.40 -36.44 4.34
C TYR J 393 -61.22 -36.78 5.22
N LEU J 394 -60.17 -35.96 5.19
CA LEU J 394 -58.96 -36.27 5.94
C LEU J 394 -59.19 -36.19 7.44
N GLN J 395 -60.24 -35.49 7.88
CA GLN J 395 -60.59 -35.52 9.30
C GLN J 395 -60.86 -36.95 9.75
N ASN J 396 -61.90 -37.58 9.18
CA ASN J 396 -62.26 -38.92 9.63
C ASN J 396 -61.29 -39.97 9.12
N GLN J 397 -60.47 -39.63 8.12
CA GLN J 397 -59.38 -40.53 7.77
C GLN J 397 -58.33 -40.55 8.88
N ASN J 398 -58.01 -39.38 9.45
CA ASN J 398 -57.06 -39.32 10.55
C ASN J 398 -57.76 -39.47 11.89
N GLY J 399 -58.99 -38.99 11.99
CA GLY J 399 -59.72 -39.04 13.25
C GLY J 399 -59.66 -37.73 14.01
N ASN J 400 -59.89 -36.62 13.31
CA ASN J 400 -59.83 -35.29 13.90
C ASN J 400 -61.24 -34.78 14.16
N GLY J 401 -61.47 -34.30 15.39
CA GLY J 401 -62.74 -33.74 15.75
C GLY J 401 -62.90 -32.32 15.26
N PRO J 402 -63.64 -31.49 16.00
CA PRO J 402 -63.84 -30.09 15.60
C PRO J 402 -62.65 -29.21 15.95
N GLU J 403 -61.45 -29.70 15.63
CA GLU J 403 -60.24 -28.90 15.73
C GLU J 403 -59.45 -28.87 14.44
N TYR J 404 -59.89 -29.57 13.39
CA TYR J 404 -59.23 -29.45 12.10
C TYR J 404 -59.35 -28.03 11.57
N TRP J 405 -60.52 -27.42 11.72
CA TRP J 405 -60.70 -25.98 11.58
C TRP J 405 -61.62 -25.49 12.69
N ASP J 406 -61.28 -24.32 13.23
CA ASP J 406 -61.95 -23.81 14.42
C ASP J 406 -61.82 -22.30 14.41
N SER J 407 -62.60 -21.64 15.28
CA SER J 407 -62.56 -20.18 15.35
C SER J 407 -61.16 -19.66 15.62
N ARG J 408 -60.32 -20.46 16.28
CA ARG J 408 -58.94 -20.05 16.53
C ARG J 408 -58.04 -20.34 15.33
N TYR J 409 -58.58 -20.97 14.29
CA TYR J 409 -57.86 -21.11 13.02
C TYR J 409 -58.05 -19.84 12.19
N LYS J 410 -57.66 -18.72 12.77
CA LYS J 410 -57.70 -17.47 12.04
C LYS J 410 -56.53 -17.42 11.06
N LEU J 411 -56.50 -16.40 10.22
CA LEU J 411 -55.31 -16.06 9.43
C LEU J 411 -55.19 -14.55 9.49
N LEU J 412 -54.50 -14.04 10.52
CA LEU J 412 -54.65 -12.65 10.90
C LEU J 412 -54.12 -11.67 9.87
N ASP J 413 -52.87 -11.82 9.42
CA ASP J 413 -52.35 -10.90 8.42
C ASP J 413 -51.91 -11.70 7.22
N THR J 414 -52.79 -11.81 6.24
CA THR J 414 -52.52 -12.49 4.99
C THR J 414 -53.68 -12.25 4.06
N ALA J 415 -53.54 -12.58 2.78
CA ALA J 415 -54.62 -12.42 1.83
C ALA J 415 -54.98 -13.84 1.40
N TYR J 416 -55.83 -14.49 2.20
CA TYR J 416 -56.15 -15.87 1.92
C TYR J 416 -57.53 -15.96 1.27
N ALA J 417 -57.64 -16.89 0.32
CA ALA J 417 -58.84 -16.98 -0.51
C ALA J 417 -59.29 -18.43 -0.53
N ILE J 418 -60.25 -18.74 0.35
CA ILE J 418 -60.84 -20.08 0.35
C ILE J 418 -61.53 -20.31 -0.98
N VAL J 419 -61.07 -21.32 -1.71
CA VAL J 419 -61.57 -21.60 -3.05
C VAL J 419 -62.21 -22.97 -3.06
N ARG J 420 -63.44 -23.05 -3.56
CA ARG J 420 -64.21 -24.29 -3.62
C ARG J 420 -64.36 -24.67 -5.09
N PHE J 421 -63.94 -25.88 -5.44
CA PHE J 421 -64.16 -26.42 -6.76
C PHE J 421 -65.31 -27.43 -6.75
N THR J 422 -65.79 -27.76 -7.94
CA THR J 422 -66.75 -28.84 -8.13
C THR J 422 -66.24 -29.65 -9.31
N ILE J 423 -65.38 -30.62 -9.03
CA ILE J 423 -64.62 -31.33 -10.06
C ILE J 423 -65.53 -32.39 -10.66
N ASN J 424 -66.23 -32.03 -11.73
CA ASN J 424 -67.11 -32.96 -12.42
C ASN J 424 -66.33 -33.74 -13.47
N GLU J 425 -67.05 -34.44 -14.36
CA GLU J 425 -66.43 -34.99 -15.56
C GLU J 425 -66.15 -33.88 -16.57
N ASN J 426 -66.28 -32.61 -16.18
CA ASN J 426 -66.23 -31.48 -17.09
C ASN J 426 -65.05 -30.57 -16.81
N ARG J 427 -64.50 -30.63 -15.60
CA ARG J 427 -63.26 -29.93 -15.25
C ARG J 427 -62.37 -30.98 -14.60
N THR J 428 -61.53 -31.61 -15.42
CA THR J 428 -60.88 -32.85 -15.01
C THR J 428 -59.91 -32.64 -13.85
N GLU J 429 -59.19 -31.53 -13.85
CA GLU J 429 -58.16 -31.28 -12.84
C GLU J 429 -58.39 -29.93 -12.18
N ILE J 430 -57.91 -29.80 -10.95
CA ILE J 430 -57.87 -28.47 -10.34
C ILE J 430 -56.73 -27.67 -10.97
N PRO J 431 -57.01 -26.52 -11.56
CA PRO J 431 -55.94 -25.77 -12.24
C PRO J 431 -55.00 -25.11 -11.23
N GLU J 432 -54.04 -24.33 -11.73
CA GLU J 432 -53.10 -23.62 -10.87
C GLU J 432 -53.59 -22.18 -10.72
N ILE J 433 -54.14 -21.86 -9.54
CA ILE J 433 -54.82 -20.60 -9.29
C ILE J 433 -53.82 -19.52 -8.91
N SER J 434 -53.86 -18.43 -9.67
CA SER J 434 -53.20 -17.19 -9.28
C SER J 434 -54.27 -16.09 -9.22
N ALA J 435 -53.87 -14.87 -8.89
CA ALA J 435 -54.85 -13.79 -8.80
C ALA J 435 -54.18 -12.42 -8.95
N GLU J 436 -54.98 -11.40 -9.22
CA GLU J 436 -54.50 -10.03 -9.23
C GLU J 436 -54.94 -9.37 -7.93
N VAL J 437 -53.96 -8.88 -7.18
CA VAL J 437 -54.19 -8.38 -5.83
C VAL J 437 -53.89 -6.89 -5.79
N GLN J 438 -54.79 -6.12 -5.19
CA GLN J 438 -54.67 -4.66 -5.15
C GLN J 438 -54.11 -4.22 -3.80
N GLY J 439 -52.78 -4.20 -3.71
CA GLY J 439 -52.09 -3.34 -2.77
C GLY J 439 -52.16 -3.64 -1.29
N LYS J 440 -51.32 -2.91 -0.55
CA LYS J 440 -51.20 -3.00 0.89
C LYS J 440 -51.44 -1.59 1.43
N LYS J 441 -52.11 -1.51 2.59
CA LYS J 441 -52.54 -0.24 3.13
C LYS J 441 -51.32 0.57 3.56
N VAL J 442 -50.85 1.42 2.66
CA VAL J 442 -49.73 2.29 2.97
C VAL J 442 -50.26 3.50 3.73
N LYS J 443 -49.68 3.78 4.89
CA LYS J 443 -50.05 4.97 5.64
C LYS J 443 -49.61 6.20 4.86
N VAL J 444 -50.57 6.89 4.25
CA VAL J 444 -50.30 8.06 3.43
C VAL J 444 -50.52 9.30 4.29
N TYR J 445 -49.44 9.99 4.61
CA TYR J 445 -49.51 11.19 5.43
C TYR J 445 -49.77 12.41 4.56
N ASN J 446 -50.22 13.49 5.19
CA ASN J 446 -50.56 14.71 4.48
C ASN J 446 -50.05 15.88 5.29
N SER J 447 -49.60 16.92 4.59
CA SER J 447 -49.10 18.14 5.22
C SER J 447 -50.31 18.86 5.81
N ASP J 448 -50.59 18.57 7.08
CA ASP J 448 -51.86 18.83 7.73
C ASP J 448 -51.99 17.94 8.95
N GLY J 449 -51.42 16.75 8.89
CA GLY J 449 -51.44 15.82 10.00
C GLY J 449 -52.61 14.86 10.03
N THR J 450 -53.34 14.72 8.93
CA THR J 450 -54.47 13.79 8.85
C THR J 450 -53.98 12.53 8.15
N ILE J 451 -53.81 11.41 8.85
CA ILE J 451 -53.24 10.23 8.18
C ILE J 451 -54.25 9.39 7.42
N LYS J 452 -54.09 9.24 6.11
CA LYS J 452 -55.00 8.39 5.35
C LYS J 452 -54.36 7.07 5.07
N ALA J 453 -54.80 6.03 5.76
CA ALA J 453 -54.20 4.72 5.59
C ALA J 453 -55.27 3.87 5.14
N ASP J 454 -56.43 4.45 4.95
CA ASP J 454 -57.53 3.70 4.38
C ASP J 454 -57.21 3.20 3.01
N LYS J 455 -58.21 2.69 2.34
CA LYS J 455 -57.90 2.07 1.09
C LYS J 455 -57.21 2.96 0.10
N THR J 456 -56.11 2.48 -0.45
CA THR J 456 -55.37 3.25 -1.42
C THR J 456 -54.29 2.42 -2.04
N SER J 457 -53.39 1.90 -1.22
CA SER J 457 -52.26 1.16 -1.74
C SER J 457 -51.60 2.03 -2.76
N LEU J 458 -51.30 3.25 -2.37
CA LEU J 458 -50.72 4.18 -3.30
C LEU J 458 -49.45 3.82 -3.98
N ASN J 459 -48.97 4.72 -4.83
CA ASN J 459 -47.77 4.47 -5.55
C ASN J 459 -46.72 5.59 -5.33
N GLY J 460 -45.64 5.32 -4.63
CA GLY J 460 -44.57 6.28 -4.41
C GLY J 460 -43.65 5.81 -3.29
N ILE J 461 -42.95 6.77 -2.70
CA ILE J 461 -42.14 6.48 -1.51
C ILE J 461 -43.00 6.10 -0.31
N TRP J 462 -44.30 6.30 -0.40
CA TRP J 462 -45.20 5.78 0.64
C TRP J 462 -45.03 4.28 0.76
N GLN J 463 -44.89 3.59 -0.37
CA GLN J 463 -44.71 2.14 -0.36
C GLN J 463 -43.42 1.77 0.36
N LEU J 464 -42.33 2.45 0.04
CA LEU J 464 -41.06 2.14 0.68
C LEU J 464 -41.12 2.40 2.17
N MET J 465 -41.75 3.50 2.58
CA MET J 465 -41.82 3.80 4.00
C MET J 465 -42.69 2.80 4.73
N ASP J 466 -43.80 2.37 4.11
CA ASP J 466 -44.63 1.33 4.71
C ASP J 466 -43.86 0.03 4.85
N TYR J 467 -43.08 -0.33 3.84
CA TYR J 467 -42.21 -1.50 3.96
C TYR J 467 -41.15 -1.28 5.03
N LEU J 468 -40.85 -0.01 5.35
CA LEU J 468 -39.83 0.27 6.36
C LEU J 468 -40.44 0.30 7.75
N THR J 469 -41.65 0.83 7.89
CA THR J 469 -42.26 0.96 9.22
C THR J 469 -43.17 -0.20 9.57
N SER J 470 -42.87 -1.40 9.09
CA SER J 470 -43.69 -2.58 9.37
C SER J 470 -42.88 -3.58 10.17
N ASP J 471 -43.41 -4.00 11.32
CA ASP J 471 -42.74 -4.99 12.14
C ASP J 471 -42.77 -6.38 11.49
N ARG J 472 -43.91 -6.72 10.87
CA ARG J 472 -44.15 -8.09 10.46
C ARG J 472 -43.21 -8.52 9.32
N TYR J 473 -43.06 -7.67 8.31
CA TYR J 473 -42.35 -8.03 7.09
C TYR J 473 -41.22 -7.06 6.73
N GLY J 474 -41.23 -5.87 7.32
CA GLY J 474 -40.16 -4.92 7.07
C GLY J 474 -39.03 -4.99 8.06
N ALA J 475 -38.41 -3.84 8.34
CA ALA J 475 -37.34 -3.74 9.33
C ALA J 475 -37.72 -2.65 10.31
N ASP J 476 -37.82 -3.01 11.60
CA ASP J 476 -38.26 -2.08 12.63
C ASP J 476 -37.50 -0.75 12.54
N ILE J 477 -38.24 0.33 12.31
CA ILE J 477 -37.61 1.63 12.12
C ILE J 477 -38.33 2.66 13.01
N THR J 478 -39.41 2.22 13.65
CA THR J 478 -40.12 2.86 14.75
C THR J 478 -40.94 4.08 14.29
N LEU J 479 -40.79 4.52 13.03
CA LEU J 479 -41.57 5.60 12.44
C LEU J 479 -41.31 6.95 13.11
N ASP J 480 -40.54 6.99 14.19
CA ASP J 480 -40.12 8.24 14.80
C ASP J 480 -38.78 8.73 14.28
N GLN J 481 -38.06 7.90 13.52
CA GLN J 481 -36.80 8.32 12.96
C GLN J 481 -36.99 9.08 11.66
N PHE J 482 -38.19 9.03 11.08
CA PHE J 482 -38.49 9.76 9.87
C PHE J 482 -38.90 11.20 10.19
N PRO J 483 -38.42 12.17 9.41
CA PRO J 483 -39.04 13.50 9.43
C PRO J 483 -40.20 13.54 8.44
N LEU J 484 -41.42 13.73 8.95
CA LEU J 484 -42.61 13.55 8.11
C LEU J 484 -42.69 14.63 7.03
N GLN J 485 -42.24 15.85 7.33
CA GLN J 485 -42.48 16.95 6.42
C GLN J 485 -41.75 16.77 5.10
N LYS J 486 -40.46 16.44 5.13
CA LYS J 486 -39.74 16.26 3.87
C LYS J 486 -40.11 14.93 3.21
N VAL J 487 -40.52 13.93 3.99
CA VAL J 487 -41.07 12.74 3.36
C VAL J 487 -42.29 13.09 2.51
N ILE J 488 -43.20 13.90 3.06
CA ILE J 488 -44.36 14.34 2.28
C ILE J 488 -43.92 15.18 1.09
N SER J 489 -42.91 16.04 1.28
CA SER J 489 -42.44 16.86 0.17
C SER J 489 -41.93 16.00 -0.98
N GLU J 490 -41.12 14.98 -0.68
CA GLU J 490 -40.60 14.12 -1.74
C GLU J 490 -41.70 13.28 -2.37
N ALA J 491 -42.68 12.83 -1.58
CA ALA J 491 -43.82 12.14 -2.16
C ALA J 491 -44.55 13.04 -3.13
N LYS J 492 -44.71 14.32 -2.80
CA LYS J 492 -45.34 15.26 -3.72
C LYS J 492 -44.46 15.50 -4.94
N ILE J 493 -43.14 15.39 -4.78
CA ILE J 493 -42.25 15.45 -5.93
C ILE J 493 -42.53 14.29 -6.87
N LEU J 494 -42.77 13.10 -6.32
CA LEU J 494 -43.02 11.94 -7.17
C LEU J 494 -44.28 12.13 -8.02
N ASP J 495 -45.37 12.58 -7.41
CA ASP J 495 -46.65 12.67 -8.11
C ASP J 495 -46.89 14.04 -8.74
N ILE J 496 -45.91 14.52 -9.50
CA ILE J 496 -46.09 15.71 -10.33
C ILE J 496 -46.64 15.23 -11.67
N ILE J 497 -47.68 15.90 -12.17
CA ILE J 497 -48.45 15.37 -13.28
C ILE J 497 -47.59 15.35 -14.54
N ASP J 498 -47.65 14.24 -15.27
CA ASP J 498 -46.88 14.03 -16.48
C ASP J 498 -47.77 14.38 -17.67
N GLU J 499 -47.61 15.59 -18.21
CA GLU J 499 -48.42 16.06 -19.32
C GLU J 499 -47.83 15.52 -20.61
N SER J 500 -47.66 14.21 -20.67
CA SER J 500 -47.12 13.56 -21.84
C SER J 500 -48.17 12.70 -22.52
N TYR J 501 -48.74 11.76 -21.77
CA TYR J 501 -49.82 10.92 -22.30
C TYR J 501 -51.17 11.45 -21.87
N GLN J 502 -52.22 10.69 -22.13
CA GLN J 502 -53.57 11.04 -21.69
C GLN J 502 -54.24 9.80 -21.12
N THR J 503 -55.16 10.00 -20.19
CA THR J 503 -55.89 8.88 -19.61
C THR J 503 -56.80 8.21 -20.63
N SER J 504 -57.10 8.88 -21.74
CA SER J 504 -58.01 8.32 -22.73
C SER J 504 -57.44 7.05 -23.35
N TRP J 505 -56.13 7.07 -23.55
CA TRP J 505 -55.50 5.93 -24.12
C TRP J 505 -54.80 5.07 -23.13
N GLN J 506 -55.50 4.58 -22.13
CA GLN J 506 -54.88 3.63 -21.21
C GLN J 506 -55.66 2.33 -21.15
N PRO J 507 -56.44 1.97 -22.18
CA PRO J 507 -57.32 0.83 -22.06
C PRO J 507 -57.56 0.28 -20.68
N TYR J 508 -56.64 -0.52 -20.15
CA TYR J 508 -56.76 -1.10 -18.82
C TYR J 508 -56.57 -0.11 -17.69
N TRP J 509 -57.27 1.02 -17.71
CA TRP J 509 -57.08 2.07 -16.71
C TRP J 509 -57.04 1.48 -15.30
N ARG J 510 -57.91 0.52 -15.03
CA ARG J 510 -58.03 0.02 -13.66
C ARG J 510 -56.82 -0.82 -13.25
N TYR J 511 -56.38 -1.72 -14.12
CA TYR J 511 -55.44 -2.74 -13.66
C TYR J 511 -54.01 -2.21 -13.70
N VAL J 512 -53.84 -1.01 -14.25
CA VAL J 512 -52.59 -0.28 -14.03
C VAL J 512 -52.47 0.03 -12.55
N GLY J 513 -53.58 0.44 -11.94
CA GLY J 513 -53.57 0.63 -10.50
C GLY J 513 -54.19 1.93 -10.01
N TRP J 514 -54.85 2.69 -10.88
CA TRP J 514 -55.59 3.87 -10.44
C TRP J 514 -57.07 3.53 -10.54
N ASN J 515 -57.83 3.94 -9.54
CA ASN J 515 -59.27 3.77 -9.56
C ASN J 515 -59.92 5.00 -10.19
N ASP J 516 -61.13 4.82 -10.71
CA ASP J 516 -61.96 5.93 -11.15
C ASP J 516 -61.33 6.74 -12.28
N PRO J 517 -61.47 6.27 -13.55
CA PRO J 517 -61.11 7.07 -14.74
C PRO J 517 -60.87 8.56 -14.54
N LEU J 518 -61.92 9.37 -14.73
CA LEU J 518 -61.86 10.83 -14.89
C LEU J 518 -60.74 11.51 -14.09
N SER J 519 -60.54 11.14 -12.83
CA SER J 519 -59.52 11.78 -12.01
C SER J 519 -58.15 11.70 -12.69
N GLU J 520 -57.22 12.51 -12.18
CA GLU J 520 -56.02 12.84 -12.95
C GLU J 520 -55.20 11.58 -13.28
N ASN J 521 -54.61 10.96 -12.25
CA ASN J 521 -53.98 9.64 -12.38
C ASN J 521 -52.75 9.64 -13.28
N ARG J 522 -52.41 10.77 -13.91
CA ARG J 522 -51.23 10.81 -14.75
C ARG J 522 -50.03 11.28 -13.93
N GLN J 523 -49.37 10.35 -13.26
CA GLN J 523 -48.33 10.69 -12.30
C GLN J 523 -47.01 10.04 -12.70
N ILE J 524 -45.94 10.80 -12.58
CA ILE J 524 -44.61 10.25 -12.83
C ILE J 524 -44.28 9.21 -11.78
N VAL J 525 -43.71 8.10 -12.23
CA VAL J 525 -43.33 6.97 -11.38
C VAL J 525 -44.57 6.44 -10.66
N GLN J 526 -45.42 5.74 -11.38
CA GLN J 526 -46.58 5.07 -10.79
C GLN J 526 -46.29 3.57 -10.65
N LEU J 527 -45.34 3.28 -9.77
CA LEU J 527 -44.83 1.92 -9.65
C LEU J 527 -45.81 1.02 -8.89
N ASN J 528 -45.95 -0.24 -9.29
CA ASN J 528 -46.80 -1.24 -8.63
C ASN J 528 -45.82 -2.31 -8.23
N THR J 529 -45.67 -2.63 -6.97
CA THR J 529 -44.60 -3.45 -6.41
C THR J 529 -45.07 -4.82 -5.97
N ILE J 530 -44.23 -5.83 -6.25
CA ILE J 530 -44.23 -7.09 -5.52
C ILE J 530 -42.96 -7.13 -4.69
N LEU J 531 -43.09 -7.39 -3.40
CA LEU J 531 -41.94 -7.59 -2.52
C LEU J 531 -42.04 -9.00 -1.95
N ASP J 532 -41.50 -9.97 -2.68
CA ASP J 532 -41.34 -11.29 -2.11
C ASP J 532 -40.38 -11.23 -0.93
N THR J 533 -40.87 -11.59 0.24
CA THR J 533 -40.15 -11.38 1.49
C THR J 533 -39.16 -12.51 1.77
N SER J 534 -38.72 -13.21 0.73
CA SER J 534 -37.75 -14.28 0.86
C SER J 534 -36.37 -13.87 0.36
N GLU J 535 -36.25 -12.70 -0.26
CA GLU J 535 -34.97 -12.34 -0.86
C GLU J 535 -34.03 -11.75 0.19
N SER J 536 -34.37 -10.55 0.67
CA SER J 536 -33.72 -9.92 1.82
C SER J 536 -34.33 -8.54 2.00
N VAL J 537 -34.16 -7.98 3.19
CA VAL J 537 -34.61 -6.61 3.42
C VAL J 537 -33.75 -5.63 2.63
N PHE J 538 -32.43 -5.80 2.69
CA PHE J 538 -31.51 -4.94 1.97
C PHE J 538 -31.85 -4.90 0.48
N LYS J 539 -31.98 -6.06 -0.14
CA LYS J 539 -32.15 -6.10 -1.59
C LYS J 539 -33.53 -5.60 -2.00
N ASN J 540 -34.57 -5.92 -1.23
CA ASN J 540 -35.90 -5.39 -1.56
C ASN J 540 -35.93 -3.88 -1.46
N VAL J 541 -35.33 -3.31 -0.41
CA VAL J 541 -35.36 -1.86 -0.26
C VAL J 541 -34.56 -1.20 -1.38
N GLN J 542 -33.40 -1.77 -1.74
CA GLN J 542 -32.65 -1.15 -2.84
C GLN J 542 -33.36 -1.36 -4.16
N GLY J 543 -34.15 -2.42 -4.28
CA GLY J 543 -34.96 -2.60 -5.47
C GLY J 543 -36.00 -1.51 -5.62
N ILE J 544 -36.69 -1.18 -4.53
CA ILE J 544 -37.68 -0.10 -4.58
C ILE J 544 -36.98 1.22 -4.90
N LEU J 545 -35.83 1.47 -4.26
CA LEU J 545 -35.12 2.72 -4.51
C LEU J 545 -34.66 2.83 -5.96
N GLU J 546 -34.16 1.73 -6.54
CA GLU J 546 -33.82 1.75 -7.96
C GLU J 546 -35.07 1.93 -8.80
N SER J 547 -36.21 1.45 -8.32
CA SER J 547 -37.45 1.59 -9.08
C SER J 547 -37.85 3.04 -9.24
N PHE J 548 -38.08 3.75 -8.12
CA PHE J 548 -38.52 5.14 -8.30
C PHE J 548 -37.35 6.09 -8.45
N GLY J 549 -36.16 5.68 -8.03
CA GLY J 549 -34.99 6.52 -8.19
C GLY J 549 -34.74 7.36 -6.96
N GLY J 550 -33.76 6.98 -6.15
CA GLY J 550 -33.51 7.73 -4.94
C GLY J 550 -32.59 6.95 -4.02
N ALA J 551 -32.51 7.42 -2.78
CA ALA J 551 -31.67 6.75 -1.79
C ALA J 551 -32.16 7.11 -0.41
N ILE J 552 -31.92 6.21 0.54
CA ILE J 552 -32.20 6.45 1.95
C ILE J 552 -30.93 6.95 2.61
N ASN J 553 -31.02 8.07 3.31
CA ASN J 553 -29.84 8.80 3.79
C ASN J 553 -29.97 9.26 5.24
N ASN J 554 -29.55 8.39 6.17
CA ASN J 554 -29.51 8.78 7.56
C ASN J 554 -28.25 9.60 7.83
N LEU J 555 -28.23 10.81 7.28
CA LEU J 555 -27.09 11.70 7.44
C LEU J 555 -27.31 12.56 8.66
N SER J 556 -28.43 13.28 8.68
CA SER J 556 -28.78 14.11 9.83
C SER J 556 -29.48 13.32 10.92
N GLY J 557 -29.29 11.99 10.98
CA GLY J 557 -29.88 11.16 12.00
C GLY J 557 -31.26 10.67 11.66
N GLU J 558 -31.90 11.24 10.65
CA GLU J 558 -33.21 10.83 10.18
C GLU J 558 -33.04 10.22 8.79
N TYR J 559 -33.97 9.34 8.42
CA TYR J 559 -33.75 8.57 7.19
C TYR J 559 -33.98 9.38 5.92
N ARG J 560 -35.00 10.23 5.90
CA ARG J 560 -35.07 11.34 4.94
C ARG J 560 -34.98 10.84 3.51
N ILE J 561 -36.02 10.11 3.11
CA ILE J 561 -36.03 9.45 1.81
C ILE J 561 -36.12 10.51 0.73
N THR J 562 -35.01 10.75 0.05
CA THR J 562 -34.95 11.76 -1.00
C THR J 562 -35.16 11.11 -2.37
N VAL J 563 -35.52 11.96 -3.34
CA VAL J 563 -35.71 11.52 -4.72
C VAL J 563 -35.05 12.54 -5.64
N GLU J 564 -34.83 12.15 -6.89
CA GLU J 564 -34.23 13.01 -7.89
C GLU J 564 -35.19 14.16 -8.17
N LYS J 565 -34.62 15.35 -8.37
CA LYS J 565 -35.45 16.53 -8.52
C LYS J 565 -34.74 17.68 -9.23
N TYR J 566 -35.52 18.65 -9.70
CA TYR J 566 -34.98 19.90 -10.22
C TYR J 566 -35.69 21.03 -9.50
N SER J 567 -34.93 22.07 -9.16
CA SER J 567 -35.47 23.17 -8.38
C SER J 567 -34.69 24.43 -8.71
N THR J 568 -35.36 25.57 -8.57
CA THR J 568 -34.74 26.87 -8.85
C THR J 568 -34.01 27.44 -7.64
N ASN J 569 -34.09 26.80 -6.49
CA ASN J 569 -33.36 27.25 -5.32
C ASN J 569 -32.31 26.21 -4.93
N PRO J 570 -31.15 26.22 -5.56
CA PRO J 570 -30.05 25.37 -5.12
C PRO J 570 -29.10 26.12 -4.20
N LEU J 571 -28.04 25.46 -3.76
CA LEU J 571 -26.94 26.11 -3.08
C LEU J 571 -25.92 26.58 -4.11
N ARG J 572 -25.43 27.80 -3.93
CA ARG J 572 -24.52 28.41 -4.88
C ARG J 572 -23.09 28.24 -4.36
N ILE J 573 -22.53 27.06 -4.61
CA ILE J 573 -21.19 26.75 -4.14
C ILE J 573 -20.17 27.21 -5.16
N ASN J 574 -19.37 28.21 -4.78
CA ASN J 574 -18.25 28.67 -5.59
C ASN J 574 -17.02 27.85 -5.22
N PHE J 575 -16.12 27.68 -6.20
CA PHE J 575 -14.93 26.90 -5.94
C PHE J 575 -14.07 27.54 -4.86
N LEU J 576 -14.04 28.87 -4.81
CA LEU J 576 -13.21 29.55 -3.81
C LEU J 576 -13.64 29.17 -2.40
N ASP J 577 -14.91 28.83 -2.22
CA ASP J 577 -15.40 28.48 -0.90
C ASP J 577 -14.89 27.13 -0.43
N THR J 578 -14.91 26.13 -1.31
CA THR J 578 -14.86 24.74 -0.84
C THR J 578 -13.56 24.36 -0.15
N TYR J 579 -12.52 24.12 -0.96
CA TYR J 579 -11.15 23.72 -0.66
C TYR J 579 -10.37 23.68 -1.97
N GLY J 580 -9.19 23.08 -1.95
CA GLY J 580 -8.38 23.08 -3.14
C GLY J 580 -8.65 21.94 -4.10
N ASP J 581 -8.90 20.74 -3.60
CA ASP J 581 -9.02 19.60 -4.48
C ASP J 581 -10.35 19.61 -5.24
N LEU J 582 -10.28 19.27 -6.52
CA LEU J 582 -11.47 19.22 -7.37
C LEU J 582 -11.34 18.18 -8.47
N ASP J 583 -11.91 17.00 -8.25
CA ASP J 583 -11.78 15.93 -9.23
C ASP J 583 -12.93 15.97 -10.23
N LEU J 584 -12.58 15.79 -11.50
CA LEU J 584 -13.56 15.62 -12.57
C LEU J 584 -13.35 14.26 -13.18
N SER J 585 -14.45 13.52 -13.38
CA SER J 585 -14.35 12.15 -13.87
C SER J 585 -15.51 11.91 -14.82
N ASP J 586 -15.25 12.02 -16.13
CA ASP J 586 -16.26 11.71 -17.14
C ASP J 586 -16.21 10.22 -17.42
N THR J 587 -17.08 9.46 -16.75
CA THR J 587 -17.32 8.08 -17.15
C THR J 587 -18.23 8.02 -18.38
N THR J 588 -17.78 8.65 -19.46
CA THR J 588 -18.67 8.93 -20.59
C THR J 588 -18.65 7.82 -21.62
N GLY J 589 -17.58 7.02 -21.63
CA GLY J 589 -17.50 5.96 -22.61
C GLY J 589 -18.52 4.85 -22.38
N ARG J 590 -18.74 4.51 -21.11
CA ARG J 590 -19.53 3.32 -20.81
C ARG J 590 -20.94 3.67 -20.35
N ASN J 591 -21.12 4.86 -19.76
CA ASN J 591 -22.32 5.13 -18.98
C ASN J 591 -23.29 6.10 -19.64
N LYS J 592 -23.10 6.46 -20.91
CA LYS J 592 -24.09 7.27 -21.60
C LYS J 592 -24.49 6.58 -22.90
N PHE J 593 -25.74 6.76 -23.31
CA PHE J 593 -26.35 5.91 -24.32
C PHE J 593 -27.21 6.73 -25.27
N ASN J 594 -27.58 6.18 -26.42
CA ASN J 594 -28.48 6.91 -27.30
C ASN J 594 -29.91 6.38 -27.42
N SER J 595 -30.14 5.09 -27.27
CA SER J 595 -31.49 4.54 -27.25
C SER J 595 -31.64 3.62 -26.05
N VAL J 596 -32.86 3.50 -25.55
CA VAL J 596 -33.09 2.66 -24.39
C VAL J 596 -34.07 1.54 -24.75
N GLN J 597 -33.96 0.41 -24.06
CA GLN J 597 -34.93 -0.67 -24.17
C GLN J 597 -35.37 -1.04 -22.76
N ALA J 598 -36.66 -1.26 -22.60
CA ALA J 598 -37.23 -1.49 -21.28
C ALA J 598 -37.98 -2.83 -21.30
N SER J 599 -38.41 -3.26 -20.12
CA SER J 599 -39.13 -4.52 -19.98
C SER J 599 -40.18 -4.34 -18.89
N LEU J 600 -41.45 -4.51 -19.25
CA LEU J 600 -42.55 -4.33 -18.31
C LEU J 600 -43.29 -5.63 -18.09
N VAL J 601 -43.96 -5.71 -16.95
CA VAL J 601 -45.01 -6.70 -16.76
C VAL J 601 -46.33 -6.01 -17.08
N ASP J 602 -46.69 -6.00 -18.35
CA ASP J 602 -47.78 -5.19 -18.87
C ASP J 602 -49.12 -5.86 -18.63
N PRO J 603 -50.08 -5.18 -18.01
CA PRO J 603 -51.43 -5.74 -17.89
C PRO J 603 -52.14 -5.85 -19.24
N ALA J 604 -51.56 -5.23 -20.27
CA ALA J 604 -52.14 -5.23 -21.60
C ALA J 604 -51.57 -6.42 -22.38
N LEU J 605 -50.83 -7.28 -21.68
CA LEU J 605 -50.33 -8.51 -22.23
C LEU J 605 -50.63 -9.69 -21.31
N SER J 606 -51.66 -9.56 -20.48
CA SER J 606 -52.01 -10.55 -19.48
C SER J 606 -50.82 -10.84 -18.56
N TRP J 607 -50.18 -9.76 -18.12
CA TRP J 607 -49.01 -9.82 -17.25
C TRP J 607 -47.89 -10.61 -17.90
N LYS J 608 -47.49 -10.17 -19.10
CA LYS J 608 -46.40 -10.79 -19.84
C LYS J 608 -45.44 -9.70 -20.27
N THR J 609 -44.18 -10.08 -20.47
CA THR J 609 -43.13 -9.10 -20.68
C THR J 609 -43.37 -8.31 -21.97
N ASN J 610 -43.18 -6.99 -21.88
CA ASN J 610 -43.36 -6.08 -23.01
C ASN J 610 -42.14 -5.17 -23.08
N SER J 611 -41.80 -4.75 -24.30
CA SER J 611 -40.55 -4.04 -24.56
C SER J 611 -40.83 -2.63 -25.08
N ILE J 612 -40.20 -1.64 -24.48
CA ILE J 612 -40.28 -0.27 -24.97
C ILE J 612 -38.92 0.17 -25.48
N THR J 613 -38.88 0.72 -26.69
CA THR J 613 -37.63 1.21 -27.26
C THR J 613 -37.83 2.57 -27.90
N PHE J 614 -36.78 3.38 -27.84
CA PHE J 614 -36.72 4.66 -28.56
C PHE J 614 -35.52 4.62 -29.50
N TYR J 615 -35.39 5.66 -30.30
CA TYR J 615 -34.12 6.08 -30.88
C TYR J 615 -34.13 7.60 -30.85
N ASN J 616 -32.94 8.19 -30.98
CA ASN J 616 -32.85 9.64 -30.96
C ASN J 616 -32.01 10.10 -32.13
N SER J 617 -32.58 11.01 -32.93
CA SER J 617 -31.85 11.64 -34.00
C SER J 617 -30.89 12.72 -33.53
N LYS J 618 -31.22 13.43 -32.45
CA LYS J 618 -30.28 14.40 -31.89
C LYS J 618 -29.10 13.68 -31.23
N PHE J 619 -29.38 12.67 -30.42
CA PHE J 619 -28.33 12.02 -29.63
C PHE J 619 -27.36 11.26 -30.52
N LYS J 620 -27.86 10.45 -31.44
CA LYS J 620 -26.97 9.64 -32.25
C LYS J 620 -26.19 10.51 -33.24
N GLU J 621 -26.78 11.61 -33.69
CA GLU J 621 -26.04 12.54 -34.54
C GLU J 621 -24.97 13.27 -33.74
N GLN J 622 -25.25 13.54 -32.46
CA GLN J 622 -24.26 14.12 -31.58
C GLN J 622 -23.09 13.17 -31.40
N ASP J 623 -23.37 11.88 -31.25
CA ASP J 623 -22.30 10.93 -30.97
C ASP J 623 -21.32 10.87 -32.13
N LYS J 624 -21.76 10.36 -33.28
CA LYS J 624 -21.01 10.26 -34.52
C LYS J 624 -21.72 9.22 -35.39
N GLY J 625 -23.00 8.99 -35.11
CA GLY J 625 -23.72 7.91 -35.75
C GLY J 625 -23.27 6.56 -35.28
N LEU J 626 -23.11 6.40 -33.97
CA LEU J 626 -22.72 5.13 -33.37
C LEU J 626 -23.93 4.57 -32.63
N ASP J 627 -24.25 3.31 -32.87
CA ASP J 627 -25.39 2.67 -32.25
C ASP J 627 -25.00 2.14 -30.87
N LYS J 628 -25.69 2.62 -29.85
CA LYS J 628 -25.39 2.25 -28.46
C LYS J 628 -26.67 2.34 -27.66
N LYS J 629 -27.16 1.19 -27.19
CA LYS J 629 -28.46 1.11 -26.55
C LYS J 629 -28.32 0.91 -25.05
N LEU J 630 -28.98 1.78 -24.29
CA LEU J 630 -29.26 1.49 -22.90
C LEU J 630 -30.27 0.35 -22.81
N GLN J 631 -30.06 -0.53 -21.84
CA GLN J 631 -30.96 -1.65 -21.64
C GLN J 631 -31.49 -1.63 -20.22
N LEU J 632 -32.79 -1.88 -20.10
CA LEU J 632 -33.47 -1.70 -18.83
C LEU J 632 -34.57 -2.73 -18.69
N SER J 633 -34.97 -2.98 -17.45
CA SER J 633 -36.17 -3.75 -17.15
C SER J 633 -36.78 -3.19 -15.87
N PHE J 634 -38.05 -2.80 -15.95
CA PHE J 634 -38.74 -2.19 -14.83
C PHE J 634 -39.54 -3.27 -14.11
N ALA J 635 -39.06 -3.66 -12.93
CA ALA J 635 -39.72 -4.66 -12.11
C ALA J 635 -40.96 -4.16 -11.41
N ASN J 636 -41.10 -2.84 -11.27
CA ASN J 636 -42.10 -2.27 -10.38
C ASN J 636 -43.11 -1.41 -11.12
N ILE J 637 -42.81 -1.03 -12.35
CA ILE J 637 -43.69 -0.17 -13.15
C ILE J 637 -44.44 -1.05 -14.14
N THR J 638 -45.77 -0.95 -14.12
CA THR J 638 -46.61 -1.73 -15.00
C THR J 638 -47.36 -0.87 -16.01
N ASN J 639 -47.40 0.44 -15.82
CA ASN J 639 -48.03 1.32 -16.79
C ASN J 639 -47.07 1.57 -17.94
N TYR J 640 -47.55 1.31 -19.16
CA TYR J 640 -46.67 1.45 -20.32
C TYR J 640 -46.16 2.87 -20.46
N TYR J 641 -47.04 3.86 -20.27
CA TYR J 641 -46.67 5.24 -20.55
C TYR J 641 -45.69 5.79 -19.53
N THR J 642 -45.95 5.54 -18.24
CA THR J 642 -45.03 6.02 -17.21
C THR J 642 -43.69 5.32 -17.30
N ALA J 643 -43.69 4.02 -17.62
CA ALA J 643 -42.42 3.34 -17.84
C ALA J 643 -41.68 3.90 -19.04
N ARG J 644 -42.42 4.26 -20.09
CA ARG J 644 -41.80 4.87 -21.25
C ARG J 644 -41.15 6.20 -20.91
N SER J 645 -41.87 7.06 -20.17
CA SER J 645 -41.30 8.34 -19.76
C SER J 645 -40.12 8.16 -18.83
N TYR J 646 -40.21 7.19 -17.91
CA TYR J 646 -39.09 6.92 -17.01
C TYR J 646 -37.86 6.44 -17.77
N ALA J 647 -38.06 5.60 -18.78
CA ALA J 647 -36.94 5.16 -19.61
C ALA J 647 -36.31 6.34 -20.33
N ASP J 648 -37.13 7.25 -20.86
CA ASP J 648 -36.57 8.44 -21.49
C ASP J 648 -35.77 9.28 -20.51
N ARG J 649 -36.31 9.47 -19.30
CA ARG J 649 -35.59 10.25 -18.30
C ARG J 649 -34.25 9.61 -17.95
N GLU J 650 -34.23 8.29 -17.77
CA GLU J 650 -32.99 7.63 -17.38
C GLU J 650 -32.00 7.62 -18.54
N LEU J 651 -32.49 7.58 -19.77
CA LEU J 651 -31.62 7.73 -20.94
C LEU J 651 -30.92 9.07 -20.92
N LYS J 652 -31.67 10.16 -20.74
CA LYS J 652 -31.04 11.48 -20.73
C LYS J 652 -30.09 11.63 -19.53
N LYS J 653 -30.51 11.11 -18.37
CA LYS J 653 -29.62 11.08 -17.20
C LYS J 653 -28.29 10.43 -17.54
N SER J 654 -28.33 9.31 -18.28
CA SER J 654 -27.09 8.71 -18.75
C SER J 654 -26.34 9.67 -19.67
N ARG J 655 -27.09 10.34 -20.55
CA ARG J 655 -26.46 11.25 -21.51
C ARG J 655 -25.65 12.34 -20.83
N TYR J 656 -25.98 12.69 -19.59
CA TYR J 656 -25.20 13.76 -18.96
C TYR J 656 -23.89 13.26 -18.37
N SER J 657 -23.93 12.41 -17.36
CA SER J 657 -22.76 11.67 -16.90
C SER J 657 -21.49 12.49 -16.63
N ARG J 658 -21.52 13.36 -15.62
CA ARG J 658 -20.30 14.04 -15.17
C ARG J 658 -20.28 14.00 -13.65
N THR J 659 -19.10 13.82 -13.06
CA THR J 659 -18.94 13.73 -11.61
C THR J 659 -17.91 14.75 -11.15
N LEU J 660 -18.25 15.52 -10.13
CA LEU J 660 -17.24 16.27 -9.39
C LEU J 660 -16.98 15.64 -8.03
N SER J 661 -15.84 15.96 -7.46
CA SER J 661 -15.45 15.46 -6.15
C SER J 661 -14.57 16.50 -5.47
N PHE J 662 -15.10 17.12 -4.42
CA PHE J 662 -14.38 18.15 -3.70
C PHE J 662 -14.84 18.14 -2.25
N SER J 663 -14.31 19.07 -1.47
CA SER J 663 -14.58 19.13 -0.03
C SER J 663 -14.97 20.54 0.34
N VAL J 664 -16.07 20.70 1.06
CA VAL J 664 -16.54 22.03 1.47
C VAL J 664 -16.40 22.16 2.99
N PRO J 665 -16.35 23.37 3.52
CA PRO J 665 -16.17 23.55 4.97
C PRO J 665 -17.45 23.29 5.75
N TYR J 666 -17.41 23.54 7.06
CA TYR J 666 -18.55 23.34 7.93
C TYR J 666 -19.66 24.35 7.70
N LYS J 667 -19.41 25.40 6.90
CA LYS J 667 -20.47 26.35 6.56
C LYS J 667 -21.66 25.64 5.94
N PHE J 668 -21.40 24.63 5.11
CA PHE J 668 -22.42 23.97 4.32
C PHE J 668 -22.95 22.70 4.96
N ILE J 669 -23.04 22.64 6.29
CA ILE J 669 -23.52 21.44 6.94
C ILE J 669 -25.00 21.25 6.65
N GLY J 670 -25.42 19.99 6.59
CA GLY J 670 -26.81 19.68 6.35
C GLY J 670 -27.08 19.06 5.00
N ILE J 671 -26.12 19.19 4.08
CA ILE J 671 -26.26 18.67 2.72
C ILE J 671 -26.51 17.17 2.77
N GLU J 672 -27.48 16.70 1.99
CA GLU J 672 -27.85 15.30 1.86
C GLU J 672 -27.77 14.87 0.41
N PRO J 673 -27.62 13.57 0.14
CA PRO J 673 -27.16 13.14 -1.19
C PRO J 673 -28.17 13.30 -2.32
N ASN J 674 -29.23 14.09 -2.15
CA ASN J 674 -30.05 14.50 -3.29
C ASN J 674 -30.40 15.98 -3.23
N ASP J 675 -29.47 16.81 -2.81
CA ASP J 675 -29.69 18.24 -2.73
C ASP J 675 -29.03 18.95 -3.90
N PRO J 676 -29.72 19.89 -4.52
CA PRO J 676 -29.17 20.57 -5.70
C PRO J 676 -28.18 21.67 -5.32
N ILE J 677 -27.03 21.71 -6.00
CA ILE J 677 -26.09 22.81 -5.85
C ILE J 677 -25.67 23.28 -7.25
N ALA J 678 -25.23 24.52 -7.34
CA ALA J 678 -24.80 25.12 -8.60
C ALA J 678 -23.32 25.49 -8.47
N PHE J 679 -22.48 24.81 -9.24
CA PHE J 679 -21.05 25.07 -9.21
C PHE J 679 -20.70 26.22 -10.14
N THR J 680 -19.74 27.04 -9.71
CA THR J 680 -19.36 28.23 -10.48
C THR J 680 -17.85 28.40 -10.60
N TYR J 681 -17.12 27.35 -10.97
CA TYR J 681 -15.69 27.48 -11.18
C TYR J 681 -15.45 28.31 -12.43
N GLU J 682 -14.78 29.46 -12.25
CA GLU J 682 -14.80 30.47 -13.31
C GLU J 682 -13.92 30.08 -14.50
N ARG J 683 -12.79 29.42 -14.26
CA ARG J 683 -11.93 29.02 -15.37
C ARG J 683 -12.66 28.07 -16.31
N TYR J 684 -13.43 27.14 -15.76
CA TYR J 684 -14.08 26.12 -16.59
C TYR J 684 -15.02 26.78 -17.59
N GLY J 685 -15.52 27.96 -17.27
CA GLY J 685 -16.58 28.57 -18.04
C GLY J 685 -17.89 28.34 -17.33
N TRP J 686 -17.81 27.64 -16.20
CA TRP J 686 -19.01 27.30 -15.44
C TRP J 686 -19.51 28.49 -14.65
N LYS J 687 -20.57 29.13 -15.17
CA LYS J 687 -21.46 29.90 -14.33
C LYS J 687 -22.59 28.93 -14.02
N ASP J 688 -23.52 29.34 -13.14
CA ASP J 688 -24.35 28.38 -12.38
C ASP J 688 -24.69 27.13 -13.19
N LYS J 689 -24.34 25.97 -12.65
CA LYS J 689 -24.47 24.70 -13.35
C LYS J 689 -25.04 23.69 -12.38
N PHE J 690 -26.18 23.10 -12.75
CA PHE J 690 -26.96 22.30 -11.83
C PHE J 690 -26.25 20.98 -11.59
N PHE J 691 -25.96 20.68 -10.33
CA PHE J 691 -25.45 19.39 -9.92
C PHE J 691 -26.29 18.85 -8.79
N LEU J 692 -26.45 17.53 -8.76
CA LEU J 692 -27.04 16.82 -7.64
C LEU J 692 -25.95 16.01 -6.96
N VAL J 693 -25.79 16.23 -5.66
CA VAL J 693 -24.76 15.54 -4.89
C VAL J 693 -25.03 14.04 -4.93
N ASP J 694 -23.96 13.25 -4.90
CA ASP J 694 -24.07 11.80 -4.82
C ASP J 694 -23.37 11.22 -3.60
N GLU J 695 -22.49 11.98 -2.96
CA GLU J 695 -21.88 11.55 -1.71
C GLU J 695 -21.82 12.74 -0.77
N VAL J 696 -22.00 12.46 0.51
CA VAL J 696 -21.71 13.41 1.57
C VAL J 696 -20.95 12.65 2.65
N GLU J 697 -19.81 13.19 3.04
CA GLU J 697 -19.02 12.53 4.07
C GLU J 697 -18.82 13.47 5.25
N ASN J 698 -19.78 13.49 6.17
CA ASN J 698 -19.62 14.28 7.38
C ASN J 698 -18.41 13.77 8.16
N THR J 699 -17.56 14.70 8.58
CA THR J 699 -16.31 14.38 9.24
C THR J 699 -16.35 14.95 10.65
N ARG J 700 -15.68 14.25 11.57
CA ARG J 700 -15.57 14.74 12.94
C ARG J 700 -14.95 16.13 12.98
N ASP J 701 -13.98 16.40 12.11
CA ASP J 701 -13.34 17.71 12.10
C ASP J 701 -14.34 18.80 11.74
N GLY J 702 -15.13 18.58 10.70
CA GLY J 702 -16.10 19.57 10.27
C GLY J 702 -16.21 19.68 8.77
N LYS J 703 -15.19 19.27 8.04
CA LYS J 703 -15.24 19.35 6.58
C LYS J 703 -16.19 18.29 6.02
N ILE J 704 -16.73 18.57 4.85
CA ILE J 704 -17.67 17.68 4.16
C ILE J 704 -17.07 17.32 2.82
N ASN J 705 -17.04 16.03 2.51
CA ASN J 705 -16.43 15.51 1.28
C ASN J 705 -17.53 15.20 0.27
N LEU J 706 -17.93 16.20 -0.51
CA LEU J 706 -19.02 16.02 -1.46
C LEU J 706 -18.54 15.27 -2.71
N VAL J 707 -19.50 14.66 -3.40
CA VAL J 707 -19.32 14.12 -4.74
C VAL J 707 -20.57 14.46 -5.54
N LEU J 708 -20.37 14.92 -6.77
CA LEU J 708 -21.46 15.49 -7.56
C LEU J 708 -21.82 14.62 -8.75
N GLN J 709 -23.03 14.84 -9.27
CA GLN J 709 -23.48 14.30 -10.53
C GLN J 709 -24.08 15.43 -11.35
N GLU J 710 -23.91 15.37 -12.67
CA GLU J 710 -24.35 16.43 -13.57
C GLU J 710 -25.74 16.12 -14.12
N TYR J 711 -26.72 16.94 -13.72
CA TYR J 711 -28.12 16.74 -14.05
C TYR J 711 -28.69 18.07 -14.57
N GLY J 712 -28.76 18.22 -15.88
CA GLY J 712 -29.40 19.39 -16.45
C GLY J 712 -30.91 19.34 -16.32
N GLU J 713 -31.55 20.40 -16.81
CA GLU J 713 -33.00 20.48 -16.76
C GLU J 713 -33.66 19.50 -17.74
N ASP J 714 -32.95 19.09 -18.78
CA ASP J 714 -33.58 18.32 -19.85
C ASP J 714 -34.07 16.97 -19.35
N VAL J 715 -33.42 16.40 -18.34
CA VAL J 715 -33.84 15.09 -17.84
C VAL J 715 -35.20 15.18 -17.16
N PHE J 716 -35.44 16.28 -16.45
CA PHE J 716 -36.68 16.41 -15.71
C PHE J 716 -37.77 17.13 -16.50
N ILE J 717 -37.42 17.77 -17.61
CA ILE J 717 -38.44 18.52 -18.36
C ILE J 717 -39.41 17.58 -19.04
N ASN J 718 -38.99 16.33 -19.27
CA ASN J 718 -39.69 15.16 -19.84
C ASN J 718 -40.13 15.44 -21.27
N SER J 719 -40.60 14.40 -21.97
CA SER J 719 -40.84 14.50 -23.40
C SER J 719 -42.30 14.19 -23.68
N GLU J 720 -42.66 14.12 -24.95
CA GLU J 720 -44.01 13.82 -25.42
C GLU J 720 -43.99 12.50 -26.18
N GLN J 721 -44.95 11.63 -25.87
CA GLN J 721 -44.94 10.26 -26.38
C GLN J 721 -46.24 9.96 -27.13
N VAL J 722 -46.22 8.88 -27.89
CA VAL J 722 -47.38 8.50 -28.70
C VAL J 722 -48.19 7.46 -27.96
N ASP J 723 -49.51 7.46 -28.19
CA ASP J 723 -50.39 6.51 -27.54
C ASP J 723 -50.09 5.08 -28.01
N ASN J 724 -50.20 4.13 -27.08
CA ASN J 724 -50.07 2.71 -27.39
C ASN J 724 -51.29 2.00 -26.80
N SER J 725 -52.37 1.94 -27.58
CA SER J 725 -53.60 1.29 -27.15
C SER J 725 -54.06 0.18 -28.07
N GLY J 726 -53.89 0.33 -29.38
CA GLY J 726 -54.33 -0.71 -30.30
C GLY J 726 -53.47 -1.95 -30.22
N ASN J 727 -52.23 -1.81 -29.74
CA ASN J 727 -51.29 -2.92 -29.70
C ASN J 727 -51.41 -3.68 -28.37
N ASP J 728 -52.63 -4.12 -28.08
CA ASP J 728 -52.88 -4.99 -26.93
C ASP J 728 -52.62 -6.44 -27.32
N ILE J 729 -52.18 -7.22 -26.34
CA ILE J 729 -51.85 -8.62 -26.59
C ILE J 729 -52.59 -9.48 -25.57
N PRO J 730 -53.89 -9.72 -25.75
CA PRO J 730 -54.60 -10.60 -24.84
C PRO J 730 -54.09 -12.04 -24.96
N ASP J 731 -54.14 -12.76 -23.84
CA ASP J 731 -53.75 -14.17 -23.82
C ASP J 731 -54.96 -15.03 -24.18
N ILE J 732 -55.30 -15.02 -25.46
CA ILE J 732 -56.45 -15.79 -25.93
C ILE J 732 -56.08 -17.26 -26.04
N SER J 733 -54.78 -17.56 -26.15
CA SER J 733 -54.32 -18.87 -26.63
C SER J 733 -53.96 -19.82 -25.49
N ASN J 734 -54.90 -20.01 -24.57
CA ASN J 734 -54.66 -21.01 -23.53
C ASN J 734 -55.91 -21.83 -23.25
N ASN J 735 -56.90 -21.74 -24.12
CA ASN J 735 -58.15 -22.47 -23.96
C ASN J 735 -58.55 -23.11 -25.28
N VAL J 736 -59.17 -24.27 -25.19
CA VAL J 736 -59.78 -24.91 -26.35
C VAL J 736 -61.05 -24.16 -26.70
N LEU J 737 -61.24 -23.93 -28.00
CA LEU J 737 -62.32 -23.12 -28.52
C LEU J 737 -63.62 -23.90 -28.61
N PRO J 738 -64.75 -23.24 -28.49
CA PRO J 738 -66.03 -23.92 -28.59
C PRO J 738 -66.45 -24.10 -30.04
N PRO J 739 -67.55 -24.80 -30.29
CA PRO J 739 -68.11 -24.82 -31.65
C PRO J 739 -68.40 -23.41 -32.14
N ARG J 740 -68.10 -23.17 -33.42
CA ARG J 740 -68.18 -21.82 -33.97
C ARG J 740 -69.63 -21.37 -34.13
N ASP J 741 -70.47 -22.24 -34.68
CA ASP J 741 -71.88 -21.94 -34.90
C ASP J 741 -72.69 -23.09 -34.35
N PHE J 742 -73.96 -22.85 -34.05
CA PHE J 742 -74.84 -23.90 -33.52
C PHE J 742 -76.29 -23.50 -33.77
N LYS J 743 -77.05 -24.40 -34.38
CA LYS J 743 -78.49 -24.21 -34.54
C LYS J 743 -79.12 -25.58 -34.77
N TYR J 744 -80.43 -25.65 -34.56
CA TYR J 744 -81.19 -26.88 -34.71
C TYR J 744 -82.04 -26.78 -35.96
N THR J 745 -81.87 -27.73 -36.88
CA THR J 745 -82.56 -27.69 -38.17
C THR J 745 -83.44 -28.93 -38.35
N PRO J 746 -84.74 -28.84 -38.15
CA PRO J 746 -85.62 -29.99 -38.39
C PRO J 746 -85.87 -30.21 -39.88
N GLY J 759 -80.55 -33.37 -36.60
CA GLY J 759 -79.12 -33.30 -36.46
C GLY J 759 -78.44 -32.57 -35.32
N GLU J 760 -78.84 -31.34 -35.03
CA GLU J 760 -78.17 -30.53 -34.01
C GLU J 760 -76.76 -30.62 -34.45
N LEU J 761 -76.48 -30.56 -35.73
CA LEU J 761 -75.15 -30.83 -36.23
C LEU J 761 -74.43 -29.60 -36.62
N SER J 762 -75.14 -28.52 -36.67
CA SER J 762 -74.68 -27.21 -37.11
C SER J 762 -73.41 -26.77 -36.42
N TRP J 763 -72.86 -27.56 -35.49
CA TRP J 763 -71.66 -27.08 -34.82
C TRP J 763 -70.47 -27.21 -35.76
N LEU J 764 -69.84 -26.08 -36.04
CA LEU J 764 -68.64 -26.04 -36.85
C LEU J 764 -67.46 -26.46 -35.99
N PRO J 765 -66.49 -27.17 -36.55
CA PRO J 765 -65.37 -27.67 -35.74
C PRO J 765 -64.61 -26.56 -35.03
N SER J 766 -64.17 -26.84 -33.81
CA SER J 766 -63.46 -25.84 -33.03
C SER J 766 -62.17 -25.43 -33.72
N LEU J 767 -61.84 -24.14 -33.62
CA LEU J 767 -60.59 -23.65 -34.18
C LEU J 767 -59.39 -24.29 -33.50
N THR J 768 -59.53 -24.67 -32.23
CA THR J 768 -58.47 -25.40 -31.56
C THR J 768 -58.34 -26.78 -32.20
N ASN J 769 -57.22 -27.00 -32.89
CA ASN J 769 -57.11 -28.09 -33.84
C ASN J 769 -56.96 -29.46 -33.19
N ASN J 770 -56.61 -29.54 -31.91
CA ASN J 770 -56.50 -30.82 -31.22
C ASN J 770 -57.75 -31.06 -30.40
N VAL J 771 -58.82 -31.49 -31.07
CA VAL J 771 -60.04 -31.91 -30.41
C VAL J 771 -60.35 -33.33 -30.87
N VAL J 772 -60.75 -34.18 -29.94
CA VAL J 772 -60.93 -35.60 -30.21
C VAL J 772 -62.40 -36.00 -30.23
N TYR J 773 -63.21 -35.51 -29.28
CA TYR J 773 -64.65 -35.82 -29.28
C TYR J 773 -65.43 -34.67 -28.62
N TYR J 774 -66.49 -34.23 -29.28
CA TYR J 774 -67.43 -33.32 -28.65
C TYR J 774 -68.39 -34.07 -27.74
N SER J 775 -69.00 -33.35 -26.81
CA SER J 775 -69.95 -33.92 -25.86
C SER J 775 -71.28 -33.18 -25.99
N ILE J 776 -72.37 -33.93 -26.03
CA ILE J 776 -73.72 -33.38 -26.08
C ILE J 776 -74.45 -33.83 -24.83
N ALA J 777 -75.12 -32.88 -24.17
CA ALA J 777 -75.85 -33.18 -22.94
C ALA J 777 -77.32 -32.86 -23.15
N HIS J 778 -78.17 -33.87 -22.97
CA HIS J 778 -79.61 -33.71 -23.09
C HIS J 778 -80.20 -33.36 -21.72
N SER J 779 -81.49 -33.03 -21.72
CA SER J 779 -82.17 -32.70 -20.47
C SER J 779 -82.46 -33.95 -19.65
N GLY J 780 -82.91 -35.02 -20.30
CA GLY J 780 -83.30 -36.22 -19.59
C GLY J 780 -82.37 -37.40 -19.80
N HIS J 781 -81.65 -37.40 -20.92
CA HIS J 781 -80.72 -38.48 -21.21
C HIS J 781 -79.54 -38.41 -20.26
N VAL J 782 -79.46 -39.38 -19.34
CA VAL J 782 -78.39 -39.39 -18.36
C VAL J 782 -77.04 -39.57 -19.05
N ASN J 783 -77.01 -40.35 -20.12
CA ASN J 783 -75.77 -40.61 -20.83
C ASN J 783 -75.51 -39.52 -21.87
N PRO J 784 -74.43 -38.76 -21.74
CA PRO J 784 -74.12 -37.75 -22.76
C PRO J 784 -73.76 -38.40 -24.09
N TYR J 785 -74.09 -37.68 -25.16
CA TYR J 785 -73.76 -38.11 -26.51
C TYR J 785 -72.28 -37.87 -26.78
N ILE J 786 -71.71 -38.60 -27.74
CA ILE J 786 -70.32 -38.41 -28.13
C ILE J 786 -70.24 -38.39 -29.65
N VAL J 787 -69.69 -37.30 -30.17
CA VAL J 787 -69.32 -37.21 -31.59
C VAL J 787 -67.82 -37.01 -31.65
N GLN J 788 -67.15 -37.73 -32.55
CA GLN J 788 -65.69 -37.76 -32.52
C GLN J 788 -65.15 -37.16 -33.81
N GLN J 789 -64.06 -36.41 -33.68
CA GLN J 789 -63.42 -35.76 -34.82
C GLN J 789 -62.42 -36.71 -35.47
N LEU J 790 -62.97 -37.63 -36.25
CA LEU J 790 -62.13 -38.55 -37.00
C LEU J 790 -61.49 -37.86 -38.20
N GLU J 791 -62.19 -36.90 -38.79
CA GLU J 791 -61.63 -36.01 -39.80
C GLU J 791 -61.93 -34.58 -39.40
N ASN J 792 -60.93 -33.71 -39.49
CA ASN J 792 -61.03 -32.33 -39.05
C ASN J 792 -61.03 -31.41 -40.25
N ASN J 793 -62.22 -30.95 -40.66
CA ASN J 793 -62.37 -29.99 -41.73
C ASN J 793 -62.95 -28.71 -41.13
N PRO J 794 -62.22 -27.60 -41.17
CA PRO J 794 -62.68 -26.38 -40.48
C PRO J 794 -63.98 -25.81 -41.03
N ASN J 795 -64.37 -26.15 -42.25
CA ASN J 795 -65.65 -25.76 -42.81
C ASN J 795 -66.41 -27.02 -43.20
N GLU J 796 -67.09 -27.62 -42.23
CA GLU J 796 -67.86 -28.85 -42.44
C GLU J 796 -68.71 -29.09 -41.20
N ARG J 797 -69.81 -29.83 -41.33
CA ARG J 797 -70.73 -30.01 -40.22
C ARG J 797 -70.99 -31.48 -39.99
N MET J 798 -70.79 -31.94 -38.76
CA MET J 798 -71.05 -33.31 -38.36
C MET J 798 -72.33 -33.40 -37.53
N ILE J 799 -72.92 -34.59 -37.53
CA ILE J 799 -74.34 -34.76 -37.26
C ILE J 799 -74.55 -35.60 -36.00
N GLN J 800 -75.56 -35.24 -35.21
CA GLN J 800 -76.09 -36.07 -34.15
C GLN J 800 -77.50 -36.50 -34.52
N GLU J 801 -77.98 -37.60 -33.92
CA GLU J 801 -79.19 -38.25 -34.43
C GLU J 801 -80.46 -37.72 -33.78
N ILE J 802 -80.58 -37.84 -32.46
CA ILE J 802 -81.78 -37.44 -31.72
C ILE J 802 -82.96 -38.20 -32.30
N GLY J 808 -90.39 -32.18 -26.89
CA GLY J 808 -89.53 -31.00 -26.91
C GLY J 808 -89.23 -30.45 -25.54
N LEU J 809 -88.81 -29.17 -25.52
CA LEU J 809 -88.36 -28.47 -24.33
C LEU J 809 -87.15 -29.18 -23.71
N ALA J 810 -86.05 -29.22 -24.45
CA ALA J 810 -84.81 -29.83 -23.97
C ALA J 810 -83.70 -28.79 -23.98
N ILE J 811 -82.79 -28.92 -23.01
CA ILE J 811 -81.63 -28.04 -22.89
C ILE J 811 -80.42 -28.82 -23.38
N PHE J 812 -79.48 -28.12 -24.02
CA PHE J 812 -78.40 -28.75 -24.76
C PHE J 812 -77.08 -28.05 -24.44
N GLU J 813 -76.00 -28.82 -24.41
CA GLU J 813 -74.67 -28.29 -24.12
C GLU J 813 -73.63 -28.94 -25.02
N LEU J 814 -72.75 -28.14 -25.60
CA LEU J 814 -71.72 -28.59 -26.52
C LEU J 814 -70.35 -28.24 -25.97
N ARG J 815 -69.65 -29.25 -25.47
CA ARG J 815 -68.33 -29.03 -24.91
C ARG J 815 -67.28 -29.79 -25.72
N ALA J 816 -66.44 -29.05 -26.43
CA ALA J 816 -65.36 -29.69 -27.16
C ALA J 816 -64.32 -30.23 -26.17
N VAL J 817 -63.77 -31.39 -26.49
CA VAL J 817 -62.81 -32.06 -25.65
C VAL J 817 -61.51 -32.22 -26.43
N ASP J 818 -60.40 -31.93 -25.76
CA ASP J 818 -59.09 -32.01 -26.39
C ASP J 818 -58.42 -33.30 -25.95
N ILE J 819 -57.15 -33.46 -26.35
CA ILE J 819 -56.40 -34.67 -26.07
C ILE J 819 -56.02 -34.68 -24.59
N ASN J 820 -56.37 -33.62 -23.87
CA ASN J 820 -56.12 -33.53 -22.44
C ASN J 820 -57.39 -33.51 -21.61
N GLY J 821 -58.55 -33.25 -22.21
CA GLY J 821 -59.79 -33.14 -21.48
C GLY J 821 -60.10 -31.76 -20.93
N ARG J 822 -59.78 -30.71 -21.66
CA ARG J 822 -59.97 -29.38 -21.14
C ARG J 822 -61.43 -29.00 -21.13
N ARG J 823 -62.14 -29.14 -22.24
CA ARG J 823 -63.59 -28.79 -22.35
C ARG J 823 -63.85 -27.33 -22.57
N SER J 824 -64.63 -26.99 -23.58
CA SER J 824 -64.81 -25.59 -23.93
C SER J 824 -66.14 -24.96 -23.67
N SER J 825 -66.13 -23.81 -23.02
CA SER J 825 -67.35 -23.08 -22.73
C SER J 825 -68.65 -23.53 -23.44
N PRO J 826 -69.45 -24.43 -22.83
CA PRO J 826 -70.71 -24.83 -23.43
C PRO J 826 -71.60 -23.87 -24.18
N VAL J 827 -71.72 -24.00 -25.49
CA VAL J 827 -72.71 -23.23 -26.23
C VAL J 827 -74.05 -23.95 -26.13
N THR J 828 -75.03 -23.27 -25.56
CA THR J 828 -76.28 -23.90 -25.15
C THR J 828 -77.42 -23.40 -26.02
N LEU J 829 -78.28 -24.33 -26.43
CA LEU J 829 -79.54 -24.01 -27.10
C LEU J 829 -80.70 -24.60 -26.30
N SER J 830 -81.69 -23.75 -26.01
CA SER J 830 -82.94 -24.19 -25.41
C SER J 830 -83.98 -24.25 -26.51
N VAL J 831 -84.08 -25.39 -27.18
CA VAL J 831 -84.91 -25.54 -28.36
C VAL J 831 -86.06 -26.50 -28.06
N ASP J 832 -87.11 -26.40 -28.86
CA ASP J 832 -88.26 -27.27 -28.80
C ASP J 832 -88.14 -28.31 -29.90
N LEU J 833 -88.09 -29.58 -29.52
CA LEU J 833 -87.94 -30.66 -30.48
C LEU J 833 -89.18 -30.69 -31.38
N MET K 1 -3.79 -30.70 19.14
CA MET K 1 -2.89 -31.20 20.16
C MET K 1 -1.92 -32.25 19.63
N LYS K 2 -0.66 -31.87 19.55
CA LYS K 2 0.42 -32.82 19.37
C LYS K 2 1.11 -33.01 20.72
N LYS K 3 1.33 -34.28 21.07
CA LYS K 3 1.67 -34.63 22.45
C LYS K 3 2.96 -33.98 22.93
N ILE K 4 3.92 -33.82 22.03
CA ILE K 4 5.20 -33.11 22.31
C ILE K 4 6.13 -33.62 23.37
N LEU K 5 5.78 -34.63 24.12
CA LEU K 5 6.55 -35.18 25.24
C LEU K 5 6.86 -34.19 26.35
N ASP K 6 6.95 -34.72 27.56
CA ASP K 6 7.35 -33.97 28.75
C ASP K 6 8.79 -33.49 28.67
N SER K 7 9.69 -34.28 28.08
CA SER K 7 11.06 -33.83 27.91
C SER K 7 11.14 -32.57 27.07
N ALA K 8 10.44 -32.56 25.93
CA ALA K 8 10.44 -31.37 25.09
C ALA K 8 9.72 -30.22 25.77
N LYS K 9 8.64 -30.49 26.51
CA LYS K 9 8.01 -29.42 27.28
C LYS K 9 8.99 -28.78 28.25
N ASN K 10 9.73 -29.60 29.00
CA ASN K 10 10.68 -29.06 29.96
C ASN K 10 11.76 -28.26 29.26
N TYR K 11 12.28 -28.78 28.14
CA TYR K 11 13.32 -28.05 27.43
C TYR K 11 12.83 -26.71 26.92
N LEU K 12 11.62 -26.68 26.34
CA LEU K 12 11.09 -25.43 25.83
C LEU K 12 10.84 -24.44 26.95
N ASN K 13 10.44 -24.93 28.13
CA ASN K 13 10.22 -24.04 29.26
C ASN K 13 11.54 -23.48 29.81
N THR K 14 12.58 -24.31 29.84
CA THR K 14 13.79 -23.91 30.56
C THR K 14 14.80 -23.20 29.67
N HIS K 15 15.20 -23.84 28.56
CA HIS K 15 16.44 -23.46 27.91
C HIS K 15 16.45 -22.03 27.39
N ASP K 16 15.37 -21.55 26.80
CA ASP K 16 15.17 -20.13 26.50
C ASP K 16 16.09 -19.62 25.40
N LYS K 17 17.00 -20.45 24.91
CA LYS K 17 17.77 -20.16 23.70
C LYS K 17 17.93 -21.46 22.93
N LEU K 18 17.02 -21.71 22.00
CA LEU K 18 16.96 -22.97 21.28
C LEU K 18 17.29 -22.74 19.82
N LYS K 19 18.10 -23.62 19.25
CA LYS K 19 18.57 -23.48 17.87
C LYS K 19 17.69 -24.35 16.97
N THR K 20 16.69 -23.71 16.36
CA THR K 20 15.81 -24.43 15.45
C THR K 20 16.50 -24.71 14.13
N ALA K 21 16.19 -25.87 13.56
CA ALA K 21 16.71 -26.26 12.26
C ALA K 21 15.62 -27.00 11.50
N CYS K 22 15.52 -26.74 10.21
CA CYS K 22 14.49 -27.34 9.38
C CYS K 22 15.08 -28.45 8.52
N LEU K 23 14.43 -29.60 8.53
CA LEU K 23 14.84 -30.76 7.74
C LEU K 23 13.92 -30.88 6.54
N ILE K 24 14.35 -30.37 5.40
CA ILE K 24 13.56 -30.40 4.17
C ILE K 24 13.96 -31.62 3.37
N ALA K 25 13.05 -32.56 3.23
CA ALA K 25 13.25 -33.75 2.41
C ALA K 25 12.51 -33.55 1.10
N LEU K 26 13.12 -32.80 0.18
CA LEU K 26 12.53 -32.54 -1.12
C LEU K 26 12.54 -33.83 -1.95
N GLU K 27 11.61 -33.92 -2.91
CA GLU K 27 11.61 -35.02 -3.86
C GLU K 27 11.87 -34.43 -5.23
N LEU K 28 12.90 -34.92 -5.91
CA LEU K 28 13.40 -34.25 -7.09
C LEU K 28 12.39 -34.35 -8.23
N PRO K 29 12.10 -33.24 -8.90
CA PRO K 29 11.39 -33.32 -10.19
C PRO K 29 12.12 -34.25 -11.14
N SER K 30 11.47 -35.37 -11.45
CA SER K 30 12.06 -36.39 -12.31
C SER K 30 11.14 -36.63 -13.49
N SER K 31 11.73 -36.77 -14.67
CA SER K 31 10.98 -37.03 -15.90
C SER K 31 11.25 -38.46 -16.36
N SER K 32 10.39 -38.92 -17.27
CA SER K 32 10.46 -40.22 -17.95
C SER K 32 10.10 -41.38 -17.02
N GLY K 33 9.90 -41.13 -15.72
CA GLY K 33 9.46 -42.17 -14.82
C GLY K 33 10.59 -43.01 -14.27
N SER K 34 10.74 -43.03 -12.94
CA SER K 34 11.77 -43.80 -12.27
C SER K 34 11.47 -43.83 -10.78
N ALA K 35 12.39 -44.40 -10.02
CA ALA K 35 12.29 -44.33 -8.57
C ALA K 35 12.54 -42.90 -8.10
N ALA K 36 11.91 -42.54 -6.98
CA ALA K 36 12.02 -41.19 -6.47
C ALA K 36 13.43 -40.94 -5.92
N THR K 37 14.03 -39.83 -6.33
CA THR K 37 15.33 -39.41 -5.83
C THR K 37 15.10 -38.14 -5.01
N TYR K 38 15.58 -38.13 -3.78
CA TYR K 38 15.30 -37.05 -2.85
C TYR K 38 16.56 -36.22 -2.62
N ILE K 39 16.44 -34.90 -2.77
CA ILE K 39 17.46 -34.00 -2.24
C ILE K 39 17.08 -33.56 -0.84
N TYR K 40 18.02 -33.71 0.09
CA TYR K 40 17.80 -33.46 1.50
C TYR K 40 18.50 -32.16 1.88
N LEU K 41 17.75 -31.06 1.83
CA LEU K 41 18.28 -29.77 2.22
C LEU K 41 17.86 -29.43 3.64
N THR K 42 18.69 -28.65 4.33
CA THR K 42 18.33 -28.15 5.64
C THR K 42 18.76 -26.71 5.75
N ASP K 43 18.13 -25.98 6.68
CA ASP K 43 18.43 -24.56 6.80
C ASP K 43 19.70 -24.38 7.62
N TYR K 44 19.65 -24.74 8.90
CA TYR K 44 20.69 -24.65 9.94
C TYR K 44 22.04 -24.09 9.50
N PHE K 45 23.13 -24.64 10.00
CA PHE K 45 24.43 -24.32 9.42
C PHE K 45 25.40 -25.48 9.27
N ARG K 46 25.34 -26.54 10.07
CA ARG K 46 26.44 -27.49 9.97
C ARG K 46 26.23 -28.55 8.89
N ASP K 47 25.54 -29.62 9.29
CA ASP K 47 24.84 -30.59 8.47
C ASP K 47 24.00 -31.41 9.45
N VAL K 48 22.73 -31.09 9.61
CA VAL K 48 21.97 -31.78 10.64
C VAL K 48 21.47 -33.11 10.12
N THR K 49 21.92 -34.19 10.75
CA THR K 49 21.68 -35.54 10.28
C THR K 49 20.65 -36.22 11.17
N TYR K 50 19.48 -36.53 10.59
CA TYR K 50 18.42 -37.24 11.29
C TYR K 50 18.15 -38.57 10.64
N ASN K 51 18.44 -39.65 11.37
CA ASN K 51 18.01 -40.99 11.01
C ASN K 51 18.45 -41.35 9.59
N GLY K 52 19.76 -41.40 9.38
CA GLY K 52 20.27 -41.74 8.07
C GLY K 52 20.87 -40.59 7.29
N ILE K 53 20.11 -40.05 6.34
CA ILE K 53 20.64 -39.15 5.34
C ILE K 53 21.19 -37.89 6.00
N LEU K 54 22.25 -37.33 5.40
CA LEU K 54 23.04 -36.26 6.01
C LEU K 54 22.39 -34.89 5.96
N TYR K 55 21.43 -34.65 5.07
CA TYR K 55 20.71 -33.38 5.02
C TYR K 55 21.66 -32.19 4.81
N ARG K 56 22.21 -32.10 3.59
CA ARG K 56 23.09 -31.01 3.20
C ARG K 56 22.57 -29.67 3.66
N SER K 57 23.48 -28.73 3.97
CA SER K 57 23.14 -27.48 4.65
C SER K 57 23.74 -26.29 3.92
N GLY K 58 23.53 -26.21 2.62
CA GLY K 58 24.10 -25.13 1.86
C GLY K 58 23.12 -24.31 1.06
N LYS K 59 21.82 -24.47 1.33
CA LYS K 59 20.79 -23.78 0.55
C LYS K 59 19.61 -23.42 1.45
N VAL K 60 18.48 -23.07 0.85
CA VAL K 60 17.25 -22.76 1.58
C VAL K 60 17.47 -21.59 2.53
N LYS K 61 17.42 -20.37 1.99
CA LYS K 61 17.63 -19.20 2.85
C LYS K 61 16.50 -19.02 3.85
N SER K 62 15.26 -19.27 3.45
CA SER K 62 14.14 -19.02 4.34
C SER K 62 12.97 -19.93 3.98
N ILE K 63 12.05 -20.11 4.93
CA ILE K 63 10.82 -20.88 4.74
C ILE K 63 9.65 -20.02 5.18
N SER K 64 8.55 -20.09 4.43
CA SER K 64 7.38 -19.27 4.70
C SER K 64 6.64 -19.78 5.93
N SER K 65 5.47 -19.19 6.20
CA SER K 65 4.67 -19.54 7.37
C SER K 65 3.51 -20.44 6.95
N HIS K 66 3.17 -21.38 7.82
CA HIS K 66 2.17 -22.41 7.51
C HIS K 66 0.86 -22.06 8.22
N LYS K 67 0.00 -21.36 7.50
CA LYS K 67 -1.25 -20.84 8.04
C LYS K 67 -2.42 -21.66 7.51
N GLN K 68 -3.32 -22.07 8.40
CA GLN K 68 -4.51 -22.82 7.99
C GLN K 68 -5.58 -22.72 9.07
N ASN K 69 -6.75 -22.21 8.69
CA ASN K 69 -7.88 -21.98 9.59
C ASN K 69 -8.87 -23.14 9.51
N ARG K 70 -10.04 -22.98 10.13
CA ARG K 70 -11.09 -23.99 10.13
C ARG K 70 -11.85 -23.91 8.81
N GLN K 71 -11.11 -24.00 7.72
CA GLN K 71 -11.62 -24.05 6.35
C GLN K 71 -10.54 -24.66 5.50
N LEU K 72 -10.80 -25.80 4.86
CA LEU K 72 -9.75 -26.44 4.08
C LEU K 72 -9.28 -25.44 3.02
N SER K 73 -8.02 -25.04 3.11
CA SER K 73 -7.55 -23.88 2.36
C SER K 73 -6.23 -24.10 1.67
N ILE K 74 -6.04 -25.21 0.97
CA ILE K 74 -4.89 -25.46 0.10
C ILE K 74 -3.60 -25.02 0.78
N GLY K 75 -3.48 -25.29 2.08
CA GLY K 75 -2.42 -24.78 2.92
C GLY K 75 -1.05 -24.81 2.28
N SER K 76 -0.45 -23.64 2.09
CA SER K 76 0.68 -23.49 1.19
C SER K 76 1.89 -22.91 1.91
N LEU K 77 3.07 -23.35 1.48
CA LEU K 77 4.34 -22.79 1.94
C LEU K 77 5.09 -22.17 0.77
N SER K 78 6.33 -21.75 1.01
CA SER K 78 7.19 -21.31 -0.08
C SER K 78 8.65 -21.35 0.37
N PHE K 79 9.45 -22.21 -0.26
CA PHE K 79 10.88 -22.22 0.00
C PHE K 79 11.52 -20.96 -0.56
N THR K 80 12.78 -20.75 -0.20
CA THR K 80 13.64 -19.79 -0.87
C THR K 80 15.02 -20.40 -0.97
N ILE K 81 15.29 -21.10 -2.06
CA ILE K 81 16.59 -21.72 -2.31
C ILE K 81 17.40 -20.76 -3.16
N THR K 82 18.67 -20.56 -2.79
CA THR K 82 19.50 -19.58 -3.47
C THR K 82 19.59 -19.89 -4.96
N GLY K 83 19.47 -18.84 -5.77
CA GLY K 83 19.48 -19.01 -7.21
C GLY K 83 20.88 -18.99 -7.79
N THR K 84 21.88 -18.95 -6.92
CA THR K 84 23.27 -19.01 -7.33
C THR K 84 23.82 -20.43 -7.27
N ALA K 85 23.02 -21.39 -6.81
CA ALA K 85 23.41 -22.80 -6.83
C ALA K 85 23.01 -23.39 -8.18
N GLU K 86 24.00 -23.82 -8.95
CA GLU K 86 23.75 -24.27 -10.31
C GLU K 86 22.83 -25.48 -10.33
N ASP K 87 23.01 -26.40 -9.39
CA ASP K 87 22.23 -27.64 -9.40
C ASP K 87 20.73 -27.36 -9.30
N GLU K 88 20.33 -26.56 -8.30
CA GLU K 88 18.91 -26.34 -8.08
C GLU K 88 18.25 -25.59 -9.22
N VAL K 89 18.91 -24.55 -9.75
CA VAL K 89 18.33 -23.82 -10.86
C VAL K 89 18.24 -24.72 -12.09
N LEU K 90 19.25 -25.56 -12.30
CA LEU K 90 19.21 -26.49 -13.43
C LEU K 90 18.05 -27.46 -13.30
N LYS K 91 17.82 -27.99 -12.10
CA LYS K 91 16.69 -28.90 -11.91
C LYS K 91 15.36 -28.16 -12.04
N LEU K 92 15.36 -26.86 -11.74
CA LEU K 92 14.18 -26.04 -11.98
C LEU K 92 13.84 -25.87 -13.45
N VAL K 93 14.80 -25.45 -14.28
CA VAL K 93 14.47 -24.97 -15.61
C VAL K 93 14.72 -26.03 -16.68
N GLN K 94 15.01 -27.27 -16.30
CA GLN K 94 15.20 -28.29 -17.32
C GLN K 94 13.88 -28.59 -18.03
N ASN K 95 13.94 -28.62 -19.35
CA ASN K 95 12.74 -28.80 -20.17
C ASN K 95 12.47 -30.29 -20.39
N GLY K 96 11.28 -30.73 -19.98
CA GLY K 96 10.92 -32.13 -20.13
C GLY K 96 10.39 -32.72 -18.84
N VAL K 97 10.74 -32.09 -17.72
CA VAL K 97 10.36 -32.63 -16.42
C VAL K 97 9.01 -32.07 -15.99
N SER K 98 8.27 -32.87 -15.22
CA SER K 98 7.03 -32.43 -14.59
C SER K 98 7.01 -32.95 -13.16
N PHE K 99 6.48 -32.13 -12.26
CA PHE K 99 6.44 -32.46 -10.84
C PHE K 99 5.06 -32.16 -10.27
N LEU K 100 4.03 -32.67 -10.94
CA LEU K 100 2.67 -32.52 -10.41
C LEU K 100 2.58 -33.08 -9.01
N ASP K 101 3.08 -34.30 -8.81
CA ASP K 101 3.25 -34.90 -7.49
C ASP K 101 4.63 -34.49 -6.99
N ARG K 102 5.08 -35.18 -5.93
CA ARG K 102 6.42 -35.19 -5.34
C ARG K 102 6.33 -34.65 -3.93
N GLY K 103 6.40 -35.53 -2.93
CA GLY K 103 6.21 -35.10 -1.57
C GLY K 103 7.30 -34.17 -1.09
N ILE K 104 6.92 -33.25 -0.21
CA ILE K 104 7.85 -32.43 0.56
C ILE K 104 7.53 -32.65 2.02
N THR K 105 8.54 -33.02 2.80
CA THR K 105 8.40 -33.17 4.24
C THR K 105 9.42 -32.28 4.93
N ILE K 106 8.94 -31.41 5.81
CA ILE K 106 9.80 -30.49 6.56
C ILE K 106 9.72 -30.86 8.03
N HIS K 107 10.88 -31.06 8.64
CA HIS K 107 10.98 -31.32 10.07
C HIS K 107 11.64 -30.12 10.72
N GLN K 108 11.00 -29.55 11.74
CA GLN K 108 11.59 -28.44 12.47
C GLN K 108 12.41 -29.02 13.61
N ALA K 109 13.64 -29.38 13.29
CA ALA K 109 14.50 -30.06 14.26
C ALA K 109 15.02 -29.08 15.30
N ILE K 110 14.60 -29.26 16.54
CA ILE K 110 15.05 -28.44 17.65
C ILE K 110 16.42 -28.98 18.05
N ILE K 111 17.48 -28.32 17.59
CA ILE K 111 18.82 -28.81 17.86
C ILE K 111 19.10 -28.75 19.36
N ASN K 112 19.58 -29.87 19.88
CA ASN K 112 20.07 -29.94 21.26
C ASN K 112 21.45 -29.33 21.28
N GLU K 113 22.19 -29.51 22.37
CA GLU K 113 23.59 -29.14 22.33
C GLU K 113 24.34 -30.00 21.31
N GLU K 114 23.96 -31.27 21.18
CA GLU K 114 24.64 -32.20 20.28
C GLU K 114 23.67 -33.09 19.49
N GLY K 115 22.66 -32.54 18.82
CA GLY K 115 22.00 -33.42 17.86
C GLY K 115 20.52 -33.80 17.92
N ASN K 116 19.64 -32.87 18.30
CA ASN K 116 18.17 -33.03 18.25
C ASN K 116 17.65 -33.66 19.53
N ILE K 117 16.68 -33.01 20.17
CA ILE K 117 16.34 -33.34 21.56
C ILE K 117 15.10 -34.23 21.62
N LEU K 118 14.81 -34.92 20.54
CA LEU K 118 14.00 -36.14 20.61
C LEU K 118 12.56 -35.90 21.05
N PRO K 119 11.76 -35.03 20.39
CA PRO K 119 10.33 -34.96 20.74
C PRO K 119 9.45 -35.95 19.97
N VAL K 120 8.20 -35.56 19.82
CA VAL K 120 7.25 -36.37 19.07
C VAL K 120 7.04 -37.72 19.56
N ASP K 121 5.99 -37.85 20.32
CA ASP K 121 5.66 -39.11 20.85
C ASP K 121 5.27 -39.95 19.66
N PRO K 122 5.20 -41.31 19.78
CA PRO K 122 5.00 -42.21 18.64
C PRO K 122 5.91 -42.16 17.41
N ASP K 123 6.22 -41.03 16.80
CA ASP K 123 7.17 -40.98 15.72
C ASP K 123 8.44 -41.28 16.41
N THR K 124 9.38 -41.86 15.69
CA THR K 124 10.69 -42.07 16.26
C THR K 124 10.93 -40.76 16.93
N ASP K 125 11.46 -40.79 18.14
CA ASP K 125 11.56 -39.58 18.94
C ASP K 125 12.46 -38.60 18.21
N GLY K 126 11.88 -37.94 17.22
CA GLY K 126 12.57 -36.96 16.44
C GLY K 126 11.78 -35.67 16.33
N PRO K 127 12.17 -34.82 15.41
CA PRO K 127 11.55 -33.50 15.30
C PRO K 127 10.10 -33.56 14.83
N LEU K 128 9.35 -32.52 15.15
CA LEU K 128 7.98 -32.38 14.68
C LEU K 128 7.97 -32.30 13.16
N LEU K 129 6.98 -32.91 12.53
CA LEU K 129 6.71 -32.60 11.13
C LEU K 129 6.26 -31.14 11.02
N PHE K 130 6.54 -30.53 9.87
CA PHE K 130 6.14 -29.15 9.65
C PHE K 130 5.20 -28.97 8.47
N PHE K 131 5.46 -29.57 7.32
CA PHE K 131 4.54 -29.39 6.22
C PHE K 131 3.91 -30.69 5.70
N ARG K 132 4.73 -31.65 5.29
CA ARG K 132 4.28 -32.92 4.70
C ARG K 132 3.21 -32.68 3.63
N GLY K 133 3.63 -32.02 2.55
CA GLY K 133 2.72 -31.74 1.46
C GLY K 133 3.32 -32.06 0.11
N ARG K 134 2.63 -31.61 -0.93
CA ARG K 134 3.04 -31.82 -2.31
C ARG K 134 3.53 -30.50 -2.91
N ILE K 135 4.31 -30.62 -3.98
CA ILE K 135 5.09 -29.48 -4.50
C ILE K 135 4.39 -29.02 -5.77
N THR K 136 3.87 -27.79 -5.71
CA THR K 136 3.35 -27.09 -6.89
C THR K 136 3.95 -25.69 -6.93
N GLY K 137 5.14 -25.60 -7.49
CA GLY K 137 6.03 -24.49 -7.21
C GLY K 137 6.36 -23.59 -8.37
N GLY K 138 6.77 -22.37 -8.03
CA GLY K 138 7.18 -21.38 -9.01
C GLY K 138 8.66 -21.52 -9.34
N GLY K 139 9.32 -20.39 -9.57
CA GLY K 139 10.67 -20.47 -10.05
C GLY K 139 11.48 -19.22 -9.78
N ILE K 140 12.48 -19.01 -10.64
CA ILE K 140 13.52 -18.02 -10.42
C ILE K 140 12.92 -16.62 -10.34
N LYS K 141 13.56 -15.75 -9.56
CA LYS K 141 13.46 -14.31 -9.73
C LYS K 141 14.87 -13.74 -9.71
N ASP K 142 15.35 -13.32 -10.88
CA ASP K 142 16.68 -12.74 -11.03
C ASP K 142 16.55 -11.23 -11.10
N ASN K 143 17.60 -10.52 -10.67
CA ASN K 143 17.60 -9.08 -10.71
C ASN K 143 18.81 -8.47 -11.41
N VAL K 144 20.01 -9.03 -11.20
CA VAL K 144 21.28 -8.58 -11.78
C VAL K 144 21.30 -7.07 -12.03
N ASN K 145 21.11 -6.29 -10.98
CA ASN K 145 21.16 -4.84 -11.10
C ASN K 145 22.51 -4.40 -11.64
N THR K 146 22.48 -3.39 -12.53
CA THR K 146 23.73 -2.87 -13.07
C THR K 146 24.50 -2.06 -12.03
N SER K 147 23.81 -1.54 -11.02
CA SER K 147 24.47 -0.70 -10.04
C SER K 147 25.34 -1.52 -9.09
N GLY K 148 24.86 -2.67 -8.66
CA GLY K 148 25.51 -3.39 -7.58
C GLY K 148 24.88 -4.72 -7.24
N ILE K 149 24.60 -4.92 -5.95
CA ILE K 149 23.95 -6.14 -5.46
C ILE K 149 22.78 -6.53 -6.35
N GLY K 150 22.74 -7.79 -6.73
CA GLY K 150 21.57 -8.36 -7.37
C GLY K 150 21.17 -9.61 -6.63
N THR K 151 19.89 -9.95 -6.69
CA THR K 151 19.39 -11.09 -5.95
C THR K 151 18.91 -12.16 -6.91
N SER K 152 18.84 -13.40 -6.43
CA SER K 152 18.33 -14.53 -7.21
C SER K 152 17.90 -15.62 -6.25
N VAL K 153 16.58 -15.83 -6.17
CA VAL K 153 16.03 -16.79 -5.23
C VAL K 153 15.08 -17.72 -5.96
N ILE K 154 15.22 -19.02 -5.70
CA ILE K 154 14.28 -20.03 -6.17
C ILE K 154 13.14 -20.09 -5.16
N THR K 155 11.94 -19.72 -5.60
CA THR K 155 10.78 -19.70 -4.72
C THR K 155 9.99 -20.96 -5.01
N TRP K 156 10.43 -22.07 -4.42
CA TRP K 156 9.64 -23.30 -4.49
C TRP K 156 8.35 -23.14 -3.72
N ASN K 157 7.23 -23.18 -4.44
CA ASN K 157 5.93 -23.21 -3.80
C ASN K 157 5.53 -24.66 -3.54
N CYS K 158 4.73 -24.85 -2.50
CA CYS K 158 4.28 -26.19 -2.16
C CYS K 158 3.04 -26.05 -1.28
N SER K 159 2.09 -26.96 -1.49
CA SER K 159 0.76 -26.77 -0.94
C SER K 159 0.20 -28.12 -0.51
N ASN K 160 -0.99 -28.07 0.07
CA ASN K 160 -1.68 -29.26 0.55
C ASN K 160 -2.03 -30.18 -0.62
N GLN K 161 -2.51 -31.38 -0.29
CA GLN K 161 -2.93 -32.32 -1.33
C GLN K 161 -4.07 -31.74 -2.16
N PHE K 162 -4.89 -30.88 -1.57
CA PHE K 162 -5.98 -30.27 -2.31
C PHE K 162 -5.49 -29.06 -3.12
N TYR K 163 -4.41 -29.24 -3.87
CA TYR K 163 -4.06 -28.24 -4.87
C TYR K 163 -4.90 -28.46 -6.11
N ASP K 164 -4.89 -27.48 -7.01
CA ASP K 164 -5.77 -27.49 -8.17
C ASP K 164 -7.20 -27.65 -7.67
N PHE K 165 -7.69 -26.65 -6.95
CA PHE K 165 -8.95 -26.77 -6.20
C PHE K 165 -10.15 -27.05 -7.09
N ASP K 166 -9.98 -27.09 -8.41
CA ASP K 166 -11.10 -27.39 -9.28
C ASP K 166 -10.88 -28.73 -9.99
N ARG K 167 -10.13 -29.64 -9.35
CA ARG K 167 -10.08 -30.99 -9.87
C ARG K 167 -11.44 -31.65 -9.71
N VAL K 168 -11.82 -32.45 -10.71
CA VAL K 168 -13.14 -33.05 -10.76
C VAL K 168 -13.06 -34.58 -10.71
N ASN K 169 -12.09 -35.12 -9.97
CA ASN K 169 -11.81 -36.55 -9.98
C ASN K 169 -13.09 -37.37 -9.82
N GLY K 170 -13.43 -38.11 -10.87
CA GLY K 170 -14.65 -38.91 -10.91
C GLY K 170 -14.54 -39.84 -12.09
N ARG K 171 -15.46 -40.79 -12.14
CA ARG K 171 -15.32 -41.92 -13.05
C ARG K 171 -16.18 -41.80 -14.30
N TYR K 172 -17.26 -41.04 -14.26
CA TYR K 172 -18.14 -40.81 -15.40
C TYR K 172 -18.61 -42.18 -15.93
N THR K 173 -19.31 -42.24 -17.09
CA THR K 173 -19.94 -43.48 -17.53
C THR K 173 -19.76 -43.70 -19.04
N ASP K 174 -18.54 -43.55 -19.52
CA ASP K 174 -18.24 -43.82 -20.91
C ASP K 174 -17.09 -44.82 -20.97
N ASP K 175 -17.04 -45.56 -22.08
CA ASP K 175 -16.05 -46.60 -22.25
C ASP K 175 -14.64 -46.05 -22.12
N ALA K 176 -14.33 -44.96 -22.83
CA ALA K 176 -12.99 -44.42 -22.81
C ALA K 176 -12.61 -43.90 -21.43
N SER K 177 -13.53 -43.22 -20.76
CA SER K 177 -13.28 -42.71 -19.43
C SER K 177 -13.27 -43.82 -18.38
N HIS K 178 -13.78 -45.00 -18.72
CA HIS K 178 -13.76 -46.13 -17.80
C HIS K 178 -12.53 -47.00 -17.94
N ARG K 179 -11.98 -47.14 -19.15
CA ARG K 179 -10.74 -47.91 -19.27
C ARG K 179 -9.63 -47.16 -19.99
N GLY K 180 -9.64 -45.84 -20.00
CA GLY K 180 -8.48 -45.09 -20.46
C GLY K 180 -8.05 -45.38 -21.88
N LEU K 181 -8.97 -45.36 -22.84
CA LEU K 181 -8.61 -45.64 -24.22
C LEU K 181 -7.57 -44.63 -24.71
N GLU K 182 -6.55 -45.14 -25.39
CA GLU K 182 -5.47 -44.30 -25.88
C GLU K 182 -5.39 -44.39 -27.40
N VAL K 183 -4.43 -43.71 -28.02
CA VAL K 183 -4.36 -43.67 -29.47
C VAL K 183 -2.97 -44.11 -29.94
N VAL K 184 -2.32 -44.96 -29.15
CA VAL K 184 -1.00 -45.45 -29.53
C VAL K 184 -1.10 -46.38 -30.73
N ASN K 185 0.06 -46.68 -31.31
CA ASN K 185 0.32 -47.40 -32.56
C ASN K 185 -0.62 -46.93 -33.67
N GLY K 186 -0.94 -47.80 -34.62
CA GLY K 186 -1.56 -47.33 -35.85
C GLY K 186 -2.98 -46.84 -35.67
N THR K 187 -3.93 -47.76 -35.44
CA THR K 187 -5.32 -47.39 -35.55
C THR K 187 -6.24 -48.03 -34.51
N LEU K 188 -5.74 -48.45 -33.35
CA LEU K 188 -6.57 -49.12 -32.35
C LEU K 188 -6.42 -48.41 -31.01
N GLN K 189 -7.51 -48.36 -30.25
CA GLN K 189 -7.42 -47.90 -28.87
C GLN K 189 -7.06 -49.06 -27.95
N PRO K 190 -5.90 -49.04 -27.30
CA PRO K 190 -5.69 -49.96 -26.17
C PRO K 190 -6.32 -49.40 -24.90
N SER K 191 -6.09 -50.09 -23.78
CA SER K 191 -6.62 -49.68 -22.49
C SER K 191 -5.42 -49.49 -21.55
N ASN K 192 -4.91 -48.26 -21.49
CA ASN K 192 -3.69 -47.96 -20.75
C ASN K 192 -3.91 -46.73 -19.88
N GLY K 193 -3.19 -46.66 -18.75
CA GLY K 193 -3.17 -45.49 -17.92
C GLY K 193 -4.51 -45.10 -17.30
N ALA K 194 -5.20 -46.08 -16.74
CA ALA K 194 -6.46 -45.84 -16.05
C ALA K 194 -6.31 -46.24 -14.59
N LYS K 195 -7.29 -45.84 -13.78
CA LYS K 195 -7.29 -46.20 -12.37
C LYS K 195 -7.39 -47.71 -12.25
N ARG K 196 -6.29 -48.37 -11.86
CA ARG K 196 -6.10 -49.82 -11.69
C ARG K 196 -6.37 -50.58 -12.98
N PRO K 197 -5.63 -51.66 -13.24
CA PRO K 197 -5.78 -52.36 -14.53
C PRO K 197 -7.09 -53.11 -14.67
N GLU K 198 -7.76 -53.39 -13.55
CA GLU K 198 -9.05 -54.05 -13.62
C GLU K 198 -10.08 -53.26 -14.42
N TYR K 199 -10.09 -51.92 -14.30
CA TYR K 199 -10.84 -51.13 -15.27
C TYR K 199 -10.29 -51.26 -16.68
N GLN K 200 -8.97 -51.30 -16.86
CA GLN K 200 -8.42 -51.44 -18.20
C GLN K 200 -9.01 -52.65 -18.92
N GLU K 201 -9.28 -53.72 -18.19
CA GLU K 201 -9.99 -54.83 -18.80
C GLU K 201 -11.50 -54.82 -18.51
N ASP K 202 -11.99 -53.84 -17.76
CA ASP K 202 -13.42 -53.74 -17.48
C ASP K 202 -14.17 -53.18 -18.68
N TYR K 203 -14.36 -54.00 -19.70
CA TYR K 203 -14.93 -53.54 -20.96
C TYR K 203 -16.45 -53.53 -20.87
N GLY K 204 -17.00 -52.68 -20.00
CA GLY K 204 -18.41 -52.75 -19.67
C GLY K 204 -19.25 -51.48 -19.77
N PHE K 205 -18.64 -50.36 -20.18
CA PHE K 205 -19.42 -49.17 -20.47
C PHE K 205 -19.46 -48.91 -21.97
N PHE K 206 -19.23 -49.96 -22.77
CA PHE K 206 -19.16 -49.79 -24.21
C PHE K 206 -20.44 -49.26 -24.81
N HIS K 207 -21.60 -49.77 -24.39
CA HIS K 207 -22.88 -49.36 -24.93
C HIS K 207 -23.53 -48.36 -23.98
N SER K 208 -22.97 -47.15 -23.93
CA SER K 208 -23.45 -46.15 -22.98
C SER K 208 -23.80 -44.85 -23.70
N ASN K 209 -23.20 -44.64 -24.87
CA ASN K 209 -23.53 -43.46 -25.65
C ASN K 209 -24.94 -43.52 -26.20
N LYS K 210 -25.38 -44.71 -26.62
CA LYS K 210 -26.64 -44.87 -27.33
C LYS K 210 -27.77 -45.40 -26.46
N SER K 211 -27.53 -45.66 -25.17
CA SER K 211 -28.56 -46.24 -24.33
C SER K 211 -29.71 -45.25 -24.08
N THR K 212 -29.36 -43.98 -23.87
CA THR K 212 -30.37 -42.99 -23.51
C THR K 212 -31.43 -42.85 -24.60
N THR K 213 -31.01 -42.86 -25.87
CA THR K 213 -31.99 -42.80 -26.96
C THR K 213 -32.84 -44.06 -26.99
N ILE K 214 -32.24 -45.22 -26.75
CA ILE K 214 -33.00 -46.46 -26.76
C ILE K 214 -34.10 -46.42 -25.71
N LEU K 215 -33.81 -45.89 -24.52
CA LEU K 215 -34.89 -45.66 -23.57
C LEU K 215 -35.87 -44.58 -24.03
N ALA K 216 -35.37 -43.51 -24.62
CA ALA K 216 -36.25 -42.43 -25.05
C ALA K 216 -37.26 -42.92 -26.07
N LYS K 217 -36.97 -44.02 -26.76
CA LYS K 217 -38.00 -44.67 -27.58
C LYS K 217 -39.16 -45.13 -26.71
N TYR K 218 -38.86 -45.85 -25.63
CA TYR K 218 -39.88 -46.40 -24.73
C TYR K 218 -40.11 -45.49 -23.53
N GLN K 219 -40.41 -44.21 -23.73
CA GLN K 219 -40.47 -43.31 -22.59
C GLN K 219 -41.41 -42.14 -22.88
N VAL K 220 -41.87 -41.51 -21.80
CA VAL K 220 -42.83 -40.41 -21.86
C VAL K 220 -42.20 -39.22 -22.58
N LYS K 221 -43.03 -38.36 -23.17
CA LYS K 221 -42.51 -37.19 -23.87
C LYS K 221 -41.78 -36.25 -22.93
N GLU K 222 -42.26 -36.11 -21.69
CA GLU K 222 -41.64 -35.18 -20.75
C GLU K 222 -40.31 -35.71 -20.24
N GLU K 223 -40.30 -36.90 -19.65
CA GLU K 223 -39.08 -37.44 -19.08
C GLU K 223 -38.22 -38.10 -20.15
N ARG K 224 -37.93 -37.36 -21.22
CA ARG K 224 -37.09 -37.83 -22.31
C ARG K 224 -35.72 -37.16 -22.21
N TYR K 225 -34.68 -37.98 -22.10
CA TYR K 225 -33.32 -37.50 -21.83
C TYR K 225 -33.29 -36.65 -20.56
N LYS K 226 -33.99 -37.15 -19.54
CA LYS K 226 -34.18 -36.37 -18.32
C LYS K 226 -33.98 -37.20 -17.06
N LEU K 227 -32.82 -37.07 -16.43
CA LEU K 227 -32.64 -37.66 -15.11
C LEU K 227 -32.98 -36.65 -14.02
N GLN K 228 -33.17 -37.17 -12.81
CA GLN K 228 -33.25 -36.30 -11.65
C GLN K 228 -31.86 -35.81 -11.28
N SER K 229 -31.77 -34.88 -10.33
CA SER K 229 -30.48 -34.37 -9.89
C SER K 229 -29.92 -35.30 -8.83
N LYS K 230 -28.69 -35.77 -9.07
CA LYS K 230 -28.06 -36.74 -8.19
C LYS K 230 -27.82 -36.19 -6.79
N LYS K 231 -27.71 -34.88 -6.64
CA LYS K 231 -27.59 -34.26 -5.33
C LYS K 231 -28.54 -33.09 -5.25
N LYS K 232 -29.57 -33.23 -4.42
CA LYS K 232 -30.57 -32.19 -4.25
C LYS K 232 -30.36 -31.54 -2.88
N LEU K 233 -30.63 -30.23 -2.83
CA LEU K 233 -30.54 -29.47 -1.59
C LEU K 233 -29.12 -29.53 -1.00
N PHE K 234 -28.16 -28.97 -1.74
CA PHE K 234 -26.80 -28.90 -1.24
C PHE K 234 -26.69 -27.88 -0.12
N GLY K 235 -25.59 -27.95 0.62
CA GLY K 235 -25.43 -27.16 1.83
C GLY K 235 -25.32 -25.66 1.62
N LEU K 236 -26.22 -24.91 2.25
CA LEU K 236 -26.09 -23.45 2.27
C LEU K 236 -24.86 -23.06 3.07
N SER K 237 -24.09 -22.10 2.54
CA SER K 237 -22.82 -21.76 3.18
C SER K 237 -22.57 -20.26 3.22
N ARG K 238 -23.63 -19.44 3.20
CA ARG K 238 -23.61 -17.98 3.20
C ARG K 238 -23.04 -17.43 1.89
N SER K 239 -22.54 -18.27 0.99
CA SER K 239 -22.18 -17.80 -0.34
C SER K 239 -23.44 -17.50 -1.16
N TYR K 240 -24.55 -18.10 -0.78
CA TYR K 240 -25.82 -17.92 -1.47
C TYR K 240 -26.79 -17.10 -0.62
N SER K 241 -27.82 -16.59 -1.28
CA SER K 241 -28.99 -16.01 -0.65
C SER K 241 -30.16 -16.96 -0.85
N LEU K 242 -31.13 -16.88 0.07
CA LEU K 242 -32.19 -17.90 0.13
C LEU K 242 -32.89 -18.06 -1.22
N LYS K 243 -33.29 -16.95 -1.83
CA LYS K 243 -33.98 -17.07 -3.11
C LYS K 243 -33.07 -17.71 -4.16
N LYS K 244 -31.86 -17.19 -4.32
CA LYS K 244 -30.94 -17.76 -5.30
C LYS K 244 -30.58 -19.20 -4.94
N TYR K 245 -30.34 -19.47 -3.66
CA TYR K 245 -29.94 -20.81 -3.26
C TYR K 245 -31.04 -21.83 -3.56
N TYR K 246 -32.29 -21.50 -3.22
CA TYR K 246 -33.37 -22.44 -3.44
C TYR K 246 -33.76 -22.52 -4.91
N GLU K 247 -33.43 -21.49 -5.69
CA GLU K 247 -33.65 -21.57 -7.13
C GLU K 247 -32.61 -22.47 -7.79
N THR K 248 -31.37 -22.46 -7.30
CA THR K 248 -30.34 -23.30 -7.88
C THR K 248 -30.67 -24.78 -7.72
N VAL K 249 -31.37 -25.14 -6.65
CA VAL K 249 -31.78 -26.53 -6.44
C VAL K 249 -32.78 -26.92 -7.51
N THR K 250 -32.41 -27.89 -8.34
CA THR K 250 -33.26 -28.37 -9.42
C THR K 250 -33.54 -29.85 -9.23
N LYS K 251 -34.80 -30.25 -9.43
CA LYS K 251 -35.17 -31.64 -9.26
C LYS K 251 -34.74 -32.53 -10.42
N GLU K 252 -34.69 -32.00 -11.64
CA GLU K 252 -34.36 -32.80 -12.80
C GLU K 252 -33.23 -32.14 -13.56
N VAL K 253 -32.38 -32.97 -14.17
CA VAL K 253 -31.27 -32.48 -14.98
C VAL K 253 -31.48 -32.94 -16.41
N ASP K 254 -31.09 -32.12 -17.37
CA ASP K 254 -31.29 -32.45 -18.77
C ASP K 254 -30.10 -33.24 -19.26
N LEU K 255 -30.22 -34.58 -19.28
CA LEU K 255 -29.11 -35.45 -19.64
C LEU K 255 -28.57 -35.18 -21.02
N ASP K 256 -29.37 -34.61 -21.93
CA ASP K 256 -28.94 -34.46 -23.31
C ASP K 256 -27.71 -33.57 -23.42
N PHE K 257 -27.75 -32.41 -22.78
CA PHE K 257 -26.63 -31.47 -22.85
C PHE K 257 -25.77 -31.48 -21.60
N ASN K 258 -26.31 -31.92 -20.47
CA ASN K 258 -25.56 -31.94 -19.21
C ASN K 258 -24.82 -33.27 -19.10
N LEU K 259 -23.51 -33.24 -19.40
CA LEU K 259 -22.69 -34.43 -19.24
C LEU K 259 -22.23 -34.64 -17.79
N ALA K 260 -22.35 -33.63 -16.93
CA ALA K 260 -22.02 -33.84 -15.53
C ALA K 260 -22.99 -34.79 -14.86
N ALA K 261 -24.13 -35.04 -15.50
CA ALA K 261 -25.11 -35.95 -14.92
C ALA K 261 -24.65 -37.40 -15.02
N LYS K 262 -23.70 -37.69 -15.91
CA LYS K 262 -23.29 -39.07 -16.12
C LYS K 262 -22.29 -39.53 -15.08
N PHE K 263 -21.70 -38.61 -14.33
CA PHE K 263 -20.73 -38.98 -13.31
C PHE K 263 -21.38 -39.84 -12.23
N ILE K 264 -20.67 -40.88 -11.80
CA ILE K 264 -21.20 -41.84 -10.82
C ILE K 264 -21.11 -41.24 -9.42
N PRO K 265 -22.23 -41.15 -8.70
CA PRO K 265 -22.19 -40.62 -7.33
C PRO K 265 -21.51 -41.59 -6.38
N VAL K 266 -21.16 -41.06 -5.21
CA VAL K 266 -20.73 -41.84 -4.07
C VAL K 266 -21.73 -41.57 -2.94
N VAL K 267 -22.28 -42.63 -2.37
CA VAL K 267 -23.34 -42.51 -1.37
C VAL K 267 -22.88 -43.15 -0.08
N TYR K 268 -23.03 -42.43 1.02
CA TYR K 268 -22.78 -42.96 2.35
C TYR K 268 -24.09 -42.94 3.13
N GLY K 269 -24.39 -44.04 3.81
CA GLY K 269 -25.70 -44.22 4.41
C GLY K 269 -26.75 -44.54 3.37
N VAL K 270 -28.00 -44.29 3.73
CA VAL K 270 -29.13 -44.52 2.82
C VAL K 270 -29.57 -43.16 2.31
N GLN K 271 -29.80 -43.08 0.99
CA GLN K 271 -30.28 -41.86 0.37
C GLN K 271 -30.79 -42.20 -1.02
N LYS K 272 -31.72 -41.37 -1.52
CA LYS K 272 -32.31 -41.57 -2.83
C LYS K 272 -31.38 -40.99 -3.90
N ILE K 273 -31.02 -41.82 -4.86
CA ILE K 273 -30.25 -41.36 -6.01
C ILE K 273 -30.89 -41.85 -7.30
N PRO K 274 -30.85 -41.08 -8.37
CA PRO K 274 -31.32 -41.57 -9.67
C PRO K 274 -30.31 -42.52 -10.30
N GLY K 275 -30.78 -43.28 -11.28
CA GLY K 275 -29.97 -44.29 -11.94
C GLY K 275 -29.61 -43.86 -13.35
N ILE K 276 -28.32 -43.81 -13.62
CA ILE K 276 -27.81 -43.43 -14.93
C ILE K 276 -28.02 -44.59 -15.89
N PRO K 277 -28.68 -44.38 -17.02
CA PRO K 277 -28.99 -45.48 -17.94
C PRO K 277 -27.81 -45.86 -18.83
N ILE K 278 -26.94 -46.74 -18.34
CA ILE K 278 -25.75 -47.10 -19.11
C ILE K 278 -26.01 -48.23 -20.11
N PHE K 279 -27.25 -48.68 -20.25
CA PHE K 279 -27.54 -49.77 -21.19
C PHE K 279 -29.05 -49.87 -21.37
N ALA K 280 -29.49 -50.29 -22.55
CA ALA K 280 -30.90 -50.45 -22.85
C ALA K 280 -31.06 -51.25 -24.14
N ASP K 281 -31.90 -52.28 -24.10
CA ASP K 281 -32.22 -53.05 -25.30
C ASP K 281 -33.43 -53.93 -25.02
N THR K 282 -33.96 -54.53 -26.08
CA THR K 282 -35.14 -55.39 -26.01
C THR K 282 -34.84 -56.74 -26.66
N GLU K 283 -35.48 -57.79 -26.15
CA GLU K 283 -35.27 -59.13 -26.68
C GLU K 283 -35.84 -59.27 -28.10
N LEU K 284 -35.22 -60.14 -28.88
CA LEU K 284 -35.79 -60.54 -30.16
C LEU K 284 -37.00 -61.44 -29.96
N ASN K 285 -37.84 -61.50 -31.00
CA ASN K 285 -38.94 -62.46 -31.08
C ASN K 285 -40.03 -62.15 -30.05
N ASN K 286 -39.76 -61.15 -29.21
CA ASN K 286 -40.68 -60.72 -28.17
C ASN K 286 -40.27 -59.32 -27.71
N PRO K 287 -40.36 -58.31 -28.57
CA PRO K 287 -39.75 -57.00 -28.27
C PRO K 287 -40.61 -56.09 -27.40
N ASN K 288 -41.11 -56.64 -26.29
CA ASN K 288 -41.76 -55.82 -25.27
C ASN K 288 -40.91 -55.79 -24.02
N ILE K 289 -40.22 -56.89 -23.67
CA ILE K 289 -39.30 -56.93 -22.55
C ILE K 289 -38.15 -55.98 -22.82
N VAL K 290 -37.82 -55.13 -21.85
CA VAL K 290 -36.74 -54.16 -21.97
C VAL K 290 -35.71 -54.43 -20.89
N TYR K 291 -34.45 -54.50 -21.28
CA TYR K 291 -33.34 -54.75 -20.36
C TYR K 291 -32.55 -53.45 -20.21
N VAL K 292 -32.52 -52.92 -18.99
CA VAL K 292 -31.88 -51.64 -18.72
C VAL K 292 -30.91 -51.82 -17.57
N VAL K 293 -29.65 -51.44 -17.79
CA VAL K 293 -28.68 -51.41 -16.71
C VAL K 293 -28.54 -49.98 -16.17
N TYR K 294 -28.78 -49.83 -14.87
CA TYR K 294 -28.79 -48.53 -14.25
C TYR K 294 -27.64 -48.44 -13.26
N ALA K 295 -26.69 -47.55 -13.52
CA ALA K 295 -25.55 -47.33 -12.64
C ALA K 295 -25.94 -46.30 -11.59
N PHE K 296 -25.74 -46.65 -10.32
CA PHE K 296 -26.20 -45.83 -9.21
C PHE K 296 -25.09 -45.23 -8.36
N ALA K 297 -24.18 -46.04 -7.83
CA ALA K 297 -23.16 -45.54 -6.91
C ALA K 297 -21.88 -46.34 -7.11
N GLU K 298 -20.98 -46.26 -6.14
CA GLU K 298 -19.67 -46.86 -6.29
C GLU K 298 -19.50 -48.08 -5.39
N GLY K 299 -18.27 -48.59 -5.37
CA GLY K 299 -17.95 -49.92 -4.88
C GLY K 299 -18.52 -50.37 -3.55
N GLU K 300 -19.00 -51.61 -3.52
CA GLU K 300 -19.45 -52.30 -2.32
C GLU K 300 -20.54 -51.54 -1.59
N ILE K 301 -21.70 -51.41 -2.24
CA ILE K 301 -22.88 -50.93 -1.53
C ILE K 301 -23.26 -51.95 -0.47
N ASP K 302 -23.73 -51.45 0.68
CA ASP K 302 -24.32 -52.36 1.66
C ASP K 302 -25.50 -53.11 1.05
N GLY K 303 -26.28 -52.41 0.25
CA GLY K 303 -27.33 -53.04 -0.53
C GLY K 303 -28.33 -52.08 -1.12
N PHE K 304 -28.89 -52.44 -2.28
CA PHE K 304 -29.98 -51.66 -2.82
C PHE K 304 -31.23 -51.86 -1.98
N LEU K 305 -32.06 -50.83 -1.91
CA LEU K 305 -33.08 -50.73 -0.89
C LEU K 305 -34.26 -49.93 -1.43
N ASP K 306 -35.38 -50.61 -1.67
CA ASP K 306 -36.62 -49.99 -2.11
C ASP K 306 -36.44 -49.23 -3.43
N PHE K 307 -36.22 -49.99 -4.49
CA PHE K 307 -36.22 -49.43 -5.83
C PHE K 307 -37.48 -48.60 -6.09
N TYR K 308 -37.36 -47.64 -7.00
CA TYR K 308 -38.50 -46.85 -7.41
C TYR K 308 -38.84 -47.18 -8.87
N ILE K 309 -40.09 -47.56 -9.10
CA ILE K 309 -40.57 -47.77 -10.47
C ILE K 309 -41.24 -46.54 -11.02
N GLY K 310 -40.95 -45.37 -10.45
CA GLY K 310 -41.57 -44.12 -10.86
C GLY K 310 -41.48 -43.14 -9.72
N ASP K 311 -42.62 -42.53 -9.38
CA ASP K 311 -42.77 -41.79 -8.13
C ASP K 311 -43.53 -42.59 -7.09
N SER K 312 -43.74 -43.85 -7.42
CA SER K 312 -44.42 -44.74 -6.52
C SER K 312 -43.42 -45.82 -6.20
N PRO K 313 -42.96 -45.86 -4.97
CA PRO K 313 -42.00 -46.87 -4.59
C PRO K 313 -42.62 -48.24 -4.41
N MET K 314 -41.84 -49.30 -4.46
CA MET K 314 -42.32 -50.65 -4.23
C MET K 314 -42.83 -50.88 -2.82
N ILE K 315 -42.35 -50.12 -1.85
CA ILE K 315 -42.74 -50.34 -0.47
C ILE K 315 -43.54 -49.13 0.00
N CYS K 316 -44.83 -49.35 0.26
CA CYS K 316 -45.77 -48.26 0.51
C CYS K 316 -45.42 -47.46 1.75
N PHE K 317 -45.53 -46.13 1.66
CA PHE K 317 -45.48 -45.29 2.83
C PHE K 317 -46.84 -45.27 3.51
N ASP K 318 -46.93 -45.86 4.69
CA ASP K 318 -48.15 -45.82 5.50
C ASP K 318 -49.31 -46.60 4.90
N GLU K 319 -50.37 -46.73 5.70
CA GLU K 319 -51.66 -47.22 5.20
C GLU K 319 -52.19 -46.35 4.07
N THR K 320 -51.78 -45.08 4.00
CA THR K 320 -52.21 -44.22 2.91
C THR K 320 -51.74 -44.75 1.56
N ASP K 321 -50.43 -45.01 1.42
CA ASP K 321 -49.94 -45.62 0.19
C ASP K 321 -50.42 -47.05 0.05
N SER K 322 -50.56 -47.78 1.16
CA SER K 322 -51.05 -49.14 1.09
C SER K 322 -52.44 -49.20 0.46
N ASP K 323 -53.28 -48.19 0.75
CA ASP K 323 -54.63 -48.18 0.21
C ASP K 323 -54.65 -47.81 -1.26
N THR K 324 -53.84 -46.84 -1.66
CA THR K 324 -53.86 -46.34 -3.03
C THR K 324 -53.47 -47.43 -4.03
N ARG K 325 -52.23 -47.89 -3.96
CA ARG K 325 -51.75 -48.91 -4.90
C ARG K 325 -51.45 -50.20 -4.13
N THR K 326 -51.03 -51.24 -4.86
CA THR K 326 -50.69 -52.52 -4.26
C THR K 326 -49.19 -52.56 -4.03
N CYS K 327 -48.78 -52.28 -2.79
CA CYS K 327 -47.40 -52.42 -2.37
C CYS K 327 -47.34 -53.34 -1.17
N PHE K 328 -46.26 -54.12 -1.11
CA PHE K 328 -46.23 -55.30 -0.26
C PHE K 328 -45.77 -55.00 1.16
N GLY K 329 -44.62 -54.35 1.31
CA GLY K 329 -44.04 -54.12 2.61
C GLY K 329 -44.47 -52.79 3.18
N ARG K 330 -44.16 -52.61 4.46
CA ARG K 330 -44.42 -51.35 5.14
C ARG K 330 -43.11 -50.59 5.35
N LYS K 331 -43.23 -49.31 5.68
CA LYS K 331 -42.05 -48.51 5.96
C LYS K 331 -42.11 -47.70 7.25
N LYS K 332 -43.26 -47.13 7.60
CA LYS K 332 -43.38 -46.34 8.82
C LYS K 332 -43.68 -47.24 10.01
N ILE K 333 -42.60 -47.82 10.55
CA ILE K 333 -42.54 -48.88 11.56
C ILE K 333 -42.36 -50.16 10.77
N VAL K 334 -41.33 -50.93 11.13
CA VAL K 334 -40.80 -52.04 10.33
C VAL K 334 -40.08 -51.44 9.14
N GLY K 335 -39.00 -52.09 8.71
CA GLY K 335 -38.14 -51.54 7.67
C GLY K 335 -38.11 -52.38 6.42
N ASP K 336 -39.28 -52.83 5.97
CA ASP K 336 -39.37 -53.72 4.82
C ASP K 336 -38.70 -53.13 3.59
N THR K 337 -37.75 -53.87 3.02
CA THR K 337 -37.02 -53.47 1.83
C THR K 337 -37.26 -54.48 0.72
N MET K 338 -36.51 -54.39 -0.37
CA MET K 338 -36.65 -55.34 -1.46
C MET K 338 -36.40 -56.78 -1.04
N HIS K 339 -35.62 -57.02 0.01
CA HIS K 339 -35.44 -58.39 0.46
C HIS K 339 -36.74 -58.98 0.95
N ARG K 340 -37.64 -58.14 1.48
CA ARG K 340 -39.00 -58.59 1.77
C ARG K 340 -39.71 -59.02 0.50
N LEU K 341 -39.50 -58.27 -0.58
CA LEU K 341 -40.08 -58.63 -1.87
C LEU K 341 -39.59 -59.99 -2.34
N ALA K 342 -38.28 -60.23 -2.23
CA ALA K 342 -37.72 -61.48 -2.71
C ALA K 342 -38.15 -62.66 -1.83
N ALA K 343 -38.02 -62.52 -0.51
CA ALA K 343 -38.32 -63.63 0.38
C ALA K 343 -39.82 -63.84 0.53
N GLY K 344 -40.58 -62.76 0.67
CA GLY K 344 -41.99 -62.84 0.97
C GLY K 344 -42.33 -62.67 2.43
N THR K 345 -41.34 -62.64 3.31
CA THR K 345 -41.54 -62.43 4.73
C THR K 345 -40.96 -61.07 5.11
N SER K 346 -41.63 -60.39 6.03
CA SER K 346 -41.21 -59.06 6.45
C SER K 346 -39.78 -59.09 6.98
N THR K 347 -38.88 -58.39 6.30
CA THR K 347 -37.47 -58.35 6.66
C THR K 347 -36.99 -56.90 6.63
N SER K 348 -35.82 -56.69 7.23
CA SER K 348 -35.15 -55.39 7.17
C SER K 348 -33.67 -55.69 6.88
N GLN K 349 -33.34 -55.76 5.60
CA GLN K 349 -32.03 -56.22 5.17
C GLN K 349 -31.77 -55.66 3.78
N PRO K 350 -30.55 -55.24 3.50
CA PRO K 350 -30.22 -54.73 2.16
C PRO K 350 -30.24 -55.83 1.13
N SER K 351 -30.19 -55.47 -0.14
CA SER K 351 -30.19 -56.45 -1.22
C SER K 351 -28.98 -57.37 -1.11
N VAL K 352 -29.20 -58.68 -1.16
CA VAL K 352 -28.10 -59.65 -1.09
C VAL K 352 -27.69 -59.95 -2.52
N HIS K 353 -26.89 -59.05 -3.07
CA HIS K 353 -26.28 -59.14 -4.40
C HIS K 353 -27.33 -59.53 -5.44
N GLY K 354 -26.97 -60.42 -6.35
CA GLY K 354 -27.71 -60.62 -7.59
C GLY K 354 -29.09 -61.23 -7.54
N GLN K 355 -29.72 -61.32 -6.37
CA GLN K 355 -31.07 -61.89 -6.36
C GLN K 355 -32.05 -61.09 -5.52
N GLU K 356 -32.73 -60.14 -6.17
CA GLU K 356 -33.80 -59.35 -5.57
C GLU K 356 -34.95 -59.23 -6.58
N TYR K 357 -35.41 -60.37 -7.07
CA TYR K 357 -36.19 -60.47 -8.30
C TYR K 357 -37.61 -59.98 -8.18
N LYS K 358 -38.45 -60.44 -9.11
CA LYS K 358 -39.66 -59.79 -9.61
C LYS K 358 -40.44 -58.95 -8.60
N TYR K 359 -40.77 -57.72 -9.01
CA TYR K 359 -41.76 -56.88 -8.35
C TYR K 359 -43.01 -56.86 -9.19
N ASN K 360 -44.12 -57.33 -8.62
CA ASN K 360 -45.30 -57.57 -9.43
C ASN K 360 -46.54 -56.89 -8.89
N ASP K 361 -46.74 -55.63 -9.25
CA ASP K 361 -48.05 -55.01 -9.16
C ASP K 361 -48.75 -55.22 -10.50
N GLY K 362 -50.06 -55.42 -10.47
CA GLY K 362 -50.76 -55.74 -11.70
C GLY K 362 -50.61 -54.67 -12.76
N ASN K 363 -49.74 -54.95 -13.74
CA ASN K 363 -49.33 -54.06 -14.83
C ASN K 363 -48.33 -54.79 -15.69
N GLY K 364 -47.16 -55.07 -15.12
CA GLY K 364 -46.12 -55.81 -15.82
C GLY K 364 -45.15 -56.37 -14.80
N ASP K 365 -44.41 -57.38 -15.24
CA ASP K 365 -43.43 -58.05 -14.41
C ASP K 365 -42.13 -57.24 -14.42
N ILE K 366 -41.87 -56.56 -13.31
CA ILE K 366 -40.65 -55.77 -13.15
C ILE K 366 -39.59 -56.66 -12.51
N ARG K 367 -38.73 -57.23 -13.34
CA ARG K 367 -37.66 -58.10 -12.90
C ARG K 367 -36.41 -57.25 -12.73
N ILE K 368 -35.97 -57.06 -11.50
CA ILE K 368 -34.81 -56.23 -11.20
C ILE K 368 -33.70 -57.09 -10.64
N TRP K 369 -32.56 -57.09 -11.32
CA TRP K 369 -31.35 -57.73 -10.84
C TRP K 369 -30.44 -56.66 -10.28
N THR K 370 -30.11 -56.77 -8.99
CA THR K 370 -29.38 -55.72 -8.28
C THR K 370 -27.96 -56.22 -8.02
N PHE K 371 -26.99 -55.40 -8.42
CA PHE K 371 -25.59 -55.69 -8.16
C PHE K 371 -24.93 -54.54 -7.41
N HIS K 372 -24.05 -54.89 -6.48
CA HIS K 372 -23.29 -53.91 -5.75
C HIS K 372 -22.00 -53.63 -6.52
N GLY K 373 -21.11 -52.85 -5.93
CA GLY K 373 -19.75 -52.81 -6.43
C GLY K 373 -18.94 -53.88 -5.72
N LYS K 374 -17.88 -54.35 -6.34
CA LYS K 374 -17.02 -55.34 -5.69
C LYS K 374 -15.67 -55.34 -6.38
N PRO K 375 -14.56 -55.47 -5.64
CA PRO K 375 -13.24 -55.55 -6.26
C PRO K 375 -13.08 -56.70 -7.24
N ASP K 376 -13.94 -57.70 -7.19
CA ASP K 376 -13.96 -58.79 -8.16
C ASP K 376 -15.38 -59.31 -8.36
N GLN K 377 -16.07 -58.77 -9.35
CA GLN K 377 -17.43 -59.19 -9.65
C GLN K 377 -17.56 -59.41 -11.15
N THR K 378 -18.52 -60.26 -11.52
CA THR K 378 -18.72 -60.66 -12.90
C THR K 378 -20.12 -60.29 -13.33
N ALA K 379 -20.29 -60.10 -14.64
CA ALA K 379 -21.60 -59.79 -15.20
C ALA K 379 -22.56 -60.94 -14.95
N ALA K 380 -23.85 -60.60 -14.86
CA ALA K 380 -24.88 -61.60 -14.63
C ALA K 380 -24.93 -62.59 -15.79
N GLN K 381 -25.34 -63.82 -15.46
CA GLN K 381 -25.59 -64.79 -16.52
C GLN K 381 -26.77 -64.40 -17.38
N VAL K 382 -27.58 -63.43 -16.94
CA VAL K 382 -28.72 -62.98 -17.74
C VAL K 382 -28.24 -62.37 -19.06
N LEU K 383 -27.51 -61.26 -18.96
CA LEU K 383 -27.09 -60.56 -20.16
C LEU K 383 -26.14 -61.40 -21.00
N VAL K 384 -25.19 -62.08 -20.35
CA VAL K 384 -24.22 -62.90 -21.09
C VAL K 384 -24.92 -64.04 -21.80
N ASP K 385 -25.86 -64.72 -21.11
CA ASP K 385 -26.56 -65.83 -21.74
C ASP K 385 -27.43 -65.37 -22.90
N ILE K 386 -28.13 -64.24 -22.74
CA ILE K 386 -28.99 -63.77 -23.82
C ILE K 386 -28.14 -63.31 -25.00
N ALA K 387 -26.98 -62.71 -24.73
CA ALA K 387 -26.07 -62.36 -25.82
C ALA K 387 -25.53 -63.60 -26.51
N LYS K 388 -25.26 -64.65 -25.75
CA LYS K 388 -24.83 -65.92 -26.36
C LYS K 388 -25.91 -66.49 -27.25
N LYS K 389 -27.17 -66.44 -26.80
CA LYS K 389 -28.27 -66.80 -27.68
C LYS K 389 -28.46 -65.76 -28.78
N LYS K 390 -27.79 -64.61 -28.65
CA LYS K 390 -27.90 -63.51 -29.60
C LYS K 390 -29.35 -63.08 -29.73
N GLY K 391 -30.01 -62.89 -28.59
CA GLY K 391 -31.41 -62.52 -28.57
C GLY K 391 -31.67 -61.10 -28.11
N PHE K 392 -30.78 -60.18 -28.47
CA PHE K 392 -31.00 -58.76 -28.26
C PHE K 392 -31.30 -58.12 -29.60
N TYR K 393 -32.27 -57.19 -29.61
CA TYR K 393 -32.75 -56.64 -30.87
C TYR K 393 -31.64 -55.91 -31.61
N LEU K 394 -30.97 -54.97 -30.94
CA LEU K 394 -29.98 -54.15 -31.62
C LEU K 394 -28.75 -54.95 -32.02
N GLN K 395 -28.52 -56.12 -31.39
CA GLN K 395 -27.45 -57.01 -31.83
C GLN K 395 -27.62 -57.37 -33.30
N ASN K 396 -28.72 -58.05 -33.63
CA ASN K 396 -28.91 -58.49 -35.00
C ASN K 396 -29.38 -57.36 -35.90
N GLN K 397 -29.84 -56.25 -35.30
CA GLN K 397 -30.08 -55.06 -36.11
C GLN K 397 -28.75 -54.51 -36.63
N ASN K 398 -27.72 -54.50 -35.78
CA ASN K 398 -26.41 -54.02 -36.21
C ASN K 398 -25.55 -55.17 -36.72
N GLY K 399 -25.74 -56.37 -36.19
CA GLY K 399 -24.92 -57.50 -36.56
C GLY K 399 -23.81 -57.79 -35.57
N ASN K 400 -24.14 -57.77 -34.28
CA ASN K 400 -23.18 -58.00 -33.21
C ASN K 400 -23.32 -59.43 -32.69
N GLY K 401 -22.20 -60.15 -32.63
CA GLY K 401 -22.19 -61.50 -32.16
C GLY K 401 -22.21 -61.58 -30.64
N PRO K 402 -21.59 -62.62 -30.08
CA PRO K 402 -21.55 -62.78 -28.62
C PRO K 402 -20.51 -61.89 -27.96
N GLU K 403 -20.46 -60.63 -28.40
CA GLU K 403 -19.64 -59.62 -27.72
C GLU K 403 -20.42 -58.36 -27.37
N TYR K 404 -21.72 -58.30 -27.67
CA TYR K 404 -22.55 -57.21 -27.16
C TYR K 404 -22.56 -57.21 -25.63
N TRP K 405 -22.70 -58.39 -25.04
CA TRP K 405 -22.42 -58.61 -23.63
C TRP K 405 -21.67 -59.93 -23.47
N ASP K 406 -20.70 -59.92 -22.57
CA ASP K 406 -19.77 -61.03 -22.40
C ASP K 406 -19.26 -60.99 -20.97
N SER K 407 -18.62 -62.10 -20.56
CA SER K 407 -18.04 -62.14 -19.22
C SER K 407 -17.02 -61.03 -19.01
N ARG K 408 -16.47 -60.49 -20.10
CA ARG K 408 -15.59 -59.34 -20.00
C ARG K 408 -16.36 -58.08 -19.60
N TYR K 409 -17.66 -58.04 -19.88
CA TYR K 409 -18.47 -56.86 -19.57
C TYR K 409 -18.83 -56.88 -18.08
N LYS K 410 -17.81 -56.83 -17.24
CA LYS K 410 -18.03 -56.63 -15.82
C LYS K 410 -18.39 -55.16 -15.59
N LEU K 411 -18.69 -54.80 -14.36
CA LEU K 411 -18.71 -53.41 -13.93
C LEU K 411 -17.99 -53.37 -12.60
N LEU K 412 -16.66 -53.20 -12.66
CA LEU K 412 -15.81 -53.69 -11.58
C LEU K 412 -15.88 -52.84 -10.32
N ASP K 413 -16.46 -51.64 -10.38
CA ASP K 413 -16.89 -50.92 -9.18
C ASP K 413 -18.04 -50.01 -9.58
N THR K 414 -19.26 -50.46 -9.32
CA THR K 414 -20.45 -49.72 -9.70
C THR K 414 -21.63 -50.34 -8.98
N ALA K 415 -22.67 -49.58 -8.71
CA ALA K 415 -23.90 -50.12 -8.15
C ALA K 415 -24.89 -50.15 -9.31
N TYR K 416 -24.80 -51.20 -10.12
CA TYR K 416 -25.65 -51.29 -11.29
C TYR K 416 -26.80 -52.23 -11.02
N ALA K 417 -27.88 -52.05 -11.78
CA ALA K 417 -29.12 -52.76 -11.52
C ALA K 417 -29.72 -53.17 -12.86
N ILE K 418 -29.48 -54.43 -13.25
CA ILE K 418 -30.12 -54.95 -14.44
C ILE K 418 -31.62 -55.01 -14.21
N VAL K 419 -32.36 -54.16 -14.90
CA VAL K 419 -33.79 -54.02 -14.71
C VAL K 419 -34.50 -54.52 -15.96
N ARG K 420 -35.46 -55.43 -15.76
CA ARG K 420 -36.24 -56.02 -16.85
C ARG K 420 -37.68 -55.55 -16.72
N PHE K 421 -38.19 -54.92 -17.77
CA PHE K 421 -39.59 -54.54 -17.84
C PHE K 421 -40.38 -55.56 -18.64
N THR K 422 -41.70 -55.47 -18.54
CA THR K 422 -42.62 -56.18 -19.41
C THR K 422 -43.67 -55.18 -19.84
N ILE K 423 -43.39 -54.43 -20.90
CA ILE K 423 -44.22 -53.32 -21.32
C ILE K 423 -45.44 -53.90 -22.03
N ASN K 424 -46.53 -54.07 -21.28
CA ASN K 424 -47.77 -54.56 -21.84
C ASN K 424 -48.64 -53.39 -22.26
N GLU K 425 -49.91 -53.66 -22.58
CA GLU K 425 -50.88 -52.58 -22.70
C GLU K 425 -51.24 -52.01 -21.34
N ASN K 426 -50.61 -52.49 -20.27
CA ASN K 426 -50.98 -52.15 -18.91
C ASN K 426 -49.97 -51.22 -18.25
N ARG K 427 -48.75 -51.15 -18.78
CA ARG K 427 -47.73 -50.20 -18.33
C ARG K 427 -47.17 -49.59 -19.61
N THR K 428 -47.73 -48.45 -20.00
CA THR K 428 -47.53 -47.95 -21.36
C THR K 428 -46.08 -47.53 -21.59
N GLU K 429 -45.45 -46.90 -20.61
CA GLU K 429 -44.11 -46.35 -20.78
C GLU K 429 -43.17 -46.89 -19.72
N ILE K 430 -41.88 -46.93 -20.05
CA ILE K 430 -40.88 -47.19 -19.01
C ILE K 430 -40.73 -45.95 -18.15
N PRO K 431 -40.98 -46.03 -16.85
CA PRO K 431 -40.86 -44.84 -16.01
C PRO K 431 -39.40 -44.51 -15.70
N GLU K 432 -39.15 -43.40 -15.03
CA GLU K 432 -37.81 -42.96 -14.68
C GLU K 432 -37.45 -43.55 -13.33
N ILE K 433 -36.61 -44.57 -13.33
CA ILE K 433 -36.24 -45.28 -12.11
C ILE K 433 -35.19 -44.50 -11.34
N SER K 434 -35.52 -44.20 -10.08
CA SER K 434 -34.54 -43.82 -9.09
C SER K 434 -34.51 -44.93 -8.04
N ALA K 435 -33.66 -44.80 -7.03
CA ALA K 435 -33.61 -45.82 -5.99
C ALA K 435 -32.98 -45.28 -4.71
N GLU K 436 -33.12 -46.03 -3.63
CA GLU K 436 -32.47 -45.68 -2.38
C GLU K 436 -31.35 -46.68 -2.14
N VAL K 437 -30.15 -46.14 -1.92
CA VAL K 437 -28.93 -46.94 -1.90
C VAL K 437 -28.26 -46.76 -0.55
N GLN K 438 -27.80 -47.87 0.04
CA GLN K 438 -27.23 -47.87 1.38
C GLN K 438 -25.70 -47.90 1.30
N GLY K 439 -25.10 -46.72 1.21
CA GLY K 439 -23.74 -46.52 1.67
C GLY K 439 -22.58 -47.14 0.91
N LYS K 440 -21.41 -47.08 1.55
CA LYS K 440 -20.13 -47.44 0.98
C LYS K 440 -19.41 -48.30 2.02
N LYS K 441 -18.49 -49.13 1.56
CA LYS K 441 -17.63 -49.88 2.47
C LYS K 441 -16.64 -48.89 3.08
N VAL K 442 -17.00 -48.32 4.22
CA VAL K 442 -16.12 -47.35 4.87
C VAL K 442 -15.25 -48.09 5.87
N LYS K 443 -13.94 -47.91 5.75
CA LYS K 443 -13.01 -48.51 6.70
C LYS K 443 -13.19 -47.83 8.05
N VAL K 444 -13.84 -48.51 8.98
CA VAL K 444 -14.08 -47.98 10.32
C VAL K 444 -13.04 -48.58 11.25
N TYR K 445 -12.14 -47.74 11.74
CA TYR K 445 -11.04 -48.20 12.57
C TYR K 445 -11.47 -48.21 14.03
N ASN K 446 -10.71 -48.92 14.86
CA ASN K 446 -11.05 -49.07 16.26
C ASN K 446 -9.78 -48.97 17.08
N SER K 447 -9.91 -48.40 18.27
CA SER K 447 -8.79 -48.27 19.20
C SER K 447 -8.49 -49.67 19.75
N ASP K 448 -7.58 -50.37 19.07
CA ASP K 448 -7.39 -51.81 19.17
C ASP K 448 -6.69 -52.30 17.91
N GLY K 449 -6.97 -51.65 16.79
CA GLY K 449 -6.35 -51.99 15.53
C GLY K 449 -7.08 -53.02 14.70
N THR K 450 -8.34 -53.29 14.98
CA THR K 450 -9.14 -54.25 14.22
C THR K 450 -9.99 -53.46 13.24
N ILE K 451 -9.64 -53.43 11.97
CA ILE K 451 -10.37 -52.60 11.01
C ILE K 451 -11.70 -53.21 10.60
N LYS K 452 -12.82 -52.58 10.92
CA LYS K 452 -14.11 -53.10 10.49
C LYS K 452 -14.51 -52.32 9.30
N ALA K 453 -14.56 -52.95 8.15
CA ALA K 453 -14.82 -52.18 6.96
C ALA K 453 -16.06 -52.62 6.37
N ASP K 454 -16.07 -53.87 6.00
CA ASP K 454 -17.22 -54.33 5.30
C ASP K 454 -18.27 -54.65 6.28
N LYS K 455 -19.41 -53.98 6.15
CA LYS K 455 -20.48 -54.14 7.08
C LYS K 455 -21.45 -53.01 6.90
N THR K 456 -21.03 -51.80 7.23
CA THR K 456 -21.99 -50.73 7.18
C THR K 456 -21.38 -49.45 6.73
N SER K 457 -22.19 -48.54 6.22
CA SER K 457 -21.67 -47.25 5.87
C SER K 457 -22.01 -46.50 7.09
N LEU K 458 -21.03 -45.97 7.77
CA LEU K 458 -21.31 -45.34 9.02
C LEU K 458 -21.55 -43.88 8.82
N ASN K 459 -21.82 -43.18 9.90
CA ASN K 459 -22.14 -41.76 9.74
C ASN K 459 -21.22 -40.96 10.64
N GLY K 460 -20.22 -40.32 10.05
CA GLY K 460 -19.28 -39.53 10.82
C GLY K 460 -18.12 -39.10 9.94
N ILE K 461 -16.98 -38.84 10.60
CA ILE K 461 -15.75 -38.55 9.86
C ILE K 461 -15.21 -39.75 9.11
N TRP K 462 -15.76 -40.94 9.35
CA TRP K 462 -15.36 -42.10 8.57
C TRP K 462 -15.75 -41.94 7.11
N GLN K 463 -16.86 -41.26 6.85
CA GLN K 463 -17.26 -40.98 5.47
C GLN K 463 -16.22 -40.12 4.78
N LEU K 464 -15.80 -39.05 5.44
CA LEU K 464 -14.76 -38.19 4.88
C LEU K 464 -13.45 -38.94 4.73
N MET K 465 -13.14 -39.83 5.68
CA MET K 465 -11.92 -40.62 5.58
C MET K 465 -11.95 -41.52 4.36
N ASP K 466 -13.07 -42.20 4.11
CA ASP K 466 -13.18 -43.03 2.93
C ASP K 466 -13.10 -42.18 1.67
N TYR K 467 -13.74 -41.02 1.66
CA TYR K 467 -13.67 -40.16 0.48
C TYR K 467 -12.26 -39.62 0.27
N LEU K 468 -11.45 -39.59 1.33
CA LEU K 468 -10.09 -39.06 1.20
C LEU K 468 -9.10 -40.16 0.81
N THR K 469 -9.27 -41.36 1.35
CA THR K 469 -8.33 -42.44 1.10
C THR K 469 -8.76 -43.34 -0.05
N SER K 470 -9.47 -42.79 -1.04
CA SER K 470 -9.94 -43.57 -2.18
C SER K 470 -9.22 -43.09 -3.43
N ASP K 471 -8.54 -44.01 -4.12
CA ASP K 471 -7.88 -43.69 -5.37
C ASP K 471 -8.90 -43.40 -6.48
N ARG K 472 -10.01 -44.14 -6.49
CA ARG K 472 -10.90 -44.13 -7.64
C ARG K 472 -11.55 -42.77 -7.84
N TYR K 473 -12.01 -42.14 -6.77
CA TYR K 473 -12.83 -40.95 -6.85
C TYR K 473 -12.41 -39.85 -5.88
N GLY K 474 -11.67 -40.21 -4.84
CA GLY K 474 -11.19 -39.21 -3.91
C GLY K 474 -9.92 -38.52 -4.37
N ALA K 475 -9.05 -38.18 -3.42
CA ALA K 475 -7.75 -37.62 -3.71
C ALA K 475 -6.70 -38.48 -3.01
N ASP K 476 -5.75 -39.01 -3.77
CA ASP K 476 -4.74 -39.90 -3.23
C ASP K 476 -4.08 -39.28 -2.00
N ILE K 477 -4.25 -39.94 -0.86
CA ILE K 477 -3.75 -39.40 0.40
C ILE K 477 -2.96 -40.48 1.14
N THR K 478 -2.97 -41.69 0.59
CA THR K 478 -2.10 -42.82 0.91
C THR K 478 -2.45 -43.47 2.26
N LEU K 479 -3.29 -42.85 3.07
CA LEU K 479 -3.77 -43.36 4.35
C LEU K 479 -2.66 -43.47 5.39
N ASP K 480 -1.41 -43.21 5.01
CA ASP K 480 -0.29 -43.15 5.94
C ASP K 480 -0.06 -41.76 6.50
N GLN K 481 -0.71 -40.74 5.93
CA GLN K 481 -0.54 -39.38 6.43
C GLN K 481 -1.48 -39.10 7.59
N PHE K 482 -2.48 -39.95 7.79
CA PHE K 482 -3.40 -39.78 8.89
C PHE K 482 -2.87 -40.42 10.17
N PRO K 483 -3.02 -39.75 11.31
CA PRO K 483 -2.81 -40.43 12.59
C PRO K 483 -4.09 -41.12 13.04
N LEU K 484 -4.06 -42.45 13.16
CA LEU K 484 -5.29 -43.19 13.36
C LEU K 484 -5.89 -42.92 14.73
N GLN K 485 -5.05 -42.74 15.76
CA GLN K 485 -5.57 -42.59 17.11
C GLN K 485 -6.40 -41.31 17.26
N LYS K 486 -5.89 -40.19 16.75
CA LYS K 486 -6.65 -38.95 16.84
C LYS K 486 -7.93 -39.02 16.02
N VAL K 487 -7.87 -39.67 14.86
CA VAL K 487 -9.07 -39.82 14.04
C VAL K 487 -10.13 -40.62 14.78
N ILE K 488 -9.72 -41.71 15.43
CA ILE K 488 -10.66 -42.51 16.21
C ILE K 488 -11.22 -41.70 17.37
N SER K 489 -10.37 -40.89 18.01
CA SER K 489 -10.85 -40.02 19.09
C SER K 489 -11.92 -39.06 18.59
N GLU K 490 -11.67 -38.40 17.46
CA GLU K 490 -12.66 -37.47 16.93
C GLU K 490 -13.94 -38.18 16.52
N ALA K 491 -13.84 -39.36 15.91
CA ALA K 491 -15.03 -40.13 15.57
C ALA K 491 -15.83 -40.46 16.83
N LYS K 492 -15.15 -40.83 17.92
CA LYS K 492 -15.85 -41.10 19.16
C LYS K 492 -16.46 -39.81 19.74
N ILE K 493 -15.87 -38.66 19.42
CA ILE K 493 -16.48 -37.40 19.80
C ILE K 493 -17.78 -37.18 19.05
N LEU K 494 -17.81 -37.49 17.75
CA LEU K 494 -19.03 -37.28 16.98
C LEU K 494 -20.18 -38.15 17.49
N ASP K 495 -19.92 -39.43 17.74
CA ASP K 495 -21.02 -40.32 18.11
C ASP K 495 -21.22 -40.41 19.63
N ILE K 496 -21.35 -39.25 20.28
CA ILE K 496 -21.76 -39.18 21.68
C ILE K 496 -23.28 -39.15 21.70
N ILE K 497 -23.88 -39.99 22.55
CA ILE K 497 -25.32 -40.22 22.49
C ILE K 497 -26.06 -38.93 22.84
N ASP K 498 -27.07 -38.60 22.02
CA ASP K 498 -27.87 -37.40 22.18
C ASP K 498 -29.13 -37.77 22.97
N GLU K 499 -29.12 -37.46 24.27
CA GLU K 499 -30.24 -37.79 25.15
C GLU K 499 -31.32 -36.72 24.99
N SER K 500 -31.74 -36.51 23.75
CA SER K 500 -32.75 -35.50 23.45
C SER K 500 -34.04 -36.17 22.98
N TYR K 501 -33.95 -36.97 21.93
CA TYR K 501 -35.10 -37.68 21.40
C TYR K 501 -35.04 -39.15 21.82
N GLN K 502 -35.95 -39.96 21.29
CA GLN K 502 -35.93 -41.40 21.55
C GLN K 502 -36.15 -42.13 20.24
N THR K 503 -35.61 -43.35 20.16
CA THR K 503 -35.80 -44.16 18.96
C THR K 503 -37.25 -44.60 18.79
N SER K 504 -38.05 -44.49 19.85
CA SER K 504 -39.43 -44.94 19.79
C SER K 504 -40.23 -44.14 18.77
N TRP K 505 -39.84 -42.87 18.70
CA TRP K 505 -40.49 -41.97 17.76
C TRP K 505 -39.67 -41.53 16.58
N GLN K 506 -39.17 -42.45 15.78
CA GLN K 506 -38.52 -42.07 14.53
C GLN K 506 -39.07 -42.96 13.45
N PRO K 507 -40.40 -43.07 13.35
CA PRO K 507 -41.00 -43.84 12.26
C PRO K 507 -40.05 -44.63 11.40
N TYR K 508 -39.50 -43.98 10.38
CA TYR K 508 -38.62 -44.61 9.44
C TYR K 508 -37.24 -44.94 9.99
N TRP K 509 -37.16 -45.64 11.10
CA TRP K 509 -35.88 -45.97 11.72
C TRP K 509 -34.88 -46.47 10.69
N ARG K 510 -35.32 -47.35 9.78
CA ARG K 510 -34.40 -47.94 8.82
C ARG K 510 -33.99 -46.93 7.75
N TYR K 511 -34.94 -46.17 7.25
CA TYR K 511 -34.69 -45.37 6.05
C TYR K 511 -33.95 -44.09 6.39
N VAL K 512 -33.77 -43.81 7.69
CA VAL K 512 -32.78 -42.82 8.09
C VAL K 512 -31.39 -43.39 7.86
N GLY K 513 -31.18 -44.65 8.25
CA GLY K 513 -29.91 -45.28 7.98
C GLY K 513 -29.28 -46.05 9.11
N TRP K 514 -30.01 -46.29 10.19
CA TRP K 514 -29.50 -47.16 11.26
C TRP K 514 -30.29 -48.46 11.20
N ASN K 515 -29.58 -49.58 11.29
CA ASN K 515 -30.23 -50.88 11.27
C ASN K 515 -30.64 -51.29 12.67
N ASP K 516 -31.66 -52.16 12.74
CA ASP K 516 -32.01 -52.83 13.99
C ASP K 516 -32.42 -51.87 15.10
N PRO K 517 -33.68 -51.38 15.08
CA PRO K 517 -34.25 -50.61 16.21
C PRO K 517 -33.48 -50.59 17.52
N LEU K 518 -33.80 -51.53 18.42
CA LEU K 518 -33.42 -51.54 19.83
C LEU K 518 -32.07 -50.89 20.13
N SER K 519 -31.04 -51.19 19.35
CA SER K 519 -29.72 -50.63 19.61
C SER K 519 -29.76 -49.10 19.63
N GLU K 520 -28.67 -48.49 20.11
CA GLU K 520 -28.72 -47.10 20.55
C GLU K 520 -29.14 -46.16 19.43
N ASN K 521 -28.29 -46.00 18.41
CA ASN K 521 -28.63 -45.30 17.18
C ASN K 521 -28.92 -43.81 17.40
N ARG K 522 -28.88 -43.35 18.64
CA ARG K 522 -29.13 -41.93 18.91
C ARG K 522 -27.81 -41.17 18.98
N GLN K 523 -27.26 -40.79 17.84
CA GLN K 523 -25.93 -40.22 17.76
C GLN K 523 -25.99 -38.83 17.17
N ILE K 524 -25.21 -37.91 17.74
CA ILE K 524 -25.12 -36.57 17.19
C ILE K 524 -24.44 -36.63 15.83
N VAL K 525 -25.01 -35.88 14.88
CA VAL K 525 -24.50 -35.78 13.51
C VAL K 525 -24.49 -37.16 12.87
N GLN K 526 -25.66 -37.62 12.44
CA GLN K 526 -25.78 -38.83 11.64
C GLN K 526 -25.95 -38.46 10.17
N LEU K 527 -24.91 -37.86 9.61
CA LEU K 527 -24.98 -37.39 8.25
C LEU K 527 -25.05 -38.54 7.26
N ASN K 528 -25.97 -38.43 6.29
CA ASN K 528 -26.20 -39.43 5.25
C ASN K 528 -25.98 -38.71 3.92
N THR K 529 -24.75 -38.72 3.44
CA THR K 529 -24.33 -37.78 2.41
C THR K 529 -24.37 -38.40 1.01
N ILE K 530 -24.59 -37.53 0.02
CA ILE K 530 -24.40 -37.83 -1.38
C ILE K 530 -23.19 -37.04 -1.87
N LEU K 531 -22.28 -37.72 -2.55
CA LEU K 531 -21.11 -37.06 -3.13
C LEU K 531 -21.10 -37.31 -4.63
N ASP K 532 -21.81 -36.48 -5.38
CA ASP K 532 -21.65 -36.49 -6.82
C ASP K 532 -20.24 -36.06 -7.18
N THR K 533 -19.54 -36.93 -7.92
CA THR K 533 -18.12 -36.74 -8.19
C THR K 533 -17.90 -35.83 -9.39
N SER K 534 -18.86 -34.98 -9.73
CA SER K 534 -18.76 -34.07 -10.85
C SER K 534 -18.56 -32.63 -10.42
N GLU K 535 -18.53 -32.35 -9.11
CA GLU K 535 -18.46 -30.96 -8.69
C GLU K 535 -17.02 -30.52 -8.51
N SER K 536 -16.33 -31.10 -7.52
CA SER K 536 -14.89 -30.98 -7.34
C SER K 536 -14.53 -31.73 -6.06
N VAL K 537 -13.24 -32.08 -5.95
CA VAL K 537 -12.77 -32.66 -4.69
C VAL K 537 -12.81 -31.62 -3.58
N PHE K 538 -12.30 -30.42 -3.87
CA PHE K 538 -12.27 -29.34 -2.89
C PHE K 538 -13.66 -29.07 -2.34
N LYS K 539 -14.63 -28.84 -3.21
CA LYS K 539 -15.96 -28.43 -2.77
C LYS K 539 -16.69 -29.58 -2.10
N ASN K 540 -16.52 -30.81 -2.57
CA ASN K 540 -17.15 -31.93 -1.89
C ASN K 540 -16.60 -32.09 -0.47
N VAL K 541 -15.27 -32.02 -0.32
CA VAL K 541 -14.69 -32.21 1.00
C VAL K 541 -15.13 -31.11 1.94
N GLN K 542 -15.16 -29.85 1.46
CA GLN K 542 -15.65 -28.80 2.34
C GLN K 542 -17.14 -28.95 2.59
N GLY K 543 -17.85 -29.63 1.68
CA GLY K 543 -19.25 -29.94 1.94
C GLY K 543 -19.43 -30.86 3.13
N ILE K 544 -18.64 -31.95 3.17
CA ILE K 544 -18.72 -32.82 4.35
C ILE K 544 -18.28 -32.06 5.60
N LEU K 545 -17.22 -31.26 5.49
CA LEU K 545 -16.73 -30.55 6.67
C LEU K 545 -17.77 -29.57 7.21
N GLU K 546 -18.45 -28.85 6.33
CA GLU K 546 -19.54 -27.99 6.78
C GLU K 546 -20.70 -28.82 7.33
N SER K 547 -20.89 -30.02 6.78
CA SER K 547 -21.98 -30.87 7.24
C SER K 547 -21.80 -31.25 8.69
N PHE K 548 -20.74 -32.00 9.02
CA PHE K 548 -20.64 -32.47 10.40
C PHE K 548 -20.03 -31.41 11.32
N GLY K 549 -19.29 -30.47 10.75
CA GLY K 549 -18.65 -29.45 11.56
C GLY K 549 -17.23 -29.82 11.93
N GLY K 550 -16.27 -29.22 11.27
CA GLY K 550 -14.88 -29.56 11.52
C GLY K 550 -13.99 -28.96 10.46
N ALA K 551 -12.74 -29.44 10.43
CA ALA K 551 -11.79 -28.96 9.45
C ALA K 551 -10.69 -29.99 9.27
N ILE K 552 -10.06 -29.97 8.10
CA ILE K 552 -8.88 -30.76 7.82
C ILE K 552 -7.67 -29.85 7.92
N ASN K 553 -6.63 -30.32 8.62
CA ASN K 553 -5.54 -29.47 9.08
C ASN K 553 -4.19 -30.20 9.15
N ASN K 554 -3.34 -29.94 8.16
CA ASN K 554 -2.01 -30.52 8.17
C ASN K 554 -0.98 -29.51 8.67
N LEU K 555 -1.03 -29.22 9.96
CA LEU K 555 0.00 -28.37 10.54
C LEU K 555 1.17 -29.22 10.98
N SER K 556 0.87 -30.26 11.78
CA SER K 556 1.90 -31.18 12.24
C SER K 556 2.23 -32.24 11.21
N GLY K 557 1.91 -32.02 9.93
CA GLY K 557 2.22 -32.94 8.87
C GLY K 557 1.18 -34.01 8.67
N GLU K 558 0.23 -34.13 9.58
CA GLU K 558 -0.82 -35.13 9.52
C GLU K 558 -2.16 -34.42 9.40
N TYR K 559 -3.06 -34.99 8.61
CA TYR K 559 -4.27 -34.26 8.24
C TYR K 559 -5.20 -34.05 9.42
N ARG K 560 -5.32 -35.03 10.31
CA ARG K 560 -5.79 -34.76 11.66
C ARG K 560 -7.17 -34.12 11.67
N ILE K 561 -8.19 -34.86 11.25
CA ILE K 561 -9.52 -34.30 11.05
C ILE K 561 -10.17 -34.01 12.39
N THR K 562 -10.16 -32.74 12.80
CA THR K 562 -10.76 -32.35 14.07
C THR K 562 -12.21 -31.93 13.88
N VAL K 563 -12.96 -32.00 14.98
CA VAL K 563 -14.34 -31.53 15.03
C VAL K 563 -14.48 -30.63 16.25
N GLU K 564 -15.64 -30.00 16.40
CA GLU K 564 -15.89 -29.14 17.55
C GLU K 564 -16.14 -30.00 18.77
N LYS K 565 -15.69 -29.50 19.92
CA LYS K 565 -15.74 -30.30 21.14
C LYS K 565 -15.72 -29.43 22.39
N TYR K 566 -16.13 -30.00 23.52
CA TYR K 566 -15.97 -29.37 24.81
C TYR K 566 -15.25 -30.35 25.72
N SER K 567 -14.28 -29.84 26.47
CA SER K 567 -13.43 -30.69 27.29
C SER K 567 -13.00 -29.91 28.51
N THR K 568 -12.79 -30.64 29.61
CA THR K 568 -12.35 -30.04 30.86
C THR K 568 -10.84 -29.93 30.95
N ASN K 569 -10.10 -30.46 29.98
CA ASN K 569 -8.65 -30.29 29.94
C ASN K 569 -8.26 -29.41 28.77
N PRO K 570 -8.34 -28.10 28.91
CA PRO K 570 -7.84 -27.20 27.87
C PRO K 570 -6.42 -26.75 28.14
N LEU K 571 -5.89 -25.89 27.28
CA LEU K 571 -4.66 -25.17 27.54
C LEU K 571 -5.00 -23.88 28.28
N ARG K 572 -4.18 -23.54 29.26
CA ARG K 572 -4.41 -22.37 30.09
C ARG K 572 -3.45 -21.27 29.69
N ILE K 573 -3.84 -20.53 28.65
CA ILE K 573 -3.00 -19.45 28.15
C ILE K 573 -3.34 -18.16 28.86
N ASN K 574 -2.37 -17.61 29.57
CA ASN K 574 -2.49 -16.30 30.19
C ASN K 574 -1.95 -15.24 29.25
N PHE K 575 -2.51 -14.04 29.34
CA PHE K 575 -2.09 -12.98 28.43
C PHE K 575 -0.61 -12.65 28.59
N LEU K 576 -0.09 -12.79 29.81
CA LEU K 576 1.32 -12.50 30.04
C LEU K 576 2.21 -13.39 29.18
N ASP K 577 1.73 -14.58 28.85
CA ASP K 577 2.54 -15.50 28.06
C ASP K 577 2.57 -15.12 26.58
N THR K 578 1.51 -14.48 26.09
CA THR K 578 1.26 -14.38 24.66
C THR K 578 2.33 -13.59 23.89
N TYR K 579 2.36 -12.28 24.12
CA TYR K 579 3.16 -11.22 23.48
C TYR K 579 2.50 -9.88 23.71
N GLY K 580 2.24 -9.13 22.66
CA GLY K 580 1.72 -7.80 22.86
C GLY K 580 0.34 -7.56 22.27
N ASP K 581 0.04 -8.17 21.14
CA ASP K 581 -1.21 -7.86 20.48
C ASP K 581 -2.33 -8.77 20.97
N LEU K 582 -3.52 -8.18 21.09
CA LEU K 582 -4.71 -8.94 21.46
C LEU K 582 -5.95 -8.33 20.84
N ASP K 583 -6.36 -8.84 19.68
CA ASP K 583 -7.49 -8.25 18.99
C ASP K 583 -8.80 -8.86 19.48
N LEU K 584 -9.86 -8.08 19.35
CA LEU K 584 -11.21 -8.53 19.69
C LEU K 584 -12.15 -8.00 18.63
N SER K 585 -13.08 -8.85 18.20
CA SER K 585 -13.99 -8.47 17.12
C SER K 585 -15.32 -9.16 17.33
N ASP K 586 -16.31 -8.40 17.80
CA ASP K 586 -17.67 -8.91 17.96
C ASP K 586 -18.45 -8.61 16.69
N THR K 587 -18.63 -9.62 15.85
CA THR K 587 -19.54 -9.49 14.71
C THR K 587 -20.97 -9.77 15.10
N THR K 588 -21.48 -9.10 16.14
CA THR K 588 -22.80 -9.39 16.67
C THR K 588 -23.89 -8.95 15.70
N GLY K 589 -23.58 -7.98 14.84
CA GLY K 589 -24.61 -7.47 13.94
C GLY K 589 -25.04 -8.50 12.91
N ARG K 590 -24.07 -9.19 12.31
CA ARG K 590 -24.40 -10.05 11.19
C ARG K 590 -24.38 -11.53 11.58
N ASN K 591 -23.62 -11.87 12.62
CA ASN K 591 -23.38 -13.27 12.95
C ASN K 591 -24.02 -13.71 14.26
N LYS K 592 -24.97 -12.97 14.80
CA LYS K 592 -25.71 -13.39 15.99
C LYS K 592 -27.18 -13.53 15.63
N PHE K 593 -27.80 -14.63 16.03
CA PHE K 593 -29.13 -14.99 15.56
C PHE K 593 -30.00 -15.48 16.70
N ASN K 594 -31.32 -15.42 16.50
CA ASN K 594 -32.25 -15.82 17.55
C ASN K 594 -33.02 -17.08 17.17
N SER K 595 -33.52 -17.14 15.95
CA SER K 595 -34.35 -18.24 15.48
C SER K 595 -33.66 -18.95 14.33
N VAL K 596 -33.82 -20.27 14.26
CA VAL K 596 -33.15 -21.05 13.23
C VAL K 596 -34.19 -21.59 12.25
N GLN K 597 -33.76 -21.82 11.01
CA GLN K 597 -34.58 -22.54 10.04
C GLN K 597 -33.64 -23.45 9.25
N ALA K 598 -34.13 -24.66 8.98
CA ALA K 598 -33.30 -25.70 8.37
C ALA K 598 -34.08 -26.32 7.22
N SER K 599 -33.38 -27.10 6.40
CA SER K 599 -34.00 -27.75 5.24
C SER K 599 -33.41 -29.16 5.14
N LEU K 600 -34.29 -30.15 5.18
CA LEU K 600 -33.87 -31.55 5.16
C LEU K 600 -34.55 -32.31 4.03
N VAL K 601 -33.83 -33.28 3.50
CA VAL K 601 -34.43 -34.28 2.62
C VAL K 601 -34.87 -35.45 3.50
N ASP K 602 -36.05 -35.34 4.10
CA ASP K 602 -36.53 -36.36 5.02
C ASP K 602 -37.03 -37.58 4.28
N PRO K 603 -36.82 -38.78 4.82
CA PRO K 603 -37.45 -39.97 4.25
C PRO K 603 -38.90 -40.08 4.67
N ALA K 604 -39.33 -39.15 5.52
CA ALA K 604 -40.70 -39.12 6.03
C ALA K 604 -41.53 -38.21 5.13
N LEU K 605 -40.91 -37.73 4.05
CA LEU K 605 -41.61 -36.94 3.05
C LEU K 605 -41.33 -37.46 1.65
N SER K 606 -40.98 -38.74 1.52
CA SER K 606 -40.59 -39.34 0.26
C SER K 606 -39.44 -38.57 -0.38
N TRP K 607 -38.47 -38.22 0.47
CA TRP K 607 -37.28 -37.46 0.07
C TRP K 607 -37.66 -36.11 -0.54
N LYS K 608 -38.32 -35.29 0.27
CA LYS K 608 -38.77 -33.97 -0.12
C LYS K 608 -38.43 -33.00 1.01
N THR K 609 -38.13 -31.75 0.64
CA THR K 609 -37.60 -30.80 1.61
C THR K 609 -38.60 -30.51 2.72
N ASN K 610 -38.08 -30.37 3.94
CA ASN K 610 -38.86 -30.08 5.12
C ASN K 610 -38.19 -28.98 5.92
N SER K 611 -38.95 -28.24 6.70
CA SER K 611 -38.46 -27.07 7.41
C SER K 611 -38.57 -27.25 8.91
N ILE K 612 -37.43 -27.16 9.60
CA ILE K 612 -37.42 -27.09 11.05
C ILE K 612 -37.17 -25.66 11.48
N THR K 613 -37.98 -25.16 12.40
CA THR K 613 -37.82 -23.80 12.90
C THR K 613 -37.89 -23.77 14.41
N PHE K 614 -37.06 -22.91 14.99
CA PHE K 614 -37.09 -22.62 16.42
C PHE K 614 -37.46 -21.15 16.60
N TYR K 615 -37.99 -20.84 17.76
CA TYR K 615 -37.92 -19.49 18.30
C TYR K 615 -37.44 -19.66 19.73
N ASN K 616 -36.72 -18.66 20.23
CA ASN K 616 -36.17 -18.75 21.57
C ASN K 616 -36.56 -17.52 22.37
N SER K 617 -37.21 -17.76 23.51
CA SER K 617 -37.66 -16.68 24.36
C SER K 617 -36.55 -15.98 25.10
N LYS K 618 -35.51 -16.69 25.54
CA LYS K 618 -34.39 -16.04 26.21
C LYS K 618 -33.65 -15.12 25.26
N PHE K 619 -33.38 -15.59 24.04
CA PHE K 619 -32.52 -14.85 23.13
C PHE K 619 -33.21 -13.60 22.59
N LYS K 620 -34.45 -13.73 22.15
CA LYS K 620 -35.14 -12.58 21.59
C LYS K 620 -35.40 -11.52 22.66
N GLU K 621 -35.62 -11.96 23.90
CA GLU K 621 -35.75 -11.01 25.00
C GLU K 621 -34.41 -10.38 25.33
N GLN K 622 -33.32 -11.13 25.15
CA GLN K 622 -31.99 -10.58 25.38
C GLN K 622 -31.71 -9.45 24.38
N ASP K 623 -32.06 -9.66 23.11
CA ASP K 623 -31.79 -8.62 22.12
C ASP K 623 -32.58 -7.35 22.41
N LYS K 624 -33.90 -7.42 22.28
CA LYS K 624 -34.85 -6.31 22.39
C LYS K 624 -36.15 -6.70 21.71
N GLY K 625 -36.43 -7.99 21.63
CA GLY K 625 -37.56 -8.44 20.85
C GLY K 625 -37.34 -8.16 19.37
N LEU K 626 -36.14 -8.48 18.90
CA LEU K 626 -35.78 -8.25 17.49
C LEU K 626 -35.72 -9.59 16.79
N ASP K 627 -36.45 -9.70 15.68
CA ASP K 627 -36.55 -10.96 14.96
C ASP K 627 -35.47 -11.04 13.89
N LYS K 628 -34.50 -11.91 14.10
CA LYS K 628 -33.42 -12.12 13.14
C LYS K 628 -33.13 -13.61 13.07
N LYS K 629 -33.55 -14.25 11.99
CA LYS K 629 -33.59 -15.70 11.88
C LYS K 629 -32.34 -16.22 11.18
N LEU K 630 -31.64 -17.15 11.84
CA LEU K 630 -30.62 -17.94 11.16
C LEU K 630 -31.28 -18.86 10.14
N GLN K 631 -30.66 -18.95 8.97
CA GLN K 631 -31.18 -19.80 7.90
C GLN K 631 -30.16 -20.87 7.56
N LEU K 632 -30.65 -22.10 7.42
CA LEU K 632 -29.78 -23.24 7.19
C LEU K 632 -30.46 -24.20 6.24
N SER K 633 -29.64 -25.05 5.62
CA SER K 633 -30.15 -26.19 4.87
C SER K 633 -29.12 -27.31 4.97
N PHE K 634 -29.53 -28.43 5.53
CA PHE K 634 -28.63 -29.56 5.77
C PHE K 634 -28.69 -30.49 4.58
N ALA K 635 -27.60 -30.53 3.81
CA ALA K 635 -27.50 -31.38 2.64
C ALA K 635 -27.26 -32.84 2.94
N ASN K 636 -26.77 -33.16 4.14
CA ASN K 636 -26.23 -34.47 4.42
C ASN K 636 -26.98 -35.17 5.55
N ILE K 637 -27.83 -34.46 6.27
CA ILE K 637 -28.52 -35.00 7.43
C ILE K 637 -29.96 -35.30 7.04
N THR K 638 -30.43 -36.51 7.37
CA THR K 638 -31.77 -36.94 7.04
C THR K 638 -32.64 -37.17 8.26
N ASN K 639 -32.07 -37.34 9.45
CA ASN K 639 -32.84 -37.35 10.67
C ASN K 639 -33.47 -35.99 10.91
N TYR K 640 -34.77 -35.98 11.19
CA TYR K 640 -35.39 -34.75 11.65
C TYR K 640 -34.80 -34.33 12.99
N TYR K 641 -34.55 -35.30 13.87
CA TYR K 641 -34.21 -34.97 15.26
C TYR K 641 -32.75 -34.55 15.39
N THR K 642 -31.84 -35.28 14.75
CA THR K 642 -30.43 -34.92 14.84
C THR K 642 -30.17 -33.60 14.12
N ALA K 643 -30.86 -33.36 13.00
CA ALA K 643 -30.75 -32.06 12.34
C ALA K 643 -31.35 -30.97 13.21
N ARG K 644 -32.42 -31.28 13.95
CA ARG K 644 -32.97 -30.33 14.90
C ARG K 644 -31.94 -29.93 15.95
N SER K 645 -31.29 -30.93 16.55
CA SER K 645 -30.27 -30.65 17.56
C SER K 645 -29.09 -29.90 16.96
N TYR K 646 -28.69 -30.26 15.73
CA TYR K 646 -27.59 -29.57 15.08
C TYR K 646 -27.93 -28.11 14.79
N ALA K 647 -29.16 -27.84 14.37
CA ALA K 647 -29.58 -26.47 14.16
C ALA K 647 -29.54 -25.69 15.47
N ASP K 648 -30.01 -26.31 16.56
CA ASP K 648 -29.93 -25.63 17.86
C ASP K 648 -28.49 -25.31 18.23
N ARG K 649 -27.60 -26.28 18.04
CA ARG K 649 -26.19 -26.06 18.39
C ARG K 649 -25.59 -24.94 17.57
N GLU K 650 -25.86 -24.93 16.26
CA GLU K 650 -25.24 -23.92 15.41
C GLU K 650 -25.83 -22.54 15.69
N LEU K 651 -27.12 -22.49 16.05
CA LEU K 651 -27.70 -21.21 16.47
C LEU K 651 -27.02 -20.67 17.71
N LYS K 652 -26.82 -21.51 18.73
CA LYS K 652 -26.18 -21.02 19.94
C LYS K 652 -24.72 -20.62 19.68
N LYS K 653 -24.02 -21.39 18.83
CA LYS K 653 -22.68 -21.01 18.41
C LYS K 653 -22.68 -19.63 17.78
N SER K 654 -23.66 -19.36 16.92
CA SER K 654 -23.78 -18.02 16.35
C SER K 654 -24.06 -17.00 17.43
N ARG K 655 -24.77 -17.41 18.49
CA ARG K 655 -25.10 -16.48 19.56
C ARG K 655 -23.85 -16.03 20.31
N TYR K 656 -22.84 -16.90 20.43
CA TYR K 656 -21.66 -16.48 21.18
C TYR K 656 -20.80 -15.49 20.39
N SER K 657 -20.21 -15.92 19.27
CA SER K 657 -19.62 -15.00 18.30
C SER K 657 -18.61 -14.01 18.85
N ARG K 658 -17.46 -14.47 19.36
CA ARG K 658 -16.37 -13.58 19.73
C ARG K 658 -15.07 -14.15 19.19
N THR K 659 -14.18 -13.28 18.72
CA THR K 659 -12.91 -13.69 18.13
C THR K 659 -11.76 -12.98 18.86
N LEU K 660 -10.76 -13.74 19.30
CA LEU K 660 -9.50 -13.14 19.68
C LEU K 660 -8.44 -13.42 18.62
N SER K 661 -7.39 -12.60 18.64
CA SER K 661 -6.27 -12.77 17.73
C SER K 661 -5.01 -12.30 18.42
N PHE K 662 -4.11 -13.23 18.70
CA PHE K 662 -2.85 -12.91 19.38
C PHE K 662 -1.81 -13.93 18.96
N SER K 663 -0.60 -13.76 19.49
CA SER K 663 0.53 -14.61 19.15
C SER K 663 1.03 -15.25 20.43
N VAL K 664 1.52 -16.48 20.35
CA VAL K 664 2.09 -17.17 21.52
C VAL K 664 3.51 -17.61 21.19
N PRO K 665 4.38 -17.80 22.20
CA PRO K 665 5.75 -18.23 21.91
C PRO K 665 5.83 -19.68 21.49
N TYR K 666 7.05 -20.18 21.29
CA TYR K 666 7.25 -21.54 20.81
C TYR K 666 6.97 -22.59 21.89
N LYS K 667 6.77 -22.19 23.14
CA LYS K 667 6.42 -23.16 24.18
C LYS K 667 5.15 -23.91 23.81
N PHE K 668 4.22 -23.24 23.15
CA PHE K 668 2.90 -23.78 22.85
C PHE K 668 2.83 -24.43 21.48
N ILE K 669 3.95 -24.99 20.99
CA ILE K 669 3.92 -25.61 19.68
C ILE K 669 3.02 -26.84 19.71
N GLY K 670 2.38 -27.11 18.58
CA GLY K 670 1.46 -28.24 18.50
C GLY K 670 0.00 -27.84 18.50
N ILE K 671 -0.31 -26.60 18.88
CA ILE K 671 -1.68 -26.11 18.88
C ILE K 671 -2.27 -26.29 17.49
N GLU K 672 -3.51 -26.78 17.44
CA GLU K 672 -4.18 -27.25 16.25
C GLU K 672 -5.51 -26.53 16.08
N PRO K 673 -5.87 -26.17 14.85
CA PRO K 673 -6.86 -25.10 14.66
C PRO K 673 -8.25 -25.41 15.18
N ASN K 674 -8.46 -26.51 15.91
CA ASN K 674 -9.73 -26.68 16.60
C ASN K 674 -9.51 -27.23 18.01
N ASP K 675 -8.55 -26.67 18.73
CA ASP K 675 -8.16 -27.16 20.05
C ASP K 675 -8.71 -26.23 21.13
N PRO K 676 -9.05 -26.78 22.30
CA PRO K 676 -9.55 -25.93 23.39
C PRO K 676 -8.44 -25.22 24.14
N ILE K 677 -8.59 -23.91 24.39
CA ILE K 677 -7.71 -23.20 25.31
C ILE K 677 -8.58 -22.33 26.21
N ALA K 678 -8.03 -21.96 27.36
CA ALA K 678 -8.72 -21.10 28.34
C ALA K 678 -7.91 -19.83 28.50
N PHE K 679 -8.44 -18.71 28.02
CA PHE K 679 -7.71 -17.46 28.03
C PHE K 679 -8.10 -16.66 29.28
N THR K 680 -7.08 -16.10 29.94
CA THR K 680 -7.28 -15.54 31.28
C THR K 680 -6.70 -14.14 31.45
N TYR K 681 -6.99 -13.22 30.53
CA TYR K 681 -6.58 -11.83 30.70
C TYR K 681 -7.25 -11.27 31.94
N GLU K 682 -6.46 -10.63 32.81
CA GLU K 682 -6.97 -10.26 34.12
C GLU K 682 -7.87 -9.03 34.08
N ARG K 683 -7.49 -8.01 33.30
CA ARG K 683 -8.27 -6.78 33.28
C ARG K 683 -9.69 -7.01 32.78
N TYR K 684 -9.84 -7.86 31.75
CA TYR K 684 -11.15 -8.06 31.15
C TYR K 684 -12.14 -8.63 32.16
N GLY K 685 -11.62 -9.28 33.20
CA GLY K 685 -12.46 -10.01 34.12
C GLY K 685 -12.43 -11.48 33.75
N TRP K 686 -11.73 -11.77 32.66
CA TRP K 686 -11.67 -13.13 32.15
C TRP K 686 -10.78 -14.00 33.02
N LYS K 687 -11.40 -14.75 33.92
CA LYS K 687 -10.79 -15.96 34.44
C LYS K 687 -11.19 -17.03 33.44
N ASP K 688 -10.79 -18.28 33.67
CA ASP K 688 -10.81 -19.31 32.62
C ASP K 688 -12.02 -19.19 31.72
N LYS K 689 -11.77 -18.98 30.42
CA LYS K 689 -12.82 -18.75 29.44
C LYS K 689 -12.55 -19.64 28.24
N PHE K 690 -13.51 -20.50 27.93
CA PHE K 690 -13.30 -21.55 26.95
C PHE K 690 -13.32 -20.93 25.56
N PHE K 691 -12.21 -21.07 24.85
CA PHE K 691 -12.10 -20.69 23.44
C PHE K 691 -11.61 -21.88 22.65
N LEU K 692 -12.13 -22.02 21.43
CA LEU K 692 -11.55 -22.91 20.44
C LEU K 692 -10.82 -22.07 19.42
N VAL K 693 -9.56 -22.42 19.17
CA VAL K 693 -8.74 -21.69 18.22
C VAL K 693 -9.36 -21.80 16.84
N ASP K 694 -9.22 -20.75 16.05
CA ASP K 694 -9.71 -20.72 14.68
C ASP K 694 -8.58 -20.68 13.66
N GLU K 695 -7.40 -20.20 14.05
CA GLU K 695 -6.25 -20.14 13.16
C GLU K 695 -5.02 -20.54 13.95
N VAL K 696 -4.08 -21.17 13.26
CA VAL K 696 -2.74 -21.38 13.76
C VAL K 696 -1.78 -21.08 12.63
N GLU K 697 -0.79 -20.23 12.90
CA GLU K 697 0.18 -19.91 11.88
C GLU K 697 1.58 -20.25 12.38
N ASN K 698 2.00 -21.49 12.19
CA ASN K 698 3.36 -21.85 12.53
C ASN K 698 4.34 -21.03 11.71
N THR K 699 5.34 -20.48 12.38
CA THR K 699 6.28 -19.57 11.76
C THR K 699 7.68 -20.16 11.85
N ARG K 700 8.51 -19.86 10.84
CA ARG K 700 9.89 -20.32 10.85
C ARG K 700 10.62 -19.84 12.09
N ASP K 701 10.33 -18.63 12.55
CA ASP K 701 10.99 -18.09 13.74
C ASP K 701 10.66 -18.93 14.97
N GLY K 702 9.39 -19.26 15.14
CA GLY K 702 8.97 -20.03 16.30
C GLY K 702 7.65 -19.56 16.89
N LYS K 703 7.31 -18.29 16.68
CA LYS K 703 6.07 -17.76 17.22
C LYS K 703 4.87 -18.32 16.47
N ILE K 704 3.74 -18.41 17.17
CA ILE K 704 2.50 -18.93 16.61
C ILE K 704 1.45 -17.83 16.67
N ASN K 705 0.79 -17.59 15.55
CA ASN K 705 -0.20 -16.51 15.42
C ASN K 705 -1.60 -17.09 15.53
N LEU K 706 -2.11 -17.19 16.75
CA LEU K 706 -3.41 -17.81 16.98
C LEU K 706 -4.54 -16.83 16.69
N VAL K 707 -5.72 -17.41 16.40
CA VAL K 707 -6.98 -16.69 16.31
C VAL K 707 -8.03 -17.54 16.99
N LEU K 708 -8.86 -16.93 17.83
CA LEU K 708 -9.76 -17.66 18.70
C LEU K 708 -11.21 -17.50 18.28
N GLN K 709 -12.04 -18.44 18.71
CA GLN K 709 -13.49 -18.36 18.60
C GLN K 709 -14.09 -18.72 19.96
N GLU K 710 -15.17 -18.05 20.32
CA GLU K 710 -15.77 -18.19 21.65
C GLU K 710 -16.91 -19.19 21.63
N TYR K 711 -16.71 -20.35 22.24
CA TYR K 711 -17.71 -21.41 22.35
C TYR K 711 -17.85 -21.80 23.82
N GLY K 712 -18.89 -21.30 24.47
CA GLY K 712 -19.21 -21.74 25.82
C GLY K 712 -19.79 -23.15 25.81
N GLU K 713 -19.98 -23.68 27.01
CA GLU K 713 -20.51 -25.05 27.14
C GLU K 713 -21.96 -25.15 26.69
N ASP K 714 -22.66 -24.02 26.57
CA ASP K 714 -24.08 -24.07 26.25
C ASP K 714 -24.33 -24.65 24.85
N VAL K 715 -23.41 -24.45 23.92
CA VAL K 715 -23.61 -24.96 22.58
C VAL K 715 -23.52 -26.49 22.57
N PHE K 716 -22.63 -27.05 23.40
CA PHE K 716 -22.46 -28.49 23.40
C PHE K 716 -23.39 -29.19 24.37
N ILE K 717 -24.03 -28.47 25.29
CA ILE K 717 -24.85 -29.13 26.30
C ILE K 717 -26.13 -29.68 25.67
N ASN K 718 -26.57 -29.06 24.57
CA ASN K 718 -27.76 -29.41 23.77
C ASN K 718 -29.05 -29.36 24.59
N SER K 719 -30.19 -29.51 23.92
CA SER K 719 -31.48 -29.30 24.58
C SER K 719 -32.38 -30.49 24.27
N GLU K 720 -33.65 -30.37 24.66
CA GLU K 720 -34.66 -31.39 24.44
C GLU K 720 -35.45 -31.04 23.19
N GLN K 721 -36.09 -32.05 22.59
CA GLN K 721 -36.90 -31.85 21.40
C GLN K 721 -38.29 -32.46 21.59
N VAL K 722 -39.23 -32.01 20.77
CA VAL K 722 -40.59 -32.51 20.85
C VAL K 722 -40.75 -33.69 19.90
N ASP K 723 -41.69 -34.58 20.25
CA ASP K 723 -42.06 -35.66 19.34
C ASP K 723 -42.56 -35.09 18.01
N ASN K 724 -42.03 -35.64 16.91
CA ASN K 724 -42.55 -35.36 15.57
C ASN K 724 -42.62 -36.68 14.80
N SER K 725 -43.76 -37.37 14.94
CA SER K 725 -44.00 -38.60 14.21
C SER K 725 -45.32 -38.59 13.44
N GLY K 726 -46.35 -37.95 13.98
CA GLY K 726 -47.63 -37.91 13.27
C GLY K 726 -47.61 -37.00 12.08
N ASN K 727 -46.67 -36.05 12.05
CA ASN K 727 -46.59 -35.08 10.96
C ASN K 727 -45.73 -35.62 9.82
N ASP K 728 -46.11 -36.79 9.34
CA ASP K 728 -45.48 -37.39 8.17
C ASP K 728 -46.28 -37.05 6.91
N ILE K 729 -45.56 -36.88 5.81
CA ILE K 729 -46.19 -36.51 4.54
C ILE K 729 -45.78 -37.51 3.47
N PRO K 730 -46.43 -38.66 3.39
CA PRO K 730 -46.14 -39.59 2.30
C PRO K 730 -46.60 -39.03 0.97
N ASP K 731 -45.96 -39.48 -0.11
CA ASP K 731 -46.30 -39.04 -1.45
C ASP K 731 -47.38 -39.94 -2.03
N ILE K 732 -48.61 -39.74 -1.55
CA ILE K 732 -49.75 -40.49 -2.07
C ILE K 732 -50.15 -39.95 -3.43
N SER K 733 -49.76 -38.72 -3.74
CA SER K 733 -50.29 -37.98 -4.88
C SER K 733 -49.37 -38.10 -6.10
N ASN K 734 -49.11 -39.34 -6.51
CA ASN K 734 -48.33 -39.53 -7.72
C ASN K 734 -48.79 -40.77 -8.49
N ASN K 735 -49.91 -41.34 -8.10
CA ASN K 735 -50.47 -42.50 -8.79
C ASN K 735 -51.99 -42.36 -8.86
N VAL K 736 -52.55 -42.95 -9.90
CA VAL K 736 -54.00 -43.05 -10.02
C VAL K 736 -54.51 -44.18 -9.13
N LEU K 737 -55.61 -43.91 -8.42
CA LEU K 737 -56.21 -44.85 -7.49
C LEU K 737 -57.23 -45.74 -8.17
N PRO K 738 -57.45 -46.94 -7.66
CA PRO K 738 -58.37 -47.88 -8.30
C PRO K 738 -59.80 -47.61 -7.89
N PRO K 739 -60.74 -48.40 -8.38
CA PRO K 739 -62.12 -48.32 -7.86
C PRO K 739 -62.16 -48.52 -6.36
N ARG K 740 -63.04 -47.76 -5.70
CA ARG K 740 -63.07 -47.74 -4.25
C ARG K 740 -63.62 -49.04 -3.67
N ASP K 741 -64.70 -49.56 -4.26
CA ASP K 741 -65.31 -50.81 -3.82
C ASP K 741 -65.55 -51.65 -5.07
N PHE K 742 -65.76 -52.95 -4.89
CA PHE K 742 -66.08 -53.84 -6.00
C PHE K 742 -66.59 -55.16 -5.46
N LYS K 743 -67.73 -55.60 -5.98
CA LYS K 743 -68.29 -56.91 -5.69
C LYS K 743 -69.23 -57.28 -6.82
N TYR K 744 -69.53 -58.57 -6.93
CA TYR K 744 -70.35 -59.09 -8.00
C TYR K 744 -71.71 -59.51 -7.41
N THR K 745 -72.78 -58.90 -7.92
CA THR K 745 -74.11 -59.12 -7.35
C THR K 745 -75.04 -59.74 -8.38
N PRO K 746 -75.37 -61.03 -8.26
CA PRO K 746 -76.34 -61.63 -9.17
C PRO K 746 -77.77 -61.24 -8.84
N GLY K 759 -74.00 -56.09 -13.44
CA GLY K 759 -72.95 -57.07 -13.55
C GLY K 759 -71.60 -56.48 -13.24
N GLU K 760 -71.04 -56.78 -12.07
CA GLU K 760 -69.72 -56.31 -11.67
C GLU K 760 -69.81 -54.85 -11.44
N LEU K 761 -71.00 -54.31 -11.40
CA LEU K 761 -71.13 -52.87 -11.35
C LEU K 761 -70.50 -52.20 -10.17
N SER K 762 -70.54 -52.83 -9.02
CA SER K 762 -70.05 -52.22 -7.80
C SER K 762 -68.82 -51.29 -7.74
N TRP K 763 -68.07 -51.11 -8.82
CA TRP K 763 -66.88 -50.29 -8.72
C TRP K 763 -67.28 -48.82 -8.57
N LEU K 764 -66.91 -48.25 -7.45
CA LEU K 764 -67.11 -46.84 -7.20
C LEU K 764 -66.04 -46.04 -7.92
N PRO K 765 -66.39 -44.92 -8.53
CA PRO K 765 -65.41 -44.18 -9.35
C PRO K 765 -64.16 -43.80 -8.57
N SER K 766 -63.01 -43.88 -9.23
CA SER K 766 -61.75 -43.58 -8.58
C SER K 766 -61.72 -42.14 -8.09
N LEU K 767 -61.09 -41.93 -6.93
CA LEU K 767 -60.95 -40.58 -6.39
C LEU K 767 -60.17 -39.68 -7.35
N THR K 768 -59.27 -40.25 -8.14
CA THR K 768 -58.60 -39.49 -9.18
C THR K 768 -59.61 -39.07 -10.24
N ASN K 769 -59.76 -37.76 -10.42
CA ASN K 769 -60.65 -37.24 -11.43
C ASN K 769 -60.03 -37.29 -12.83
N ASN K 770 -58.75 -37.62 -12.91
CA ASN K 770 -58.10 -37.99 -14.17
C ASN K 770 -58.45 -39.45 -14.45
N VAL K 771 -59.65 -39.70 -14.92
CA VAL K 771 -60.06 -41.04 -15.31
C VAL K 771 -60.89 -40.95 -16.58
N VAL K 772 -60.66 -41.89 -17.49
CA VAL K 772 -61.33 -41.89 -18.79
C VAL K 772 -62.16 -43.15 -18.98
N TYR K 773 -61.53 -44.33 -18.95
CA TYR K 773 -62.23 -45.59 -19.20
C TYR K 773 -61.61 -46.68 -18.33
N TYR K 774 -62.46 -47.37 -17.57
CA TYR K 774 -62.03 -48.54 -16.84
C TYR K 774 -61.88 -49.73 -17.77
N SER K 775 -61.06 -50.71 -17.36
CA SER K 775 -60.81 -51.90 -18.14
C SER K 775 -61.19 -53.13 -17.31
N ILE K 776 -61.91 -54.06 -17.94
CA ILE K 776 -62.30 -55.31 -17.30
C ILE K 776 -61.75 -56.45 -18.14
N ALA K 777 -61.02 -57.36 -17.50
CA ALA K 777 -60.39 -58.47 -18.20
C ALA K 777 -60.93 -59.78 -17.64
N HIS K 778 -61.56 -60.57 -18.49
CA HIS K 778 -62.10 -61.86 -18.08
C HIS K 778 -61.05 -62.96 -18.23
N SER K 779 -61.42 -64.17 -17.83
CA SER K 779 -60.49 -65.29 -17.91
C SER K 779 -60.33 -65.77 -19.35
N GLY K 780 -61.43 -65.86 -20.09
CA GLY K 780 -61.38 -66.40 -21.43
C GLY K 780 -61.60 -65.36 -22.51
N HIS K 781 -62.28 -64.27 -22.17
CA HIS K 781 -62.55 -63.22 -23.14
C HIS K 781 -61.25 -62.49 -23.49
N VAL K 782 -60.80 -62.65 -24.73
CA VAL K 782 -59.53 -62.08 -25.14
C VAL K 782 -59.60 -60.56 -25.17
N ASN K 783 -60.74 -60.02 -25.58
CA ASN K 783 -60.85 -58.57 -25.70
C ASN K 783 -61.42 -57.98 -24.42
N PRO K 784 -60.65 -57.17 -23.69
CA PRO K 784 -61.17 -56.57 -22.45
C PRO K 784 -62.28 -55.59 -22.73
N TYR K 785 -63.19 -55.47 -21.75
CA TYR K 785 -64.31 -54.54 -21.85
C TYR K 785 -63.82 -53.12 -21.61
N ILE K 786 -64.64 -52.15 -22.00
CA ILE K 786 -64.35 -50.74 -21.76
C ILE K 786 -65.58 -50.09 -21.16
N VAL K 787 -65.44 -49.57 -19.96
CA VAL K 787 -66.47 -48.73 -19.34
C VAL K 787 -65.91 -47.31 -19.24
N GLN K 788 -66.66 -46.33 -19.71
CA GLN K 788 -66.10 -45.00 -19.90
C GLN K 788 -66.77 -44.04 -18.94
N GLN K 789 -65.99 -43.10 -18.41
CA GLN K 789 -66.51 -42.09 -17.49
C GLN K 789 -67.07 -40.91 -18.27
N LEU K 790 -68.26 -41.14 -18.81
CA LEU K 790 -68.98 -40.08 -19.51
C LEU K 790 -69.49 -39.04 -18.53
N GLU K 791 -69.93 -39.48 -17.34
CA GLU K 791 -70.26 -38.59 -16.24
C GLU K 791 -69.56 -39.09 -14.99
N ASN K 792 -68.98 -38.18 -14.22
CA ASN K 792 -68.19 -38.53 -13.04
C ASN K 792 -68.95 -38.15 -11.79
N ASN K 793 -69.50 -39.14 -11.11
CA ASN K 793 -70.17 -38.95 -9.83
C ASN K 793 -69.45 -39.79 -8.79
N PRO K 794 -68.83 -39.18 -7.78
CA PRO K 794 -68.02 -39.95 -6.81
C PRO K 794 -68.83 -40.94 -6.00
N ASN K 795 -70.14 -40.77 -5.89
CA ASN K 795 -71.00 -41.73 -5.22
C ASN K 795 -72.05 -42.21 -6.20
N GLU K 796 -71.69 -43.22 -7.01
CA GLU K 796 -72.55 -43.78 -8.03
C GLU K 796 -71.91 -45.08 -8.54
N ARG K 797 -72.69 -45.97 -9.13
CA ARG K 797 -72.17 -47.25 -9.57
C ARG K 797 -72.58 -47.51 -11.01
N MET K 798 -71.59 -47.80 -11.85
CA MET K 798 -71.80 -48.07 -13.26
C MET K 798 -71.54 -49.54 -13.56
N ILE K 799 -72.12 -50.02 -14.66
CA ILE K 799 -72.47 -51.42 -14.81
C ILE K 799 -71.71 -52.04 -15.98
N GLN K 800 -71.36 -53.31 -15.84
CA GLN K 800 -70.91 -54.17 -16.93
C GLN K 800 -71.94 -55.28 -17.12
N GLU K 801 -71.91 -55.94 -18.28
CA GLU K 801 -73.05 -56.78 -18.66
C GLU K 801 -72.83 -58.25 -18.26
N ILE K 802 -71.78 -58.87 -18.78
CA ILE K 802 -71.52 -60.30 -18.56
C ILE K 802 -72.75 -61.08 -19.04
N GLY K 808 -69.08 -70.22 -14.61
CA GLY K 808 -68.37 -69.46 -13.60
C GLY K 808 -66.90 -69.79 -13.53
N LEU K 809 -66.30 -69.48 -12.37
CA LEU K 809 -64.87 -69.58 -12.13
C LEU K 809 -64.09 -68.70 -13.09
N ALA K 810 -64.31 -67.39 -13.00
CA ALA K 810 -63.61 -66.42 -13.84
C ALA K 810 -62.87 -65.44 -12.94
N ILE K 811 -61.74 -64.95 -13.43
CA ILE K 811 -60.91 -64.00 -12.70
C ILE K 811 -61.11 -62.61 -13.31
N PHE K 812 -61.19 -61.60 -12.45
CA PHE K 812 -61.59 -60.25 -12.84
C PHE K 812 -60.47 -59.28 -12.48
N GLU K 813 -60.31 -58.24 -13.30
CA GLU K 813 -59.34 -57.18 -13.02
C GLU K 813 -59.93 -55.84 -13.42
N LEU K 814 -59.74 -54.85 -12.55
CA LEU K 814 -60.26 -53.49 -12.76
C LEU K 814 -59.10 -52.50 -12.77
N ARG K 815 -58.77 -51.99 -13.95
CA ARG K 815 -57.71 -51.00 -14.04
C ARG K 815 -58.26 -49.69 -14.58
N ALA K 816 -58.36 -48.69 -13.70
CA ALA K 816 -58.78 -47.37 -14.13
C ALA K 816 -57.71 -46.74 -15.01
N VAL K 817 -58.15 -46.09 -16.09
CA VAL K 817 -57.24 -45.50 -17.05
C VAL K 817 -57.49 -43.99 -17.07
N ASP K 818 -56.39 -43.23 -17.15
CA ASP K 818 -56.45 -41.78 -17.11
C ASP K 818 -56.23 -41.25 -18.53
N ILE K 819 -56.11 -39.94 -18.62
CA ILE K 819 -55.93 -39.27 -19.91
C ILE K 819 -54.51 -39.47 -20.39
N ASN K 820 -53.69 -40.16 -19.58
CA ASN K 820 -52.32 -40.45 -19.94
C ASN K 820 -52.05 -41.94 -20.14
N GLY K 821 -52.88 -42.81 -19.59
CA GLY K 821 -52.68 -44.24 -19.72
C GLY K 821 -51.96 -44.91 -18.58
N ARG K 822 -52.07 -44.35 -17.38
CA ARG K 822 -51.34 -44.89 -16.27
C ARG K 822 -51.83 -46.25 -15.88
N ARG K 823 -53.09 -46.37 -15.46
CA ARG K 823 -53.71 -47.64 -15.04
C ARG K 823 -53.43 -47.87 -13.61
N SER K 824 -54.41 -48.36 -12.88
CA SER K 824 -54.25 -48.47 -11.45
C SER K 824 -53.83 -49.82 -11.00
N SER K 825 -53.95 -50.06 -9.71
CA SER K 825 -53.61 -51.34 -9.22
C SER K 825 -54.86 -52.19 -9.42
N PRO K 826 -54.75 -53.31 -10.17
CA PRO K 826 -55.97 -54.05 -10.42
C PRO K 826 -56.64 -54.61 -9.20
N VAL K 827 -57.92 -54.34 -9.04
CA VAL K 827 -58.68 -54.87 -7.94
C VAL K 827 -59.20 -56.16 -8.51
N THR K 828 -59.07 -57.28 -7.80
CA THR K 828 -59.44 -58.55 -8.40
C THR K 828 -60.38 -59.31 -7.48
N LEU K 829 -61.40 -59.93 -8.07
CA LEU K 829 -62.23 -60.93 -7.41
C LEU K 829 -62.29 -62.19 -8.26
N SER K 830 -62.12 -63.34 -7.61
CA SER K 830 -62.27 -64.63 -8.24
C SER K 830 -63.62 -65.22 -7.82
N VAL K 831 -64.66 -64.90 -8.59
CA VAL K 831 -66.02 -65.24 -8.20
C VAL K 831 -66.56 -66.30 -9.17
N ASP K 832 -67.60 -66.98 -8.73
CA ASP K 832 -68.30 -67.98 -9.52
C ASP K 832 -69.55 -67.35 -10.11
N LEU K 833 -69.63 -67.31 -11.43
CA LEU K 833 -70.76 -66.70 -12.11
C LEU K 833 -72.03 -67.49 -11.77
N MET L 1 4.91 -8.66 -34.77
CA MET L 1 5.70 -8.56 -35.99
C MET L 1 5.33 -7.37 -36.87
N LYS L 2 5.88 -6.22 -36.54
CA LYS L 2 5.98 -5.11 -37.48
C LYS L 2 7.41 -5.06 -38.01
N LYS L 3 7.54 -5.09 -39.33
CA LYS L 3 8.82 -5.37 -39.95
C LYS L 3 9.86 -4.31 -39.63
N ILE L 4 9.39 -3.11 -39.25
CA ILE L 4 10.26 -1.99 -38.79
C ILE L 4 11.33 -1.47 -39.72
N LEU L 5 11.54 -2.09 -40.85
CA LEU L 5 12.59 -1.75 -41.82
C LEU L 5 13.99 -1.96 -41.27
N ASP L 6 14.90 -2.35 -42.16
CA ASP L 6 16.31 -2.52 -41.86
C ASP L 6 16.99 -1.19 -41.54
N SER L 7 16.59 -0.10 -42.19
CA SER L 7 17.15 1.20 -41.85
C SER L 7 16.86 1.57 -40.40
N ALA L 8 15.62 1.41 -39.97
CA ALA L 8 15.28 1.70 -38.58
C ALA L 8 15.94 0.70 -37.64
N LYS L 9 16.08 -0.56 -38.06
CA LYS L 9 16.82 -1.51 -37.24
C LYS L 9 18.26 -1.03 -37.00
N ASN L 10 18.93 -0.60 -38.07
CA ASN L 10 20.29 -0.13 -37.95
C ASN L 10 20.36 1.10 -37.04
N TYR L 11 19.43 2.04 -37.21
CA TYR L 11 19.45 3.25 -36.39
C TYR L 11 19.25 2.91 -34.92
N LEU L 12 18.30 2.02 -34.62
CA LEU L 12 18.05 1.66 -33.22
C LEU L 12 19.24 0.92 -32.62
N ASN L 13 19.92 0.10 -33.43
CA ASN L 13 21.07 -0.64 -32.92
C ASN L 13 22.25 0.28 -32.65
N THR L 14 22.46 1.28 -33.50
CA THR L 14 23.71 2.05 -33.39
C THR L 14 23.54 3.30 -32.54
N HIS L 15 22.52 4.12 -32.82
CA HIS L 15 22.56 5.52 -32.41
C HIS L 15 22.59 5.70 -30.89
N ASP L 16 21.77 4.95 -30.15
CA ASP L 16 21.86 4.86 -28.68
C ASP L 16 21.41 6.12 -27.94
N LYS L 17 21.15 7.20 -28.65
CA LYS L 17 20.53 8.39 -28.06
C LYS L 17 19.51 8.93 -29.07
N LEU L 18 18.27 8.46 -28.96
CA LEU L 18 17.23 8.81 -29.92
C LEU L 18 16.19 9.67 -29.24
N LYS L 19 15.77 10.74 -29.92
CA LYS L 19 14.82 11.71 -29.38
C LYS L 19 13.41 11.29 -29.76
N THR L 20 12.77 10.56 -28.86
CA THR L 20 11.42 10.07 -29.11
C THR L 20 10.40 11.21 -29.03
N ALA L 21 9.44 11.18 -29.95
CA ALA L 21 8.35 12.15 -29.96
C ALA L 21 7.06 11.45 -30.34
N CYS L 22 5.99 11.77 -29.63
CA CYS L 22 4.68 11.18 -29.89
C CYS L 22 3.80 12.17 -30.62
N LEU L 23 3.12 11.70 -31.66
CA LEU L 23 2.23 12.50 -32.48
C LEU L 23 0.78 12.13 -32.17
N ILE L 24 0.11 12.97 -31.38
CA ILE L 24 -1.27 12.73 -30.97
C ILE L 24 -2.18 13.52 -31.89
N ALA L 25 -2.95 12.82 -32.72
CA ALA L 25 -3.94 13.43 -33.59
C ALA L 25 -5.30 13.24 -32.95
N LEU L 26 -5.61 14.07 -31.96
CA LEU L 26 -6.87 14.03 -31.26
C LEU L 26 -8.01 14.46 -32.19
N GLU L 27 -9.21 13.94 -31.94
CA GLU L 27 -10.40 14.40 -32.65
C GLU L 27 -11.29 15.11 -31.65
N LEU L 28 -11.65 16.35 -31.96
CA LEU L 28 -12.22 17.22 -30.93
C LEU L 28 -13.62 16.76 -30.53
N PRO L 29 -13.91 16.68 -29.23
CA PRO L 29 -15.29 16.52 -28.79
C PRO L 29 -16.15 17.64 -29.36
N SER L 30 -17.07 17.27 -30.25
CA SER L 30 -17.90 18.23 -30.97
C SER L 30 -19.36 17.93 -30.71
N SER L 31 -20.17 18.98 -30.57
CA SER L 31 -21.60 18.86 -30.34
C SER L 31 -22.35 19.31 -31.58
N SER L 32 -23.62 18.90 -31.64
CA SER L 32 -24.61 19.27 -32.66
C SER L 32 -24.34 18.63 -34.01
N GLY L 33 -23.22 17.93 -34.17
CA GLY L 33 -22.96 17.22 -35.40
C GLY L 33 -22.33 18.09 -36.47
N SER L 34 -21.15 17.72 -36.95
CA SER L 34 -20.46 18.44 -38.00
C SER L 34 -19.31 17.59 -38.51
N ALA L 35 -18.49 18.17 -39.37
CA ALA L 35 -17.27 17.50 -39.80
C ALA L 35 -16.28 17.44 -38.63
N ALA L 36 -15.45 16.40 -38.64
CA ALA L 36 -14.50 16.20 -37.56
C ALA L 36 -13.42 17.28 -37.59
N THR L 37 -13.16 17.90 -36.45
CA THR L 37 -12.09 18.89 -36.31
C THR L 37 -11.04 18.27 -35.38
N TYR L 38 -9.80 18.24 -35.85
CA TYR L 38 -8.74 17.54 -35.15
C TYR L 38 -7.78 18.54 -34.51
N ILE L 39 -7.49 18.35 -33.22
CA ILE L 39 -6.36 19.03 -32.60
C ILE L 39 -5.15 18.11 -32.63
N TYR L 40 -4.04 18.64 -33.16
CA TYR L 40 -2.82 17.87 -33.38
C TYR L 40 -1.80 18.27 -32.32
N LEU L 41 -1.69 17.46 -31.27
CA LEU L 41 -0.72 17.71 -30.22
C LEU L 41 0.44 16.74 -30.33
N THR L 42 1.61 17.18 -29.87
CA THR L 42 2.76 16.31 -29.78
C THR L 42 3.49 16.60 -28.48
N ASP L 43 4.28 15.64 -28.02
CA ASP L 43 4.93 15.79 -26.74
C ASP L 43 6.18 16.64 -26.92
N TYR L 44 7.17 16.08 -27.66
CA TYR L 44 8.49 16.64 -28.01
C TYR L 44 8.81 18.02 -27.46
N PHE L 45 9.48 18.85 -28.25
CA PHE L 45 9.61 20.25 -27.85
C PHE L 45 9.47 21.27 -28.97
N ARG L 46 9.76 20.96 -30.23
CA ARG L 46 9.80 22.07 -31.17
C ARG L 46 8.44 22.40 -31.78
N ASP L 47 8.13 21.72 -32.88
CA ASP L 47 6.83 21.47 -33.46
C ASP L 47 7.06 20.41 -34.51
N VAL L 48 6.85 19.14 -34.19
CA VAL L 48 7.22 18.12 -35.16
C VAL L 48 6.11 17.92 -36.18
N THR L 49 6.45 18.13 -37.45
CA THR L 49 5.49 18.14 -38.54
C THR L 49 5.64 16.86 -39.36
N TYR L 50 4.61 16.02 -39.34
CA TYR L 50 4.57 14.80 -40.14
C TYR L 50 3.49 14.89 -41.19
N ASN L 51 3.89 14.86 -42.45
CA ASN L 51 2.98 14.69 -43.59
C ASN L 51 1.85 15.70 -43.54
N GLY L 52 2.19 16.98 -43.64
CA GLY L 52 1.19 18.01 -43.61
C GLY L 52 1.08 18.76 -42.30
N ILE L 53 0.13 18.36 -41.46
CA ILE L 53 -0.27 19.15 -40.31
C ILE L 53 0.91 19.28 -39.33
N LEU L 54 0.94 20.42 -38.62
CA LEU L 54 2.12 20.87 -37.89
C LEU L 54 2.30 20.20 -36.52
N TYR L 55 1.25 19.69 -35.90
CA TYR L 55 1.37 19.00 -34.61
C TYR L 55 1.97 19.91 -33.54
N ARG L 56 1.19 20.90 -33.12
CA ARG L 56 1.56 21.81 -32.04
C ARG L 56 2.17 21.08 -30.86
N SER L 57 3.10 21.72 -30.13
CA SER L 57 3.95 21.06 -29.16
C SER L 57 3.96 21.83 -27.83
N GLY L 58 2.78 22.19 -27.34
CA GLY L 58 2.72 22.94 -26.10
C GLY L 58 1.93 22.27 -24.99
N LYS L 59 1.62 20.99 -25.15
CA LYS L 59 0.77 20.29 -24.20
C LYS L 59 1.22 18.83 -24.07
N VAL L 60 0.37 17.99 -23.48
CA VAL L 60 0.63 16.56 -23.35
C VAL L 60 1.90 16.33 -22.57
N LYS L 61 1.82 16.43 -21.23
CA LYS L 61 3.01 16.23 -20.42
C LYS L 61 3.50 14.79 -20.46
N SER L 62 2.58 13.82 -20.49
CA SER L 62 2.99 12.42 -20.46
C SER L 62 1.92 11.56 -21.12
N ILE L 63 2.31 10.35 -21.51
CA ILE L 63 1.42 9.35 -22.09
C ILE L 63 1.61 8.04 -21.33
N SER L 64 0.51 7.36 -21.05
CA SER L 64 0.55 6.14 -20.25
C SER L 64 1.14 4.99 -21.05
N SER L 65 1.13 3.79 -20.46
CA SER L 65 1.70 2.61 -21.08
C SER L 65 0.59 1.75 -21.68
N HIS L 66 0.86 1.13 -22.82
CA HIS L 66 -0.14 0.42 -23.59
C HIS L 66 -0.06 -1.07 -23.23
N LYS L 67 -0.73 -1.42 -22.14
CA LYS L 67 -0.70 -2.76 -21.56
C LYS L 67 -1.83 -3.60 -22.15
N GLN L 68 -1.47 -4.65 -22.88
CA GLN L 68 -2.44 -5.51 -23.55
C GLN L 68 -1.86 -6.90 -23.76
N ASN L 69 -2.38 -7.87 -23.00
CA ASN L 69 -1.90 -9.25 -23.04
C ASN L 69 -2.71 -10.07 -24.05
N ARG L 70 -2.56 -11.39 -24.01
CA ARG L 70 -3.21 -12.30 -24.95
C ARG L 70 -4.64 -12.56 -24.49
N GLN L 71 -5.40 -11.47 -24.31
CA GLN L 71 -6.81 -11.51 -23.97
C GLN L 71 -7.39 -10.15 -24.32
N LEU L 72 -8.48 -10.12 -25.10
CA LEU L 72 -9.04 -8.83 -25.46
C LEU L 72 -9.41 -8.10 -24.19
N SER L 73 -8.75 -6.97 -23.94
CA SER L 73 -8.82 -6.33 -22.64
C SER L 73 -8.98 -4.83 -22.70
N ILE L 74 -9.86 -4.31 -23.56
CA ILE L 74 -10.25 -2.90 -23.59
C ILE L 74 -9.02 -2.00 -23.48
N GLY L 75 -7.94 -2.39 -24.16
CA GLY L 75 -6.63 -1.77 -24.03
C GLY L 75 -6.66 -0.25 -23.95
N SER L 76 -6.24 0.29 -22.81
CA SER L 76 -6.52 1.67 -22.46
C SER L 76 -5.24 2.46 -22.23
N LEU L 77 -5.28 3.73 -22.64
CA LEU L 77 -4.22 4.69 -22.36
C LEU L 77 -4.75 5.84 -21.53
N SER L 78 -3.92 6.85 -21.29
CA SER L 78 -4.35 8.05 -20.61
C SER L 78 -3.39 9.20 -20.88
N PHE L 79 -3.86 10.25 -21.54
CA PHE L 79 -3.04 11.44 -21.73
C PHE L 79 -2.87 12.15 -20.40
N THR L 80 -1.99 13.15 -20.42
CA THR L 80 -1.89 14.13 -19.35
C THR L 80 -1.65 15.49 -19.99
N ILE L 81 -2.72 16.19 -20.32
CA ILE L 81 -2.65 17.53 -20.90
C ILE L 81 -2.76 18.54 -19.78
N THR L 82 -1.89 19.54 -19.77
CA THR L 82 -1.85 20.49 -18.68
C THR L 82 -3.19 21.19 -18.51
N GLY L 83 -3.60 21.35 -17.27
CA GLY L 83 -4.90 21.93 -16.98
C GLY L 83 -4.87 23.44 -16.88
N THR L 84 -3.71 24.02 -17.17
CA THR L 84 -3.57 25.47 -17.24
C THR L 84 -3.73 26.01 -18.64
N ALA L 85 -3.95 25.15 -19.63
CA ALA L 85 -4.28 25.57 -20.97
C ALA L 85 -5.78 25.80 -21.06
N GLU L 86 -6.18 27.06 -21.18
CA GLU L 86 -7.60 27.41 -21.14
C GLU L 86 -8.38 26.70 -22.23
N ASP L 87 -7.80 26.57 -23.42
CA ASP L 87 -8.52 26.01 -24.56
C ASP L 87 -8.91 24.56 -24.30
N GLU L 88 -7.95 23.75 -23.85
CA GLU L 88 -8.23 22.32 -23.63
C GLU L 88 -9.23 22.11 -22.51
N VAL L 89 -9.08 22.80 -21.38
CA VAL L 89 -10.01 22.62 -20.28
C VAL L 89 -11.41 23.09 -20.68
N LEU L 90 -11.47 24.17 -21.48
CA LEU L 90 -12.75 24.64 -21.97
C LEU L 90 -13.42 23.59 -22.85
N LYS L 91 -12.65 22.95 -23.73
CA LYS L 91 -13.24 21.90 -24.56
C LYS L 91 -13.65 20.70 -23.71
N LEU L 92 -12.95 20.48 -22.60
CA LEU L 92 -13.32 19.42 -21.68
C LEU L 92 -14.65 19.66 -20.99
N VAL L 93 -14.86 20.84 -20.39
CA VAL L 93 -15.98 21.02 -19.48
C VAL L 93 -17.13 21.77 -20.12
N GLN L 94 -17.11 21.95 -21.45
CA GLN L 94 -18.25 22.59 -22.10
C GLN L 94 -19.45 21.65 -22.07
N ASN L 95 -20.60 22.19 -21.67
CA ASN L 95 -21.82 21.41 -21.54
C ASN L 95 -22.54 21.35 -22.88
N GLY L 96 -22.80 20.13 -23.36
CA GLY L 96 -23.48 19.95 -24.62
C GLY L 96 -22.77 18.99 -25.55
N VAL L 97 -21.47 18.81 -25.35
CA VAL L 97 -20.70 17.95 -26.24
C VAL L 97 -20.78 16.51 -25.80
N SER L 98 -20.66 15.60 -26.76
CA SER L 98 -20.58 14.17 -26.50
C SER L 98 -19.54 13.57 -27.41
N PHE L 99 -18.71 12.69 -26.85
CA PHE L 99 -17.57 12.13 -27.57
C PHE L 99 -17.47 10.62 -27.31
N LEU L 100 -18.59 9.91 -27.48
CA LEU L 100 -18.55 8.45 -27.47
C LEU L 100 -17.56 7.94 -28.49
N ASP L 101 -17.69 8.38 -29.74
CA ASP L 101 -16.72 8.12 -30.78
C ASP L 101 -15.70 9.23 -30.73
N ARG L 102 -14.71 9.14 -31.64
CA ARG L 102 -13.71 10.14 -32.01
C ARG L 102 -12.33 9.53 -31.85
N GLY L 103 -11.71 9.15 -32.96
CA GLY L 103 -10.47 8.40 -32.88
C GLY L 103 -9.33 9.22 -32.29
N ILE L 104 -8.44 8.51 -31.60
CA ILE L 104 -7.16 9.05 -31.17
C ILE L 104 -6.08 8.20 -31.81
N THR L 105 -5.19 8.85 -32.55
CA THR L 105 -4.05 8.18 -33.17
C THR L 105 -2.77 8.77 -32.62
N ILE L 106 -1.92 7.92 -32.06
CA ILE L 106 -0.63 8.34 -31.52
C ILE L 106 0.47 7.74 -32.38
N HIS L 107 1.35 8.60 -32.90
CA HIS L 107 2.50 8.17 -33.67
C HIS L 107 3.75 8.43 -32.84
N GLN L 108 4.50 7.38 -32.52
CA GLN L 108 5.70 7.51 -31.72
C GLN L 108 6.87 7.78 -32.65
N ALA L 109 7.04 9.04 -32.99
CA ALA L 109 8.02 9.43 -34.00
C ALA L 109 9.43 9.47 -33.43
N ILE L 110 10.31 8.65 -33.99
CA ILE L 110 11.72 8.63 -33.62
C ILE L 110 12.38 9.78 -34.39
N ILE L 111 12.61 10.90 -33.70
CA ILE L 111 13.19 12.05 -34.36
C ILE L 111 14.63 11.74 -34.76
N ASN L 112 14.96 12.04 -36.00
CA ASN L 112 16.31 11.95 -36.52
C ASN L 112 17.07 13.17 -36.04
N GLU L 113 18.25 13.44 -36.60
CA GLU L 113 18.86 14.73 -36.33
C GLU L 113 17.97 15.86 -36.80
N GLU L 114 17.30 15.69 -37.93
CA GLU L 114 16.44 16.75 -38.48
C GLU L 114 15.11 16.23 -39.06
N GLY L 115 14.35 15.41 -38.34
CA GLY L 115 13.01 15.20 -38.86
C GLY L 115 12.42 13.85 -39.21
N ASN L 116 12.67 12.80 -38.40
CA ASN L 116 11.99 11.49 -38.49
C ASN L 116 12.70 10.57 -39.46
N ILE L 117 13.02 9.34 -39.02
CA ILE L 117 13.96 8.51 -39.76
C ILE L 117 13.26 7.36 -40.48
N LEU L 118 12.02 7.57 -40.88
CA LEU L 118 11.41 6.80 -41.96
C LEU L 118 11.29 5.30 -41.69
N PRO L 119 10.66 4.87 -40.51
CA PRO L 119 10.38 3.43 -40.26
C PRO L 119 9.01 3.02 -40.81
N VAL L 120 8.31 2.04 -40.26
CA VAL L 120 7.03 1.57 -40.84
C VAL L 120 7.02 1.20 -42.30
N ASP L 121 7.46 0.02 -42.59
CA ASP L 121 7.60 -0.27 -43.99
C ASP L 121 6.37 -0.13 -44.87
N PRO L 122 5.22 -0.70 -44.50
CA PRO L 122 4.10 -0.57 -45.45
C PRO L 122 3.58 0.82 -45.60
N ASP L 123 3.48 1.53 -44.49
CA ASP L 123 2.94 2.86 -44.50
C ASP L 123 3.99 3.67 -45.13
N THR L 124 3.63 4.87 -45.51
CA THR L 124 4.63 5.74 -46.02
C THR L 124 5.61 5.80 -44.90
N ASP L 125 6.88 5.71 -45.22
CA ASP L 125 7.89 5.64 -44.22
C ASP L 125 7.88 6.67 -43.13
N GLY L 126 6.96 6.60 -42.22
CA GLY L 126 6.90 7.45 -41.06
C GLY L 126 6.89 6.65 -39.77
N PRO L 127 6.50 7.28 -38.70
CA PRO L 127 6.59 6.63 -37.39
C PRO L 127 5.62 5.48 -37.21
N LEU L 128 5.92 4.61 -36.27
CA LEU L 128 5.00 3.55 -35.89
C LEU L 128 3.74 4.16 -35.29
N LEU L 129 2.60 3.57 -35.59
CA LEU L 129 1.41 3.89 -34.81
C LEU L 129 1.60 3.39 -33.39
N PHE L 130 0.93 4.05 -32.44
CA PHE L 130 1.07 3.68 -31.05
C PHE L 130 -0.25 3.29 -30.39
N PHE L 131 -1.34 4.01 -30.64
CA PHE L 131 -2.61 3.57 -30.10
C PHE L 131 -3.69 3.30 -31.16
N ARG L 132 -4.00 4.31 -31.98
CA ARG L 132 -5.12 4.27 -32.93
C ARG L 132 -6.38 3.69 -32.27
N GLY L 133 -6.88 4.44 -31.29
CA GLY L 133 -8.05 4.00 -30.55
C GLY L 133 -9.09 5.09 -30.46
N ARG L 134 -10.07 4.86 -29.59
CA ARG L 134 -11.20 5.77 -29.42
C ARG L 134 -11.13 6.41 -28.04
N ILE L 135 -11.79 7.55 -27.90
CA ILE L 135 -11.62 8.41 -26.71
C ILE L 135 -12.83 8.19 -25.82
N THR L 136 -12.56 7.59 -24.66
CA THR L 136 -13.55 7.49 -23.58
C THR L 136 -12.90 7.97 -22.28
N GLY L 137 -12.91 9.28 -22.11
CA GLY L 137 -11.97 9.91 -21.21
C GLY L 137 -12.54 10.59 -20.00
N GLY L 138 -11.68 10.80 -19.00
CA GLY L 138 -12.04 11.49 -17.79
C GLY L 138 -11.83 12.98 -17.89
N GLY L 139 -11.36 13.59 -16.81
CA GLY L 139 -11.26 15.03 -16.81
C GLY L 139 -10.28 15.58 -15.81
N ILE L 140 -10.58 16.80 -15.37
CA ILE L 140 -9.63 17.60 -14.60
C ILE L 140 -9.36 16.95 -13.25
N LYS L 141 -8.15 17.17 -12.73
CA LYS L 141 -7.86 17.07 -11.32
C LYS L 141 -7.10 18.31 -10.89
N ASP L 142 -7.75 19.16 -10.09
CA ASP L 142 -7.16 20.41 -9.61
C ASP L 142 -6.77 20.24 -8.15
N ASN L 143 -5.73 20.97 -7.73
CA ASN L 143 -5.28 20.88 -6.36
C ASN L 143 -5.22 22.22 -5.63
N VAL L 144 -4.75 23.28 -6.29
CA VAL L 144 -4.60 24.64 -5.75
C VAL L 144 -4.36 24.65 -4.25
N ASN L 145 -3.29 23.99 -3.80
CA ASN L 145 -2.93 24.04 -2.40
C ASN L 145 -2.68 25.48 -1.97
N THR L 146 -3.10 25.81 -0.75
CA THR L 146 -2.88 27.16 -0.25
C THR L 146 -1.43 27.39 0.13
N SER L 147 -0.70 26.32 0.40
CA SER L 147 0.70 26.46 0.81
C SER L 147 1.58 26.90 -0.34
N GLY L 148 1.33 26.38 -1.55
CA GLY L 148 2.22 26.64 -2.65
C GLY L 148 1.75 26.04 -3.96
N ILE L 149 2.66 25.38 -4.68
CA ILE L 149 2.33 24.79 -5.98
C ILE L 149 1.15 23.84 -5.85
N GLY L 150 0.21 23.98 -6.76
CA GLY L 150 -0.81 22.96 -6.96
C GLY L 150 -0.72 22.50 -8.39
N THR L 151 -1.26 21.30 -8.65
CA THR L 151 -1.18 20.74 -9.98
C THR L 151 -2.55 20.77 -10.64
N SER L 152 -2.57 20.62 -11.97
CA SER L 152 -3.82 20.55 -12.72
C SER L 152 -3.53 19.83 -14.02
N VAL L 153 -4.04 18.61 -14.15
CA VAL L 153 -3.76 17.77 -15.31
C VAL L 153 -5.07 17.26 -15.87
N ILE L 154 -5.21 17.35 -17.19
CA ILE L 154 -6.31 16.73 -17.92
C ILE L 154 -5.91 15.29 -18.18
N THR L 155 -6.69 14.35 -17.65
CA THR L 155 -6.40 12.93 -17.82
C THR L 155 -7.33 12.41 -18.91
N TRP L 156 -6.94 12.60 -20.16
CA TRP L 156 -7.71 12.08 -21.26
C TRP L 156 -7.56 10.57 -21.35
N ASN L 157 -8.57 9.85 -20.88
CA ASN L 157 -8.60 8.41 -21.02
C ASN L 157 -9.00 8.07 -22.45
N CYS L 158 -8.54 6.91 -22.91
CA CYS L 158 -8.87 6.43 -24.25
C CYS L 158 -8.59 4.95 -24.30
N SER L 159 -9.44 4.23 -25.03
CA SER L 159 -9.43 2.77 -24.95
C SER L 159 -9.72 2.18 -26.31
N ASN L 160 -9.68 0.86 -26.37
CA ASN L 160 -9.91 0.11 -27.60
C ASN L 160 -11.35 0.32 -28.09
N GLN L 161 -11.63 -0.21 -29.27
CA GLN L 161 -12.99 -0.15 -29.80
C GLN L 161 -13.97 -0.86 -28.88
N PHE L 162 -13.50 -1.88 -28.15
CA PHE L 162 -14.36 -2.62 -27.25
C PHE L 162 -14.46 -1.95 -25.89
N TYR L 163 -14.74 -0.64 -25.86
CA TYR L 163 -15.14 -0.03 -24.61
C TYR L 163 -16.62 -0.28 -24.39
N ASP L 164 -17.08 0.02 -23.17
CA ASP L 164 -18.44 -0.34 -22.78
C ASP L 164 -18.62 -1.83 -22.98
N PHE L 165 -17.86 -2.63 -22.21
CA PHE L 165 -17.73 -4.06 -22.47
C PHE L 165 -19.04 -4.82 -22.36
N ASP L 166 -20.14 -4.17 -21.97
CA ASP L 166 -21.42 -4.84 -21.89
C ASP L 166 -22.39 -4.29 -22.93
N ARG L 167 -21.87 -3.74 -24.02
CA ARG L 167 -22.74 -3.35 -25.12
C ARG L 167 -23.27 -4.60 -25.81
N VAL L 168 -24.53 -4.53 -26.23
CA VAL L 168 -25.27 -5.71 -26.66
C VAL L 168 -25.74 -5.58 -28.12
N ASN L 169 -24.94 -4.93 -28.97
CA ASN L 169 -25.35 -4.62 -30.33
C ASN L 169 -25.98 -5.80 -31.05
N GLY L 170 -27.25 -5.67 -31.38
CA GLY L 170 -28.01 -6.71 -32.06
C GLY L 170 -29.33 -6.12 -32.52
N ARG L 171 -29.94 -6.79 -33.49
CA ARG L 171 -31.07 -6.20 -34.20
C ARG L 171 -32.42 -6.49 -33.55
N TYR L 172 -32.54 -7.57 -32.78
CA TYR L 172 -33.78 -7.94 -32.11
C TYR L 172 -34.90 -8.11 -33.15
N THR L 173 -36.15 -8.35 -32.73
CA THR L 173 -37.24 -8.68 -33.66
C THR L 173 -38.51 -7.89 -33.32
N ASP L 174 -38.36 -6.58 -33.14
CA ASP L 174 -39.53 -5.73 -32.96
C ASP L 174 -39.45 -4.60 -33.97
N ASP L 175 -40.62 -4.07 -34.32
CA ASP L 175 -40.69 -3.01 -35.33
C ASP L 175 -39.85 -1.81 -34.91
N ALA L 176 -40.02 -1.33 -33.68
CA ALA L 176 -39.32 -0.13 -33.24
C ALA L 176 -37.81 -0.34 -33.22
N SER L 177 -37.36 -1.50 -32.73
CA SER L 177 -35.95 -1.81 -32.70
C SER L 177 -35.38 -2.10 -34.07
N HIS L 178 -36.23 -2.30 -35.08
CA HIS L 178 -35.78 -2.56 -36.44
C HIS L 178 -35.73 -1.32 -37.32
N ARG L 179 -36.66 -0.38 -37.16
CA ARG L 179 -36.61 0.79 -38.03
C ARG L 179 -36.57 2.12 -37.28
N GLY L 180 -36.07 2.15 -36.05
CA GLY L 180 -35.78 3.42 -35.41
C GLY L 180 -36.97 4.32 -35.19
N LEU L 181 -38.04 3.81 -34.60
CA LEU L 181 -39.19 4.65 -34.29
C LEU L 181 -38.81 5.74 -33.30
N GLU L 182 -39.29 6.95 -33.55
CA GLU L 182 -39.03 8.09 -32.68
C GLU L 182 -40.34 8.73 -32.28
N VAL L 183 -40.30 9.85 -31.56
CA VAL L 183 -41.52 10.53 -31.16
C VAL L 183 -41.46 11.99 -31.59
N VAL L 184 -40.74 12.26 -32.68
CA VAL L 184 -40.68 13.62 -33.19
C VAL L 184 -42.05 14.05 -33.70
N ASN L 185 -42.18 15.36 -33.95
CA ASN L 185 -43.44 16.04 -34.21
C ASN L 185 -44.47 15.69 -33.15
N GLY L 186 -45.77 15.78 -33.48
CA GLY L 186 -46.78 15.63 -32.47
C GLY L 186 -46.92 14.21 -31.95
N THR L 187 -47.48 13.32 -32.78
CA THR L 187 -47.90 12.02 -32.24
C THR L 187 -47.65 10.84 -33.18
N LEU L 188 -46.64 10.87 -34.04
CA LEU L 188 -46.38 9.75 -34.96
C LEU L 188 -44.93 9.30 -34.79
N GLN L 189 -44.69 8.01 -35.05
CA GLN L 189 -43.33 7.51 -35.11
C GLN L 189 -42.82 7.56 -36.55
N PRO L 190 -41.85 8.42 -36.87
CA PRO L 190 -41.16 8.26 -38.15
C PRO L 190 -40.07 7.20 -38.07
N SER L 191 -39.31 7.04 -39.14
CA SER L 191 -38.24 6.05 -39.21
C SER L 191 -36.92 6.81 -39.27
N ASN L 192 -36.32 7.06 -38.11
CA ASN L 192 -35.12 7.87 -38.01
C ASN L 192 -34.10 7.19 -37.12
N GLY L 193 -32.82 7.36 -37.46
CA GLY L 193 -31.73 6.93 -36.59
C GLY L 193 -31.65 5.44 -36.31
N ALA L 194 -31.77 4.62 -37.36
CA ALA L 194 -31.59 3.18 -37.24
C ALA L 194 -30.49 2.75 -38.19
N LYS L 195 -29.99 1.53 -37.98
CA LYS L 195 -28.95 0.99 -38.84
C LYS L 195 -29.43 0.94 -40.28
N ARG L 196 -28.83 1.77 -41.15
CA ARG L 196 -29.08 1.97 -42.58
C ARG L 196 -30.53 2.35 -42.87
N PRO L 197 -30.78 3.31 -43.76
CA PRO L 197 -32.16 3.72 -44.05
C PRO L 197 -32.99 2.60 -44.68
N GLU L 198 -32.32 1.64 -45.30
CA GLU L 198 -32.99 0.45 -45.79
C GLU L 198 -33.79 -0.26 -44.71
N TYR L 199 -33.31 -0.26 -43.46
CA TYR L 199 -34.14 -0.74 -42.36
C TYR L 199 -35.21 0.26 -41.97
N GLN L 200 -34.92 1.56 -42.10
CA GLN L 200 -35.92 2.58 -41.79
C GLN L 200 -37.19 2.34 -42.59
N GLU L 201 -37.04 1.96 -43.86
CA GLU L 201 -38.21 1.60 -44.63
C GLU L 201 -38.53 0.12 -44.59
N ASP L 202 -37.73 -0.68 -43.89
CA ASP L 202 -37.98 -2.12 -43.78
C ASP L 202 -39.13 -2.38 -42.81
N TYR L 203 -40.35 -2.15 -43.27
CA TYR L 203 -41.53 -2.22 -42.44
C TYR L 203 -41.99 -3.67 -42.29
N GLY L 204 -41.15 -4.53 -41.73
CA GLY L 204 -41.41 -5.96 -41.78
C GLY L 204 -41.48 -6.70 -40.46
N PHE L 205 -41.36 -5.98 -39.35
CA PHE L 205 -41.54 -6.59 -38.03
C PHE L 205 -42.76 -6.02 -37.34
N PHE L 206 -43.68 -5.43 -38.10
CA PHE L 206 -44.87 -4.82 -37.51
C PHE L 206 -45.72 -5.82 -36.74
N HIS L 207 -45.77 -7.08 -37.17
CA HIS L 207 -46.56 -8.10 -36.50
C HIS L 207 -45.61 -9.12 -35.91
N SER L 208 -45.09 -8.85 -34.71
CA SER L 208 -44.17 -9.76 -34.05
C SER L 208 -44.53 -9.88 -32.57
N ASN L 209 -45.17 -8.84 -32.03
CA ASN L 209 -45.64 -8.90 -30.66
C ASN L 209 -46.74 -9.93 -30.51
N LYS L 210 -47.63 -10.01 -31.50
CA LYS L 210 -48.80 -10.88 -31.45
C LYS L 210 -48.57 -12.25 -32.08
N SER L 211 -47.43 -12.47 -32.73
CA SER L 211 -47.20 -13.73 -33.42
C SER L 211 -47.10 -14.89 -32.45
N THR L 212 -46.45 -14.68 -31.30
CA THR L 212 -46.23 -15.77 -30.36
C THR L 212 -47.55 -16.33 -29.84
N THR L 213 -48.51 -15.46 -29.52
CA THR L 213 -49.81 -15.94 -29.05
C THR L 213 -50.56 -16.67 -30.17
N ILE L 214 -50.49 -16.15 -31.39
CA ILE L 214 -51.20 -16.79 -32.49
C ILE L 214 -50.65 -18.19 -32.75
N LEU L 215 -49.33 -18.39 -32.61
CA LEU L 215 -48.83 -19.75 -32.64
C LEU L 215 -49.24 -20.54 -31.41
N ALA L 216 -49.31 -19.91 -30.24
CA ALA L 216 -49.69 -20.63 -29.03
C ALA L 216 -51.11 -21.16 -29.13
N LYS L 217 -51.93 -20.55 -29.99
CA LYS L 217 -53.25 -21.12 -30.26
C LYS L 217 -53.14 -22.51 -30.84
N TYR L 218 -52.35 -22.67 -31.89
CA TYR L 218 -52.17 -23.96 -32.56
C TYR L 218 -50.90 -24.67 -32.08
N GLN L 219 -50.77 -24.91 -30.79
CA GLN L 219 -49.53 -25.49 -30.30
C GLN L 219 -49.77 -26.30 -29.04
N VAL L 220 -48.85 -27.22 -28.76
CA VAL L 220 -48.93 -28.11 -27.60
C VAL L 220 -48.85 -27.30 -26.32
N LYS L 221 -49.42 -27.83 -25.24
CA LYS L 221 -49.37 -27.14 -23.96
C LYS L 221 -47.94 -26.99 -23.46
N GLU L 222 -47.11 -28.02 -23.69
CA GLU L 222 -45.73 -27.98 -23.20
C GLU L 222 -44.91 -26.90 -23.91
N GLU L 223 -44.95 -26.90 -25.24
CA GLU L 223 -44.13 -25.95 -26.00
C GLU L 223 -44.91 -24.69 -26.33
N ARG L 224 -45.49 -24.07 -25.30
CA ARG L 224 -46.24 -22.82 -25.47
C ARG L 224 -45.39 -21.66 -24.97
N TYR L 225 -45.17 -20.68 -25.85
CA TYR L 225 -44.26 -19.57 -25.60
C TYR L 225 -42.87 -20.08 -25.23
N LYS L 226 -42.42 -21.08 -25.98
CA LYS L 226 -41.17 -21.77 -25.64
C LYS L 226 -40.32 -22.08 -26.87
N LEU L 227 -39.37 -21.20 -27.17
CA LEU L 227 -38.35 -21.54 -28.15
C LEU L 227 -37.19 -22.25 -27.46
N GLN L 228 -36.51 -23.11 -28.21
CA GLN L 228 -35.31 -23.72 -27.66
C GLN L 228 -34.16 -22.73 -27.77
N SER L 229 -33.07 -22.97 -27.07
CA SER L 229 -32.00 -22.00 -26.93
C SER L 229 -31.21 -21.89 -28.23
N LYS L 230 -30.86 -20.65 -28.59
CA LYS L 230 -30.13 -20.41 -29.83
C LYS L 230 -28.65 -20.70 -29.71
N LYS L 231 -28.12 -20.88 -28.50
CA LYS L 231 -26.72 -21.24 -28.32
C LYS L 231 -26.61 -22.21 -27.17
N LYS L 232 -26.39 -23.48 -27.49
CA LYS L 232 -26.20 -24.51 -26.48
C LYS L 232 -24.71 -24.79 -26.34
N LEU L 233 -24.31 -25.10 -25.10
CA LEU L 233 -22.95 -25.52 -24.81
C LEU L 233 -21.94 -24.44 -25.22
N PHE L 234 -22.00 -23.30 -24.54
CA PHE L 234 -21.03 -22.24 -24.77
C PHE L 234 -19.67 -22.64 -24.22
N GLY L 235 -18.64 -21.91 -24.64
CA GLY L 235 -17.28 -22.25 -24.30
C GLY L 235 -16.96 -22.18 -22.81
N LEU L 236 -16.53 -23.30 -22.24
CA LEU L 236 -16.02 -23.28 -20.87
C LEU L 236 -14.72 -22.49 -20.83
N SER L 237 -14.59 -21.63 -19.82
CA SER L 237 -13.44 -20.73 -19.80
C SER L 237 -12.81 -20.61 -18.41
N ARG L 238 -13.01 -21.61 -17.56
CA ARG L 238 -12.50 -21.71 -16.19
C ARG L 238 -13.22 -20.73 -15.27
N SER L 239 -14.05 -19.83 -15.80
CA SER L 239 -14.92 -19.04 -14.93
C SER L 239 -16.02 -19.90 -14.34
N TYR L 240 -16.29 -21.04 -14.96
CA TYR L 240 -17.32 -21.96 -14.51
C TYR L 240 -16.71 -23.22 -13.91
N SER L 241 -17.48 -23.86 -13.05
CA SER L 241 -17.20 -25.22 -12.61
C SER L 241 -18.10 -26.18 -13.38
N LEU L 242 -17.67 -27.44 -13.49
CA LEU L 242 -18.34 -28.38 -14.37
C LEU L 242 -19.82 -28.50 -14.06
N LYS L 243 -20.17 -28.69 -12.78
CA LYS L 243 -21.58 -28.82 -12.44
C LYS L 243 -22.34 -27.54 -12.77
N LYS L 244 -21.79 -26.39 -12.35
CA LYS L 244 -22.46 -25.12 -12.64
C LYS L 244 -22.52 -24.84 -14.13
N TYR L 245 -21.43 -25.14 -14.85
CA TYR L 245 -21.41 -24.88 -16.29
C TYR L 245 -22.44 -25.74 -17.01
N TYR L 246 -22.45 -27.04 -16.76
CA TYR L 246 -23.36 -27.93 -17.47
C TYR L 246 -24.79 -27.73 -16.99
N GLU L 247 -24.98 -27.14 -15.82
CA GLU L 247 -26.33 -26.75 -15.41
C GLU L 247 -26.78 -25.49 -16.13
N THR L 248 -25.85 -24.58 -16.42
CA THR L 248 -26.22 -23.32 -17.03
C THR L 248 -26.83 -23.52 -18.42
N VAL L 249 -26.25 -24.41 -19.21
CA VAL L 249 -26.76 -24.66 -20.57
C VAL L 249 -28.16 -25.26 -20.46
N THR L 250 -29.10 -24.71 -21.21
CA THR L 250 -30.47 -25.20 -21.22
C THR L 250 -30.93 -25.43 -22.65
N LYS L 251 -31.75 -26.47 -22.83
CA LYS L 251 -32.28 -26.76 -24.16
C LYS L 251 -33.33 -25.77 -24.60
N GLU L 252 -34.21 -25.32 -23.71
CA GLU L 252 -35.32 -24.45 -24.09
C GLU L 252 -35.26 -23.17 -23.27
N VAL L 253 -35.70 -22.08 -23.88
CA VAL L 253 -35.80 -20.80 -23.18
C VAL L 253 -37.27 -20.40 -23.16
N ASP L 254 -37.66 -19.58 -22.20
CA ASP L 254 -39.06 -19.18 -22.07
C ASP L 254 -39.29 -17.88 -22.82
N LEU L 255 -39.82 -17.97 -24.05
CA LEU L 255 -40.01 -16.81 -24.90
C LEU L 255 -40.90 -15.75 -24.26
N ASP L 256 -41.77 -16.14 -23.34
CA ASP L 256 -42.73 -15.21 -22.78
C ASP L 256 -42.04 -14.06 -22.04
N PHE L 257 -41.14 -14.39 -21.12
CA PHE L 257 -40.45 -13.38 -20.33
C PHE L 257 -39.06 -13.05 -20.85
N ASN L 258 -38.39 -14.01 -21.48
CA ASN L 258 -37.02 -13.84 -21.95
C ASN L 258 -37.01 -13.13 -23.30
N LEU L 259 -36.84 -11.81 -23.27
CA LEU L 259 -36.67 -11.06 -24.51
C LEU L 259 -35.29 -11.21 -25.11
N ALA L 260 -34.30 -11.68 -24.34
CA ALA L 260 -32.98 -11.88 -24.91
C ALA L 260 -32.99 -12.96 -25.98
N ALA L 261 -34.02 -13.81 -25.98
CA ALA L 261 -34.14 -14.82 -27.02
C ALA L 261 -34.44 -14.19 -28.37
N LYS L 262 -35.23 -13.12 -28.40
CA LYS L 262 -35.75 -12.61 -29.66
C LYS L 262 -34.64 -12.01 -30.53
N PHE L 263 -33.46 -11.77 -29.96
CA PHE L 263 -32.35 -11.25 -30.74
C PHE L 263 -31.96 -12.22 -31.84
N ILE L 264 -31.73 -11.70 -33.04
CA ILE L 264 -31.42 -12.52 -34.21
C ILE L 264 -29.99 -13.03 -34.11
N PRO L 265 -29.77 -14.34 -34.14
CA PRO L 265 -28.40 -14.86 -34.04
C PRO L 265 -27.63 -14.65 -35.33
N VAL L 266 -26.32 -14.86 -35.25
CA VAL L 266 -25.43 -14.87 -36.39
C VAL L 266 -24.81 -16.25 -36.46
N VAL L 267 -24.89 -16.89 -37.63
CA VAL L 267 -24.41 -18.25 -37.80
C VAL L 267 -23.30 -18.24 -38.86
N TYR L 268 -22.17 -18.85 -38.53
CA TYR L 268 -21.11 -19.11 -39.48
C TYR L 268 -20.92 -20.62 -39.61
N GLY L 269 -20.84 -21.09 -40.84
CA GLY L 269 -20.86 -22.52 -41.10
C GLY L 269 -22.25 -23.09 -40.94
N VAL L 270 -22.31 -24.40 -40.72
CA VAL L 270 -23.57 -25.11 -40.59
C VAL L 270 -23.80 -25.38 -39.11
N GLN L 271 -25.02 -25.12 -38.64
CA GLN L 271 -25.39 -25.35 -37.25
C GLN L 271 -26.90 -25.29 -37.12
N LYS L 272 -27.43 -26.02 -36.14
CA LYS L 272 -28.87 -26.04 -35.86
C LYS L 272 -29.21 -24.82 -35.01
N ILE L 273 -30.15 -24.01 -35.49
CA ILE L 273 -30.64 -22.87 -34.73
C ILE L 273 -32.16 -22.90 -34.70
N PRO L 274 -32.79 -22.39 -33.65
CA PRO L 274 -34.26 -22.32 -33.61
C PRO L 274 -34.78 -21.16 -34.43
N GLY L 275 -36.09 -21.18 -34.67
CA GLY L 275 -36.76 -20.15 -35.44
C GLY L 275 -37.62 -19.28 -34.55
N ILE L 276 -37.48 -17.96 -34.73
CA ILE L 276 -38.26 -16.99 -33.98
C ILE L 276 -39.58 -16.75 -34.71
N PRO L 277 -40.72 -16.95 -34.06
CA PRO L 277 -41.99 -16.73 -34.75
C PRO L 277 -42.32 -15.26 -34.90
N ILE L 278 -41.79 -14.63 -35.96
CA ILE L 278 -42.01 -13.20 -36.16
C ILE L 278 -43.26 -12.92 -36.98
N PHE L 279 -44.10 -13.93 -37.24
CA PHE L 279 -45.36 -13.73 -37.94
C PHE L 279 -46.19 -14.99 -37.82
N ALA L 280 -47.51 -14.85 -37.71
CA ALA L 280 -48.41 -15.98 -37.56
C ALA L 280 -49.82 -15.55 -37.89
N ASP L 281 -50.45 -16.26 -38.83
CA ASP L 281 -51.85 -16.02 -39.15
C ASP L 281 -52.32 -17.16 -40.04
N THR L 282 -53.65 -17.23 -40.22
CA THR L 282 -54.28 -18.32 -40.95
C THR L 282 -55.14 -17.77 -42.07
N GLU L 283 -55.24 -18.52 -43.17
CA GLU L 283 -56.08 -18.12 -44.28
C GLU L 283 -57.55 -18.07 -43.86
N LEU L 284 -58.26 -17.05 -44.32
CA LEU L 284 -59.70 -16.98 -44.12
C LEU L 284 -60.40 -17.93 -45.09
N ASN L 285 -61.60 -18.35 -44.70
CA ASN L 285 -62.46 -19.22 -45.52
C ASN L 285 -61.90 -20.63 -45.60
N ASN L 286 -60.76 -20.84 -44.96
CA ASN L 286 -60.12 -22.14 -44.87
C ASN L 286 -59.12 -22.13 -43.72
N PRO L 287 -59.60 -22.00 -42.48
CA PRO L 287 -58.70 -21.69 -41.35
C PRO L 287 -58.03 -22.91 -40.73
N ASN L 288 -57.41 -23.74 -41.58
CA ASN L 288 -56.53 -24.79 -41.11
C ASN L 288 -55.09 -24.54 -41.56
N ILE L 289 -54.90 -23.94 -42.74
CA ILE L 289 -53.59 -23.52 -43.20
C ILE L 289 -53.07 -22.44 -42.28
N VAL L 290 -51.82 -22.56 -41.83
CA VAL L 290 -51.19 -21.58 -40.95
C VAL L 290 -49.93 -21.07 -41.63
N TYR L 291 -49.79 -19.75 -41.68
CA TYR L 291 -48.64 -19.10 -42.28
C TYR L 291 -47.77 -18.54 -41.15
N VAL L 292 -46.53 -19.02 -41.07
CA VAL L 292 -45.61 -18.64 -40.02
C VAL L 292 -44.31 -18.17 -40.67
N VAL L 293 -43.86 -16.98 -40.29
CA VAL L 293 -42.54 -16.51 -40.70
C VAL L 293 -41.56 -16.69 -39.55
N TYR L 294 -40.47 -17.41 -39.81
CA TYR L 294 -39.51 -17.75 -38.78
C TYR L 294 -38.18 -17.08 -39.09
N ALA L 295 -37.74 -16.19 -38.20
CA ALA L 295 -36.48 -15.48 -38.36
C ALA L 295 -35.37 -16.31 -37.74
N PHE L 296 -34.34 -16.61 -38.53
CA PHE L 296 -33.27 -17.51 -38.12
C PHE L 296 -31.92 -16.84 -37.92
N ALA L 297 -31.38 -16.18 -38.94
CA ALA L 297 -30.04 -15.59 -38.84
C ALA L 297 -29.99 -14.36 -39.73
N GLU L 298 -28.78 -13.91 -40.05
CA GLU L 298 -28.61 -12.62 -40.69
C GLU L 298 -28.16 -12.76 -42.14
N GLY L 299 -27.82 -11.62 -42.74
CA GLY L 299 -27.77 -11.43 -44.18
C GLY L 299 -27.04 -12.41 -45.06
N GLU L 300 -27.70 -12.82 -46.15
CA GLU L 300 -27.11 -13.60 -47.23
C GLU L 300 -26.46 -14.89 -46.75
N ILE L 301 -27.28 -15.79 -46.20
CA ILE L 301 -26.78 -17.11 -45.83
C ILE L 301 -26.60 -17.95 -47.09
N ASP L 302 -25.65 -18.90 -47.03
CA ASP L 302 -25.49 -19.87 -48.10
C ASP L 302 -26.83 -20.52 -48.43
N GLY L 303 -27.55 -20.94 -47.40
CA GLY L 303 -28.88 -21.46 -47.60
C GLY L 303 -29.41 -22.30 -46.46
N PHE L 304 -30.73 -22.34 -46.34
CA PHE L 304 -31.34 -23.24 -45.37
C PHE L 304 -31.07 -24.68 -45.77
N LEU L 305 -31.05 -25.56 -44.76
CA LEU L 305 -30.52 -26.89 -44.92
C LEU L 305 -31.17 -27.82 -43.90
N ASP L 306 -32.04 -28.70 -44.38
CA ASP L 306 -32.70 -29.70 -43.54
C ASP L 306 -33.50 -29.06 -42.41
N PHE L 307 -34.58 -28.39 -42.79
CA PHE L 307 -35.51 -27.86 -41.81
C PHE L 307 -35.98 -28.93 -40.83
N TYR L 308 -36.42 -28.49 -39.67
CA TYR L 308 -36.95 -29.37 -38.64
C TYR L 308 -38.44 -29.09 -38.44
N ILE L 309 -39.26 -30.14 -38.59
CA ILE L 309 -40.68 -30.02 -38.32
C ILE L 309 -41.02 -30.50 -36.92
N GLY L 310 -40.05 -30.48 -36.01
CA GLY L 310 -40.24 -30.98 -34.66
C GLY L 310 -38.90 -31.43 -34.11
N ASP L 311 -38.86 -32.66 -33.62
CA ASP L 311 -37.60 -33.32 -33.26
C ASP L 311 -37.24 -34.40 -34.28
N SER L 312 -37.96 -34.36 -35.39
CA SER L 312 -37.75 -35.31 -36.45
C SER L 312 -37.40 -34.52 -37.67
N PRO L 313 -36.18 -34.63 -38.12
CA PRO L 313 -35.90 -33.80 -39.28
C PRO L 313 -36.45 -34.35 -40.56
N MET L 314 -36.45 -33.54 -41.60
CA MET L 314 -36.92 -33.93 -42.91
C MET L 314 -36.04 -34.95 -43.60
N ILE L 315 -34.74 -34.93 -43.31
CA ILE L 315 -33.80 -35.82 -44.00
C ILE L 315 -33.28 -36.82 -42.98
N CYS L 316 -33.68 -38.07 -43.14
CA CYS L 316 -33.45 -39.11 -42.13
C CYS L 316 -31.98 -39.31 -41.81
N PHE L 317 -31.66 -39.37 -40.52
CA PHE L 317 -30.35 -39.84 -40.10
C PHE L 317 -30.29 -41.35 -40.23
N ASP L 318 -29.44 -41.85 -41.13
CA ASP L 318 -29.18 -43.27 -41.27
C ASP L 318 -30.37 -44.03 -41.85
N GLU L 319 -30.11 -45.28 -42.26
CA GLU L 319 -31.18 -46.21 -42.60
C GLU L 319 -32.11 -46.46 -41.42
N THR L 320 -31.66 -46.21 -40.19
CA THR L 320 -32.54 -46.39 -39.05
C THR L 320 -33.69 -45.39 -39.07
N ASP L 321 -33.39 -44.10 -39.23
CA ASP L 321 -34.47 -43.12 -39.38
C ASP L 321 -35.18 -43.29 -40.71
N SER L 322 -34.48 -43.83 -41.72
CA SER L 322 -35.18 -44.17 -42.95
C SER L 322 -36.27 -45.19 -42.69
N ASP L 323 -36.03 -46.13 -41.78
CA ASP L 323 -37.01 -47.16 -41.48
C ASP L 323 -38.16 -46.61 -40.65
N THR L 324 -37.86 -45.78 -39.65
CA THR L 324 -38.88 -45.32 -38.72
C THR L 324 -39.97 -44.52 -39.40
N ARG L 325 -39.62 -43.35 -39.95
CA ARG L 325 -40.59 -42.50 -40.61
C ARG L 325 -40.29 -42.46 -42.10
N THR L 326 -41.05 -41.65 -42.84
CA THR L 326 -40.86 -41.50 -44.28
C THR L 326 -40.07 -40.22 -44.52
N CYS L 327 -38.76 -40.36 -44.73
CA CYS L 327 -37.91 -39.26 -45.12
C CYS L 327 -37.25 -39.60 -46.45
N PHE L 328 -37.09 -38.58 -47.28
CA PHE L 328 -36.76 -38.79 -48.68
C PHE L 328 -35.27 -39.00 -48.91
N GLY L 329 -34.43 -38.17 -48.27
CA GLY L 329 -33.00 -38.26 -48.45
C GLY L 329 -32.32 -38.83 -47.24
N ARG L 330 -31.08 -39.26 -47.44
CA ARG L 330 -30.25 -39.74 -46.34
C ARG L 330 -29.22 -38.68 -45.94
N LYS L 331 -28.50 -38.97 -44.86
CA LYS L 331 -27.50 -38.03 -44.36
C LYS L 331 -26.13 -38.63 -44.10
N LYS L 332 -26.05 -39.85 -43.55
CA LYS L 332 -24.76 -40.50 -43.33
C LYS L 332 -24.24 -41.08 -44.64
N ILE L 333 -23.41 -40.27 -45.30
CA ILE L 333 -22.87 -40.49 -46.64
C ILE L 333 -23.91 -39.93 -47.59
N VAL L 334 -23.46 -39.06 -48.50
CA VAL L 334 -24.32 -38.18 -49.31
C VAL L 334 -24.84 -37.08 -48.41
N GLY L 335 -25.02 -35.89 -48.95
CA GLY L 335 -25.38 -34.73 -48.15
C GLY L 335 -26.73 -34.16 -48.51
N ASP L 336 -27.72 -35.04 -48.69
CA ASP L 336 -29.05 -34.62 -49.12
C ASP L 336 -29.63 -33.52 -48.24
N THR L 337 -29.99 -32.39 -48.87
CA THR L 337 -30.59 -31.26 -48.19
C THR L 337 -31.98 -31.00 -48.75
N MET L 338 -32.58 -29.87 -48.39
CA MET L 338 -33.90 -29.52 -48.88
C MET L 338 -33.96 -29.35 -50.39
N HIS L 339 -32.85 -29.06 -51.05
CA HIS L 339 -32.90 -29.03 -52.51
C HIS L 339 -33.21 -30.41 -53.07
N ARG L 340 -32.93 -31.46 -52.31
CA ARG L 340 -33.38 -32.80 -52.69
C ARG L 340 -34.90 -32.85 -52.69
N LEU L 341 -35.54 -32.20 -51.72
CA LEU L 341 -36.99 -32.07 -51.72
C LEU L 341 -37.45 -31.31 -52.96
N ALA L 342 -36.78 -30.20 -53.26
CA ALA L 342 -37.22 -29.35 -54.36
C ALA L 342 -37.12 -30.07 -55.70
N ALA L 343 -36.02 -30.79 -55.92
CA ALA L 343 -35.81 -31.42 -57.22
C ALA L 343 -36.30 -32.86 -57.23
N GLY L 344 -35.80 -33.70 -56.34
CA GLY L 344 -36.10 -35.11 -56.33
C GLY L 344 -34.91 -36.00 -56.60
N THR L 345 -33.74 -35.43 -56.85
CA THR L 345 -32.52 -36.19 -57.08
C THR L 345 -31.53 -35.88 -55.96
N SER L 346 -30.69 -36.86 -55.64
CA SER L 346 -29.69 -36.68 -54.60
C SER L 346 -28.88 -35.42 -54.85
N THR L 347 -29.00 -34.47 -53.93
CA THR L 347 -28.39 -33.15 -54.08
C THR L 347 -27.71 -32.77 -52.78
N SER L 348 -26.57 -32.08 -52.90
CA SER L 348 -25.87 -31.55 -51.73
C SER L 348 -25.64 -30.07 -52.03
N GLN L 349 -26.64 -29.25 -51.71
CA GLN L 349 -26.62 -27.85 -52.08
C GLN L 349 -27.59 -27.11 -51.16
N PRO L 350 -27.25 -25.91 -50.73
CA PRO L 350 -28.15 -25.16 -49.85
C PRO L 350 -29.41 -24.69 -50.56
N SER L 351 -30.36 -24.15 -49.82
CA SER L 351 -31.59 -23.67 -50.41
C SER L 351 -31.31 -22.53 -51.37
N VAL L 352 -31.82 -22.65 -52.60
CA VAL L 352 -31.63 -21.60 -53.62
C VAL L 352 -32.83 -20.66 -53.50
N HIS L 353 -32.74 -19.77 -52.52
CA HIS L 353 -33.68 -18.68 -52.25
C HIS L 353 -35.13 -19.18 -52.31
N GLY L 354 -35.98 -18.48 -53.04
CA GLY L 354 -37.41 -18.59 -52.90
C GLY L 354 -38.12 -19.86 -53.33
N GLN L 355 -37.41 -20.95 -53.58
CA GLN L 355 -38.13 -22.18 -53.94
C GLN L 355 -37.52 -23.42 -53.29
N GLU L 356 -38.04 -23.78 -52.11
CA GLU L 356 -37.72 -25.03 -51.43
C GLU L 356 -39.02 -25.64 -50.89
N TYR L 357 -39.98 -25.81 -51.79
CA TYR L 357 -41.39 -26.02 -51.44
C TYR L 357 -41.66 -27.41 -50.90
N LYS L 358 -42.94 -27.80 -50.95
CA LYS L 358 -43.60 -28.79 -50.09
C LYS L 358 -42.74 -29.96 -49.61
N TYR L 359 -42.78 -30.19 -48.31
CA TYR L 359 -42.32 -31.41 -47.67
C TYR L 359 -43.53 -32.21 -47.26
N ASN L 360 -43.68 -33.40 -47.84
CA ASN L 360 -44.94 -34.13 -47.69
C ASN L 360 -44.74 -35.53 -47.14
N ASP L 361 -44.69 -35.66 -45.81
CA ASP L 361 -44.89 -36.95 -45.18
C ASP L 361 -46.38 -37.09 -44.86
N GLY L 362 -46.90 -38.30 -44.94
CA GLY L 362 -48.32 -38.48 -44.74
C GLY L 362 -48.80 -38.02 -43.38
N ASN L 363 -49.43 -36.84 -43.36
CA ASN L 363 -49.88 -36.07 -42.20
C ASN L 363 -50.47 -34.75 -42.69
N GLY L 364 -49.62 -33.91 -43.26
CA GLY L 364 -50.07 -32.63 -43.80
C GLY L 364 -49.05 -32.12 -44.78
N ASP L 365 -49.51 -31.21 -45.64
CA ASP L 365 -48.67 -30.61 -46.67
C ASP L 365 -47.97 -29.38 -46.09
N ILE L 366 -46.65 -29.44 -46.00
CA ILE L 366 -45.85 -28.40 -45.38
C ILE L 366 -45.14 -27.62 -46.47
N ARG L 367 -45.67 -26.46 -46.81
CA ARG L 367 -45.08 -25.57 -47.80
C ARG L 367 -44.14 -24.61 -47.08
N ILE L 368 -42.84 -24.72 -47.37
CA ILE L 368 -41.84 -23.90 -46.71
C ILE L 368 -41.13 -23.06 -47.76
N TRP L 369 -41.11 -21.75 -47.54
CA TRP L 369 -40.45 -20.80 -48.41
C TRP L 369 -39.22 -20.27 -47.69
N THR L 370 -38.03 -20.52 -48.24
CA THR L 370 -36.77 -20.24 -47.57
C THR L 370 -36.17 -18.98 -48.16
N PHE L 371 -36.22 -17.90 -47.40
CA PHE L 371 -35.64 -16.64 -47.83
C PHE L 371 -34.38 -16.32 -47.03
N HIS L 372 -33.33 -15.97 -47.75
CA HIS L 372 -32.06 -15.61 -47.12
C HIS L 372 -32.14 -14.16 -46.66
N GLY L 373 -31.01 -13.63 -46.20
CA GLY L 373 -30.89 -12.20 -46.08
C GLY L 373 -30.37 -11.66 -47.39
N LYS L 374 -30.61 -10.39 -47.67
CA LYS L 374 -30.06 -9.80 -48.88
C LYS L 374 -29.97 -8.28 -48.71
N PRO L 375 -28.95 -7.65 -49.27
CA PRO L 375 -28.90 -6.18 -49.29
C PRO L 375 -30.08 -5.53 -50.02
N ASP L 376 -30.77 -6.29 -50.87
CA ASP L 376 -31.97 -5.81 -51.55
C ASP L 376 -32.86 -7.00 -51.88
N GLN L 377 -33.85 -7.25 -51.04
CA GLN L 377 -34.77 -8.35 -51.27
C GLN L 377 -36.20 -7.89 -50.98
N THR L 378 -37.16 -8.60 -51.58
CA THR L 378 -38.56 -8.24 -51.48
C THR L 378 -39.33 -9.38 -50.82
N ALA L 379 -40.46 -9.05 -50.20
CA ALA L 379 -41.30 -10.05 -49.58
C ALA L 379 -41.86 -11.00 -50.63
N ALA L 380 -42.23 -12.20 -50.19
CA ALA L 380 -42.76 -13.21 -51.07
C ALA L 380 -44.06 -12.73 -51.72
N GLN L 381 -44.27 -13.15 -52.96
CA GLN L 381 -45.56 -12.92 -53.58
C GLN L 381 -46.67 -13.69 -52.87
N VAL L 382 -46.32 -14.68 -52.05
CA VAL L 382 -47.33 -15.42 -51.30
C VAL L 382 -48.05 -14.50 -50.34
N LEU L 383 -47.30 -13.94 -49.37
CA LEU L 383 -47.93 -13.10 -48.36
C LEU L 383 -48.53 -11.85 -48.96
N VAL L 384 -47.80 -11.19 -49.87
CA VAL L 384 -48.31 -9.96 -50.47
C VAL L 384 -49.57 -10.23 -51.28
N ASP L 385 -49.57 -11.30 -52.08
CA ASP L 385 -50.75 -11.61 -52.89
C ASP L 385 -51.94 -11.98 -52.01
N ILE L 386 -51.72 -12.76 -50.95
CA ILE L 386 -52.83 -13.16 -50.11
C ILE L 386 -53.38 -11.97 -49.33
N ALA L 387 -52.50 -11.07 -48.89
CA ALA L 387 -52.97 -9.84 -48.25
C ALA L 387 -53.72 -8.97 -49.25
N LYS L 388 -53.30 -8.95 -50.51
CA LYS L 388 -54.02 -8.21 -51.54
C LYS L 388 -55.42 -8.80 -51.72
N LYS L 389 -55.53 -10.13 -51.72
CA LYS L 389 -56.85 -10.75 -51.73
C LYS L 389 -57.54 -10.59 -50.38
N LYS L 390 -56.80 -10.10 -49.38
CA LYS L 390 -57.30 -9.93 -48.01
C LYS L 390 -57.83 -11.26 -47.49
N GLY L 391 -57.06 -12.32 -47.68
CA GLY L 391 -57.46 -13.65 -47.28
C GLY L 391 -56.75 -14.16 -46.05
N PHE L 392 -56.46 -13.26 -45.10
CA PHE L 392 -55.94 -13.64 -43.81
C PHE L 392 -57.03 -13.45 -42.77
N TYR L 393 -57.17 -14.43 -41.87
CA TYR L 393 -58.24 -14.39 -40.88
C TYR L 393 -58.11 -13.17 -39.97
N LEU L 394 -56.89 -12.91 -39.49
CA LEU L 394 -56.71 -11.83 -38.53
C LEU L 394 -56.89 -10.46 -39.17
N GLN L 395 -56.63 -10.35 -40.48
CA GLN L 395 -56.92 -9.11 -41.19
C GLN L 395 -58.40 -8.75 -41.05
N ASN L 396 -59.27 -9.63 -41.57
CA ASN L 396 -60.70 -9.33 -41.57
C ASN L 396 -61.27 -9.31 -40.15
N GLN L 397 -60.62 -10.01 -39.22
CA GLN L 397 -61.05 -9.89 -37.83
C GLN L 397 -60.77 -8.49 -37.29
N ASN L 398 -59.55 -7.99 -37.48
CA ASN L 398 -59.23 -6.64 -37.04
C ASN L 398 -59.76 -5.60 -38.00
N GLY L 399 -59.77 -5.90 -39.30
CA GLY L 399 -60.19 -4.94 -40.30
C GLY L 399 -59.04 -4.24 -40.98
N ASN L 400 -58.02 -5.01 -41.38
CA ASN L 400 -56.84 -4.46 -42.03
C ASN L 400 -56.92 -4.67 -43.52
N GLY L 401 -56.63 -3.61 -44.28
CA GLY L 401 -56.64 -3.68 -45.72
C GLY L 401 -55.41 -4.38 -46.27
N PRO L 402 -54.99 -4.00 -47.47
CA PRO L 402 -53.78 -4.60 -48.07
C PRO L 402 -52.49 -4.00 -47.49
N GLU L 403 -52.48 -3.82 -46.17
CA GLU L 403 -51.30 -3.35 -45.47
C GLU L 403 -50.81 -4.30 -44.39
N TYR L 404 -51.53 -5.40 -44.14
CA TYR L 404 -51.05 -6.41 -43.21
C TYR L 404 -49.74 -7.02 -43.71
N TRP L 405 -49.67 -7.28 -45.01
CA TRP L 405 -48.41 -7.54 -45.71
C TRP L 405 -48.44 -6.82 -47.06
N ASP L 406 -47.28 -6.27 -47.41
CA ASP L 406 -47.17 -5.41 -48.59
C ASP L 406 -45.74 -5.47 -49.07
N SER L 407 -45.51 -4.96 -50.29
CA SER L 407 -44.16 -4.97 -50.86
C SER L 407 -43.17 -4.24 -49.96
N ARG L 408 -43.65 -3.30 -49.14
CA ARG L 408 -42.77 -2.62 -48.20
C ARG L 408 -42.52 -3.46 -46.95
N TYR L 409 -43.20 -4.60 -46.82
CA TYR L 409 -42.93 -5.54 -45.73
C TYR L 409 -41.78 -6.46 -46.14
N LYS L 410 -40.64 -5.86 -46.45
CA LYS L 410 -39.44 -6.63 -46.72
C LYS L 410 -38.91 -7.16 -45.39
N LEU L 411 -37.81 -7.92 -45.45
CA LEU L 411 -37.01 -8.23 -44.27
C LEU L 411 -35.56 -8.16 -44.71
N LEU L 412 -34.97 -6.97 -44.61
CA LEU L 412 -33.80 -6.66 -45.42
C LEU L 412 -32.52 -7.28 -44.89
N ASP L 413 -32.53 -7.84 -43.69
CA ASP L 413 -31.45 -8.72 -43.25
C ASP L 413 -32.02 -9.69 -42.24
N THR L 414 -32.35 -10.89 -42.70
CA THR L 414 -33.00 -11.89 -41.87
C THR L 414 -32.96 -13.21 -42.64
N ALA L 415 -33.00 -14.33 -41.94
CA ALA L 415 -33.21 -15.62 -42.57
C ALA L 415 -34.62 -16.02 -42.21
N TYR L 416 -35.58 -15.49 -42.96
CA TYR L 416 -36.96 -15.75 -42.60
C TYR L 416 -37.56 -16.78 -43.54
N ALA L 417 -38.25 -17.74 -42.92
CA ALA L 417 -38.71 -18.93 -43.63
C ALA L 417 -40.23 -18.97 -43.56
N ILE L 418 -40.88 -18.52 -44.62
CA ILE L 418 -42.33 -18.59 -44.68
C ILE L 418 -42.73 -20.05 -44.68
N VAL L 419 -43.37 -20.48 -43.60
CA VAL L 419 -43.73 -21.88 -43.41
C VAL L 419 -45.24 -22.00 -43.41
N ARG L 420 -45.75 -22.88 -44.27
CA ARG L 420 -47.19 -23.12 -44.41
C ARG L 420 -47.49 -24.53 -43.94
N PHE L 421 -48.41 -24.66 -43.01
CA PHE L 421 -48.89 -25.96 -42.57
C PHE L 421 -50.24 -26.28 -43.23
N THR L 422 -50.62 -27.54 -43.12
CA THR L 422 -51.97 -27.98 -43.45
C THR L 422 -52.45 -28.79 -42.27
N ILE L 423 -53.00 -28.11 -41.26
CA ILE L 423 -53.30 -28.72 -39.98
C ILE L 423 -54.58 -29.53 -40.15
N ASN L 424 -54.42 -30.83 -40.43
CA ASN L 424 -55.54 -31.73 -40.60
C ASN L 424 -55.84 -32.44 -39.29
N GLU L 425 -56.70 -33.46 -39.34
CA GLU L 425 -56.85 -34.37 -38.20
C GLU L 425 -55.62 -35.26 -38.05
N ASN L 426 -54.57 -35.05 -38.85
CA ASN L 426 -53.41 -35.92 -38.88
C ASN L 426 -52.17 -35.26 -38.29
N ARG L 427 -52.19 -33.95 -38.10
CA ARG L 427 -51.12 -33.22 -37.42
C ARG L 427 -51.82 -32.20 -36.51
N THR L 428 -52.01 -32.60 -35.26
CA THR L 428 -52.90 -31.86 -34.37
C THR L 428 -52.37 -30.48 -34.04
N GLU L 429 -51.10 -30.37 -33.64
CA GLU L 429 -50.54 -29.09 -33.25
C GLU L 429 -49.36 -28.73 -34.14
N ILE L 430 -49.13 -27.43 -34.29
CA ILE L 430 -47.92 -26.97 -34.98
C ILE L 430 -46.70 -27.25 -34.10
N PRO L 431 -45.72 -27.98 -34.59
CA PRO L 431 -44.54 -28.30 -33.75
C PRO L 431 -43.59 -27.11 -33.66
N GLU L 432 -42.55 -27.26 -32.86
CA GLU L 432 -41.50 -26.24 -32.72
C GLU L 432 -40.50 -26.45 -33.85
N ILE L 433 -40.45 -25.48 -34.77
CA ILE L 433 -39.56 -25.57 -35.91
C ILE L 433 -38.21 -24.97 -35.58
N SER L 434 -37.16 -25.76 -35.80
CA SER L 434 -35.80 -25.26 -35.87
C SER L 434 -35.26 -25.55 -37.25
N ALA L 435 -34.02 -25.20 -37.52
CA ALA L 435 -33.43 -25.48 -38.82
C ALA L 435 -31.92 -25.51 -38.73
N GLU L 436 -31.27 -26.04 -39.77
CA GLU L 436 -29.82 -25.99 -39.86
C GLU L 436 -29.46 -25.00 -40.95
N VAL L 437 -28.66 -24.02 -40.59
CA VAL L 437 -28.39 -22.85 -41.43
C VAL L 437 -26.90 -22.81 -41.71
N GLN L 438 -26.55 -22.52 -42.98
CA GLN L 438 -25.16 -22.55 -43.42
C GLN L 438 -24.62 -21.13 -43.55
N GLY L 439 -24.15 -20.59 -42.43
CA GLY L 439 -23.17 -19.52 -42.44
C GLY L 439 -23.58 -18.13 -42.87
N LYS L 440 -22.59 -17.25 -42.88
CA LYS L 440 -22.71 -15.84 -43.20
C LYS L 440 -21.63 -15.52 -44.22
N LYS L 441 -21.92 -14.61 -45.12
CA LYS L 441 -20.92 -14.21 -46.10
C LYS L 441 -19.68 -13.55 -45.52
N VAL L 442 -18.70 -14.32 -45.13
CA VAL L 442 -17.45 -13.81 -44.59
C VAL L 442 -16.61 -13.33 -45.77
N LYS L 443 -16.18 -12.07 -45.72
CA LYS L 443 -15.32 -11.55 -46.77
C LYS L 443 -13.95 -12.22 -46.65
N VAL L 444 -13.70 -13.22 -47.49
CA VAL L 444 -12.48 -13.99 -47.45
C VAL L 444 -11.50 -13.36 -48.41
N TYR L 445 -10.47 -12.71 -47.87
CA TYR L 445 -9.48 -12.02 -48.68
C TYR L 445 -8.39 -13.00 -49.10
N ASN L 446 -7.63 -12.60 -50.12
CA ASN L 446 -6.60 -13.45 -50.67
C ASN L 446 -5.38 -12.59 -50.99
N SER L 447 -4.20 -13.15 -50.74
CA SER L 447 -2.95 -12.46 -51.00
C SER L 447 -2.78 -12.38 -52.51
N ASP L 448 -3.25 -11.27 -53.09
CA ASP L 448 -3.53 -11.11 -54.51
C ASP L 448 -4.50 -9.96 -54.67
N GLY L 449 -5.38 -9.80 -53.69
CA GLY L 449 -6.31 -8.68 -53.68
C GLY L 449 -7.67 -8.95 -54.29
N THR L 450 -8.01 -10.21 -54.54
CA THR L 450 -9.32 -10.57 -55.09
C THR L 450 -10.21 -11.00 -53.93
N ILE L 451 -11.19 -10.20 -53.55
CA ILE L 451 -12.00 -10.54 -52.37
C ILE L 451 -13.10 -11.55 -52.66
N LYS L 452 -13.03 -12.74 -52.05
CA LYS L 452 -14.11 -13.71 -52.23
C LYS L 452 -15.06 -13.58 -51.09
N ALA L 453 -16.23 -13.03 -51.34
CA ALA L 453 -17.19 -12.78 -50.28
C ALA L 453 -18.30 -13.62 -50.60
N ASP L 454 -18.06 -14.57 -51.46
CA ASP L 454 -19.17 -15.31 -51.91
C ASP L 454 -19.34 -16.79 -51.53
N LYS L 455 -20.50 -17.10 -50.98
CA LYS L 455 -21.18 -18.42 -51.00
C LYS L 455 -20.44 -19.43 -50.20
N THR L 456 -19.62 -18.93 -49.28
CA THR L 456 -18.94 -19.83 -48.42
C THR L 456 -18.83 -19.22 -47.06
N SER L 457 -19.41 -19.88 -46.08
CA SER L 457 -19.35 -19.40 -44.74
C SER L 457 -17.95 -19.39 -44.21
N LEU L 458 -17.13 -20.34 -44.58
CA LEU L 458 -15.71 -20.37 -44.18
C LEU L 458 -15.43 -20.53 -42.71
N ASN L 459 -14.29 -21.10 -42.36
CA ASN L 459 -14.07 -21.37 -40.95
C ASN L 459 -12.67 -20.91 -40.57
N GLY L 460 -12.60 -19.91 -39.70
CA GLY L 460 -11.31 -19.37 -39.28
C GLY L 460 -11.49 -18.02 -38.65
N ILE L 461 -10.43 -17.20 -38.77
CA ILE L 461 -10.50 -15.81 -38.32
C ILE L 461 -11.34 -14.94 -39.24
N TRP L 462 -11.73 -15.47 -40.41
CA TRP L 462 -12.62 -14.72 -41.29
C TRP L 462 -13.97 -14.47 -40.63
N GLN L 463 -14.46 -15.44 -39.85
CA GLN L 463 -15.70 -15.23 -39.11
C GLN L 463 -15.54 -14.11 -38.10
N LEU L 464 -14.41 -14.08 -37.40
CA LEU L 464 -14.17 -13.01 -36.44
C LEU L 464 -14.09 -11.66 -37.14
N MET L 465 -13.43 -11.61 -38.31
CA MET L 465 -13.40 -10.37 -39.07
C MET L 465 -14.80 -9.92 -39.49
N ASP L 466 -15.62 -10.86 -39.98
CA ASP L 466 -16.97 -10.49 -40.38
C ASP L 466 -17.78 -9.98 -39.20
N TYR L 467 -17.63 -10.62 -38.04
CA TYR L 467 -18.31 -10.13 -36.84
C TYR L 467 -17.72 -8.80 -36.38
N LEU L 468 -16.49 -8.49 -36.80
CA LEU L 468 -15.88 -7.23 -36.39
C LEU L 468 -16.18 -6.12 -37.39
N THR L 469 -16.17 -6.43 -38.68
CA THR L 469 -16.36 -5.41 -39.71
C THR L 469 -17.81 -5.28 -40.13
N SER L 470 -18.75 -5.54 -39.25
CA SER L 470 -20.17 -5.46 -39.56
C SER L 470 -20.82 -4.35 -38.75
N ASP L 471 -21.46 -3.41 -39.45
CA ASP L 471 -22.19 -2.34 -38.77
C ASP L 471 -23.39 -2.87 -38.02
N ARG L 472 -24.09 -3.84 -38.60
CA ARG L 472 -25.42 -4.20 -38.13
C ARG L 472 -25.37 -4.89 -36.77
N TYR L 473 -24.45 -5.83 -36.59
CA TYR L 473 -24.44 -6.66 -35.40
C TYR L 473 -23.12 -6.58 -34.63
N GLY L 474 -22.02 -6.37 -35.34
CA GLY L 474 -20.72 -6.32 -34.68
C GLY L 474 -20.40 -4.98 -34.04
N ALA L 475 -19.14 -4.58 -34.13
CA ALA L 475 -18.68 -3.29 -33.62
C ALA L 475 -17.96 -2.57 -34.74
N ASP L 476 -18.43 -1.36 -35.06
CA ASP L 476 -17.85 -0.59 -36.15
C ASP L 476 -16.35 -0.50 -36.01
N ILE L 477 -15.63 -1.05 -36.99
CA ILE L 477 -14.18 -1.14 -36.91
C ILE L 477 -13.58 -0.61 -38.21
N THR L 478 -14.44 -0.35 -39.20
CA THR L 478 -14.19 0.39 -40.44
C THR L 478 -13.37 -0.44 -41.43
N LEU L 479 -12.82 -1.58 -41.02
CA LEU L 479 -12.07 -2.51 -41.87
C LEU L 479 -10.80 -1.89 -42.44
N ASP L 480 -10.55 -0.61 -42.18
CA ASP L 480 -9.30 0.02 -42.56
C ASP L 480 -8.26 -0.02 -41.45
N GLN L 481 -8.66 -0.42 -40.24
CA GLN L 481 -7.70 -0.53 -39.15
C GLN L 481 -6.97 -1.87 -39.19
N PHE L 482 -7.50 -2.83 -39.95
CA PHE L 482 -6.86 -4.12 -40.09
C PHE L 482 -5.76 -4.08 -41.15
N PRO L 483 -4.62 -4.71 -40.88
CA PRO L 483 -3.66 -4.98 -41.96
C PRO L 483 -4.00 -6.27 -42.66
N LEU L 484 -4.36 -6.19 -43.95
CA LEU L 484 -4.92 -7.36 -44.62
C LEU L 484 -3.89 -8.47 -44.78
N GLN L 485 -2.64 -8.12 -45.09
CA GLN L 485 -1.65 -9.14 -45.38
C GLN L 485 -1.37 -10.02 -44.18
N LYS L 486 -1.21 -9.41 -43.00
CA LYS L 486 -0.93 -10.22 -41.81
C LYS L 486 -2.13 -11.10 -41.46
N VAL L 487 -3.34 -10.56 -41.58
CA VAL L 487 -4.54 -11.34 -41.32
C VAL L 487 -4.62 -12.54 -42.25
N ILE L 488 -4.28 -12.34 -43.53
CA ILE L 488 -4.22 -13.45 -44.46
C ILE L 488 -3.17 -14.46 -44.00
N SER L 489 -2.07 -13.96 -43.42
CA SER L 489 -1.06 -14.88 -42.89
C SER L 489 -1.64 -15.77 -41.79
N GLU L 490 -2.33 -15.19 -40.79
CA GLU L 490 -2.89 -16.05 -39.76
C GLU L 490 -3.98 -16.97 -40.32
N ALA L 491 -4.81 -16.46 -41.25
CA ALA L 491 -5.82 -17.32 -41.85
C ALA L 491 -5.18 -18.51 -42.54
N LYS L 492 -4.02 -18.30 -43.17
CA LYS L 492 -3.30 -19.42 -43.76
C LYS L 492 -2.72 -20.33 -42.70
N ILE L 493 -2.37 -19.77 -41.54
CA ILE L 493 -1.90 -20.60 -40.43
C ILE L 493 -2.99 -21.55 -39.96
N LEU L 494 -4.22 -21.05 -39.84
CA LEU L 494 -5.31 -21.91 -39.36
C LEU L 494 -5.59 -23.05 -40.31
N ASP L 495 -5.69 -22.78 -41.61
CA ASP L 495 -6.08 -23.83 -42.55
C ASP L 495 -4.89 -24.63 -43.08
N ILE L 496 -4.06 -25.10 -42.15
CA ILE L 496 -2.99 -26.04 -42.47
C ILE L 496 -3.56 -27.44 -42.36
N ILE L 497 -3.31 -28.27 -43.37
CA ILE L 497 -3.92 -29.60 -43.42
C ILE L 497 -3.49 -30.42 -42.22
N ASP L 498 -4.47 -31.07 -41.59
CA ASP L 498 -4.24 -31.92 -40.43
C ASP L 498 -4.18 -33.37 -40.90
N GLU L 499 -2.97 -33.87 -41.10
CA GLU L 499 -2.77 -35.24 -41.59
C GLU L 499 -2.94 -36.21 -40.43
N SER L 500 -4.09 -36.11 -39.78
CA SER L 500 -4.40 -36.98 -38.65
C SER L 500 -5.55 -37.91 -39.00
N TYR L 501 -6.69 -37.35 -39.38
CA TYR L 501 -7.84 -38.15 -39.80
C TYR L 501 -7.92 -38.21 -41.32
N GLN L 502 -9.00 -38.76 -41.84
CA GLN L 502 -9.23 -38.79 -43.28
C GLN L 502 -10.69 -38.45 -43.54
N THR L 503 -10.98 -37.90 -44.72
CA THR L 503 -12.34 -37.55 -45.08
C THR L 503 -13.21 -38.80 -45.29
N SER L 504 -12.59 -39.97 -45.42
CA SER L 504 -13.35 -41.19 -45.67
C SER L 504 -14.26 -41.52 -44.50
N TRP L 505 -13.70 -41.30 -43.32
CA TRP L 505 -14.44 -41.60 -42.13
C TRP L 505 -15.10 -40.45 -41.50
N GLN L 506 -15.60 -39.53 -42.28
CA GLN L 506 -16.40 -38.50 -41.68
C GLN L 506 -17.71 -38.68 -42.34
N PRO L 507 -18.63 -39.32 -41.65
CA PRO L 507 -19.92 -39.36 -42.28
C PRO L 507 -20.46 -38.00 -41.96
N TYR L 508 -21.54 -37.57 -42.57
CA TYR L 508 -22.03 -36.22 -42.34
C TYR L 508 -21.00 -35.23 -42.83
N TRP L 509 -20.29 -35.58 -43.89
CA TRP L 509 -19.27 -34.71 -44.42
C TRP L 509 -19.84 -33.35 -44.64
N ARG L 510 -21.04 -33.30 -45.17
CA ARG L 510 -21.73 -32.05 -45.45
C ARG L 510 -22.06 -31.27 -44.19
N TYR L 511 -22.52 -31.97 -43.15
CA TYR L 511 -23.12 -31.28 -42.03
C TYR L 511 -22.07 -30.91 -40.99
N VAL L 512 -20.84 -31.35 -41.21
CA VAL L 512 -19.71 -30.81 -40.45
C VAL L 512 -19.47 -29.39 -40.92
N GLY L 513 -19.54 -29.17 -42.23
CA GLY L 513 -19.42 -27.82 -42.76
C GLY L 513 -18.59 -27.65 -44.02
N TRP L 514 -18.13 -28.73 -44.62
CA TRP L 514 -17.37 -28.64 -45.87
C TRP L 514 -18.20 -29.25 -46.99
N ASN L 515 -18.22 -28.56 -48.13
CA ASN L 515 -18.85 -29.07 -49.34
C ASN L 515 -17.87 -29.94 -50.12
N ASP L 516 -18.42 -30.65 -51.12
CA ASP L 516 -17.60 -31.29 -52.15
C ASP L 516 -16.60 -32.26 -51.52
N PRO L 517 -17.09 -33.40 -50.97
CA PRO L 517 -16.26 -34.28 -50.13
C PRO L 517 -14.84 -34.51 -50.64
N LEU L 518 -14.72 -34.84 -51.92
CA LEU L 518 -13.44 -35.06 -52.59
C LEU L 518 -12.40 -34.04 -52.16
N SER L 519 -12.79 -32.77 -52.10
CA SER L 519 -11.90 -31.69 -51.70
C SER L 519 -11.23 -32.00 -50.36
N GLU L 520 -10.10 -31.34 -50.11
CA GLU L 520 -9.24 -31.73 -48.99
C GLU L 520 -9.98 -31.59 -47.65
N ASN L 521 -10.31 -30.36 -47.27
CA ASN L 521 -11.23 -30.08 -46.16
C ASN L 521 -10.73 -30.52 -44.79
N ARG L 522 -9.56 -31.17 -44.72
CA ARG L 522 -9.02 -31.55 -43.43
C ARG L 522 -8.19 -30.42 -42.86
N GLN L 523 -8.81 -29.53 -42.09
CA GLN L 523 -8.16 -28.32 -41.64
C GLN L 523 -8.19 -28.24 -40.12
N ILE L 524 -7.08 -27.77 -39.55
CA ILE L 524 -7.04 -27.51 -38.11
C ILE L 524 -7.95 -26.34 -37.77
N VAL L 525 -8.70 -26.51 -36.68
CA VAL L 525 -9.63 -25.51 -36.18
C VAL L 525 -10.65 -25.19 -37.27
N GLN L 526 -11.56 -26.13 -37.53
CA GLN L 526 -12.66 -25.91 -38.46
C GLN L 526 -13.94 -25.61 -37.68
N LEU L 527 -13.93 -24.45 -37.01
CA LEU L 527 -15.02 -24.11 -36.11
C LEU L 527 -16.26 -23.65 -36.87
N ASN L 528 -17.43 -23.92 -36.29
CA ASN L 528 -18.73 -23.56 -36.86
C ASN L 528 -19.53 -22.89 -35.75
N THR L 529 -19.41 -21.57 -35.63
CA THR L 529 -19.87 -20.87 -34.44
C THR L 529 -21.30 -20.35 -34.59
N ILE L 530 -21.96 -20.19 -33.44
CA ILE L 530 -23.18 -19.41 -33.31
C ILE L 530 -22.85 -18.18 -32.49
N LEU L 531 -23.24 -17.01 -32.98
CA LEU L 531 -23.06 -15.76 -32.25
C LEU L 531 -24.43 -15.16 -31.99
N ASP L 532 -25.06 -15.57 -30.89
CA ASP L 532 -26.28 -14.90 -30.47
C ASP L 532 -25.95 -13.48 -30.02
N THR L 533 -26.56 -12.51 -30.70
CA THR L 533 -26.20 -11.11 -30.54
C THR L 533 -26.86 -10.48 -29.33
N SER L 534 -27.30 -11.28 -28.37
CA SER L 534 -27.93 -10.77 -27.15
C SER L 534 -27.01 -10.84 -25.95
N GLU L 535 -25.78 -11.33 -26.11
CA GLU L 535 -24.92 -11.51 -24.95
C GLU L 535 -24.08 -10.27 -24.71
N SER L 536 -23.16 -9.99 -25.64
CA SER L 536 -22.39 -8.76 -25.70
C SER L 536 -21.40 -8.89 -26.84
N VAL L 537 -20.89 -7.74 -27.31
CA VAL L 537 -19.82 -7.79 -28.29
C VAL L 537 -18.55 -8.34 -27.66
N PHE L 538 -18.21 -7.84 -26.47
CA PHE L 538 -17.01 -8.27 -25.76
C PHE L 538 -16.99 -9.79 -25.59
N LYS L 539 -18.07 -10.35 -25.04
CA LYS L 539 -18.06 -11.77 -24.69
C LYS L 539 -18.12 -12.65 -25.93
N ASN L 540 -18.88 -12.25 -26.95
CA ASN L 540 -18.90 -13.04 -28.18
C ASN L 540 -17.53 -13.06 -28.85
N VAL L 541 -16.87 -11.91 -28.89
CA VAL L 541 -15.56 -11.87 -29.54
C VAL L 541 -14.54 -12.69 -28.75
N GLN L 542 -14.57 -12.60 -27.41
CA GLN L 542 -13.62 -13.41 -26.65
C GLN L 542 -13.99 -14.89 -26.74
N GLY L 543 -15.26 -15.20 -26.95
CA GLY L 543 -15.64 -16.58 -27.18
C GLY L 543 -15.05 -17.13 -28.46
N ILE L 544 -15.11 -16.35 -29.54
CA ILE L 544 -14.49 -16.78 -30.79
C ILE L 544 -12.99 -16.94 -30.62
N LEU L 545 -12.34 -15.96 -29.95
CA LEU L 545 -10.90 -16.04 -29.76
C LEU L 545 -10.51 -17.26 -28.94
N GLU L 546 -11.27 -17.56 -27.89
CA GLU L 546 -11.01 -18.78 -27.12
C GLU L 546 -11.24 -20.01 -27.98
N SER L 547 -12.22 -19.94 -28.89
CA SER L 547 -12.52 -21.10 -29.72
C SER L 547 -11.36 -21.46 -30.64
N PHE L 548 -10.83 -20.49 -31.38
CA PHE L 548 -9.76 -20.87 -32.30
C PHE L 548 -8.38 -20.65 -31.70
N GLY L 549 -8.29 -19.83 -30.66
CA GLY L 549 -7.01 -19.59 -30.03
C GLY L 549 -6.31 -18.38 -30.59
N GLY L 550 -6.31 -17.29 -29.83
CA GLY L 550 -5.68 -16.08 -30.30
C GLY L 550 -6.16 -14.89 -29.50
N ALA L 551 -5.87 -13.70 -30.01
CA ALA L 551 -6.30 -12.47 -29.37
C ALA L 551 -6.24 -11.35 -30.38
N ILE L 552 -7.15 -10.38 -30.22
CA ILE L 552 -7.15 -9.17 -31.01
C ILE L 552 -6.20 -8.17 -30.36
N ASN L 553 -5.25 -7.68 -31.14
CA ASN L 553 -3.99 -7.18 -30.58
C ASN L 553 -3.63 -5.86 -31.27
N ASN L 554 -4.20 -4.76 -30.79
CA ASN L 554 -3.86 -3.46 -31.36
C ASN L 554 -2.73 -2.82 -30.59
N LEU L 555 -1.51 -3.34 -30.81
CA LEU L 555 -0.33 -2.76 -30.21
C LEU L 555 0.19 -1.67 -31.13
N SER L 556 0.46 -2.03 -32.38
CA SER L 556 0.94 -1.08 -33.37
C SER L 556 -0.18 -0.27 -33.99
N GLY L 557 -1.34 -0.19 -33.34
CA GLY L 557 -2.47 0.57 -33.81
C GLY L 557 -3.39 -0.21 -34.72
N GLU L 558 -2.91 -1.27 -35.34
CA GLU L 558 -3.71 -2.13 -36.18
C GLU L 558 -4.13 -3.34 -35.36
N TYR L 559 -5.36 -3.82 -35.59
CA TYR L 559 -5.91 -4.83 -34.70
C TYR L 559 -5.18 -6.17 -34.79
N ARG L 560 -4.79 -6.59 -36.00
CA ARG L 560 -3.77 -7.63 -36.14
C ARG L 560 -4.16 -8.90 -35.38
N ILE L 561 -5.19 -9.57 -35.90
CA ILE L 561 -5.73 -10.73 -35.20
C ILE L 561 -4.72 -11.86 -35.29
N THR L 562 -3.93 -12.02 -34.23
CA THR L 562 -2.87 -13.00 -34.22
C THR L 562 -3.39 -14.34 -33.70
N VAL L 563 -2.68 -15.41 -34.06
CA VAL L 563 -3.09 -16.75 -33.70
C VAL L 563 -1.88 -17.44 -33.08
N GLU L 564 -2.09 -18.67 -32.57
CA GLU L 564 -1.03 -19.47 -31.99
C GLU L 564 -0.31 -20.21 -33.10
N LYS L 565 1.02 -20.19 -33.04
CA LYS L 565 1.80 -20.69 -34.17
C LYS L 565 3.18 -21.20 -33.76
N TYR L 566 3.80 -21.97 -34.65
CA TYR L 566 5.20 -22.36 -34.50
C TYR L 566 5.91 -21.99 -35.78
N SER L 567 7.13 -21.49 -35.63
CA SER L 567 7.89 -21.00 -36.78
C SER L 567 9.38 -21.17 -36.49
N THR L 568 10.15 -21.33 -37.56
CA THR L 568 11.58 -21.52 -37.45
C THR L 568 12.35 -20.20 -37.42
N ASN L 569 11.69 -19.06 -37.64
CA ASN L 569 12.37 -17.78 -37.50
C ASN L 569 11.79 -16.98 -36.35
N PRO L 570 12.24 -17.22 -35.13
CA PRO L 570 11.85 -16.37 -34.00
C PRO L 570 12.87 -15.27 -33.76
N LEU L 571 12.63 -14.45 -32.75
CA LEU L 571 13.62 -13.49 -32.29
C LEU L 571 14.55 -14.18 -31.29
N ARG L 572 15.84 -13.91 -31.43
CA ARG L 572 16.84 -14.51 -30.56
C ARG L 572 17.18 -13.51 -29.46
N ILE L 573 16.34 -13.50 -28.42
CA ILE L 573 16.54 -12.59 -27.31
C ILE L 573 17.44 -13.25 -26.27
N ASN L 574 18.65 -12.72 -26.14
CA ASN L 574 19.58 -13.14 -25.12
C ASN L 574 19.29 -12.35 -23.84
N PHE L 575 19.56 -12.98 -22.70
CA PHE L 575 19.28 -12.30 -21.43
C PHE L 575 20.11 -11.03 -21.28
N LEU L 576 21.36 -11.06 -21.76
CA LEU L 576 22.22 -9.89 -21.63
C LEU L 576 21.60 -8.68 -22.35
N ASP L 577 20.81 -8.94 -23.39
CA ASP L 577 20.21 -7.84 -24.13
C ASP L 577 19.13 -7.11 -23.33
N THR L 578 18.26 -7.86 -22.64
CA THR L 578 17.00 -7.29 -22.21
C THR L 578 17.12 -6.18 -21.17
N TYR L 579 17.35 -6.60 -19.93
CA TYR L 579 17.46 -5.83 -18.68
C TYR L 579 17.86 -6.79 -17.58
N GLY L 580 17.75 -6.34 -16.34
CA GLY L 580 18.16 -7.20 -15.24
C GLY L 580 17.08 -8.14 -14.72
N ASP L 581 15.84 -7.69 -14.66
CA ASP L 581 14.81 -8.49 -14.01
C ASP L 581 14.36 -9.64 -14.92
N LEU L 582 14.19 -10.81 -14.30
CA LEU L 582 13.72 -11.99 -15.03
C LEU L 582 12.91 -12.91 -14.14
N ASP L 583 11.59 -12.81 -14.19
CA ASP L 583 10.76 -13.65 -13.35
C ASP L 583 10.43 -14.97 -14.04
N LEU L 584 10.51 -16.04 -13.26
CA LEU L 584 10.03 -17.35 -13.68
C LEU L 584 8.87 -17.73 -12.78
N SER L 585 7.77 -18.13 -13.39
CA SER L 585 6.57 -18.45 -12.62
C SER L 585 5.97 -19.73 -13.18
N ASP L 586 6.30 -20.86 -12.55
CA ASP L 586 5.68 -22.14 -12.91
C ASP L 586 4.37 -22.25 -12.15
N THR L 587 3.29 -21.79 -12.76
CA THR L 587 1.95 -22.12 -12.28
C THR L 587 1.58 -23.54 -12.68
N THR L 588 2.43 -24.49 -12.28
CA THR L 588 2.46 -25.79 -12.92
C THR L 588 1.63 -26.81 -12.15
N GLY L 589 1.38 -26.54 -10.88
CA GLY L 589 0.56 -27.46 -10.09
C GLY L 589 -0.89 -27.47 -10.53
N ARG L 590 -1.41 -26.30 -10.90
CA ARG L 590 -2.84 -26.18 -11.14
C ARG L 590 -3.18 -26.23 -12.63
N ASN L 591 -2.27 -25.78 -13.48
CA ASN L 591 -2.60 -25.49 -14.87
C ASN L 591 -2.09 -26.52 -15.86
N LYS L 592 -1.64 -27.70 -15.43
CA LYS L 592 -1.19 -28.72 -16.37
C LYS L 592 -1.95 -30.01 -16.07
N PHE L 593 -2.20 -30.80 -17.12
CA PHE L 593 -3.15 -31.89 -17.05
C PHE L 593 -2.66 -33.09 -17.82
N ASN L 594 -3.25 -34.26 -17.53
CA ASN L 594 -2.83 -35.50 -18.19
C ASN L 594 -3.81 -35.92 -19.27
N SER L 595 -5.09 -36.01 -18.91
CA SER L 595 -6.14 -36.47 -19.82
C SER L 595 -7.13 -35.36 -20.03
N VAL L 596 -7.72 -35.30 -21.23
CA VAL L 596 -8.64 -34.23 -21.55
C VAL L 596 -10.04 -34.80 -21.77
N GLN L 597 -11.06 -34.01 -21.44
CA GLN L 597 -12.43 -34.35 -21.81
C GLN L 597 -13.06 -33.12 -22.44
N ALA L 598 -13.77 -33.33 -23.54
CA ALA L 598 -14.30 -32.24 -24.34
C ALA L 598 -15.81 -32.43 -24.46
N SER L 599 -16.47 -31.46 -25.08
CA SER L 599 -17.92 -31.50 -25.26
C SER L 599 -18.23 -30.83 -26.60
N LEU L 600 -18.93 -31.57 -27.45
CA LEU L 600 -19.24 -31.10 -28.80
C LEU L 600 -20.73 -31.10 -29.05
N VAL L 601 -21.15 -30.29 -30.01
CA VAL L 601 -22.47 -30.43 -30.60
C VAL L 601 -22.29 -31.12 -31.95
N ASP L 602 -22.31 -32.45 -31.94
CA ASP L 602 -22.07 -33.21 -33.15
C ASP L 602 -23.33 -33.28 -34.02
N PRO L 603 -23.20 -33.23 -35.33
CA PRO L 603 -24.34 -33.51 -36.20
C PRO L 603 -24.54 -35.01 -36.34
N ALA L 604 -23.67 -35.78 -35.71
CA ALA L 604 -23.73 -37.24 -35.72
C ALA L 604 -24.49 -37.70 -34.48
N LEU L 605 -25.03 -36.73 -33.74
CA LEU L 605 -25.89 -37.02 -32.61
C LEU L 605 -27.15 -36.16 -32.65
N SER L 606 -27.52 -35.68 -33.83
CA SER L 606 -28.64 -34.77 -34.02
C SER L 606 -28.48 -33.53 -33.16
N TRP L 607 -27.25 -33.00 -33.16
CA TRP L 607 -26.90 -31.80 -32.40
C TRP L 607 -27.13 -32.01 -30.91
N LYS L 608 -26.43 -32.99 -30.34
CA LYS L 608 -26.49 -33.29 -28.92
C LYS L 608 -25.06 -33.47 -28.41
N THR L 609 -24.88 -33.21 -27.12
CA THR L 609 -23.53 -33.19 -26.57
C THR L 609 -22.85 -34.55 -26.67
N ASN L 610 -21.58 -34.54 -27.04
CA ASN L 610 -20.75 -35.72 -27.11
C ASN L 610 -19.44 -35.44 -26.41
N SER L 611 -18.85 -36.46 -25.80
CA SER L 611 -17.68 -36.29 -24.96
C SER L 611 -16.48 -36.98 -25.58
N ILE L 612 -15.51 -36.19 -26.04
CA ILE L 612 -14.21 -36.74 -26.42
C ILE L 612 -13.34 -36.83 -25.19
N THR L 613 -12.81 -38.01 -24.92
CA THR L 613 -11.91 -38.19 -23.79
C THR L 613 -10.63 -38.88 -24.23
N PHE L 614 -9.52 -38.37 -23.74
CA PHE L 614 -8.21 -38.97 -23.94
C PHE L 614 -7.73 -39.57 -22.63
N TYR L 615 -6.69 -40.37 -22.71
CA TYR L 615 -5.83 -40.71 -21.59
C TYR L 615 -4.43 -40.84 -22.19
N ASN L 616 -3.41 -40.51 -21.39
CA ASN L 616 -2.06 -40.52 -21.91
C ASN L 616 -1.15 -41.24 -20.94
N SER L 617 -0.48 -42.28 -21.46
CA SER L 617 0.45 -43.08 -20.67
C SER L 617 1.77 -42.38 -20.40
N LYS L 618 2.29 -41.59 -21.34
CA LYS L 618 3.56 -40.90 -21.12
C LYS L 618 3.43 -39.86 -20.01
N PHE L 619 2.37 -39.04 -20.07
CA PHE L 619 2.25 -37.93 -19.12
C PHE L 619 1.93 -38.45 -17.72
N LYS L 620 1.04 -39.43 -17.62
CA LYS L 620 0.68 -39.97 -16.31
C LYS L 620 1.88 -40.66 -15.66
N GLU L 621 2.70 -41.34 -16.46
CA GLU L 621 3.91 -41.95 -15.92
C GLU L 621 4.95 -40.89 -15.57
N GLN L 622 4.94 -39.77 -16.29
CA GLN L 622 5.83 -38.66 -15.96
C GLN L 622 5.49 -38.09 -14.59
N ASP L 623 4.21 -37.89 -14.31
CA ASP L 623 3.82 -37.31 -13.04
C ASP L 623 4.22 -38.19 -11.86
N LYS L 624 3.57 -39.36 -11.75
CA LYS L 624 3.71 -40.28 -10.63
C LYS L 624 2.51 -41.22 -10.67
N GLY L 625 1.83 -41.26 -11.80
CA GLY L 625 0.55 -41.94 -11.88
C GLY L 625 -0.52 -41.20 -11.12
N LEU L 626 -0.67 -39.91 -11.40
CA LEU L 626 -1.67 -39.07 -10.74
C LEU L 626 -2.76 -38.76 -11.75
N ASP L 627 -4.01 -39.00 -11.36
CA ASP L 627 -5.15 -38.79 -12.25
C ASP L 627 -5.62 -37.35 -12.15
N LYS L 628 -5.43 -36.59 -13.22
CA LYS L 628 -5.76 -35.17 -13.24
C LYS L 628 -6.20 -34.81 -14.65
N LYS L 629 -7.47 -34.47 -14.81
CA LYS L 629 -8.07 -34.33 -16.13
C LYS L 629 -8.34 -32.88 -16.48
N LEU L 630 -7.85 -32.47 -17.64
CA LEU L 630 -8.34 -31.25 -18.27
C LEU L 630 -9.78 -31.45 -18.72
N GLN L 631 -10.60 -30.43 -18.53
CA GLN L 631 -12.00 -30.51 -18.92
C GLN L 631 -12.34 -29.33 -19.79
N LEU L 632 -13.02 -29.62 -20.91
CA LEU L 632 -13.26 -28.61 -21.93
C LEU L 632 -14.66 -28.82 -22.51
N SER L 633 -15.16 -27.77 -23.13
CA SER L 633 -16.36 -27.85 -23.96
C SER L 633 -16.18 -26.90 -25.13
N PHE L 634 -16.23 -27.46 -26.34
CA PHE L 634 -16.03 -26.70 -27.56
C PHE L 634 -17.37 -26.19 -28.06
N ALA L 635 -17.60 -24.89 -27.92
CA ALA L 635 -18.86 -24.27 -28.32
C ALA L 635 -19.02 -24.14 -29.82
N ASN L 636 -17.93 -23.98 -30.56
CA ASN L 636 -18.01 -23.63 -31.97
C ASN L 636 -17.42 -24.69 -32.88
N ILE L 637 -16.81 -25.74 -32.32
CA ILE L 637 -16.22 -26.81 -33.11
C ILE L 637 -17.21 -27.97 -33.12
N THR L 638 -17.70 -28.31 -34.32
CA THR L 638 -18.69 -29.36 -34.48
C THR L 638 -18.12 -30.62 -35.09
N ASN L 639 -16.96 -30.56 -35.75
CA ASN L 639 -16.32 -31.75 -36.29
C ASN L 639 -15.65 -32.50 -35.16
N TYR L 640 -15.96 -33.79 -35.04
CA TYR L 640 -15.41 -34.60 -33.95
C TYR L 640 -13.89 -34.64 -34.03
N TYR L 641 -13.34 -34.81 -35.22
CA TYR L 641 -11.92 -35.07 -35.36
C TYR L 641 -11.09 -33.82 -35.07
N THR L 642 -11.52 -32.68 -35.62
CA THR L 642 -10.80 -31.43 -35.34
C THR L 642 -10.91 -31.06 -33.87
N ALA L 643 -12.05 -31.36 -33.24
CA ALA L 643 -12.19 -31.11 -31.82
C ALA L 643 -11.26 -32.01 -31.01
N ARG L 644 -11.11 -33.25 -31.43
CA ARG L 644 -10.18 -34.15 -30.74
C ARG L 644 -8.75 -33.63 -30.86
N SER L 645 -8.36 -33.18 -32.07
CA SER L 645 -7.02 -32.63 -32.26
C SER L 645 -6.83 -31.36 -31.42
N TYR L 646 -7.86 -30.51 -31.36
CA TYR L 646 -7.79 -29.32 -30.52
C TYR L 646 -7.64 -29.68 -29.05
N ALA L 647 -8.37 -30.70 -28.59
CA ALA L 647 -8.24 -31.13 -27.21
C ALA L 647 -6.82 -31.59 -26.92
N ASP L 648 -6.24 -32.37 -27.83
CA ASP L 648 -4.86 -32.81 -27.63
C ASP L 648 -3.90 -31.64 -27.59
N ARG L 649 -4.07 -30.69 -28.51
CA ARG L 649 -3.17 -29.54 -28.54
C ARG L 649 -3.28 -28.74 -27.26
N GLU L 650 -4.50 -28.52 -26.77
CA GLU L 650 -4.67 -27.72 -25.56
C GLU L 650 -4.15 -28.46 -24.34
N LEU L 651 -4.28 -29.80 -24.34
CA LEU L 651 -3.72 -30.59 -23.27
C LEU L 651 -2.20 -30.41 -23.20
N LYS L 652 -1.52 -30.55 -24.33
CA LYS L 652 -0.06 -30.42 -24.30
C LYS L 652 0.37 -28.99 -23.99
N LYS L 653 -0.35 -28.01 -24.53
CA LYS L 653 -0.11 -26.62 -24.17
C LYS L 653 -0.16 -26.42 -22.66
N SER L 654 -1.18 -26.99 -22.01
CA SER L 654 -1.22 -26.95 -20.55
C SER L 654 -0.04 -27.72 -19.97
N ARG L 655 0.41 -28.76 -20.67
CA ARG L 655 1.45 -29.63 -20.12
C ARG L 655 2.76 -28.86 -19.94
N TYR L 656 3.05 -27.90 -20.81
CA TYR L 656 4.30 -27.16 -20.64
C TYR L 656 4.23 -26.18 -19.46
N SER L 657 3.38 -25.16 -19.55
CA SER L 657 3.10 -24.27 -18.43
C SER L 657 4.33 -23.63 -17.78
N ARG L 658 5.08 -22.81 -18.52
CA ARG L 658 6.14 -22.01 -17.93
C ARG L 658 6.02 -20.58 -18.46
N THR L 659 6.14 -19.59 -17.58
CA THR L 659 6.00 -18.19 -17.96
C THR L 659 7.23 -17.41 -17.51
N LEU L 660 7.85 -16.69 -18.42
CA LEU L 660 8.86 -15.70 -18.06
C LEU L 660 8.27 -14.31 -18.06
N SER L 661 9.00 -13.38 -17.45
CA SER L 661 8.62 -11.98 -17.43
C SER L 661 9.88 -11.13 -17.31
N PHE L 662 10.13 -10.30 -18.31
CA PHE L 662 11.30 -9.44 -18.31
C PHE L 662 11.01 -8.23 -19.18
N SER L 663 12.01 -7.36 -19.31
CA SER L 663 11.84 -6.11 -20.04
C SER L 663 12.99 -5.97 -21.04
N VAL L 664 12.66 -5.69 -22.29
CA VAL L 664 13.66 -5.54 -23.34
C VAL L 664 13.78 -4.08 -23.73
N PRO L 665 14.89 -3.64 -24.33
CA PRO L 665 15.02 -2.23 -24.73
C PRO L 665 14.21 -1.90 -25.96
N TYR L 666 14.38 -0.68 -26.46
CA TYR L 666 13.63 -0.22 -27.63
C TYR L 666 14.11 -0.82 -28.94
N LYS L 667 15.23 -1.53 -28.94
CA LYS L 667 15.70 -2.19 -30.16
C LYS L 667 14.65 -3.15 -30.69
N PHE L 668 13.88 -3.77 -29.80
CA PHE L 668 12.93 -4.82 -30.13
C PHE L 668 11.52 -4.30 -30.27
N ILE L 669 11.33 -3.07 -30.77
CA ILE L 669 9.98 -2.54 -30.91
C ILE L 669 9.25 -3.30 -32.01
N GLY L 670 7.94 -3.45 -31.85
CA GLY L 670 7.15 -4.17 -32.82
C GLY L 670 6.71 -5.54 -32.38
N ILE L 671 7.34 -6.08 -31.33
CA ILE L 671 6.95 -7.37 -30.78
C ILE L 671 5.48 -7.34 -30.39
N GLU L 672 4.75 -8.37 -30.76
CA GLU L 672 3.32 -8.50 -30.57
C GLU L 672 3.01 -9.78 -29.80
N PRO L 673 1.96 -9.77 -28.97
CA PRO L 673 1.75 -10.88 -28.03
C PRO L 673 1.49 -12.26 -28.63
N ASN L 674 1.66 -12.45 -29.94
CA ASN L 674 1.78 -13.81 -30.47
C ASN L 674 3.02 -13.97 -31.34
N ASP L 675 4.07 -13.25 -31.02
CA ASP L 675 5.33 -13.31 -31.76
C ASP L 675 6.25 -14.34 -31.13
N PRO L 676 6.74 -15.30 -31.90
CA PRO L 676 7.67 -16.29 -31.35
C PRO L 676 9.03 -15.70 -31.05
N ILE L 677 9.61 -16.01 -29.89
CA ILE L 677 10.98 -15.61 -29.57
C ILE L 677 11.72 -16.82 -29.00
N ALA L 678 13.04 -16.77 -29.06
CA ALA L 678 13.91 -17.82 -28.52
C ALA L 678 14.80 -17.21 -27.46
N PHE L 679 14.60 -17.61 -26.21
CA PHE L 679 15.31 -17.02 -25.09
C PHE L 679 16.47 -17.91 -24.66
N THR L 680 17.61 -17.29 -24.36
CA THR L 680 18.86 -18.04 -24.20
C THR L 680 19.66 -17.69 -22.94
N TYR L 681 19.01 -17.69 -21.77
CA TYR L 681 19.73 -17.45 -20.52
C TYR L 681 20.72 -18.59 -20.29
N GLU L 682 22.00 -18.26 -20.22
CA GLU L 682 23.04 -19.29 -20.31
C GLU L 682 23.15 -20.12 -19.04
N ARG L 683 22.98 -19.50 -17.87
CA ARG L 683 23.07 -20.25 -16.62
C ARG L 683 22.00 -21.34 -16.56
N TYR L 684 20.79 -21.03 -17.01
CA TYR L 684 19.70 -21.99 -16.95
C TYR L 684 20.03 -23.26 -17.72
N GLY L 685 20.89 -23.14 -18.72
CA GLY L 685 21.13 -24.23 -19.65
C GLY L 685 20.35 -23.97 -20.92
N TRP L 686 19.61 -22.87 -20.92
CA TRP L 686 18.76 -22.55 -22.07
C TRP L 686 19.58 -22.04 -23.24
N LYS L 687 19.87 -22.93 -24.17
CA LYS L 687 20.17 -22.52 -25.53
C LYS L 687 18.81 -22.53 -26.21
N ASP L 688 18.72 -22.03 -27.45
CA ASP L 688 17.48 -21.48 -27.99
C ASP L 688 16.25 -22.25 -27.52
N LYS L 689 15.36 -21.55 -26.82
CA LYS L 689 14.18 -22.18 -26.24
C LYS L 689 12.96 -21.40 -26.71
N PHE L 690 12.00 -22.13 -27.26
CA PHE L 690 10.92 -21.53 -28.02
C PHE L 690 9.85 -21.02 -27.06
N PHE L 691 9.61 -19.71 -27.10
CA PHE L 691 8.59 -19.07 -26.28
C PHE L 691 7.67 -18.25 -27.15
N LEU L 692 6.41 -18.16 -26.74
CA LEU L 692 5.49 -17.17 -27.27
C LEU L 692 5.21 -16.12 -26.21
N VAL L 693 5.36 -14.88 -26.59
CA VAL L 693 4.99 -13.76 -25.72
C VAL L 693 3.50 -13.81 -25.45
N ASP L 694 3.10 -13.40 -24.25
CA ASP L 694 1.70 -13.26 -23.91
C ASP L 694 1.32 -11.83 -23.59
N GLU L 695 2.29 -11.02 -23.18
CA GLU L 695 2.03 -9.64 -22.78
C GLU L 695 3.14 -8.77 -23.33
N VAL L 696 2.74 -7.64 -23.89
CA VAL L 696 3.66 -6.61 -24.33
C VAL L 696 3.14 -5.28 -23.81
N GLU L 697 4.01 -4.52 -23.15
CA GLU L 697 3.58 -3.25 -22.59
C GLU L 697 4.47 -2.14 -23.13
N ASN L 698 4.11 -1.62 -24.31
CA ASN L 698 4.86 -0.50 -24.87
C ASN L 698 4.80 0.69 -23.92
N THR L 699 5.96 1.27 -23.65
CA THR L 699 6.08 2.35 -22.69
C THR L 699 6.51 3.62 -23.43
N ARG L 700 6.00 4.75 -22.93
CA ARG L 700 6.38 6.05 -23.51
C ARG L 700 7.89 6.23 -23.51
N ASP L 701 8.56 5.75 -22.46
CA ASP L 701 10.01 5.89 -22.38
C ASP L 701 10.70 5.13 -23.51
N GLY L 702 10.28 3.89 -23.75
CA GLY L 702 10.85 3.10 -24.81
C GLY L 702 11.02 1.64 -24.46
N LYS L 703 11.04 1.31 -23.17
CA LYS L 703 11.24 -0.07 -22.76
C LYS L 703 9.95 -0.87 -22.98
N ILE L 704 10.11 -2.16 -23.23
CA ILE L 704 9.00 -3.08 -23.48
C ILE L 704 9.00 -4.13 -22.39
N ASN L 705 7.84 -4.34 -21.77
CA ASN L 705 7.69 -5.25 -20.64
C ASN L 705 7.06 -6.55 -21.12
N LEU L 706 7.89 -7.47 -21.59
CA LEU L 706 7.38 -8.72 -22.14
C LEU L 706 6.99 -9.70 -21.04
N VAL L 707 6.11 -10.63 -21.39
CA VAL L 707 5.77 -11.80 -20.59
C VAL L 707 5.66 -12.99 -21.53
N LEU L 708 6.28 -14.11 -21.17
CA LEU L 708 6.42 -15.24 -22.07
C LEU L 708 5.58 -16.43 -21.61
N GLN L 709 5.38 -17.38 -22.51
CA GLN L 709 4.86 -18.70 -22.20
C GLN L 709 5.71 -19.74 -22.94
N GLU L 710 5.88 -20.90 -22.31
CA GLU L 710 6.72 -21.96 -22.86
C GLU L 710 5.86 -22.88 -23.73
N TYR L 711 6.22 -22.97 -25.01
CA TYR L 711 5.48 -23.74 -26.00
C TYR L 711 6.48 -24.63 -26.74
N GLY L 712 6.46 -25.93 -26.46
CA GLY L 712 7.27 -26.85 -27.21
C GLY L 712 6.72 -27.09 -28.60
N GLU L 713 7.55 -27.71 -29.44
CA GLU L 713 7.09 -28.09 -30.77
C GLU L 713 6.05 -29.20 -30.72
N ASP L 714 5.97 -29.91 -29.59
CA ASP L 714 5.05 -31.05 -29.48
C ASP L 714 3.61 -30.60 -29.62
N VAL L 715 3.26 -29.42 -29.10
CA VAL L 715 1.87 -28.98 -29.11
C VAL L 715 1.42 -28.73 -30.55
N PHE L 716 2.32 -28.24 -31.40
CA PHE L 716 1.93 -27.95 -32.78
C PHE L 716 2.18 -29.11 -33.73
N ILE L 717 2.99 -30.10 -33.35
CA ILE L 717 3.28 -31.18 -34.28
C ILE L 717 2.06 -32.07 -34.48
N ASN L 718 1.11 -32.02 -33.55
CA ASN L 718 -0.17 -32.73 -33.52
C ASN L 718 0.02 -34.24 -33.49
N SER L 719 -1.05 -34.99 -33.29
CA SER L 719 -0.96 -36.43 -33.04
C SER L 719 -1.79 -37.17 -34.08
N GLU L 720 -1.89 -38.48 -33.91
CA GLU L 720 -2.61 -39.36 -34.81
C GLU L 720 -3.76 -40.03 -34.07
N GLN L 721 -4.95 -40.00 -34.67
CA GLN L 721 -6.18 -40.43 -34.00
C GLN L 721 -6.86 -41.52 -34.80
N VAL L 722 -7.79 -42.22 -34.13
CA VAL L 722 -8.47 -43.36 -34.75
C VAL L 722 -9.86 -42.92 -35.21
N ASP L 723 -10.38 -43.60 -36.23
CA ASP L 723 -11.66 -43.25 -36.81
C ASP L 723 -12.79 -43.43 -35.80
N ASN L 724 -13.75 -42.51 -35.83
CA ASN L 724 -14.98 -42.62 -35.05
C ASN L 724 -16.16 -42.37 -35.98
N SER L 725 -16.62 -43.43 -36.64
CA SER L 725 -17.74 -43.34 -37.56
C SER L 725 -18.88 -44.30 -37.24
N GLY L 726 -18.57 -45.49 -36.74
CA GLY L 726 -19.63 -46.44 -36.41
C GLY L 726 -20.42 -46.03 -35.19
N ASN L 727 -19.82 -45.20 -34.33
CA ASN L 727 -20.46 -44.79 -33.08
C ASN L 727 -21.31 -43.54 -33.29
N ASP L 728 -22.27 -43.66 -34.19
CA ASP L 728 -23.23 -42.59 -34.42
C ASP L 728 -24.48 -42.84 -33.57
N ILE L 729 -25.09 -41.76 -33.11
CA ILE L 729 -26.27 -41.85 -32.27
C ILE L 729 -27.35 -40.96 -32.89
N PRO L 730 -28.05 -41.43 -33.92
CA PRO L 730 -29.14 -40.63 -34.49
C PRO L 730 -30.30 -40.54 -33.50
N ASP L 731 -31.07 -39.47 -33.65
CA ASP L 731 -32.23 -39.24 -32.78
C ASP L 731 -33.44 -39.99 -33.34
N ILE L 732 -33.43 -41.30 -33.11
CA ILE L 732 -34.52 -42.15 -33.58
C ILE L 732 -35.74 -42.00 -32.69
N SER L 733 -35.52 -41.54 -31.46
CA SER L 733 -36.51 -41.64 -30.39
C SER L 733 -37.26 -40.31 -30.19
N ASN L 734 -37.88 -39.85 -31.28
CA ASN L 734 -38.78 -38.70 -31.17
C ASN L 734 -40.01 -38.88 -32.04
N ASN L 735 -40.30 -40.11 -32.43
CA ASN L 735 -41.41 -40.38 -33.33
C ASN L 735 -42.11 -41.66 -32.90
N VAL L 736 -43.40 -41.71 -33.17
CA VAL L 736 -44.16 -42.94 -33.02
C VAL L 736 -43.94 -43.80 -34.26
N LEU L 737 -43.65 -45.06 -34.04
CA LEU L 737 -43.29 -45.99 -35.10
C LEU L 737 -44.52 -46.51 -35.82
N PRO L 738 -44.40 -46.77 -37.12
CA PRO L 738 -45.54 -47.28 -37.88
C PRO L 738 -45.69 -48.77 -37.68
N PRO L 739 -46.80 -49.35 -38.14
CA PRO L 739 -46.92 -50.82 -38.12
C PRO L 739 -45.80 -51.48 -38.91
N ARG L 740 -45.34 -52.62 -38.39
CA ARG L 740 -44.11 -53.22 -38.89
C ARG L 740 -44.31 -53.84 -40.28
N ASP L 741 -45.41 -54.57 -40.47
CA ASP L 741 -45.76 -55.18 -41.74
C ASP L 741 -47.19 -54.82 -42.05
N PHE L 742 -47.57 -54.88 -43.31
CA PHE L 742 -48.94 -54.55 -43.72
C PHE L 742 -49.20 -55.12 -45.10
N LYS L 743 -50.14 -56.06 -45.19
CA LYS L 743 -50.56 -56.60 -46.48
C LYS L 743 -51.99 -57.08 -46.36
N TYR L 744 -52.63 -57.25 -47.52
CA TYR L 744 -54.03 -57.62 -47.60
C TYR L 744 -54.14 -59.07 -48.07
N THR L 745 -54.84 -59.89 -47.29
CA THR L 745 -54.90 -61.33 -47.55
C THR L 745 -56.34 -61.77 -47.81
N PRO L 746 -56.72 -62.05 -49.05
CA PRO L 746 -58.07 -62.56 -49.30
C PRO L 746 -58.22 -64.03 -48.92
N ASN L 758 -62.45 -59.47 -45.90
CA ASN L 758 -61.03 -59.75 -45.66
C ASN L 758 -60.34 -58.74 -44.76
N GLY L 759 -59.18 -59.12 -44.23
CA GLY L 759 -58.68 -58.48 -43.02
C GLY L 759 -57.94 -57.17 -43.28
N GLU L 760 -56.89 -57.21 -44.10
CA GLU L 760 -55.79 -56.25 -43.98
C GLU L 760 -55.23 -56.29 -42.56
N LEU L 761 -55.24 -57.48 -41.99
CA LEU L 761 -54.91 -57.69 -40.58
C LEU L 761 -53.42 -57.77 -40.34
N SER L 762 -52.61 -57.63 -41.38
CA SER L 762 -51.20 -57.97 -41.33
C SER L 762 -50.36 -56.97 -40.55
N TRP L 763 -50.97 -55.92 -40.01
CA TRP L 763 -50.16 -54.95 -39.29
C TRP L 763 -49.85 -55.45 -37.89
N LEU L 764 -48.57 -55.49 -37.57
CA LEU L 764 -48.08 -55.79 -36.24
C LEU L 764 -48.13 -54.54 -35.39
N PRO L 765 -48.35 -54.67 -34.08
CA PRO L 765 -48.39 -53.48 -33.22
C PRO L 765 -47.10 -52.68 -33.28
N SER L 766 -47.21 -51.35 -33.24
CA SER L 766 -46.05 -50.49 -33.33
C SER L 766 -45.10 -50.74 -32.17
N LEU L 767 -43.80 -50.61 -32.46
CA LEU L 767 -42.80 -50.80 -31.42
C LEU L 767 -42.97 -49.78 -30.29
N THR L 768 -43.27 -48.53 -30.63
CA THR L 768 -43.59 -47.54 -29.61
C THR L 768 -44.87 -47.95 -28.90
N ASN L 769 -44.77 -48.17 -27.60
CA ASN L 769 -45.90 -48.64 -26.81
C ASN L 769 -46.87 -47.53 -26.44
N ASN L 770 -46.54 -46.28 -26.77
CA ASN L 770 -47.47 -45.15 -26.71
C ASN L 770 -48.32 -45.19 -27.96
N VAL L 771 -49.21 -46.18 -28.05
CA VAL L 771 -50.13 -46.28 -29.18
C VAL L 771 -51.45 -46.86 -28.67
N VAL L 772 -52.55 -46.28 -29.12
CA VAL L 772 -53.87 -46.61 -28.60
C VAL L 772 -54.84 -47.05 -29.69
N TYR L 773 -54.93 -46.31 -30.81
CA TYR L 773 -55.88 -46.67 -31.87
C TYR L 773 -55.26 -46.33 -33.23
N TYR L 774 -55.39 -47.27 -34.17
CA TYR L 774 -54.94 -47.04 -35.53
C TYR L 774 -56.02 -46.36 -36.36
N SER L 775 -55.64 -45.88 -37.55
CA SER L 775 -56.57 -45.25 -38.47
C SER L 775 -56.37 -45.84 -39.86
N ILE L 776 -57.46 -46.11 -40.56
CA ILE L 776 -57.43 -46.61 -41.93
C ILE L 776 -58.44 -45.80 -42.74
N ALA L 777 -58.04 -45.40 -43.96
CA ALA L 777 -58.88 -44.58 -44.82
C ALA L 777 -58.98 -45.21 -46.19
N HIS L 778 -60.21 -45.31 -46.69
CA HIS L 778 -60.44 -45.83 -48.03
C HIS L 778 -60.32 -44.70 -49.06
N SER L 779 -60.60 -45.03 -50.32
CA SER L 779 -60.72 -44.00 -51.35
C SER L 779 -62.04 -43.26 -51.21
N GLY L 780 -63.13 -43.97 -50.93
CA GLY L 780 -64.44 -43.37 -50.89
C GLY L 780 -65.05 -43.29 -49.50
N HIS L 781 -64.63 -44.17 -48.60
CA HIS L 781 -65.17 -44.16 -47.25
C HIS L 781 -64.76 -42.88 -46.54
N VAL L 782 -65.72 -41.97 -46.36
CA VAL L 782 -65.41 -40.67 -45.77
C VAL L 782 -64.99 -40.82 -44.32
N ASN L 783 -65.60 -41.78 -43.61
CA ASN L 783 -65.29 -41.92 -42.20
C ASN L 783 -64.25 -43.02 -42.00
N PRO L 784 -63.06 -42.67 -41.51
CA PRO L 784 -62.03 -43.69 -41.29
C PRO L 784 -62.42 -44.65 -40.17
N TYR L 785 -61.92 -45.88 -40.29
CA TYR L 785 -62.16 -46.90 -39.28
C TYR L 785 -61.25 -46.67 -38.07
N ILE L 786 -61.54 -47.37 -36.98
CA ILE L 786 -60.72 -47.30 -35.77
C ILE L 786 -60.45 -48.72 -35.30
N VAL L 787 -59.17 -49.04 -35.13
CA VAL L 787 -58.78 -50.30 -34.49
C VAL L 787 -58.01 -49.94 -33.23
N GLN L 788 -58.35 -50.59 -32.12
CA GLN L 788 -57.82 -50.17 -30.83
C GLN L 788 -57.10 -51.33 -30.18
N GLN L 789 -55.93 -51.05 -29.60
CA GLN L 789 -55.18 -52.08 -28.87
C GLN L 789 -55.65 -52.14 -27.43
N LEU L 790 -56.69 -52.94 -27.22
CA LEU L 790 -57.07 -53.28 -25.86
C LEU L 790 -55.98 -54.14 -25.20
N GLU L 791 -55.27 -54.92 -26.00
CA GLU L 791 -54.13 -55.69 -25.55
C GLU L 791 -52.98 -55.47 -26.52
N ASN L 792 -51.77 -55.31 -25.98
CA ASN L 792 -50.59 -54.99 -26.77
C ASN L 792 -49.66 -56.20 -26.79
N ASN L 793 -49.65 -56.92 -27.91
CA ASN L 793 -48.78 -58.07 -28.10
C ASN L 793 -47.89 -57.78 -29.30
N PRO L 794 -46.59 -57.58 -29.09
CA PRO L 794 -45.71 -57.15 -30.20
C PRO L 794 -45.61 -58.16 -31.33
N ASN L 795 -45.92 -59.43 -31.09
CA ASN L 795 -45.99 -60.42 -32.15
C ASN L 795 -47.42 -60.93 -32.23
N GLU L 796 -48.26 -60.20 -32.96
CA GLU L 796 -49.68 -60.51 -33.10
C GLU L 796 -50.24 -59.64 -34.21
N ARG L 797 -51.38 -60.01 -34.78
CA ARG L 797 -51.92 -59.30 -35.92
C ARG L 797 -53.34 -58.84 -35.62
N MET L 798 -53.62 -57.57 -35.90
CA MET L 798 -54.90 -56.96 -35.59
C MET L 798 -55.69 -56.72 -36.87
N ILE L 799 -57.01 -56.97 -36.79
CA ILE L 799 -57.83 -57.26 -37.96
C ILE L 799 -58.76 -56.08 -38.23
N GLN L 800 -59.01 -55.83 -39.51
CA GLN L 800 -60.06 -54.92 -39.97
C GLN L 800 -61.05 -55.73 -40.83
N GLU L 801 -62.32 -55.31 -40.81
CA GLU L 801 -63.36 -56.20 -41.30
C GLU L 801 -63.46 -56.13 -42.83
N ILE L 802 -63.72 -54.96 -43.39
CA ILE L 802 -63.77 -54.75 -44.84
C ILE L 802 -64.85 -55.65 -45.44
N GLY L 808 -62.80 -53.16 -56.07
CA GLY L 808 -61.41 -52.94 -55.76
C GLY L 808 -60.91 -51.58 -56.19
N LEU L 809 -59.58 -51.48 -56.32
CA LEU L 809 -58.88 -50.24 -56.63
C LEU L 809 -59.13 -49.19 -55.56
N ALA L 810 -58.72 -49.47 -54.33
CA ALA L 810 -58.82 -48.53 -53.23
C ALA L 810 -57.42 -48.30 -52.65
N ILE L 811 -57.18 -47.05 -52.25
CA ILE L 811 -55.90 -46.66 -51.66
C ILE L 811 -56.06 -46.64 -50.15
N PHE L 812 -55.05 -47.15 -49.45
CA PHE L 812 -55.14 -47.39 -48.02
C PHE L 812 -54.00 -46.67 -47.31
N GLU L 813 -54.33 -46.04 -46.17
CA GLU L 813 -53.32 -45.41 -45.33
C GLU L 813 -53.53 -45.89 -43.90
N LEU L 814 -52.48 -46.41 -43.28
CA LEU L 814 -52.54 -46.96 -41.92
C LEU L 814 -51.65 -46.12 -41.01
N ARG L 815 -52.28 -45.38 -40.12
CA ARG L 815 -51.54 -44.53 -39.19
C ARG L 815 -51.80 -44.95 -37.75
N ALA L 816 -50.72 -45.23 -37.01
CA ALA L 816 -50.85 -45.41 -35.58
C ALA L 816 -51.08 -44.07 -34.91
N VAL L 817 -51.71 -44.09 -33.74
CA VAL L 817 -51.98 -42.89 -32.96
C VAL L 817 -51.53 -43.14 -31.53
N ASP L 818 -50.88 -42.13 -30.95
CA ASP L 818 -50.41 -42.22 -29.58
C ASP L 818 -51.44 -41.61 -28.66
N ILE L 819 -51.07 -41.48 -27.38
CA ILE L 819 -51.95 -40.91 -26.37
C ILE L 819 -51.95 -39.39 -26.50
N ASN L 820 -51.16 -38.87 -27.45
CA ASN L 820 -51.07 -37.43 -27.68
C ASN L 820 -51.60 -37.02 -29.05
N GLY L 821 -51.80 -37.96 -29.97
CA GLY L 821 -52.25 -37.64 -31.30
C GLY L 821 -51.17 -37.41 -32.34
N ARG L 822 -49.99 -38.00 -32.15
CA ARG L 822 -48.85 -37.73 -33.03
C ARG L 822 -49.09 -38.24 -34.45
N ARG L 823 -49.36 -39.54 -34.57
CA ARG L 823 -49.62 -40.20 -35.86
C ARG L 823 -48.41 -40.59 -36.68
N SER L 824 -48.21 -41.89 -36.87
CA SER L 824 -47.04 -42.40 -37.56
C SER L 824 -47.09 -42.22 -39.04
N SER L 825 -45.99 -42.48 -39.71
CA SER L 825 -45.94 -42.34 -41.14
C SER L 825 -46.80 -43.39 -41.91
N PRO L 826 -47.90 -42.99 -42.59
CA PRO L 826 -48.78 -43.89 -43.31
C PRO L 826 -48.20 -44.99 -44.16
N VAL L 827 -48.24 -46.24 -43.72
CA VAL L 827 -47.88 -47.33 -44.61
C VAL L 827 -49.03 -47.53 -45.59
N THR L 828 -48.75 -47.31 -46.86
CA THR L 828 -49.78 -47.23 -47.89
C THR L 828 -49.78 -48.48 -48.74
N LEU L 829 -50.96 -49.01 -49.01
CA LEU L 829 -51.14 -50.11 -49.94
C LEU L 829 -52.14 -49.72 -51.02
N SER L 830 -51.75 -49.94 -52.27
CA SER L 830 -52.65 -49.82 -53.41
C SER L 830 -53.07 -51.22 -53.84
N VAL L 831 -54.15 -51.72 -53.26
CA VAL L 831 -54.56 -53.10 -53.45
C VAL L 831 -55.90 -53.13 -54.17
N ASP L 832 -56.12 -54.23 -54.90
CA ASP L 832 -57.37 -54.51 -55.56
C ASP L 832 -58.17 -55.49 -54.73
N LEU L 833 -59.34 -55.05 -54.26
CA LEU L 833 -60.18 -55.88 -53.40
C LEU L 833 -60.63 -57.12 -54.18
#